data_9D6C
#
_entry.id   9D6C
#
_cell.length_a   1.00
_cell.length_b   1.00
_cell.length_c   1.00
_cell.angle_alpha   90.00
_cell.angle_beta   90.00
_cell.angle_gamma   90.00
#
_symmetry.space_group_name_H-M   'P 1'
#
loop_
_entity.id
_entity.type
_entity.pdbx_description
1 polymer Gag
2 non-polymer Lenacapavir
3 non-polymer '3alpha-[(3-carboxy-3-methylbutanoyl)oxy]-8alpha,9beta,10alpha,13alpha,17alpha,19beta-lup-20(29)-en-28-oic acid'
4 non-polymer 'INOSITOL HEXAKISPHOSPHATE'
5 water water
#
_entity_poly.entity_id   1
_entity_poly.type   'polypeptide(L)'
_entity_poly.pdbx_seq_one_letter_code
;QMVHQAISPRTLNAWVKVVEEKAFSPEVIPMFSALSEGATPQDLNTMLNTVGGHQAAMQMLKETINEEAAEWDRVHPVHA
GPIAPGQMREPRGSDIAGTTSTLQEQIGWMTNNPPIPVGEIYKRWIILGLNKIVRMYSPTSILDIRQGPKEPFRDYVDRF
YKTLRAEQASQEVKNWMTETLLVQNANPDCKTILKALGPAATLEEMMTACQGVGGPGHKARVLAEAMSQVIN
;
_entity_poly.pdbx_strand_id   A,B,C,D,E,F,G,H,I,J,K,L,M,N,O,P,Q,R
#
loop_
_chem_comp.id
_chem_comp.type
_chem_comp.name
_chem_comp.formula
2I4 non-polymer '3alpha-[(3-carboxy-3-methylbutanoyl)oxy]-8alpha,9beta,10alpha,13alpha,17alpha,19beta-lup-20(29)-en-28-oic acid' 'C36 H56 O6'
IHP non-polymer 'INOSITOL HEXAKISPHOSPHATE' 'C6 H18 O24 P6'
QNG non-polymer Lenacapavir 'C39 H32 Cl F10 N7 O5 S2'
#
# COMPACT_ATOMS: atom_id res chain seq x y z
N GLN A 1 42.44 -28.05 17.67
CA GLN A 1 43.30 -27.22 18.51
C GLN A 1 42.47 -26.30 19.39
N MET A 2 43.07 -25.18 19.79
CA MET A 2 42.39 -24.18 20.60
C MET A 2 42.67 -22.80 20.02
N VAL A 3 41.75 -21.87 20.29
CA VAL A 3 41.90 -20.49 19.86
C VAL A 3 42.55 -19.71 21.01
N HIS A 4 43.75 -19.19 20.76
CA HIS A 4 44.49 -18.49 21.80
C HIS A 4 43.90 -17.11 22.07
N GLN A 5 43.19 -16.54 21.10
CA GLN A 5 42.67 -15.19 21.22
C GLN A 5 41.17 -15.17 21.47
N ALA A 6 40.63 -16.20 22.11
CA ALA A 6 39.25 -16.18 22.52
C ALA A 6 39.00 -15.04 23.49
N ILE A 7 37.85 -14.38 23.36
CA ILE A 7 37.59 -13.20 24.16
C ILE A 7 37.52 -13.57 25.63
N SER A 8 38.19 -12.77 26.44
CA SER A 8 38.21 -12.93 27.90
C SER A 8 36.99 -12.25 28.51
N PRO A 9 36.68 -12.54 29.78
CA PRO A 9 35.55 -11.84 30.41
C PRO A 9 35.67 -10.33 30.35
N ARG A 10 36.87 -9.79 30.57
CA ARG A 10 37.05 -8.35 30.55
C ARG A 10 36.89 -7.79 29.15
N THR A 11 37.29 -8.54 28.12
CA THR A 11 37.09 -8.10 26.74
C THR A 11 35.60 -7.95 26.42
N LEU A 12 34.81 -8.96 26.77
CA LEU A 12 33.37 -8.90 26.52
C LEU A 12 32.73 -7.78 27.31
N ASN A 13 33.12 -7.61 28.58
CA ASN A 13 32.55 -6.54 29.37
C ASN A 13 32.92 -5.18 28.81
N ALA A 14 34.16 -5.03 28.32
CA ALA A 14 34.58 -3.77 27.72
C ALA A 14 33.78 -3.47 26.47
N TRP A 15 33.52 -4.48 25.64
CA TRP A 15 32.68 -4.26 24.47
C TRP A 15 31.27 -3.83 24.87
N VAL A 16 30.70 -4.47 25.89
CA VAL A 16 29.37 -4.10 26.36
C VAL A 16 29.36 -2.66 26.84
N LYS A 17 30.36 -2.26 27.61
CA LYS A 17 30.42 -0.90 28.11
C LYS A 17 30.64 0.11 26.99
N VAL A 18 31.41 -0.28 25.97
CA VAL A 18 31.61 0.61 24.82
C VAL A 18 30.27 0.88 24.14
N VAL A 19 29.49 -0.16 23.91
CA VAL A 19 28.19 0.03 23.27
C VAL A 19 27.27 0.85 24.15
N GLU A 20 27.27 0.58 25.47
CA GLU A 20 26.36 1.29 26.36
C GLU A 20 26.73 2.77 26.49
N GLU A 21 28.01 3.09 26.49
CA GLU A 21 28.43 4.46 26.75
C GLU A 21 28.46 5.30 25.48
N LYS A 22 28.97 4.74 24.39
CA LYS A 22 29.16 5.53 23.17
C LYS A 22 28.08 5.30 22.13
N ALA A 23 27.21 4.32 22.32
CA ALA A 23 26.18 3.95 21.33
C ALA A 23 26.91 3.61 20.04
N PHE A 24 26.62 4.27 18.92
CA PHE A 24 27.30 3.95 17.67
C PHE A 24 28.00 5.17 17.11
N SER A 25 28.73 5.87 17.97
CA SER A 25 29.67 6.90 17.55
C SER A 25 30.83 6.24 16.82
N PRO A 26 31.62 7.00 16.07
CA PRO A 26 32.73 6.38 15.33
C PRO A 26 33.69 5.59 16.20
N GLU A 27 33.82 5.95 17.48
CA GLU A 27 34.73 5.26 18.38
C GLU A 27 34.43 3.77 18.50
N VAL A 28 33.22 3.35 18.17
CA VAL A 28 32.87 1.93 18.27
C VAL A 28 33.71 1.11 17.29
N ILE A 29 34.06 1.69 16.14
CA ILE A 29 34.76 0.91 15.11
C ILE A 29 36.17 0.50 15.56
N PRO A 30 37.05 1.40 16.02
CA PRO A 30 38.35 0.92 16.52
C PRO A 30 38.21 -0.03 17.68
N MET A 31 37.31 0.25 18.63
CA MET A 31 37.14 -0.60 19.79
C MET A 31 36.80 -2.03 19.39
N PHE A 32 35.76 -2.20 18.56
CA PHE A 32 35.42 -3.53 18.09
C PHE A 32 36.58 -4.16 17.34
N SER A 33 37.35 -3.35 16.61
CA SER A 33 38.47 -3.89 15.87
C SER A 33 39.52 -4.47 16.82
N ALA A 34 39.70 -3.82 17.97
CA ALA A 34 40.76 -4.24 18.89
C ALA A 34 40.29 -5.35 19.81
N LEU A 35 39.05 -5.25 20.30
CA LEU A 35 38.55 -6.23 21.25
C LEU A 35 38.34 -7.58 20.58
N SER A 36 37.91 -7.58 19.31
CA SER A 36 37.51 -8.80 18.63
C SER A 36 38.65 -9.46 17.86
N GLU A 37 39.85 -8.89 17.88
CA GLU A 37 40.92 -9.40 17.04
C GLU A 37 41.34 -10.80 17.46
N GLY A 38 41.42 -11.70 16.49
CA GLY A 38 41.82 -13.07 16.72
C GLY A 38 40.70 -13.99 17.18
N ALA A 39 39.51 -13.46 17.41
CA ALA A 39 38.41 -14.27 17.94
C ALA A 39 37.70 -15.04 16.83
N THR A 40 37.09 -16.15 17.22
CA THR A 40 36.29 -16.93 16.30
C THR A 40 34.99 -16.20 15.97
N PRO A 41 34.33 -16.56 14.86
CA PRO A 41 33.03 -15.95 14.56
C PRO A 41 32.01 -16.14 15.67
N GLN A 42 32.12 -17.22 16.44
CA GLN A 42 31.23 -17.42 17.57
C GLN A 42 31.40 -16.31 18.61
N ASP A 43 32.65 -15.93 18.90
CA ASP A 43 32.89 -14.84 19.85
C ASP A 43 32.34 -13.52 19.32
N LEU A 44 32.53 -13.24 18.03
CA LEU A 44 32.00 -12.02 17.46
C LEU A 44 30.48 -12.00 17.52
N ASN A 45 29.85 -13.15 17.28
CA ASN A 45 28.40 -13.23 17.40
C ASN A 45 27.95 -13.01 18.83
N THR A 46 28.71 -13.50 19.80
CA THR A 46 28.42 -13.21 21.20
C THR A 46 28.46 -11.70 21.46
N MET A 47 29.52 -11.04 20.99
CA MET A 47 29.64 -9.59 21.15
C MET A 47 28.47 -8.86 20.51
N LEU A 48 28.05 -9.31 19.32
CA LEU A 48 26.93 -8.65 18.65
C LEU A 48 25.62 -8.90 19.40
N ASN A 49 25.48 -10.07 20.01
CA ASN A 49 24.27 -10.37 20.76
C ASN A 49 24.19 -9.61 22.08
N THR A 50 25.32 -9.18 22.62
CA THR A 50 25.28 -8.40 23.85
C THR A 50 24.86 -6.95 23.62
N VAL A 51 24.50 -6.57 22.41
CA VAL A 51 24.04 -5.21 22.15
C VAL A 51 22.56 -5.11 22.49
N GLY A 52 22.23 -4.32 23.50
CA GLY A 52 20.86 -4.09 23.91
C GLY A 52 20.35 -2.78 23.32
N GLY A 53 19.14 -2.82 22.80
CA GLY A 53 18.60 -1.69 22.08
C GLY A 53 19.20 -1.56 20.71
N HIS A 54 18.91 -0.44 20.06
CA HIS A 54 19.38 -0.14 18.70
C HIS A 54 19.04 -1.28 17.75
N GLN A 55 17.78 -1.71 17.76
CA GLN A 55 17.38 -2.84 16.94
C GLN A 55 17.53 -2.51 15.45
N ALA A 56 17.20 -1.29 15.05
CA ALA A 56 17.34 -0.91 13.64
C ALA A 56 18.80 -0.96 13.20
N ALA A 57 19.71 -0.49 14.04
CA ALA A 57 21.13 -0.55 13.72
C ALA A 57 21.59 -2.00 13.58
N MET A 58 21.14 -2.87 14.47
N MET A 58 21.13 -2.88 14.46
CA MET A 58 21.52 -4.27 14.40
CA MET A 58 21.53 -4.28 14.38
C MET A 58 20.96 -4.94 13.14
C MET A 58 20.96 -4.94 13.14
N GLN A 59 19.76 -4.55 12.72
CA GLN A 59 19.21 -5.06 11.47
C GLN A 59 20.03 -4.58 10.28
N MET A 60 20.47 -3.31 10.30
CA MET A 60 21.37 -2.82 9.27
C MET A 60 22.65 -3.64 9.22
N LEU A 61 23.22 -3.93 10.39
CA LEU A 61 24.45 -4.73 10.45
C LEU A 61 24.23 -6.12 9.90
N LYS A 62 23.08 -6.73 10.22
CA LYS A 62 22.77 -8.05 9.68
C LYS A 62 22.65 -8.02 8.16
N GLU A 63 22.01 -6.99 7.63
CA GLU A 63 21.91 -6.87 6.17
C GLU A 63 23.28 -6.73 5.53
N THR A 64 24.16 -5.92 6.12
CA THR A 64 25.50 -5.78 5.59
C THR A 64 26.27 -7.10 5.64
N ILE A 65 26.13 -7.84 6.73
CA ILE A 65 26.79 -9.14 6.83
C ILE A 65 26.27 -10.09 5.78
N ASN A 66 24.96 -10.09 5.54
CA ASN A 66 24.41 -10.96 4.50
C ASN A 66 24.94 -10.59 3.12
N GLU A 67 25.06 -9.30 2.84
CA GLU A 67 25.63 -8.88 1.56
C GLU A 67 27.08 -9.34 1.41
N GLU A 68 27.87 -9.20 2.48
CA GLU A 68 29.26 -9.64 2.39
C GLU A 68 29.37 -11.16 2.27
N ALA A 69 28.45 -11.89 2.91
CA ALA A 69 28.43 -13.34 2.75
C ALA A 69 28.08 -13.74 1.31
N ALA A 70 27.13 -13.03 0.71
CA ALA A 70 26.82 -13.27 -0.69
C ALA A 70 28.02 -12.98 -1.57
N GLU A 71 28.76 -11.90 -1.28
CA GLU A 71 29.97 -11.60 -2.04
C GLU A 71 31.01 -12.71 -1.90
N TRP A 72 31.18 -13.22 -0.68
CA TRP A 72 32.10 -14.33 -0.46
C TRP A 72 31.68 -15.56 -1.26
N ASP A 73 30.38 -15.85 -1.29
CA ASP A 73 29.89 -17.00 -2.05
C ASP A 73 30.12 -16.80 -3.53
N ARG A 74 29.92 -15.57 -4.03
CA ARG A 74 30.16 -15.29 -5.44
C ARG A 74 31.62 -15.48 -5.80
N VAL A 75 32.54 -15.04 -4.94
CA VAL A 75 33.96 -15.13 -5.24
C VAL A 75 34.51 -16.53 -5.03
N HIS A 76 33.89 -17.34 -4.18
CA HIS A 76 34.33 -18.72 -3.94
C HIS A 76 33.35 -19.70 -4.57
N PRO A 77 33.70 -20.31 -5.70
CA PRO A 77 32.78 -21.28 -6.31
C PRO A 77 32.64 -22.53 -5.45
N VAL A 78 31.46 -23.13 -5.51
CA VAL A 78 31.21 -24.35 -4.75
C VAL A 78 31.89 -25.52 -5.44
N HIS A 79 32.64 -26.30 -4.67
CA HIS A 79 33.31 -27.49 -5.17
C HIS A 79 32.48 -28.71 -4.83
N ALA A 80 32.14 -29.50 -5.85
CA ALA A 80 31.29 -30.68 -5.71
C ALA A 80 32.15 -31.93 -5.78
N GLY A 81 31.96 -32.82 -4.82
CA GLY A 81 32.70 -34.07 -4.78
C GLY A 81 32.94 -34.55 -3.37
N PRO A 82 33.63 -35.68 -3.24
CA PRO A 82 33.93 -36.21 -1.90
C PRO A 82 35.17 -35.55 -1.32
N ILE A 83 35.00 -34.87 -0.18
CA ILE A 83 36.12 -34.20 0.46
C ILE A 83 37.08 -35.24 1.03
N ALA A 84 38.37 -34.92 0.98
CA ALA A 84 39.38 -35.82 1.51
C ALA A 84 39.18 -35.99 3.01
N PRO A 85 39.43 -37.19 3.55
CA PRO A 85 39.26 -37.39 5.01
C PRO A 85 40.10 -36.45 5.85
N GLY A 86 41.34 -36.18 5.42
CA GLY A 86 42.16 -35.21 6.14
C GLY A 86 41.62 -33.79 6.01
N GLN A 87 41.13 -33.44 4.82
CA GLN A 87 40.62 -32.11 4.57
C GLN A 87 39.21 -31.95 5.16
N MET A 88 38.79 -30.70 5.26
CA MET A 88 37.45 -30.36 5.72
C MET A 88 36.77 -29.46 4.69
N ARG A 89 35.46 -29.30 4.83
CA ARG A 89 34.70 -28.53 3.87
C ARG A 89 35.17 -27.08 3.84
N GLU A 90 35.16 -26.49 2.64
CA GLU A 90 35.53 -25.10 2.52
C GLU A 90 34.43 -24.21 3.09
N PRO A 91 34.78 -23.13 3.77
CA PRO A 91 33.75 -22.26 4.37
C PRO A 91 32.92 -21.56 3.30
N ARG A 92 31.65 -21.35 3.63
CA ARG A 92 30.76 -20.50 2.85
C ARG A 92 30.50 -19.23 3.64
N GLY A 93 29.77 -18.30 3.01
CA GLY A 93 29.50 -17.03 3.67
C GLY A 93 28.82 -17.19 5.01
N SER A 94 27.83 -18.08 5.07
CA SER A 94 27.16 -18.36 6.34
C SER A 94 28.11 -19.02 7.33
N ASP A 95 29.05 -19.81 6.84
CA ASP A 95 30.05 -20.39 7.73
C ASP A 95 30.97 -19.32 8.30
N ILE A 96 31.35 -18.34 7.49
CA ILE A 96 32.15 -17.23 7.99
C ILE A 96 31.36 -16.46 9.04
N ALA A 97 30.09 -16.18 8.76
CA ALA A 97 29.26 -15.46 9.72
C ALA A 97 28.90 -16.32 10.93
N GLY A 98 29.15 -17.61 10.88
CA GLY A 98 28.87 -18.50 12.00
C GLY A 98 27.45 -18.96 12.13
N THR A 99 26.59 -18.69 11.14
CA THR A 99 25.20 -19.15 11.23
C THR A 99 25.09 -20.64 10.94
N THR A 100 25.91 -21.16 10.02
CA THR A 100 25.85 -22.56 9.64
C THR A 100 27.09 -23.33 10.07
N SER A 101 27.98 -22.73 10.85
CA SER A 101 29.20 -23.40 11.30
C SER A 101 29.21 -23.50 12.80
N THR A 102 29.79 -24.60 13.29
CA THR A 102 30.02 -24.79 14.71
C THR A 102 31.35 -24.17 15.11
N LEU A 103 31.53 -23.99 16.42
CA LEU A 103 32.78 -23.44 16.92
C LEU A 103 33.96 -24.32 16.54
N GLN A 104 33.77 -25.64 16.57
CA GLN A 104 34.84 -26.56 16.20
C GLN A 104 35.24 -26.38 14.75
N GLU A 105 34.27 -26.19 13.86
CA GLU A 105 34.59 -25.97 12.45
C GLU A 105 35.34 -24.66 12.26
N GLN A 106 34.93 -23.61 12.97
CA GLN A 106 35.63 -22.33 12.86
C GLN A 106 37.07 -22.45 13.37
N ILE A 107 37.27 -23.17 14.48
CA ILE A 107 38.62 -23.37 14.99
C ILE A 107 39.45 -24.20 14.01
N GLY A 108 38.83 -25.20 13.39
CA GLY A 108 39.54 -25.99 12.41
C GLY A 108 39.99 -25.19 11.20
N TRP A 109 39.11 -24.31 10.70
CA TRP A 109 39.50 -23.42 9.61
C TRP A 109 40.61 -22.47 10.05
N MET A 110 40.49 -21.91 11.25
CA MET A 110 41.44 -20.89 11.69
C MET A 110 42.81 -21.49 11.99
N THR A 111 42.86 -22.75 12.43
CA THR A 111 44.12 -23.37 12.81
C THR A 111 44.64 -24.36 11.77
N ASN A 112 44.01 -24.42 10.59
CA ASN A 112 44.45 -25.34 9.56
C ASN A 112 45.70 -24.80 8.87
N ASN A 113 46.33 -25.66 8.08
CA ASN A 113 47.47 -25.27 7.25
C ASN A 113 47.16 -25.61 5.80
N PRO A 114 46.94 -24.62 4.93
CA PRO A 114 46.93 -23.17 5.17
C PRO A 114 45.71 -22.73 5.96
N PRO A 115 45.82 -21.64 6.73
CA PRO A 115 44.68 -21.21 7.55
C PRO A 115 43.72 -20.29 6.80
N ILE A 116 42.43 -20.46 7.05
CA ILE A 116 41.42 -19.53 6.58
C ILE A 116 40.95 -18.72 7.79
N PRO A 117 41.34 -17.45 7.90
CA PRO A 117 40.98 -16.65 9.08
C PRO A 117 39.53 -16.19 9.05
N VAL A 118 38.61 -17.13 9.30
CA VAL A 118 37.19 -16.84 9.21
C VAL A 118 36.80 -15.75 10.21
N GLY A 119 37.48 -15.72 11.35
CA GLY A 119 37.22 -14.67 12.32
C GLY A 119 37.53 -13.29 11.79
N GLU A 120 38.65 -13.15 11.09
CA GLU A 120 39.05 -11.82 10.60
C GLU A 120 38.20 -11.39 9.41
N ILE A 121 37.83 -12.33 8.55
CA ILE A 121 36.90 -12.04 7.45
C ILE A 121 35.56 -11.56 8.00
N TYR A 122 35.03 -12.30 8.97
CA TYR A 122 33.79 -11.89 9.60
C TYR A 122 33.95 -10.54 10.30
N LYS A 123 35.11 -10.29 10.89
CA LYS A 123 35.36 -9.02 11.54
C LYS A 123 35.28 -7.88 10.54
N ARG A 124 35.86 -8.05 9.35
CA ARG A 124 35.77 -7.00 8.34
C ARG A 124 34.32 -6.78 7.90
N TRP A 125 33.55 -7.86 7.74
CA TRP A 125 32.14 -7.69 7.40
C TRP A 125 31.40 -6.90 8.48
N ILE A 126 31.66 -7.24 9.74
CA ILE A 126 31.01 -6.53 10.86
C ILE A 126 31.44 -5.07 10.87
N ILE A 127 32.70 -4.80 10.55
CA ILE A 127 33.18 -3.43 10.51
C ILE A 127 32.47 -2.64 9.41
N LEU A 128 32.25 -3.27 8.26
CA LEU A 128 31.47 -2.61 7.21
C LEU A 128 30.08 -2.28 7.71
N GLY A 129 29.44 -3.23 8.40
CA GLY A 129 28.13 -2.93 8.97
C GLY A 129 28.16 -1.81 9.99
N LEU A 130 29.18 -1.80 10.84
CA LEU A 130 29.30 -0.75 11.85
C LEU A 130 29.53 0.61 11.22
N ASN A 131 30.33 0.66 10.15
CA ASN A 131 30.53 1.91 9.43
C ASN A 131 29.23 2.41 8.83
N LYS A 132 28.44 1.50 8.26
CA LYS A 132 27.12 1.88 7.76
C LYS A 132 26.24 2.42 8.88
N ILE A 133 26.25 1.76 10.03
CA ILE A 133 25.45 2.23 11.16
C ILE A 133 25.88 3.61 11.61
N VAL A 134 27.20 3.82 11.73
CA VAL A 134 27.71 5.11 12.17
C VAL A 134 27.30 6.21 11.22
N ARG A 135 27.36 5.93 9.91
CA ARG A 135 27.01 6.96 8.94
C ARG A 135 25.51 7.23 8.90
N MET A 136 24.69 6.17 8.95
CA MET A 136 23.28 6.29 8.60
C MET A 136 22.33 6.25 9.79
N TYR A 137 22.65 5.51 10.85
CA TYR A 137 21.71 5.28 11.93
C TYR A 137 21.74 6.43 12.93
N SER A 138 20.56 6.92 13.28
CA SER A 138 20.41 7.95 14.31
C SER A 138 19.49 7.41 15.40
N PRO A 139 19.98 7.16 16.60
CA PRO A 139 19.11 6.61 17.65
C PRO A 139 18.03 7.60 18.07
N THR A 140 16.89 7.05 18.47
CA THR A 140 15.81 7.89 18.97
C THR A 140 16.21 8.53 20.29
N SER A 141 15.84 9.79 20.45
CA SER A 141 16.14 10.54 21.66
C SER A 141 14.87 11.14 22.21
N ILE A 142 14.67 10.99 23.53
CA ILE A 142 13.52 11.61 24.18
C ILE A 142 13.61 13.13 24.09
N LEU A 143 14.82 13.67 23.95
CA LEU A 143 14.99 15.11 23.83
C LEU A 143 14.49 15.64 22.50
N ASP A 144 14.32 14.77 21.50
CA ASP A 144 13.89 15.19 20.17
C ASP A 144 12.38 15.12 19.96
N ILE A 145 11.62 14.67 20.96
CA ILE A 145 10.18 14.50 20.80
C ILE A 145 9.51 15.82 21.15
N ARG A 146 9.07 16.54 20.14
CA ARG A 146 8.35 17.79 20.31
C ARG A 146 6.98 17.68 19.66
N GLN A 147 5.99 18.33 20.25
CA GLN A 147 4.66 18.32 19.69
C GLN A 147 4.62 19.17 18.43
N GLY A 148 4.03 18.62 17.37
CA GLY A 148 3.84 19.35 16.15
C GLY A 148 2.83 20.48 16.33
N PRO A 149 2.91 21.49 15.46
CA PRO A 149 2.02 22.65 15.61
C PRO A 149 0.54 22.29 15.56
N LYS A 150 0.16 21.31 14.75
CA LYS A 150 -1.21 20.85 14.66
C LYS A 150 -1.41 19.46 15.24
N GLU A 151 -0.40 18.92 15.90
CA GLU A 151 -0.47 17.56 16.42
C GLU A 151 -1.37 17.53 17.67
N PRO A 152 -2.30 16.59 17.75
CA PRO A 152 -3.08 16.43 18.99
C PRO A 152 -2.17 16.06 20.16
N PHE A 153 -2.52 16.58 21.34
CA PHE A 153 -1.69 16.36 22.51
C PHE A 153 -1.63 14.89 22.90
N ARG A 154 -2.71 14.15 22.66
CA ARG A 154 -2.71 12.71 22.94
C ARG A 154 -1.70 11.97 22.09
N ASP A 155 -1.63 12.29 20.79
CA ASP A 155 -0.66 11.64 19.92
C ASP A 155 0.76 11.98 20.34
N TYR A 156 0.99 13.23 20.72
CA TYR A 156 2.31 13.64 21.18
C TYR A 156 2.70 12.90 22.46
N VAL A 157 1.75 12.71 23.38
CA VAL A 157 2.03 11.98 24.61
C VAL A 157 2.34 10.52 24.30
N ASP A 158 1.62 9.93 23.36
CA ASP A 158 1.90 8.56 22.96
C ASP A 158 3.32 8.43 22.39
N ARG A 159 3.70 9.35 21.49
CA ARG A 159 5.05 9.32 20.95
C ARG A 159 6.08 9.51 22.03
N PHE A 160 5.83 10.43 22.95
CA PHE A 160 6.76 10.69 24.05
C PHE A 160 6.98 9.44 24.88
N TYR A 161 5.90 8.73 25.23
CA TYR A 161 6.05 7.60 26.11
C TYR A 161 6.65 6.39 25.39
N LYS A 162 6.37 6.26 24.09
CA LYS A 162 7.06 5.22 23.31
C LYS A 162 8.56 5.47 23.27
N THR A 163 8.97 6.70 22.97
CA THR A 163 10.39 7.03 22.95
C THR A 163 11.01 6.86 24.33
N LEU A 164 10.28 7.24 25.38
CA LEU A 164 10.79 7.09 26.75
C LEU A 164 11.00 5.63 27.09
N ARG A 165 10.07 4.76 26.68
CA ARG A 165 10.26 3.33 26.88
C ARG A 165 11.51 2.84 26.15
N ALA A 166 11.76 3.36 24.94
CA ALA A 166 12.97 2.97 24.24
C ALA A 166 14.23 3.65 24.77
N GLU A 167 14.10 4.67 25.62
CA GLU A 167 15.25 5.43 26.08
C GLU A 167 16.12 4.61 27.02
N GLN A 168 17.42 4.79 26.92
N GLN A 168 17.43 4.81 26.94
CA GLN A 168 18.38 4.14 27.82
CA GLN A 168 18.38 4.13 27.82
C GLN A 168 18.57 5.04 29.03
C GLN A 168 18.61 5.01 29.04
N ALA A 169 17.87 4.73 30.12
CA ALA A 169 17.97 5.51 31.33
C ALA A 169 17.45 4.69 32.49
N SER A 170 17.81 5.13 33.70
CA SER A 170 17.21 4.55 34.89
C SER A 170 15.77 4.98 35.01
N GLN A 171 14.98 4.22 35.78
CA GLN A 171 13.57 4.52 35.92
C GLN A 171 13.36 5.87 36.60
N GLU A 172 14.20 6.21 37.57
CA GLU A 172 14.11 7.52 38.21
C GLU A 172 14.41 8.63 37.21
N VAL A 173 15.41 8.42 36.35
CA VAL A 173 15.72 9.41 35.33
C VAL A 173 14.57 9.55 34.33
N LYS A 174 13.93 8.43 33.98
CA LYS A 174 12.78 8.49 33.09
C LYS A 174 11.61 9.24 33.72
N ASN A 175 11.40 9.04 35.03
CA ASN A 175 10.36 9.80 35.72
C ASN A 175 10.67 11.28 35.70
N TRP A 176 11.94 11.64 35.93
CA TRP A 176 12.32 13.05 35.87
C TRP A 176 12.14 13.61 34.46
N MET A 177 12.46 12.82 33.44
CA MET A 177 12.22 13.23 32.06
C MET A 177 10.74 13.47 31.82
N THR A 178 9.87 12.59 32.33
CA THR A 178 8.44 12.81 32.18
C THR A 178 8.02 14.10 32.85
N GLU A 179 8.54 14.37 34.05
CA GLU A 179 8.15 15.56 34.79
C GLU A 179 8.65 16.83 34.13
N THR A 180 9.75 16.76 33.38
CA THR A 180 10.34 17.96 32.80
C THR A 180 10.00 18.16 31.33
N LEU A 181 10.26 17.17 30.48
CA LEU A 181 10.30 17.39 29.04
C LEU A 181 8.91 17.42 28.41
N LEU A 182 7.96 16.67 28.98
CA LEU A 182 6.68 16.49 28.30
C LEU A 182 5.93 17.81 28.13
N VAL A 183 5.76 18.56 29.23
CA VAL A 183 5.13 19.87 29.12
C VAL A 183 6.02 20.84 28.38
N GLN A 184 7.33 20.74 28.59
CA GLN A 184 8.27 21.69 27.98
C GLN A 184 8.22 21.61 26.46
N ASN A 185 8.15 20.41 25.91
CA ASN A 185 8.23 20.21 24.47
C ASN A 185 6.86 20.14 23.80
N ALA A 186 5.80 20.49 24.51
CA ALA A 186 4.50 20.64 23.88
C ALA A 186 4.48 21.92 23.04
N ASN A 187 3.55 21.97 22.09
CA ASN A 187 3.44 23.14 21.24
C ASN A 187 2.83 24.30 22.04
N PRO A 188 3.03 25.54 21.58
CA PRO A 188 2.60 26.69 22.40
C PRO A 188 1.13 26.68 22.78
N ASP A 189 0.27 26.24 21.87
CA ASP A 189 -1.17 26.22 22.15
C ASP A 189 -1.48 25.31 23.33
N CYS A 190 -0.86 24.13 23.36
CA CYS A 190 -1.05 23.24 24.49
C CYS A 190 -0.28 23.72 25.72
N LYS A 191 0.90 24.31 25.53
CA LYS A 191 1.70 24.75 26.66
C LYS A 191 0.98 25.84 27.46
N THR A 192 0.29 26.76 26.77
CA THR A 192 -0.46 27.79 27.48
C THR A 192 -1.46 27.16 28.46
N ILE A 193 -2.23 26.20 27.96
CA ILE A 193 -3.22 25.52 28.80
C ILE A 193 -2.54 24.75 29.92
N LEU A 194 -1.44 24.06 29.61
CA LEU A 194 -0.77 23.24 30.62
C LEU A 194 -0.20 24.11 31.74
N LYS A 195 0.38 25.26 31.41
CA LYS A 195 0.87 26.15 32.45
C LYS A 195 -0.28 26.75 33.25
N ALA A 196 -1.39 27.08 32.58
CA ALA A 196 -2.55 27.55 33.33
C ALA A 196 -3.10 26.47 34.25
N LEU A 197 -2.83 25.20 33.94
CA LEU A 197 -3.32 24.10 34.77
C LEU A 197 -2.62 24.06 36.12
N GLY A 198 -1.31 24.31 36.14
CA GLY A 198 -0.55 24.26 37.36
C GLY A 198 0.44 23.11 37.39
N PRO A 199 1.39 23.18 38.33
CA PRO A 199 2.41 22.12 38.39
C PRO A 199 1.88 20.80 38.91
N ALA A 200 0.79 20.79 39.67
CA ALA A 200 0.29 19.58 40.31
C ALA A 200 -0.62 18.75 39.41
N ALA A 201 -0.85 19.20 38.17
CA ALA A 201 -1.77 18.48 37.29
C ALA A 201 -1.23 17.10 36.94
N THR A 202 -2.12 16.11 36.91
CA THR A 202 -1.75 14.78 36.49
C THR A 202 -1.79 14.68 34.97
N LEU A 203 -1.36 13.53 34.45
CA LEU A 203 -1.36 13.31 33.01
C LEU A 203 -2.77 13.29 32.46
N GLU A 204 -3.72 12.70 33.19
CA GLU A 204 -5.10 12.66 32.74
C GLU A 204 -5.71 14.06 32.70
N GLU A 205 -5.45 14.87 33.73
CA GLU A 205 -5.94 16.23 33.73
C GLU A 205 -5.32 17.04 32.60
N MET A 206 -4.02 16.84 32.36
CA MET A 206 -3.34 17.53 31.27
C MET A 206 -3.93 17.12 29.93
N MET A 207 -4.28 15.85 29.79
CA MET A 207 -4.77 15.33 28.52
C MET A 207 -6.18 15.81 28.26
N THR A 208 -7.02 15.87 29.31
CA THR A 208 -8.35 16.42 29.17
C THR A 208 -8.31 17.91 28.87
N ALA A 209 -7.39 18.64 29.49
CA ALA A 209 -7.31 20.09 29.29
C ALA A 209 -6.94 20.45 27.86
N CYS A 210 -6.14 19.63 27.19
CA CYS A 210 -5.70 19.89 25.83
C CYS A 210 -6.50 19.11 24.80
N GLN A 211 -7.59 18.45 25.22
CA GLN A 211 -8.33 17.59 24.30
C GLN A 211 -9.01 18.38 23.21
N GLY A 212 -9.31 19.66 23.46
CA GLY A 212 -9.99 20.47 22.50
C GLY A 212 -9.12 21.36 21.63
N VAL A 213 -7.81 21.34 21.80
CA VAL A 213 -6.94 22.24 21.06
C VAL A 213 -6.97 21.86 19.59
N GLY A 214 -7.39 22.81 18.75
CA GLY A 214 -7.59 22.57 17.35
C GLY A 214 -9.04 22.33 16.95
N GLY A 215 -9.91 22.04 17.91
CA GLY A 215 -11.32 21.92 17.64
C GLY A 215 -11.96 23.26 17.40
N PRO A 216 -13.21 23.23 16.94
CA PRO A 216 -13.89 24.49 16.60
C PRO A 216 -13.96 25.49 17.74
N GLY A 217 -14.28 25.03 18.95
CA GLY A 217 -14.43 25.94 20.07
C GLY A 217 -13.13 26.62 20.47
N HIS A 218 -12.05 25.84 20.55
CA HIS A 218 -10.76 26.41 20.91
C HIS A 218 -10.26 27.39 19.86
N LYS A 219 -10.42 27.03 18.58
CA LYS A 219 -10.04 27.93 17.50
C LYS A 219 -10.81 29.24 17.57
N ALA A 220 -12.12 29.15 17.76
CA ALA A 220 -12.94 30.35 17.87
C ALA A 220 -12.52 31.18 19.07
N ARG A 221 -12.21 30.53 20.19
N ARG A 221 -12.22 30.53 20.19
CA ARG A 221 -11.87 31.26 21.40
CA ARG A 221 -11.86 31.24 21.41
C ARG A 221 -10.56 32.01 21.24
C ARG A 221 -10.54 32.00 21.25
N VAL A 222 -9.53 31.35 20.67
CA VAL A 222 -8.25 32.03 20.51
C VAL A 222 -8.37 33.14 19.48
N LEU A 223 -9.15 32.92 18.42
CA LEU A 223 -9.38 33.98 17.44
C LEU A 223 -10.08 35.17 18.07
N ALA A 224 -11.09 34.92 18.90
CA ALA A 224 -11.80 36.00 19.57
C ALA A 224 -10.88 36.74 20.55
N GLU A 225 -10.03 36.02 21.25
CA GLU A 225 -9.09 36.67 22.15
C GLU A 225 -8.14 37.59 21.40
N ALA A 226 -7.61 37.12 20.27
CA ALA A 226 -6.73 37.96 19.47
C ALA A 226 -7.46 39.19 18.93
N MET A 227 -8.70 39.00 18.45
CA MET A 227 -9.46 40.13 17.93
C MET A 227 -9.81 41.12 19.03
N SER A 228 -10.08 40.64 20.24
CA SER A 228 -10.37 41.54 21.35
C SER A 228 -9.13 42.34 21.73
N GLN A 229 -7.96 41.70 21.71
CA GLN A 229 -6.72 42.44 21.93
C GLN A 229 -6.54 43.52 20.88
N VAL A 230 -6.85 43.20 19.62
CA VAL A 230 -6.70 44.17 18.55
C VAL A 230 -7.66 45.33 18.71
N ILE A 231 -8.93 45.05 19.03
CA ILE A 231 -9.93 46.10 19.16
C ILE A 231 -9.58 47.03 20.32
N ASN A 232 -9.08 46.47 21.42
CA ASN A 232 -8.65 47.26 22.56
C ASN A 232 -7.28 47.89 22.30
N GLN B 1 28.75 -35.59 25.30
CA GLN B 1 27.40 -35.26 24.90
C GLN B 1 27.26 -33.78 24.55
N MET B 2 26.06 -33.25 24.67
CA MET B 2 25.79 -31.85 24.37
C MET B 2 24.70 -31.34 25.30
N VAL B 3 24.67 -30.02 25.46
CA VAL B 3 23.72 -29.36 26.34
C VAL B 3 22.63 -28.74 25.48
N HIS B 4 21.41 -29.26 25.60
CA HIS B 4 20.31 -28.79 24.78
C HIS B 4 19.81 -27.44 25.24
N GLN B 5 20.06 -27.08 26.50
CA GLN B 5 19.57 -25.84 27.08
C GLN B 5 20.63 -24.75 27.11
N ALA B 6 21.62 -24.82 26.23
CA ALA B 6 22.58 -23.73 26.09
C ALA B 6 21.85 -22.46 25.64
N ILE B 7 22.32 -21.32 26.12
CA ILE B 7 21.60 -20.08 25.88
C ILE B 7 21.68 -19.71 24.40
N SER B 8 20.55 -19.29 23.85
CA SER B 8 20.43 -18.85 22.47
C SER B 8 20.80 -17.38 22.37
N PRO B 9 21.01 -16.86 21.16
CA PRO B 9 21.28 -15.42 21.03
C PRO B 9 20.20 -14.55 21.64
N ARG B 10 18.93 -14.95 21.48
CA ARG B 10 17.85 -14.15 22.01
C ARG B 10 17.78 -14.22 23.53
N THR B 11 18.15 -15.37 24.11
CA THR B 11 18.20 -15.49 25.56
C THR B 11 19.23 -14.53 26.16
N LEU B 12 20.44 -14.52 25.58
CA LEU B 12 21.48 -13.62 26.06
C LEU B 12 21.08 -12.17 25.88
N ASN B 13 20.50 -11.83 24.73
CA ASN B 13 20.05 -10.46 24.53
C ASN B 13 18.95 -10.07 25.52
N ALA B 14 18.05 -11.00 25.83
CA ALA B 14 17.01 -10.71 26.80
C ALA B 14 17.60 -10.45 28.17
N TRP B 15 18.59 -11.23 28.57
CA TRP B 15 19.26 -10.98 29.84
C TRP B 15 19.92 -9.60 29.86
N VAL B 16 20.60 -9.25 28.76
CA VAL B 16 21.25 -7.96 28.68
C VAL B 16 20.23 -6.83 28.79
N LYS B 17 19.12 -6.95 28.06
CA LYS B 17 18.08 -5.94 28.13
C LYS B 17 17.47 -5.84 29.52
N VAL B 18 17.31 -6.98 30.19
CA VAL B 18 16.77 -6.97 31.54
C VAL B 18 17.66 -6.18 32.47
N VAL B 19 18.97 -6.42 32.38
CA VAL B 19 19.90 -5.69 33.25
C VAL B 19 19.90 -4.21 32.91
N GLU B 20 19.88 -3.87 31.62
CA GLU B 20 19.94 -2.46 31.24
C GLU B 20 18.67 -1.72 31.62
N GLU B 21 17.52 -2.40 31.56
CA GLU B 21 16.25 -1.72 31.75
C GLU B 21 15.83 -1.67 33.22
N LYS B 22 16.03 -2.76 33.95
CA LYS B 22 15.56 -2.85 35.32
C LYS B 22 16.66 -2.65 36.36
N ALA B 23 17.93 -2.57 35.93
CA ALA B 23 19.08 -2.49 36.84
C ALA B 23 19.00 -3.70 37.76
N PHE B 24 18.86 -3.54 39.08
CA PHE B 24 18.73 -4.68 39.96
C PHE B 24 17.49 -4.56 40.82
N SER B 25 16.37 -4.24 40.20
CA SER B 25 15.07 -4.37 40.82
C SER B 25 14.78 -5.86 41.02
N PRO B 26 13.86 -6.20 41.91
CA PRO B 26 13.64 -7.63 42.20
C PRO B 26 13.29 -8.46 40.98
N GLU B 27 12.74 -7.83 39.94
CA GLU B 27 12.37 -8.54 38.72
C GLU B 27 13.55 -9.25 38.08
N VAL B 28 14.79 -8.84 38.39
CA VAL B 28 15.95 -9.48 37.79
C VAL B 28 16.06 -10.93 38.25
N ILE B 29 15.58 -11.23 39.45
CA ILE B 29 15.78 -12.56 40.01
C ILE B 29 14.95 -13.60 39.24
N PRO B 30 13.66 -13.39 39.00
CA PRO B 30 12.94 -14.37 38.16
C PRO B 30 13.50 -14.48 36.76
N MET B 31 13.77 -13.34 36.10
CA MET B 31 14.29 -13.37 34.74
C MET B 31 15.55 -14.21 34.64
N PHE B 32 16.54 -13.92 35.50
CA PHE B 32 17.76 -14.71 35.48
C PHE B 32 17.46 -16.18 35.75
N SER B 33 16.51 -16.45 36.64
CA SER B 33 16.19 -17.84 36.93
C SER B 33 15.59 -18.53 35.72
N ALA B 34 14.83 -17.80 34.92
CA ALA B 34 14.14 -18.43 33.80
C ALA B 34 15.02 -18.47 32.56
N LEU B 35 15.81 -17.42 32.35
CA LEU B 35 16.63 -17.34 31.14
C LEU B 35 17.80 -18.31 31.19
N SER B 36 18.25 -18.68 32.38
CA SER B 36 19.47 -19.44 32.52
C SER B 36 19.24 -20.90 32.89
N GLU B 37 18.00 -21.37 32.85
CA GLU B 37 17.71 -22.73 33.29
C GLU B 37 18.35 -23.75 32.35
N GLY B 38 19.01 -24.75 32.93
CA GLY B 38 19.66 -25.79 32.18
C GLY B 38 20.93 -25.39 31.46
N ALA B 39 21.45 -24.21 31.71
CA ALA B 39 22.66 -23.75 31.04
C ALA B 39 23.90 -24.20 31.82
N THR B 40 25.02 -24.26 31.11
CA THR B 40 26.29 -24.59 31.74
C THR B 40 26.79 -23.42 32.57
N PRO B 41 27.71 -23.66 33.51
CA PRO B 41 28.34 -22.55 34.21
C PRO B 41 29.03 -21.56 33.28
N GLN B 42 29.53 -22.02 32.14
CA GLN B 42 30.14 -21.10 31.18
C GLN B 42 29.12 -20.10 30.64
N ASP B 43 27.92 -20.57 30.30
CA ASP B 43 26.87 -19.67 29.84
C ASP B 43 26.45 -18.70 30.94
N LEU B 44 26.38 -19.20 32.18
CA LEU B 44 26.06 -18.35 33.32
C LEU B 44 27.10 -17.24 33.48
N ASN B 45 28.37 -17.61 33.34
CA ASN B 45 29.45 -16.63 33.44
C ASN B 45 29.37 -15.61 32.30
N THR B 46 29.03 -16.07 31.09
CA THR B 46 28.82 -15.14 30.00
C THR B 46 27.76 -14.12 30.34
N MET B 47 26.61 -14.60 30.82
CA MET B 47 25.52 -13.69 31.20
C MET B 47 25.97 -12.71 32.27
N LEU B 48 26.72 -13.19 33.27
CA LEU B 48 27.23 -12.31 34.30
C LEU B 48 28.19 -11.27 33.72
N ASN B 49 29.02 -11.66 32.76
CA ASN B 49 29.99 -10.76 32.17
C ASN B 49 29.36 -9.72 31.26
N THR B 50 28.15 -9.95 30.76
CA THR B 50 27.51 -8.93 29.94
C THR B 50 26.86 -7.81 30.75
N VAL B 51 27.06 -7.78 32.06
CA VAL B 51 26.49 -6.72 32.89
C VAL B 51 27.42 -5.51 32.84
N GLY B 52 26.92 -4.40 32.33
CA GLY B 52 27.68 -3.17 32.23
C GLY B 52 27.34 -2.24 33.39
N GLY B 53 28.36 -1.70 34.03
CA GLY B 53 28.17 -0.90 35.21
C GLY B 53 27.88 -1.75 36.43
N HIS B 54 27.47 -1.07 37.49
CA HIS B 54 27.13 -1.72 38.76
C HIS B 54 28.28 -2.60 39.25
N GLN B 55 29.49 -2.05 39.23
CA GLN B 55 30.67 -2.84 39.59
C GLN B 55 30.62 -3.29 41.04
N ALA B 56 30.12 -2.43 41.94
CA ALA B 56 29.98 -2.82 43.34
C ALA B 56 29.01 -3.98 43.50
N ALA B 57 27.91 -3.94 42.75
CA ALA B 57 26.95 -5.05 42.77
C ALA B 57 27.61 -6.34 42.30
N MET B 58 28.41 -6.26 41.23
CA MET B 58 29.05 -7.46 40.72
C MET B 58 30.10 -7.99 41.68
N GLN B 59 30.79 -7.09 42.40
CA GLN B 59 31.71 -7.53 43.43
C GLN B 59 30.97 -8.24 44.57
N MET B 60 29.80 -7.71 44.94
N MET B 60 29.79 -7.72 44.93
CA MET B 60 28.96 -8.39 45.93
CA MET B 60 28.97 -8.40 45.94
C MET B 60 28.58 -9.78 45.46
C MET B 60 28.56 -9.79 45.47
N LEU B 61 28.17 -9.90 44.19
CA LEU B 61 27.82 -11.19 43.64
C LEU B 61 29.00 -12.15 43.67
N LYS B 62 30.19 -11.65 43.34
CA LYS B 62 31.39 -12.48 43.36
C LYS B 62 31.69 -12.97 44.78
N GLU B 63 31.55 -12.09 45.78
CA GLU B 63 31.76 -12.52 47.16
C GLU B 63 30.75 -13.58 47.58
N THR B 64 29.49 -13.39 47.21
CA THR B 64 28.48 -14.40 47.54
C THR B 64 28.81 -15.73 46.88
N ILE B 65 29.22 -15.70 45.61
CA ILE B 65 29.55 -16.94 44.90
C ILE B 65 30.75 -17.62 45.55
N ASN B 66 31.76 -16.85 45.94
CA ASN B 66 32.92 -17.45 46.59
C ASN B 66 32.54 -18.10 47.90
N GLU B 67 31.67 -17.45 48.68
CA GLU B 67 31.27 -18.05 49.95
C GLU B 67 30.44 -19.31 49.73
N GLU B 68 29.58 -19.31 48.71
CA GLU B 68 28.83 -20.52 48.40
C GLU B 68 29.75 -21.65 47.93
N ALA B 69 30.79 -21.31 47.17
CA ALA B 69 31.77 -22.32 46.77
C ALA B 69 32.51 -22.88 47.97
N ALA B 70 32.85 -22.02 48.93
CA ALA B 70 33.46 -22.49 50.17
C ALA B 70 32.52 -23.43 50.91
N GLU B 71 31.24 -23.10 50.95
CA GLU B 71 30.25 -24.00 51.56
C GLU B 71 30.21 -25.34 50.84
N TRP B 72 30.23 -25.32 49.50
CA TRP B 72 30.25 -26.57 48.75
C TRP B 72 31.48 -27.39 49.09
N ASP B 73 32.65 -26.74 49.17
CA ASP B 73 33.88 -27.45 49.50
C ASP B 73 33.82 -28.05 50.90
N ARG B 74 33.22 -27.32 51.84
CA ARG B 74 33.03 -27.87 53.18
C ARG B 74 32.16 -29.11 53.15
N VAL B 75 31.03 -29.04 52.43
CA VAL B 75 30.08 -30.15 52.42
C VAL B 75 30.67 -31.36 51.71
N HIS B 76 31.39 -31.13 50.61
CA HIS B 76 31.96 -32.22 49.83
C HIS B 76 33.43 -32.40 50.18
N PRO B 77 33.80 -33.43 50.94
CA PRO B 77 35.22 -33.61 51.29
C PRO B 77 36.01 -34.09 50.08
N VAL B 78 37.18 -33.48 49.87
CA VAL B 78 38.05 -33.91 48.79
C VAL B 78 38.59 -35.29 49.10
N HIS B 79 38.42 -36.22 48.17
CA HIS B 79 38.82 -37.61 48.34
C HIS B 79 40.19 -37.83 47.70
N ALA B 80 41.10 -38.43 48.45
CA ALA B 80 42.43 -38.72 47.95
C ALA B 80 42.45 -40.08 47.29
N GLY B 81 43.01 -40.14 46.08
CA GLY B 81 43.07 -41.36 45.32
C GLY B 81 42.83 -41.13 43.85
N PRO B 82 43.53 -41.88 43.00
CA PRO B 82 43.36 -41.71 41.55
C PRO B 82 41.92 -41.98 41.13
N ILE B 83 41.42 -41.14 40.23
CA ILE B 83 40.06 -41.32 39.73
C ILE B 83 40.03 -42.48 38.75
N ALA B 84 38.89 -43.13 38.65
CA ALA B 84 38.74 -44.24 37.72
C ALA B 84 38.85 -43.72 36.29
N PRO B 85 39.44 -44.50 35.37
CA PRO B 85 39.54 -44.02 33.98
C PRO B 85 38.19 -43.69 33.36
N GLY B 86 37.16 -44.49 33.63
CA GLY B 86 35.82 -44.15 33.17
C GLY B 86 35.25 -42.94 33.89
N GLN B 87 35.50 -42.84 35.19
CA GLN B 87 34.99 -41.75 35.99
C GLN B 87 35.78 -40.46 35.73
N MET B 88 35.23 -39.36 36.21
CA MET B 88 35.88 -38.06 36.15
C MET B 88 36.00 -37.47 37.54
N ARG B 89 36.87 -36.47 37.67
CA ARG B 89 37.07 -35.83 38.96
C ARG B 89 35.78 -35.20 39.46
N GLU B 90 35.54 -35.31 40.76
CA GLU B 90 34.38 -34.67 41.36
C GLU B 90 34.58 -33.15 41.36
N PRO B 91 33.52 -32.38 41.10
CA PRO B 91 33.68 -30.93 40.99
C PRO B 91 33.86 -30.28 42.35
N ARG B 92 34.73 -29.28 42.40
CA ARG B 92 34.88 -28.41 43.56
C ARG B 92 34.02 -27.17 43.36
N GLY B 93 34.04 -26.29 44.37
CA GLY B 93 33.27 -25.07 44.27
C GLY B 93 33.70 -24.20 43.11
N SER B 94 35.01 -24.11 42.88
CA SER B 94 35.52 -23.35 41.75
C SER B 94 35.11 -23.98 40.43
N ASP B 95 34.99 -25.31 40.40
CA ASP B 95 34.52 -25.99 39.20
C ASP B 95 33.08 -25.62 38.88
N ILE B 96 32.22 -25.54 39.91
CA ILE B 96 30.84 -25.17 39.69
C ILE B 96 30.74 -23.71 39.28
N ALA B 97 31.53 -22.84 39.92
CA ALA B 97 31.54 -21.44 39.51
C ALA B 97 32.12 -21.25 38.12
N GLY B 98 32.80 -22.25 37.57
CA GLY B 98 33.37 -22.16 36.25
C GLY B 98 34.73 -21.52 36.18
N THR B 99 35.36 -21.23 37.32
CA THR B 99 36.68 -20.61 37.30
C THR B 99 37.77 -21.62 36.97
N THR B 100 37.65 -22.84 37.48
CA THR B 100 38.68 -23.87 37.27
C THR B 100 38.17 -25.06 36.48
N SER B 101 37.06 -24.92 35.77
CA SER B 101 36.51 -26.01 34.98
C SER B 101 36.29 -25.54 33.54
N THR B 102 36.54 -26.42 32.60
CA THR B 102 36.30 -26.14 31.19
C THR B 102 34.85 -26.48 30.84
N LEU B 103 34.42 -25.98 29.67
CA LEU B 103 33.06 -26.28 29.21
C LEU B 103 32.86 -27.78 29.03
N GLN B 104 33.88 -28.48 28.54
CA GLN B 104 33.77 -29.92 28.38
C GLN B 104 33.57 -30.62 29.73
N GLU B 105 34.31 -30.18 30.76
CA GLU B 105 34.13 -30.78 32.09
C GLU B 105 32.74 -30.51 32.64
N GLN B 106 32.24 -29.28 32.45
CA GLN B 106 30.90 -28.95 32.92
C GLN B 106 29.86 -29.81 32.22
N ILE B 107 29.98 -29.97 30.91
CA ILE B 107 29.05 -30.80 30.16
C ILE B 107 29.14 -32.25 30.62
N GLY B 108 30.36 -32.73 30.88
CA GLY B 108 30.52 -34.08 31.37
C GLY B 108 29.86 -34.30 32.72
N TRP B 109 30.00 -33.33 33.63
CA TRP B 109 29.31 -33.44 34.92
C TRP B 109 27.79 -33.41 34.74
N MET B 110 27.30 -32.50 33.90
CA MET B 110 25.84 -32.37 33.74
C MET B 110 25.23 -33.57 33.06
N THR B 111 25.94 -34.19 32.11
CA THR B 111 25.41 -35.31 31.35
C THR B 111 25.95 -36.65 31.81
N ASN B 112 26.38 -36.76 33.07
CA ASN B 112 26.88 -38.03 33.58
C ASN B 112 25.75 -38.82 34.23
N ASN B 113 26.04 -40.07 34.57
CA ASN B 113 25.09 -40.92 35.28
C ASN B 113 25.73 -41.40 36.58
N PRO B 114 25.30 -40.91 37.75
CA PRO B 114 24.25 -39.90 37.97
C PRO B 114 24.75 -38.49 37.64
N PRO B 115 23.86 -37.62 37.17
CA PRO B 115 24.27 -36.26 36.81
C PRO B 115 24.59 -35.41 38.02
N ILE B 116 25.49 -34.45 37.82
CA ILE B 116 25.77 -33.41 38.80
C ILE B 116 25.39 -32.07 38.16
N PRO B 117 24.22 -31.53 38.44
CA PRO B 117 23.74 -30.32 37.76
C PRO B 117 24.49 -29.06 38.22
N VAL B 118 25.75 -28.96 37.78
CA VAL B 118 26.59 -27.85 38.20
C VAL B 118 26.00 -26.52 37.76
N GLY B 119 25.33 -26.50 36.61
CA GLY B 119 24.67 -25.29 36.16
C GLY B 119 23.62 -24.82 37.13
N GLU B 120 22.81 -25.73 37.66
CA GLU B 120 21.74 -25.34 38.57
C GLU B 120 22.29 -24.93 39.93
N ILE B 121 23.33 -25.61 40.40
CA ILE B 121 23.96 -25.22 41.66
C ILE B 121 24.55 -23.82 41.55
N TYR B 122 25.27 -23.57 40.46
CA TYR B 122 25.80 -22.24 40.22
C TYR B 122 24.68 -21.22 40.08
N LYS B 123 23.57 -21.61 39.46
CA LYS B 123 22.44 -20.70 39.35
C LYS B 123 21.91 -20.30 40.71
N ARG B 124 21.81 -21.26 41.64
CA ARG B 124 21.34 -20.90 42.97
C ARG B 124 22.33 -19.97 43.67
N TRP B 125 23.63 -20.21 43.49
CA TRP B 125 24.62 -19.30 44.07
C TRP B 125 24.47 -17.89 43.52
N ILE B 126 24.31 -17.77 42.20
CA ILE B 126 24.13 -16.45 41.59
C ILE B 126 22.83 -15.81 42.06
N ILE B 127 21.79 -16.61 42.27
CA ILE B 127 20.53 -16.07 42.77
C ILE B 127 20.70 -15.52 44.18
N LEU B 128 21.46 -16.22 45.02
CA LEU B 128 21.76 -15.68 46.34
C LEU B 128 22.49 -14.35 46.23
N GLY B 129 23.47 -14.27 45.35
CA GLY B 129 24.17 -13.00 45.15
C GLY B 129 23.26 -11.90 44.65
N LEU B 130 22.38 -12.22 43.70
CA LEU B 130 21.44 -11.23 43.18
C LEU B 130 20.45 -10.77 44.24
N ASN B 131 20.01 -11.68 45.10
CA ASN B 131 19.14 -11.30 46.21
C ASN B 131 19.86 -10.34 47.15
N LYS B 132 21.12 -10.63 47.46
CA LYS B 132 21.89 -9.70 48.28
C LYS B 132 22.01 -8.34 47.60
N ILE B 133 22.23 -8.33 46.29
CA ILE B 133 22.33 -7.07 45.55
C ILE B 133 21.02 -6.30 45.63
N VAL B 134 19.90 -6.99 45.40
CA VAL B 134 18.60 -6.33 45.38
C VAL B 134 18.29 -5.74 46.74
N ARG B 135 18.67 -6.43 47.81
CA ARG B 135 18.40 -5.92 49.15
C ARG B 135 19.33 -4.77 49.53
N MET B 136 20.61 -4.87 49.21
CA MET B 136 21.61 -4.03 49.84
C MET B 136 22.29 -3.03 48.92
N TYR B 137 22.13 -3.14 47.60
CA TYR B 137 22.86 -2.31 46.67
C TYR B 137 21.96 -1.21 46.13
N SER B 138 22.44 0.03 46.20
CA SER B 138 21.74 1.17 45.62
C SER B 138 22.61 1.79 44.54
N PRO B 139 22.20 1.76 43.28
CA PRO B 139 23.00 2.39 42.23
C PRO B 139 23.07 3.90 42.42
N THR B 140 24.20 4.48 42.03
CA THR B 140 24.36 5.92 42.08
C THR B 140 23.44 6.59 41.07
N SER B 141 22.86 7.72 41.47
CA SER B 141 21.96 8.46 40.61
C SER B 141 22.42 9.92 40.52
N ILE B 142 22.43 10.44 39.30
CA ILE B 142 22.78 11.85 39.10
C ILE B 142 21.75 12.75 39.77
N LEU B 143 20.50 12.28 39.88
CA LEU B 143 19.47 13.05 40.54
C LEU B 143 19.72 13.21 42.03
N ASP B 144 20.53 12.34 42.62
CA ASP B 144 20.78 12.35 44.05
C ASP B 144 21.96 13.22 44.47
N ILE B 145 22.67 13.80 43.51
CA ILE B 145 23.85 14.61 43.80
C ILE B 145 23.40 16.04 44.09
N ARG B 146 23.50 16.42 45.36
CA ARG B 146 23.10 17.74 45.82
C ARG B 146 24.22 18.35 46.64
N GLN B 147 24.43 19.65 46.47
CA GLN B 147 25.51 20.31 47.19
C GLN B 147 25.18 20.42 48.67
N GLY B 148 26.14 20.08 49.51
CA GLY B 148 25.99 20.21 50.93
C GLY B 148 25.93 21.66 51.35
N PRO B 149 25.39 21.93 52.53
CA PRO B 149 25.29 23.33 52.99
C PRO B 149 26.62 24.03 53.09
N LYS B 150 27.68 23.32 53.47
CA LYS B 150 29.01 23.90 53.61
C LYS B 150 29.99 23.35 52.59
N GLU B 151 29.51 22.62 51.60
CA GLU B 151 30.38 22.02 50.61
C GLU B 151 30.85 23.06 49.60
N PRO B 152 32.14 23.09 49.29
CA PRO B 152 32.62 23.99 48.23
C PRO B 152 32.00 23.62 46.89
N PHE B 153 31.79 24.63 46.05
CA PHE B 153 31.14 24.39 44.76
C PHE B 153 32.03 23.55 43.84
N ARG B 154 33.35 23.70 43.96
CA ARG B 154 34.26 22.82 43.23
C ARG B 154 34.05 21.36 43.57
N ASP B 155 33.95 21.04 44.86
CA ASP B 155 33.79 19.64 45.26
C ASP B 155 32.46 19.08 44.79
N TYR B 156 31.40 19.88 44.88
CA TYR B 156 30.10 19.47 44.39
C TYR B 156 30.13 19.24 42.87
N VAL B 157 30.80 20.10 42.13
CA VAL B 157 30.90 19.92 40.68
C VAL B 157 31.67 18.65 40.36
N ASP B 158 32.73 18.38 41.11
CA ASP B 158 33.49 17.16 40.89
C ASP B 158 32.63 15.92 41.15
N ARG B 159 31.89 15.91 42.25
CA ARG B 159 30.99 14.79 42.54
C ARG B 159 29.95 14.63 41.46
N PHE B 160 29.37 15.74 41.01
CA PHE B 160 28.34 15.70 39.99
C PHE B 160 28.88 15.10 38.70
N TYR B 161 30.08 15.49 38.30
CA TYR B 161 30.61 15.02 37.03
C TYR B 161 31.06 13.58 37.11
N LYS B 162 31.58 13.15 38.28
CA LYS B 162 31.88 11.73 38.46
C LYS B 162 30.61 10.88 38.36
N THR B 163 29.56 11.31 39.05
CA THR B 163 28.30 10.56 38.98
C THR B 163 27.72 10.57 37.57
N LEU B 164 27.86 11.70 36.86
CA LEU B 164 27.37 11.78 35.50
C LEU B 164 28.12 10.83 34.59
N ARG B 165 29.44 10.74 34.76
CA ARG B 165 30.21 9.76 33.99
C ARG B 165 29.75 8.35 34.29
N ALA B 166 29.40 8.07 35.54
CA ALA B 166 28.87 6.76 35.89
C ALA B 166 27.42 6.55 35.45
N GLU B 167 26.71 7.61 35.08
CA GLU B 167 25.29 7.49 34.77
C GLU B 167 25.07 6.75 33.46
N GLN B 168 24.01 5.95 33.41
N GLN B 168 24.01 5.94 33.42
CA GLN B 168 23.61 5.21 32.22
CA GLN B 168 23.63 5.22 32.21
C GLN B 168 22.68 6.09 31.40
C GLN B 168 22.70 6.09 31.40
N ALA B 169 23.26 6.80 30.43
CA ALA B 169 22.47 7.71 29.60
C ALA B 169 23.24 7.99 28.32
N SER B 170 22.52 8.51 27.33
CA SER B 170 23.16 8.98 26.12
C SER B 170 23.91 10.28 26.39
N GLN B 171 24.81 10.63 25.48
CA GLN B 171 25.61 11.84 25.64
C GLN B 171 24.75 13.09 25.60
N GLU B 172 23.74 13.11 24.73
CA GLU B 172 22.82 14.24 24.69
C GLU B 172 22.05 14.37 25.99
N VAL B 173 21.60 13.25 26.55
CA VAL B 173 20.91 13.28 27.82
C VAL B 173 21.84 13.75 28.93
N LYS B 174 23.10 13.32 28.90
CA LYS B 174 24.06 13.76 29.90
C LYS B 174 24.32 15.26 29.80
N ASN B 175 24.40 15.79 28.58
CA ASN B 175 24.55 17.24 28.40
C ASN B 175 23.35 17.98 28.95
N TRP B 176 22.14 17.46 28.69
CA TRP B 176 20.94 18.10 29.23
C TRP B 176 20.92 18.02 30.75
N MET B 177 21.38 16.91 31.32
CA MET B 177 21.49 16.78 32.77
C MET B 177 22.45 17.82 33.33
N THR B 178 23.58 18.03 32.66
CA THR B 178 24.50 19.07 33.10
C THR B 178 23.85 20.44 33.04
N GLU B 179 23.12 20.71 31.96
CA GLU B 179 22.46 22.00 31.80
C GLU B 179 21.38 22.24 32.85
N THR B 180 20.74 21.18 33.34
CA THR B 180 19.59 21.33 34.22
C THR B 180 19.89 21.12 35.70
N LEU B 181 20.56 20.03 36.06
CA LEU B 181 20.60 19.61 37.46
C LEU B 181 21.70 20.31 38.25
N LEU B 182 22.79 20.69 37.58
CA LEU B 182 23.96 21.20 38.32
C LEU B 182 23.62 22.46 39.10
N VAL B 183 23.04 23.46 38.43
CA VAL B 183 22.63 24.67 39.13
C VAL B 183 21.45 24.39 40.05
N GLN B 184 20.54 23.52 39.60
CA GLN B 184 19.33 23.25 40.38
C GLN B 184 19.65 22.64 41.73
N ASN B 185 20.59 21.71 41.79
CA ASN B 185 20.88 21.00 43.02
C ASN B 185 22.05 21.62 43.79
N ALA B 186 22.42 22.85 43.49
CA ALA B 186 23.38 23.57 44.30
C ALA B 186 22.69 24.12 45.55
N ASN B 187 23.50 24.37 46.58
CA ASN B 187 22.95 24.89 47.82
C ASN B 187 22.52 26.35 47.62
N PRO B 188 21.65 26.86 48.50
CA PRO B 188 21.11 28.22 48.28
C PRO B 188 22.18 29.29 48.16
N ASP B 189 23.26 29.19 48.96
CA ASP B 189 24.31 30.21 48.94
C ASP B 189 24.95 30.28 47.57
N CYS B 190 25.25 29.13 46.97
CA CYS B 190 25.79 29.14 45.61
C CYS B 190 24.70 29.40 44.58
N LYS B 191 23.48 28.96 44.87
CA LYS B 191 22.41 29.06 43.87
C LYS B 191 22.03 30.50 43.59
N THR B 192 22.00 31.35 44.62
CA THR B 192 21.68 32.76 44.36
C THR B 192 22.73 33.40 43.47
N ILE B 193 24.01 33.11 43.71
CA ILE B 193 25.08 33.64 42.87
C ILE B 193 24.94 33.12 41.45
N LEU B 194 24.68 31.82 41.30
CA LEU B 194 24.57 31.24 39.96
C LEU B 194 23.40 31.84 39.19
N LYS B 195 22.28 32.08 39.87
CA LYS B 195 21.16 32.74 39.21
C LYS B 195 21.51 34.17 38.82
N ALA B 196 22.24 34.88 39.68
CA ALA B 196 22.66 36.24 39.35
C ALA B 196 23.59 36.25 38.15
N LEU B 197 24.34 35.16 37.94
CA LEU B 197 25.23 35.10 36.78
C LEU B 197 24.47 35.14 35.47
N GLY B 198 23.37 34.39 35.37
CA GLY B 198 22.60 34.31 34.16
C GLY B 198 22.74 32.98 33.46
N PRO B 199 21.84 32.70 32.52
CA PRO B 199 21.87 31.38 31.85
C PRO B 199 23.11 31.15 31.00
N ALA B 200 23.68 32.20 30.43
CA ALA B 200 24.80 32.05 29.51
C ALA B 200 26.10 31.69 30.20
N ALA B 201 26.15 31.73 31.54
CA ALA B 201 27.39 31.50 32.26
C ALA B 201 27.95 30.12 31.97
N THR B 202 29.26 30.06 31.75
CA THR B 202 29.94 28.79 31.55
C THR B 202 30.31 28.16 32.89
N LEU B 203 30.81 26.93 32.83
CA LEU B 203 31.17 26.21 34.04
C LEU B 203 32.29 26.92 34.79
N GLU B 204 33.28 27.44 34.07
CA GLU B 204 34.39 28.13 34.72
C GLU B 204 33.94 29.44 35.35
N GLU B 205 33.06 30.18 34.68
CA GLU B 205 32.52 31.40 35.28
C GLU B 205 31.69 31.09 36.51
N MET B 206 30.84 30.06 36.43
CA MET B 206 30.05 29.65 37.58
C MET B 206 30.94 29.24 38.74
N MET B 207 32.05 28.58 38.42
CA MET B 207 32.94 28.05 39.44
C MET B 207 33.79 29.15 40.06
N THR B 208 34.13 30.18 39.29
CA THR B 208 34.81 31.34 39.85
C THR B 208 33.87 32.16 40.72
N ALA B 209 32.62 32.30 40.29
CA ALA B 209 31.67 33.13 41.04
C ALA B 209 31.39 32.56 42.42
N CYS B 210 31.37 31.23 42.54
CA CYS B 210 31.10 30.56 43.80
C CYS B 210 32.36 30.21 44.57
N GLN B 211 33.53 30.64 44.10
CA GLN B 211 34.78 30.22 44.73
C GLN B 211 34.92 30.78 46.13
N GLY B 212 34.32 31.93 46.40
CA GLY B 212 34.43 32.56 47.70
C GLY B 212 33.32 32.25 48.67
N VAL B 213 32.33 31.43 48.28
CA VAL B 213 31.22 31.14 49.18
C VAL B 213 31.73 30.38 50.39
N GLY B 214 31.38 30.86 51.57
CA GLY B 214 31.88 30.30 52.80
C GLY B 214 33.17 30.91 53.31
N GLY B 215 33.82 31.73 52.50
CA GLY B 215 35.00 32.44 52.95
C GLY B 215 34.63 33.65 53.79
N PRO B 216 35.64 34.22 54.43
CA PRO B 216 35.36 35.36 55.33
C PRO B 216 34.67 36.52 54.65
N GLY B 217 35.05 36.83 53.41
CA GLY B 217 34.41 37.94 52.71
C GLY B 217 32.94 37.68 52.43
N HIS B 218 32.62 36.48 51.92
CA HIS B 218 31.23 36.16 51.62
C HIS B 218 30.39 36.07 52.88
N LYS B 219 30.95 35.48 53.94
CA LYS B 219 30.25 35.43 55.22
C LYS B 219 29.94 36.83 55.73
N ALA B 220 30.93 37.72 55.71
CA ALA B 220 30.72 39.07 56.16
C ALA B 220 29.68 39.78 55.29
N ARG B 221 29.73 39.57 53.98
CA ARG B 221 28.79 40.25 53.09
C ARG B 221 27.35 39.80 53.33
N VAL B 222 27.13 38.50 53.48
CA VAL B 222 25.75 38.02 53.68
C VAL B 222 25.25 38.44 55.06
N LEU B 223 26.12 38.38 56.07
CA LEU B 223 25.72 38.85 57.40
C LEU B 223 25.39 40.33 57.37
N ALA B 224 26.15 41.11 56.59
CA ALA B 224 25.88 42.53 56.46
C ALA B 224 24.55 42.79 55.78
N GLU B 225 24.23 42.02 54.74
CA GLU B 225 22.94 42.20 54.08
C GLU B 225 21.79 41.85 55.01
N ALA B 226 21.93 40.76 55.78
CA ALA B 226 20.90 40.40 56.74
C ALA B 226 20.72 41.48 57.79
N MET B 227 21.82 42.03 58.30
CA MET B 227 21.73 43.10 59.28
C MET B 227 21.14 44.36 58.66
N SER B 228 21.39 44.60 57.37
CA SER B 228 20.75 45.73 56.70
C SER B 228 19.24 45.55 56.67
N GLN B 229 18.78 44.33 56.37
CA GLN B 229 17.34 44.07 56.41
C GLN B 229 16.78 44.26 57.81
N VAL B 230 17.51 43.79 58.84
CA VAL B 230 17.00 43.88 60.20
C VAL B 230 16.94 45.33 60.68
N ILE B 231 18.03 46.08 60.50
CA ILE B 231 18.10 47.45 61.00
C ILE B 231 17.41 48.44 60.06
N ASN B 232 16.88 47.98 58.94
CA ASN B 232 16.16 48.84 58.01
C ASN B 232 14.94 49.48 58.67
N GLN C 1 64.34 -17.24 13.84
CA GLN C 1 63.99 -16.47 12.66
C GLN C 1 64.08 -14.97 12.95
N MET C 2 63.23 -14.19 12.28
CA MET C 2 63.20 -12.75 12.46
C MET C 2 61.76 -12.27 12.35
N VAL C 3 61.48 -11.16 13.03
CA VAL C 3 60.14 -10.59 13.04
C VAL C 3 60.07 -9.51 11.96
N HIS C 4 59.29 -9.76 10.92
CA HIS C 4 59.22 -8.84 9.78
C HIS C 4 58.50 -7.55 10.15
N GLN C 5 57.63 -7.59 11.16
CA GLN C 5 56.86 -6.42 11.57
C GLN C 5 57.42 -5.78 12.84
N ALA C 6 58.73 -5.86 13.04
CA ALA C 6 59.36 -5.17 14.15
C ALA C 6 59.19 -3.66 13.99
N ILE C 7 59.07 -2.96 15.11
CA ILE C 7 58.80 -1.53 15.05
C ILE C 7 60.01 -0.80 14.49
N SER C 8 59.76 0.09 13.54
CA SER C 8 60.78 0.92 12.92
C SER C 8 61.02 2.16 13.76
N PRO C 9 62.12 2.88 13.53
CA PRO C 9 62.32 4.15 14.26
C PRO C 9 61.18 5.13 14.08
N ARG C 10 60.64 5.22 12.86
CA ARG C 10 59.52 6.14 12.62
C ARG C 10 58.27 5.68 13.36
N THR C 11 58.06 4.36 13.46
CA THR C 11 56.90 3.87 14.20
C THR C 11 57.00 4.24 15.68
N LEU C 12 58.16 4.02 16.28
CA LEU C 12 58.34 4.36 17.69
C LEU C 12 58.19 5.85 17.91
N ASN C 13 58.78 6.66 17.02
CA ASN C 13 58.65 8.11 17.16
C ASN C 13 57.21 8.56 17.00
N ALA C 14 56.46 7.93 16.08
CA ALA C 14 55.06 8.28 15.90
C ALA C 14 54.26 7.95 17.15
N TRP C 15 54.53 6.81 17.78
CA TRP C 15 53.85 6.47 19.02
C TRP C 15 54.19 7.47 20.13
N VAL C 16 55.46 7.86 20.24
CA VAL C 16 55.86 8.84 21.23
C VAL C 16 55.13 10.16 21.00
N LYS C 17 55.07 10.60 19.75
CA LYS C 17 54.42 11.86 19.44
C LYS C 17 52.92 11.78 19.67
N VAL C 18 52.32 10.61 19.43
CA VAL C 18 50.90 10.43 19.71
C VAL C 18 50.62 10.59 21.19
N VAL C 19 51.44 9.94 22.03
CA VAL C 19 51.24 10.06 23.47
C VAL C 19 51.46 11.50 23.92
N GLU C 20 52.48 12.18 23.38
CA GLU C 20 52.78 13.53 23.83
C GLU C 20 51.70 14.52 23.39
N GLU C 21 51.16 14.35 22.20
CA GLU C 21 50.20 15.32 21.68
C GLU C 21 48.78 15.07 22.20
N LYS C 22 48.34 13.82 22.20
CA LYS C 22 46.95 13.50 22.49
C LYS C 22 46.72 12.99 23.90
N ALA C 23 47.78 12.76 24.68
CA ALA C 23 47.68 12.19 26.02
C ALA C 23 46.95 10.86 25.89
N PHE C 24 45.84 10.64 26.57
CA PHE C 24 45.08 9.41 26.47
C PHE C 24 43.65 9.68 26.05
N SER C 25 43.49 10.50 25.01
CA SER C 25 42.22 10.63 24.32
C SER C 25 41.93 9.34 23.57
N PRO C 26 40.68 9.11 23.17
CA PRO C 26 40.36 7.84 22.50
C PRO C 26 41.22 7.55 21.28
N GLU C 27 41.73 8.59 20.61
CA GLU C 27 42.56 8.40 19.43
C GLU C 27 43.80 7.57 19.72
N VAL C 28 44.22 7.47 20.98
CA VAL C 28 45.41 6.68 21.30
C VAL C 28 45.17 5.21 21.01
N ILE C 29 43.92 4.77 21.07
CA ILE C 29 43.64 3.34 20.95
C ILE C 29 43.84 2.88 19.51
N PRO C 30 43.22 3.50 18.50
CA PRO C 30 43.52 3.06 17.11
C PRO C 30 44.99 3.17 16.78
N MET C 31 45.62 4.30 17.11
CA MET C 31 47.02 4.50 16.76
C MET C 31 47.90 3.37 17.28
N PHE C 32 47.82 3.10 18.59
CA PHE C 32 48.56 1.98 19.15
C PHE C 32 48.26 0.70 18.38
N SER C 33 46.97 0.42 18.15
CA SER C 33 46.59 -0.81 17.45
C SER C 33 47.24 -0.87 16.09
N ALA C 34 47.34 0.28 15.41
CA ALA C 34 47.95 0.30 14.09
C ALA C 34 49.48 0.25 14.20
N LEU C 35 50.03 0.88 15.23
CA LEU C 35 51.48 1.06 15.26
C LEU C 35 52.21 -0.17 15.76
N SER C 36 51.50 -1.08 16.41
CA SER C 36 52.12 -2.22 17.08
C SER C 36 51.81 -3.55 16.42
N GLU C 37 51.14 -3.54 15.27
CA GLU C 37 50.72 -4.78 14.64
C GLU C 37 51.91 -5.63 14.24
N GLY C 38 51.83 -6.92 14.51
CA GLY C 38 52.88 -7.86 14.20
C GLY C 38 54.17 -7.69 14.98
N ALA C 39 54.18 -6.86 16.01
CA ALA C 39 55.39 -6.65 16.79
C ALA C 39 55.47 -7.63 17.95
N THR C 40 56.68 -7.87 18.42
CA THR C 40 56.92 -8.75 19.55
C THR C 40 56.48 -8.07 20.83
N PRO C 41 56.27 -8.84 21.90
CA PRO C 41 56.03 -8.21 23.21
C PRO C 41 57.15 -7.27 23.64
N GLN C 42 58.39 -7.56 23.24
CA GLN C 42 59.49 -6.65 23.55
C GLN C 42 59.28 -5.28 22.94
N ASP C 43 58.87 -5.22 21.67
CA ASP C 43 58.60 -3.95 21.03
C ASP C 43 57.45 -3.22 21.69
N LEU C 44 56.40 -3.96 22.06
CA LEU C 44 55.26 -3.35 22.73
C LEU C 44 55.68 -2.77 24.08
N ASN C 45 56.52 -3.48 24.81
CA ASN C 45 57.03 -2.98 26.09
C ASN C 45 57.88 -1.73 25.88
N THR C 46 58.69 -1.72 24.81
CA THR C 46 59.46 -0.52 24.49
C THR C 46 58.54 0.66 24.21
N MET C 47 57.46 0.43 23.46
CA MET C 47 56.50 1.49 23.19
C MET C 47 55.85 1.97 24.48
N LEU C 48 55.57 1.05 25.40
CA LEU C 48 54.95 1.41 26.68
C LEU C 48 55.91 2.19 27.57
N ASN C 49 57.20 1.88 27.50
CA ASN C 49 58.18 2.54 28.37
C ASN C 49 58.49 3.96 27.92
N THR C 50 58.12 4.33 26.70
CA THR C 50 58.38 5.67 26.19
C THR C 50 57.33 6.68 26.62
N VAL C 51 56.32 6.26 27.37
CA VAL C 51 55.30 7.17 27.86
C VAL C 51 55.87 7.95 29.03
N GLY C 52 56.00 9.26 28.87
CA GLY C 52 56.49 10.14 29.92
C GLY C 52 55.32 10.77 30.65
N GLY C 53 55.39 10.75 31.97
CA GLY C 53 54.29 11.20 32.77
C GLY C 53 53.15 10.20 32.79
N HIS C 54 52.00 10.65 33.29
CA HIS C 54 50.80 9.82 33.40
C HIS C 54 51.10 8.51 34.12
N GLN C 55 51.82 8.61 35.25
CA GLN C 55 52.22 7.42 35.97
C GLN C 55 51.03 6.64 36.50
N ALA C 56 49.99 7.34 36.94
CA ALA C 56 48.78 6.66 37.40
C ALA C 56 48.14 5.87 36.28
N ALA C 57 48.07 6.45 35.08
CA ALA C 57 47.51 5.74 33.93
C ALA C 57 48.34 4.50 33.61
N MET C 58 49.66 4.61 33.66
CA MET C 58 50.51 3.45 33.39
C MET C 58 50.32 2.38 34.45
N GLN C 59 50.09 2.77 35.70
CA GLN C 59 49.79 1.79 36.74
C GLN C 59 48.48 1.08 36.47
N MET C 60 47.45 1.81 36.03
CA MET C 60 46.19 1.18 35.67
C MET C 60 46.40 0.19 34.52
N LEU C 61 47.21 0.57 33.53
CA LEU C 61 47.51 -0.31 32.42
C LEU C 61 48.22 -1.58 32.90
N LYS C 62 49.17 -1.43 33.82
CA LYS C 62 49.86 -2.59 34.37
C LYS C 62 48.89 -3.51 35.10
N GLU C 63 47.95 -2.95 35.86
CA GLU C 63 46.97 -3.78 36.55
C GLU C 63 46.11 -4.55 35.56
N THR C 64 45.68 -3.89 34.47
CA THR C 64 44.89 -4.58 33.46
C THR C 64 45.70 -5.69 32.81
N ILE C 65 46.98 -5.43 32.52
CA ILE C 65 47.81 -6.46 31.90
C ILE C 65 47.96 -7.66 32.83
N ASN C 66 48.17 -7.40 34.12
CA ASN C 66 48.31 -8.49 35.07
C ASN C 66 47.03 -9.31 35.17
N GLU C 67 45.87 -8.63 35.16
CA GLU C 67 44.61 -9.34 35.17
C GLU C 67 44.45 -10.23 33.95
N GLU C 68 44.80 -9.71 32.77
CA GLU C 68 44.69 -10.50 31.55
C GLU C 68 45.67 -11.66 31.55
N ALA C 69 46.86 -11.46 32.11
CA ALA C 69 47.81 -12.56 32.23
C ALA C 69 47.29 -13.65 33.16
N ALA C 70 46.63 -13.25 34.25
CA ALA C 70 46.01 -14.22 35.13
C ALA C 70 44.90 -14.99 34.41
N GLU C 71 44.11 -14.29 33.60
CA GLU C 71 43.07 -14.97 32.82
C GLU C 71 43.68 -15.97 31.84
N TRP C 72 44.77 -15.57 31.17
CA TRP C 72 45.47 -16.48 30.28
C TRP C 72 45.96 -17.72 31.02
N ASP C 73 46.54 -17.53 32.20
CA ASP C 73 47.02 -18.66 32.98
C ASP C 73 45.89 -19.58 33.41
N ARG C 74 44.75 -18.99 33.77
CA ARG C 74 43.59 -19.79 34.14
C ARG C 74 43.11 -20.64 32.96
N VAL C 75 43.05 -20.03 31.77
CA VAL C 75 42.55 -20.75 30.61
C VAL C 75 43.54 -21.81 30.14
N HIS C 76 44.85 -21.58 30.32
CA HIS C 76 45.86 -22.51 29.86
C HIS C 76 46.48 -23.24 31.05
N PRO C 77 46.11 -24.50 31.31
CA PRO C 77 46.79 -25.25 32.36
C PRO C 77 48.24 -25.52 32.00
N VAL C 78 49.09 -25.59 33.04
CA VAL C 78 50.50 -25.89 32.82
C VAL C 78 50.65 -27.37 32.46
N HIS C 79 51.76 -27.68 31.79
CA HIS C 79 52.02 -29.06 31.41
C HIS C 79 52.72 -29.82 32.54
N ALA C 80 52.78 -31.14 32.38
CA ALA C 80 53.30 -31.99 33.45
C ALA C 80 54.81 -31.85 33.60
N GLY C 81 55.50 -31.50 32.52
CA GLY C 81 56.94 -31.43 32.56
C GLY C 81 57.70 -31.99 31.38
N PRO C 82 57.21 -33.09 30.74
CA PRO C 82 58.02 -33.64 29.63
C PRO C 82 57.97 -32.75 28.38
N ILE C 83 58.81 -31.71 28.40
CA ILE C 83 58.93 -30.83 27.24
C ILE C 83 59.72 -31.55 26.15
N ALA C 84 59.17 -31.58 24.94
CA ALA C 84 59.87 -32.17 23.82
C ALA C 84 61.12 -31.36 23.49
N PRO C 85 62.27 -32.01 23.25
CA PRO C 85 63.49 -31.25 22.94
C PRO C 85 63.34 -30.35 21.73
N GLY C 86 62.65 -30.80 20.68
CA GLY C 86 62.42 -29.95 19.53
C GLY C 86 61.47 -28.80 19.84
N GLN C 87 60.43 -29.07 20.61
CA GLN C 87 59.43 -28.06 20.93
C GLN C 87 59.94 -27.14 22.04
N MET C 88 59.21 -26.06 22.26
CA MET C 88 59.51 -25.10 23.31
C MET C 88 58.38 -25.07 24.33
N ARG C 89 58.69 -24.51 25.51
CA ARG C 89 57.69 -24.38 26.56
C ARG C 89 56.53 -23.51 26.10
N GLU C 90 55.33 -23.90 26.49
CA GLU C 90 54.15 -23.10 26.17
C GLU C 90 54.16 -21.81 26.99
N PRO C 91 53.84 -20.68 26.37
CA PRO C 91 53.92 -19.40 27.08
C PRO C 91 52.90 -19.31 28.22
N ARG C 92 53.28 -18.58 29.26
CA ARG C 92 52.38 -18.17 30.32
C ARG C 92 52.03 -16.70 30.13
N GLY C 93 51.13 -16.20 30.98
CA GLY C 93 50.71 -14.82 30.88
C GLY C 93 51.87 -13.85 31.01
N SER C 94 52.80 -14.13 31.93
CA SER C 94 54.00 -13.32 32.07
C SER C 94 54.85 -13.39 30.81
N ASP C 95 54.91 -14.56 30.16
CA ASP C 95 55.62 -14.66 28.90
C ASP C 95 54.95 -13.86 27.81
N ILE C 96 53.62 -13.84 27.77
CA ILE C 96 52.90 -13.01 26.81
C ILE C 96 53.23 -11.55 27.04
N ALA C 97 53.20 -11.10 28.30
CA ALA C 97 53.52 -9.73 28.61
C ALA C 97 55.00 -9.41 28.46
N GLY C 98 55.85 -10.42 28.33
CA GLY C 98 57.26 -10.22 28.13
C GLY C 98 58.08 -10.02 29.39
N THR C 99 57.49 -10.20 30.57
CA THR C 99 58.25 -10.01 31.80
C THR C 99 59.18 -11.19 32.06
N THR C 100 58.74 -12.40 31.73
CA THR C 100 59.53 -13.61 31.98
C THR C 100 59.97 -14.30 30.70
N SER C 101 59.81 -13.67 29.55
CA SER C 101 60.23 -14.23 28.28
C SER C 101 61.23 -13.32 27.62
N THR C 102 62.18 -13.91 26.89
CA THR C 102 63.15 -13.16 26.13
C THR C 102 62.61 -12.85 24.73
N LEU C 103 63.32 -11.98 24.02
CA LEU C 103 62.94 -11.66 22.65
C LEU C 103 63.03 -12.88 21.75
N GLN C 104 64.07 -13.71 21.96
CA GLN C 104 64.22 -14.92 21.16
C GLN C 104 63.05 -15.87 21.40
N GLU C 105 62.62 -16.00 22.66
CA GLU C 105 61.48 -16.88 22.96
C GLU C 105 60.20 -16.36 22.32
N GLN C 106 59.98 -15.05 22.37
CA GLN C 106 58.79 -14.47 21.74
C GLN C 106 58.82 -14.70 20.24
N ILE C 107 59.97 -14.51 19.61
CA ILE C 107 60.09 -14.75 18.18
C ILE C 107 59.84 -16.21 17.86
N GLY C 108 60.37 -17.11 18.69
CA GLY C 108 60.14 -18.53 18.48
C GLY C 108 58.66 -18.90 18.56
N TRP C 109 57.96 -18.35 19.54
CA TRP C 109 56.52 -18.59 19.63
C TRP C 109 55.79 -18.01 18.42
N MET C 110 56.19 -16.82 17.98
CA MET C 110 55.47 -16.14 16.91
C MET C 110 55.69 -16.82 15.57
N THR C 111 56.89 -17.36 15.33
CA THR C 111 57.23 -17.97 14.06
C THR C 111 57.09 -19.49 14.07
N ASN C 112 56.66 -20.07 15.18
CA ASN C 112 56.51 -21.52 15.24
C ASN C 112 55.31 -21.97 14.40
N ASN C 113 55.26 -23.27 14.16
CA ASN C 113 54.14 -23.89 13.45
C ASN C 113 53.55 -24.99 14.32
N PRO C 114 52.33 -24.85 14.84
CA PRO C 114 51.41 -23.70 14.68
C PRO C 114 51.89 -22.49 15.47
N PRO C 115 51.53 -21.28 15.01
CA PRO C 115 52.02 -20.07 15.68
C PRO C 115 51.17 -19.66 16.87
N ILE C 116 51.84 -19.08 17.86
CA ILE C 116 51.18 -18.46 19.00
C ILE C 116 51.43 -16.95 18.89
N PRO C 117 50.46 -16.16 18.45
CA PRO C 117 50.70 -14.71 18.27
C PRO C 117 50.79 -13.97 19.60
N VAL C 118 51.90 -14.18 20.30
CA VAL C 118 52.06 -13.61 21.64
C VAL C 118 52.00 -12.10 21.58
N GLY C 119 52.56 -11.50 20.52
CA GLY C 119 52.49 -10.06 20.37
C GLY C 119 51.06 -9.55 20.24
N GLU C 120 50.23 -10.26 19.48
CA GLU C 120 48.86 -9.78 19.27
C GLU C 120 48.00 -9.98 20.51
N ILE C 121 48.22 -11.07 21.24
CA ILE C 121 47.54 -11.28 22.52
C ILE C 121 47.92 -10.17 23.50
N TYR C 122 49.22 -9.89 23.61
CA TYR C 122 49.68 -8.81 24.47
C TYR C 122 49.10 -7.48 24.02
N LYS C 123 48.98 -7.27 22.71
CA LYS C 123 48.39 -6.05 22.20
C LYS C 123 46.94 -5.92 22.64
N ARG C 124 46.19 -7.01 22.61
CA ARG C 124 44.81 -6.96 23.07
C ARG C 124 44.74 -6.60 24.56
N TRP C 125 45.65 -7.16 25.37
CA TRP C 125 45.68 -6.80 26.78
C TRP C 125 45.97 -5.31 26.96
N ILE C 126 46.96 -4.80 26.22
CA ILE C 126 47.31 -3.39 26.32
C ILE C 126 46.16 -2.51 25.87
N ILE C 127 45.41 -2.95 24.86
CA ILE C 127 44.26 -2.18 24.41
C ILE C 127 43.18 -2.14 25.48
N LEU C 128 42.98 -3.25 26.18
CA LEU C 128 42.04 -3.23 27.30
C LEU C 128 42.48 -2.23 28.36
N GLY C 129 43.77 -2.22 28.67
CA GLY C 129 44.28 -1.24 29.62
C GLY C 129 44.11 0.20 29.13
N LEU C 130 44.40 0.45 27.85
CA LEU C 130 44.27 1.79 27.31
C LEU C 130 42.82 2.24 27.30
N ASN C 131 41.89 1.32 27.03
CA ASN C 131 40.48 1.65 27.10
C ASN C 131 40.08 2.02 28.51
N LYS C 132 40.56 1.27 29.50
CA LYS C 132 40.27 1.63 30.88
C LYS C 132 40.84 3.01 31.23
N ILE C 133 42.05 3.30 30.75
CA ILE C 133 42.65 4.61 30.99
C ILE C 133 41.82 5.71 30.36
N VAL C 134 41.42 5.53 29.10
CA VAL C 134 40.65 6.55 28.40
C VAL C 134 39.33 6.79 29.11
N ARG C 135 38.72 5.72 29.65
CA ARG C 135 37.43 5.87 30.31
C ARG C 135 37.57 6.53 31.68
N MET C 136 38.61 6.17 32.45
CA MET C 136 38.62 6.46 33.87
C MET C 136 39.68 7.46 34.30
N TYR C 137 40.75 7.64 33.53
CA TYR C 137 41.89 8.44 33.97
C TYR C 137 41.74 9.87 33.45
N SER C 138 41.94 10.83 34.35
CA SER C 138 41.97 12.25 33.99
C SER C 138 43.31 12.83 34.41
N PRO C 139 44.13 13.31 33.48
CA PRO C 139 45.42 13.89 33.86
C PRO C 139 45.24 15.18 34.64
N THR C 140 46.17 15.43 35.56
CA THR C 140 46.16 16.68 36.30
C THR C 140 46.48 17.84 35.38
N SER C 141 45.76 18.94 35.56
CA SER C 141 45.91 20.14 34.75
C SER C 141 46.19 21.33 35.64
N ILE C 142 47.16 22.16 35.24
CA ILE C 142 47.43 23.38 35.99
C ILE C 142 46.25 24.34 35.91
N LEU C 143 45.38 24.16 34.92
CA LEU C 143 44.29 25.10 34.71
C LEU C 143 43.18 24.96 35.74
N ASP C 144 43.02 23.78 36.33
CA ASP C 144 41.93 23.59 37.29
C ASP C 144 42.38 23.62 38.73
N ILE C 145 43.60 24.09 39.00
CA ILE C 145 44.08 24.25 40.37
C ILE C 145 43.62 25.62 40.87
N ARG C 146 42.57 25.62 41.68
CA ARG C 146 42.00 26.84 42.23
C ARG C 146 41.97 26.76 43.74
N GLN C 147 42.14 27.91 44.38
CA GLN C 147 42.15 27.95 45.83
C GLN C 147 40.74 27.76 46.37
N GLY C 148 40.61 26.91 47.38
CA GLY C 148 39.34 26.70 48.04
C GLY C 148 38.92 27.92 48.82
N PRO C 149 37.62 28.03 49.10
CA PRO C 149 37.12 29.22 49.82
C PRO C 149 37.76 29.41 51.18
N LYS C 150 38.07 28.31 51.88
CA LYS C 150 38.73 28.39 53.18
C LYS C 150 40.14 27.82 53.16
N GLU C 151 40.68 27.54 51.99
CA GLU C 151 42.02 26.96 51.90
C GLU C 151 43.07 28.03 52.19
N PRO C 152 44.08 27.71 53.01
CA PRO C 152 45.18 28.65 53.19
C PRO C 152 45.92 28.91 51.88
N PHE C 153 46.43 30.13 51.73
CA PHE C 153 47.10 30.51 50.50
C PHE C 153 48.39 29.69 50.30
N ARG C 154 49.07 29.37 51.40
CA ARG C 154 50.28 28.55 51.30
C ARG C 154 49.98 27.17 50.73
N ASP C 155 48.91 26.54 51.21
CA ASP C 155 48.56 25.21 50.71
C ASP C 155 48.17 25.26 49.23
N TYR C 156 47.44 26.31 48.84
CA TYR C 156 47.09 26.49 47.44
C TYR C 156 48.34 26.67 46.59
N VAL C 157 49.30 27.45 47.07
CA VAL C 157 50.54 27.65 46.32
C VAL C 157 51.29 26.33 46.18
N ASP C 158 51.33 25.54 47.25
CA ASP C 158 52.01 24.25 47.17
C ASP C 158 51.34 23.33 46.15
N ARG C 159 49.99 23.28 46.16
CA ARG C 159 49.28 22.48 45.19
C ARG C 159 49.56 22.96 43.76
N PHE C 160 49.54 24.28 43.56
CA PHE C 160 49.79 24.86 42.25
C PHE C 160 51.17 24.48 41.75
N TYR C 161 52.18 24.56 42.61
CA TYR C 161 53.53 24.28 42.17
C TYR C 161 53.75 22.79 41.94
N LYS C 162 53.10 21.93 42.72
CA LYS C 162 53.17 20.50 42.46
C LYS C 162 52.57 20.17 41.11
N THR C 163 51.39 20.72 40.81
CA THR C 163 50.76 20.49 39.52
C THR C 163 51.62 21.04 38.39
N LEU C 164 52.21 22.21 38.60
CA LEU C 164 53.06 22.81 37.56
C LEU C 164 54.29 21.95 37.30
N ARG C 165 54.90 21.41 38.36
CA ARG C 165 56.00 20.49 38.17
C ARG C 165 55.58 19.24 37.41
N ALA C 166 54.33 18.81 37.59
CA ALA C 166 53.82 17.67 36.83
C ALA C 166 53.32 18.06 35.44
N GLU C 167 53.22 19.34 35.13
CA GLU C 167 52.61 19.76 33.87
C GLU C 167 53.56 19.55 32.69
N GLN C 168 52.99 19.19 31.55
CA GLN C 168 53.75 19.01 30.32
C GLN C 168 53.81 20.35 29.60
N ALA C 169 54.92 21.06 29.77
CA ALA C 169 55.12 22.35 29.13
C ALA C 169 56.60 22.70 29.22
N SER C 170 56.99 23.70 28.44
CA SER C 170 58.35 24.20 28.51
C SER C 170 58.52 25.08 29.76
N GLN C 171 59.78 25.34 30.11
CA GLN C 171 60.05 26.14 31.29
C GLN C 171 59.51 27.56 31.13
N GLU C 172 59.60 28.12 29.92
CA GLU C 172 59.05 29.45 29.70
C GLU C 172 57.53 29.45 29.84
N VAL C 173 56.86 28.42 29.31
CA VAL C 173 55.42 28.33 29.48
C VAL C 173 55.06 28.13 30.94
N LYS C 174 55.87 27.37 31.68
CA LYS C 174 55.60 27.20 33.10
C LYS C 174 55.76 28.51 33.86
N ASN C 175 56.78 29.30 33.52
CA ASN C 175 56.94 30.61 34.15
C ASN C 175 55.78 31.52 33.84
N TRP C 176 55.32 31.52 32.58
CA TRP C 176 54.15 32.31 32.22
C TRP C 176 52.92 31.84 32.96
N MET C 177 52.77 30.53 33.12
CA MET C 177 51.66 29.97 33.90
C MET C 177 51.72 30.46 35.34
N THR C 178 52.91 30.47 35.93
CA THR C 178 53.04 30.97 37.30
C THR C 178 52.68 32.44 37.37
N GLU C 179 53.11 33.23 36.40
CA GLU C 179 52.82 34.66 36.40
C GLU C 179 51.34 34.95 36.20
N THR C 180 50.63 34.06 35.51
CA THR C 180 49.25 34.33 35.13
C THR C 180 48.21 33.67 36.05
N LEU C 181 48.32 32.36 36.27
CA LEU C 181 47.22 31.60 36.83
C LEU C 181 47.20 31.65 38.36
N LEU C 182 48.36 31.83 38.99
CA LEU C 182 48.43 31.73 40.44
C LEU C 182 47.54 32.76 41.12
N VAL C 183 47.63 34.02 40.71
CA VAL C 183 46.80 35.05 41.32
C VAL C 183 45.39 35.00 40.76
N GLN C 184 45.25 34.62 39.49
CA GLN C 184 43.94 34.59 38.87
C GLN C 184 43.02 33.57 39.55
N ASN C 185 43.57 32.42 39.92
CA ASN C 185 42.78 31.31 40.42
C ASN C 185 42.76 31.24 41.94
N ALA C 186 43.19 32.29 42.63
CA ALA C 186 43.02 32.37 44.07
C ALA C 186 41.59 32.75 44.42
N ASN C 187 41.20 32.46 45.66
CA ASN C 187 39.86 32.77 46.10
C ASN C 187 39.71 34.29 46.30
N PRO C 188 38.47 34.79 46.27
CA PRO C 188 38.29 36.25 46.33
C PRO C 188 38.95 36.92 47.52
N ASP C 189 38.94 36.27 48.69
CA ASP C 189 39.54 36.87 49.88
C ASP C 189 41.03 37.11 49.69
N CYS C 190 41.74 36.11 49.17
CA CYS C 190 43.17 36.29 48.90
C CYS C 190 43.38 37.13 47.65
N LYS C 191 42.47 37.02 46.69
CA LYS C 191 42.64 37.72 45.42
C LYS C 191 42.60 39.24 45.61
N THR C 192 41.72 39.71 46.50
CA THR C 192 41.65 41.15 46.77
C THR C 192 42.98 41.66 47.33
N ILE C 193 43.55 40.93 48.29
CA ILE C 193 44.83 41.31 48.87
C ILE C 193 45.93 41.28 47.82
N LEU C 194 45.94 40.25 46.99
CA LEU C 194 46.96 40.16 45.95
C LEU C 194 46.85 41.30 44.96
N LYS C 195 45.63 41.66 44.57
CA LYS C 195 45.44 42.81 43.68
C LYS C 195 45.94 44.08 44.33
N ALA C 196 45.63 44.29 45.61
CA ALA C 196 46.11 45.49 46.30
C ALA C 196 47.63 45.49 46.43
N LEU C 197 48.25 44.31 46.42
CA LEU C 197 49.70 44.24 46.61
C LEU C 197 50.45 44.81 45.42
N GLY C 198 49.97 44.57 44.20
CA GLY C 198 50.62 45.06 43.01
C GLY C 198 51.30 43.98 42.20
N PRO C 199 51.45 44.23 40.89
CA PRO C 199 52.07 43.20 40.03
C PRO C 199 53.51 42.88 40.38
N ALA C 200 54.27 43.84 40.90
CA ALA C 200 55.68 43.62 41.18
C ALA C 200 55.91 42.69 42.37
N ALA C 201 54.87 42.36 43.13
CA ALA C 201 55.04 41.55 44.33
C ALA C 201 55.58 40.17 43.99
N THR C 202 56.49 39.67 44.82
CA THR C 202 57.05 38.35 44.65
C THR C 202 56.20 37.30 45.37
N LEU C 203 56.59 36.04 45.22
CA LEU C 203 55.85 34.95 45.86
C LEU C 203 55.88 35.08 47.38
N GLU C 204 57.04 35.41 47.94
CA GLU C 204 57.14 35.55 49.39
C GLU C 204 56.28 36.71 49.89
N GLU C 205 56.27 37.83 49.17
CA GLU C 205 55.44 38.95 49.57
C GLU C 205 53.97 38.62 49.50
N MET C 206 53.54 37.93 48.43
CA MET C 206 52.14 37.52 48.32
C MET C 206 51.76 36.57 49.46
N MET C 207 52.64 35.62 49.76
CA MET C 207 52.38 34.65 50.81
C MET C 207 52.30 35.32 52.17
N THR C 208 53.18 36.28 52.44
CA THR C 208 53.10 37.03 53.70
C THR C 208 51.83 37.85 53.75
N ALA C 209 51.42 38.46 52.64
CA ALA C 209 50.22 39.27 52.63
C ALA C 209 48.98 38.43 52.89
N CYS C 210 48.94 37.21 52.36
CA CYS C 210 47.78 36.34 52.53
C CYS C 210 47.91 35.39 53.71
N GLN C 211 48.96 35.53 54.52
CA GLN C 211 49.17 34.60 55.63
C GLN C 211 48.05 34.70 56.67
N GLY C 212 47.47 35.88 56.85
CA GLY C 212 46.43 36.05 57.84
C GLY C 212 45.01 35.86 57.37
N VAL C 213 44.80 35.52 56.10
CA VAL C 213 43.44 35.35 55.59
C VAL C 213 42.80 34.15 56.26
N GLY C 214 41.59 34.33 56.77
CA GLY C 214 40.89 33.32 57.51
C GLY C 214 41.16 33.33 59.00
N GLY C 215 42.12 34.11 59.46
CA GLY C 215 42.39 34.24 60.87
C GLY C 215 41.44 35.20 61.53
N PRO C 216 41.50 35.26 62.86
CA PRO C 216 40.58 36.14 63.60
C PRO C 216 40.68 37.60 63.20
N GLY C 217 41.90 38.10 63.02
CA GLY C 217 42.06 39.51 62.67
C GLY C 217 41.47 39.85 61.32
N HIS C 218 41.75 39.04 60.30
CA HIS C 218 41.22 39.31 58.97
C HIS C 218 39.71 39.16 58.93
N LYS C 219 39.18 38.13 59.60
CA LYS C 219 37.74 37.96 59.66
C LYS C 219 37.07 39.15 60.33
N ALA C 220 37.62 39.61 61.45
CA ALA C 220 37.07 40.77 62.14
C ALA C 220 37.14 42.01 61.26
N ARG C 221 38.26 42.19 60.54
CA ARG C 221 38.41 43.38 59.70
C ARG C 221 37.40 43.39 58.55
N VAL C 222 37.22 42.25 57.89
CA VAL C 222 36.26 42.19 56.79
C VAL C 222 34.84 42.37 57.31
N LEU C 223 34.52 41.75 58.45
CA LEU C 223 33.19 41.94 59.04
C LEU C 223 32.96 43.39 59.40
N ALA C 224 33.97 44.06 59.95
CA ALA C 224 33.85 45.47 60.30
C ALA C 224 33.66 46.33 59.07
N GLU C 225 34.36 46.02 57.99
CA GLU C 225 34.17 46.79 56.76
C GLU C 225 32.76 46.63 56.22
N ALA C 226 32.24 45.40 56.22
CA ALA C 226 30.86 45.18 55.77
C ALA C 226 29.87 45.91 56.68
N MET C 227 30.09 45.85 57.99
CA MET C 227 29.22 46.56 58.92
C MET C 227 29.27 48.06 58.69
N SER C 228 30.46 48.61 58.45
CA SER C 228 30.60 50.04 58.22
C SER C 228 29.89 50.45 56.94
N GLN C 229 29.97 49.63 55.89
CA GLN C 229 29.19 49.90 54.69
C GLN C 229 27.70 49.92 55.01
N VAL C 230 27.25 48.96 55.83
CA VAL C 230 25.83 48.89 56.17
C VAL C 230 25.39 50.14 56.92
N ILE C 231 26.17 50.56 57.92
CA ILE C 231 25.79 51.71 58.73
C ILE C 231 25.72 52.97 57.88
N ASN C 232 26.70 53.15 57.00
CA ASN C 232 26.71 54.30 56.09
C ASN C 232 25.65 54.15 55.01
N GLN D 1 6.69 -44.54 29.78
CA GLN D 1 6.57 -44.20 31.20
C GLN D 1 5.45 -43.20 31.43
N MET D 2 5.57 -42.41 32.50
CA MET D 2 4.60 -41.38 32.83
C MET D 2 5.33 -40.14 33.31
N VAL D 3 4.66 -39.00 33.17
CA VAL D 3 5.21 -37.72 33.61
C VAL D 3 4.65 -37.43 35.00
N HIS D 4 5.54 -37.38 35.99
CA HIS D 4 5.12 -37.16 37.37
C HIS D 4 4.72 -35.72 37.62
N GLN D 5 5.10 -34.79 36.74
CA GLN D 5 4.85 -33.37 36.95
C GLN D 5 3.82 -32.82 35.98
N ALA D 6 2.91 -33.67 35.49
CA ALA D 6 1.81 -33.18 34.67
C ALA D 6 0.97 -32.21 35.48
N ILE D 7 0.46 -31.18 34.80
CA ILE D 7 -0.27 -30.13 35.51
C ILE D 7 -1.54 -30.70 36.12
N SER D 8 -1.78 -30.38 37.38
CA SER D 8 -2.99 -30.75 38.10
C SER D 8 -4.10 -29.78 37.78
N PRO D 9 -5.35 -30.11 38.10
CA PRO D 9 -6.43 -29.15 37.87
C PRO D 9 -6.21 -27.81 38.55
N ARG D 10 -5.68 -27.83 39.78
CA ARG D 10 -5.45 -26.59 40.50
C ARG D 10 -4.33 -25.78 39.88
N THR D 11 -3.32 -26.45 39.32
CA THR D 11 -2.25 -25.73 38.62
C THR D 11 -2.80 -24.98 37.41
N LEU D 12 -3.62 -25.66 36.60
CA LEU D 12 -4.19 -25.02 35.42
C LEU D 12 -5.12 -23.88 35.82
N ASN D 13 -5.94 -24.08 36.85
CA ASN D 13 -6.81 -23.01 37.31
C ASN D 13 -6.01 -21.82 37.82
N ALA D 14 -4.92 -22.09 38.55
CA ALA D 14 -4.08 -21.01 39.04
C ALA D 14 -3.50 -20.21 37.87
N TRP D 15 -3.05 -20.90 36.83
CA TRP D 15 -2.52 -20.19 35.67
C TRP D 15 -3.59 -19.34 35.01
N VAL D 16 -4.81 -19.89 34.87
CA VAL D 16 -5.90 -19.14 34.26
C VAL D 16 -6.21 -17.89 35.07
N LYS D 17 -6.24 -18.03 36.40
CA LYS D 17 -6.55 -16.89 37.26
C LYS D 17 -5.42 -15.87 37.22
N VAL D 18 -4.17 -16.33 37.11
CA VAL D 18 -3.05 -15.40 36.98
C VAL D 18 -3.22 -14.54 35.74
N VAL D 19 -3.53 -15.18 34.61
CA VAL D 19 -3.70 -14.42 33.38
C VAL D 19 -4.88 -13.46 33.49
N GLU D 20 -6.00 -13.94 34.05
CA GLU D 20 -7.18 -13.08 34.14
C GLU D 20 -6.96 -11.91 35.08
N GLU D 21 -6.20 -12.09 36.15
CA GLU D 21 -6.06 -11.08 37.18
C GLU D 21 -4.94 -10.09 36.89
N LYS D 22 -3.75 -10.57 36.52
CA LYS D 22 -2.62 -9.68 36.32
C LYS D 22 -2.36 -9.33 34.87
N ALA D 23 -3.11 -9.92 33.93
CA ALA D 23 -2.90 -9.73 32.48
C ALA D 23 -1.45 -10.11 32.20
N PHE D 24 -0.63 -9.22 31.64
CA PHE D 24 0.76 -9.56 31.38
C PHE D 24 1.70 -8.59 32.10
N SER D 25 1.41 -8.36 33.37
CA SER D 25 2.35 -7.72 34.28
C SER D 25 3.53 -8.67 34.50
N PRO D 26 4.67 -8.16 34.97
CA PRO D 26 5.85 -9.03 35.09
C PRO D 26 5.63 -10.25 35.98
N GLU D 27 4.66 -10.20 36.91
CA GLU D 27 4.42 -11.34 37.78
C GLU D 27 4.00 -12.59 37.03
N VAL D 28 3.57 -12.45 35.77
CA VAL D 28 3.19 -13.64 35.00
C VAL D 28 4.41 -14.52 34.75
N ILE D 29 5.59 -13.91 34.65
CA ILE D 29 6.78 -14.68 34.29
C ILE D 29 7.18 -15.66 35.39
N PRO D 30 7.34 -15.25 36.66
CA PRO D 30 7.64 -16.26 37.68
C PRO D 30 6.53 -17.28 37.84
N MET D 31 5.27 -16.84 37.81
CA MET D 31 4.16 -17.76 38.01
C MET D 31 4.18 -18.86 36.96
N PHE D 32 4.24 -18.48 35.68
CA PHE D 32 4.33 -19.48 34.62
C PHE D 32 5.55 -20.37 34.82
N SER D 33 6.64 -19.80 35.31
CA SER D 33 7.84 -20.60 35.51
C SER D 33 7.60 -21.69 36.56
N ALA D 34 6.82 -21.36 37.60
CA ALA D 34 6.68 -22.28 38.71
C ALA D 34 5.53 -23.25 38.48
N LEU D 35 4.49 -22.79 37.77
CA LEU D 35 3.33 -23.64 37.53
C LEU D 35 3.62 -24.70 36.48
N SER D 36 4.51 -24.39 35.54
CA SER D 36 4.72 -25.25 34.39
C SER D 36 5.95 -26.14 34.49
N GLU D 37 6.67 -26.09 35.61
CA GLU D 37 7.93 -26.83 35.71
C GLU D 37 7.67 -28.33 35.74
N GLY D 38 8.41 -29.05 34.89
CA GLY D 38 8.27 -30.48 34.78
C GLY D 38 7.18 -30.94 33.83
N ALA D 39 6.40 -30.03 33.27
CA ALA D 39 5.29 -30.39 32.40
C ALA D 39 5.76 -30.66 30.98
N THR D 40 4.99 -31.50 30.28
CA THR D 40 5.25 -31.76 28.88
C THR D 40 4.90 -30.54 28.03
N PRO D 41 5.41 -30.47 26.81
CA PRO D 41 4.99 -29.38 25.90
C PRO D 41 3.49 -29.36 25.65
N GLN D 42 2.84 -30.52 25.72
CA GLN D 42 1.39 -30.57 25.61
C GLN D 42 0.72 -29.79 26.73
N ASP D 43 1.19 -29.95 27.97
CA ASP D 43 0.63 -29.19 29.08
C ASP D 43 0.89 -27.70 28.94
N LEU D 44 2.09 -27.32 28.47
CA LEU D 44 2.36 -25.91 28.26
C LEU D 44 1.45 -25.33 27.18
N ASN D 45 1.17 -26.10 26.13
CA ASN D 45 0.25 -25.64 25.10
C ASN D 45 -1.17 -25.53 25.63
N THR D 46 -1.57 -26.46 26.51
CA THR D 46 -2.85 -26.33 27.17
C THR D 46 -2.92 -25.05 27.98
N MET D 47 -1.85 -24.73 28.71
CA MET D 47 -1.81 -23.49 29.48
C MET D 47 -1.90 -22.27 28.57
N LEU D 48 -1.20 -22.30 27.45
CA LEU D 48 -1.20 -21.17 26.53
C LEU D 48 -2.57 -20.98 25.88
N ASN D 49 -3.27 -22.07 25.62
CA ASN D 49 -4.55 -21.99 24.92
C ASN D 49 -5.66 -21.44 25.83
N THR D 50 -5.45 -21.39 27.13
CA THR D 50 -6.46 -20.88 28.05
C THR D 50 -6.39 -19.36 28.21
N VAL D 51 -5.47 -18.70 27.55
CA VAL D 51 -5.41 -17.24 27.61
C VAL D 51 -6.53 -16.68 26.74
N GLY D 52 -7.49 -16.02 27.37
CA GLY D 52 -8.58 -15.36 26.68
C GLY D 52 -8.24 -13.90 26.46
N GLY D 53 -8.51 -13.43 25.25
CA GLY D 53 -8.11 -12.09 24.87
C GLY D 53 -6.62 -12.00 24.67
N HIS D 54 -6.13 -10.76 24.57
CA HIS D 54 -4.72 -10.48 24.33
C HIS D 54 -4.20 -11.21 23.10
N GLN D 55 -4.97 -11.17 22.02
CA GLN D 55 -4.61 -11.91 20.81
C GLN D 55 -3.29 -11.42 20.24
N ALA D 56 -3.05 -10.11 20.26
CA ALA D 56 -1.78 -9.58 19.77
C ALA D 56 -0.60 -10.10 20.60
N ALA D 57 -0.77 -10.15 21.92
CA ALA D 57 0.29 -10.67 22.77
C ALA D 57 0.56 -12.14 22.47
N MET D 58 -0.49 -12.92 22.25
N MET D 58 -0.48 -12.92 22.24
CA MET D 58 -0.32 -14.34 21.95
CA MET D 58 -0.27 -14.34 21.96
C MET D 58 0.35 -14.54 20.60
C MET D 58 0.35 -14.55 20.59
N GLN D 59 0.05 -13.68 19.63
CA GLN D 59 0.75 -13.72 18.35
C GLN D 59 2.24 -13.40 18.53
N MET D 60 2.54 -12.41 19.39
CA MET D 60 3.93 -12.13 19.72
C MET D 60 4.63 -13.35 20.31
N LEU D 61 3.95 -14.03 21.24
CA LEU D 61 4.52 -15.22 21.87
C LEU D 61 4.75 -16.32 20.84
N LYS D 62 3.81 -16.49 19.91
CA LYS D 62 3.98 -17.48 18.86
C LYS D 62 5.18 -17.16 17.97
N GLU D 63 5.37 -15.89 17.64
CA GLU D 63 6.52 -15.49 16.83
C GLU D 63 7.82 -15.78 17.58
N THR D 64 7.86 -15.47 18.87
CA THR D 64 9.06 -15.77 19.66
C THR D 64 9.34 -17.27 19.69
N ILE D 65 8.30 -18.07 19.88
CA ILE D 65 8.49 -19.52 19.92
C ILE D 65 9.01 -20.02 18.58
N ASN D 66 8.49 -19.48 17.48
CA ASN D 66 8.96 -19.90 16.16
C ASN D 66 10.43 -19.53 15.96
N GLU D 67 10.83 -18.34 16.41
CA GLU D 67 12.23 -17.96 16.34
C GLU D 67 13.11 -18.91 17.14
N GLU D 68 12.67 -19.27 18.35
CA GLU D 68 13.47 -20.18 19.17
C GLU D 68 13.53 -21.57 18.57
N ALA D 69 12.45 -22.01 17.92
CA ALA D 69 12.46 -23.30 17.25
C ALA D 69 13.42 -23.29 16.06
N ALA D 70 13.45 -22.18 15.32
CA ALA D 70 14.42 -22.05 14.23
C ALA D 70 15.84 -22.09 14.79
N GLU D 71 16.08 -21.45 15.93
CA GLU D 71 17.39 -21.51 16.55
C GLU D 71 17.75 -22.93 16.95
N TRP D 72 16.80 -23.68 17.50
CA TRP D 72 17.03 -25.08 17.81
C TRP D 72 17.42 -25.87 16.57
N ASP D 73 16.68 -25.66 15.48
CA ASP D 73 16.98 -26.39 14.24
C ASP D 73 18.36 -26.02 13.71
N ARG D 74 18.73 -24.75 13.79
CA ARG D 74 20.07 -24.33 13.38
C ARG D 74 21.15 -25.03 14.20
N VAL D 75 20.99 -25.06 15.52
CA VAL D 75 21.99 -25.68 16.38
C VAL D 75 22.02 -27.20 16.27
N HIS D 76 20.89 -27.84 15.99
CA HIS D 76 20.81 -29.29 15.92
C HIS D 76 20.71 -29.73 14.46
N PRO D 77 21.78 -30.24 13.87
CA PRO D 77 21.72 -30.66 12.47
C PRO D 77 20.84 -31.89 12.29
N VAL D 78 20.14 -31.94 11.16
CA VAL D 78 19.30 -33.08 10.86
C VAL D 78 20.16 -34.29 10.50
N HIS D 79 19.90 -35.40 11.17
CA HIS D 79 20.61 -36.66 10.91
C HIS D 79 19.75 -37.51 9.99
N ALA D 80 20.35 -37.98 8.90
CA ALA D 80 19.68 -38.78 7.89
C ALA D 80 20.14 -40.23 7.99
N GLY D 81 19.18 -41.15 8.04
CA GLY D 81 19.48 -42.56 8.11
C GLY D 81 18.41 -43.33 8.84
N PRO D 82 18.59 -44.65 8.95
CA PRO D 82 17.61 -45.49 9.65
C PRO D 82 17.84 -45.43 11.16
N ILE D 83 16.84 -44.90 11.87
CA ILE D 83 16.94 -44.80 13.32
C ILE D 83 16.91 -46.19 13.93
N ALA D 84 17.72 -46.39 14.97
CA ALA D 84 17.76 -47.67 15.65
C ALA D 84 16.41 -47.98 16.28
N PRO D 85 15.97 -49.24 16.27
CA PRO D 85 14.66 -49.57 16.86
C PRO D 85 14.55 -49.19 18.33
N GLY D 86 15.63 -49.35 19.09
CA GLY D 86 15.62 -48.90 20.46
C GLY D 86 15.56 -47.39 20.58
N GLN D 87 16.25 -46.69 19.68
CA GLN D 87 16.30 -45.24 19.72
C GLN D 87 15.02 -44.64 19.11
N MET D 88 14.85 -43.35 19.34
CA MET D 88 13.74 -42.59 18.77
C MET D 88 14.30 -41.39 18.02
N ARG D 89 13.46 -40.81 17.16
CA ARG D 89 13.87 -39.66 16.37
C ARG D 89 14.27 -38.50 17.29
N GLU D 90 15.26 -37.74 16.85
CA GLU D 90 15.72 -36.61 17.63
C GLU D 90 14.72 -35.46 17.54
N PRO D 91 14.45 -34.77 18.64
CA PRO D 91 13.48 -33.67 18.61
C PRO D 91 13.89 -32.57 17.64
N ARG D 92 12.92 -31.99 16.97
CA ARG D 92 13.10 -30.78 16.18
C ARG D 92 12.44 -29.62 16.89
N GLY D 93 12.65 -28.42 16.35
CA GLY D 93 12.09 -27.23 16.96
C GLY D 93 10.58 -27.29 17.10
N SER D 94 9.91 -27.81 16.08
CA SER D 94 8.45 -27.95 16.15
C SER D 94 8.05 -29.05 17.12
N ASP D 95 8.90 -30.06 17.28
CA ASP D 95 8.60 -31.13 18.24
C ASP D 95 8.63 -30.62 19.67
N ILE D 96 9.57 -29.73 19.98
CA ILE D 96 9.66 -29.17 21.32
C ILE D 96 8.48 -28.26 21.61
N ALA D 97 8.08 -27.46 20.62
CA ALA D 97 6.88 -26.65 20.78
C ALA D 97 5.61 -27.48 20.76
N GLY D 98 5.70 -28.77 20.43
CA GLY D 98 4.57 -29.66 20.46
C GLY D 98 3.65 -29.59 19.27
N THR D 99 4.02 -28.86 18.21
CA THR D 99 3.17 -28.79 17.03
C THR D 99 3.23 -30.06 16.22
N THR D 100 4.42 -30.65 16.08
CA THR D 100 4.60 -31.84 15.26
C THR D 100 4.90 -33.08 16.08
N SER D 101 4.75 -33.02 17.40
CA SER D 101 5.01 -34.15 18.27
C SER D 101 3.76 -34.50 19.06
N THR D 102 3.63 -35.78 19.36
CA THR D 102 2.55 -36.25 20.22
C THR D 102 2.99 -36.28 21.67
N LEU D 103 2.01 -36.39 22.57
CA LEU D 103 2.31 -36.45 24.00
C LEU D 103 3.19 -37.66 24.31
N GLN D 104 2.95 -38.78 23.64
CA GLN D 104 3.77 -39.96 23.86
C GLN D 104 5.22 -39.71 23.46
N GLU D 105 5.44 -39.02 22.33
CA GLU D 105 6.80 -38.71 21.90
C GLU D 105 7.49 -37.78 22.90
N GLN D 106 6.77 -36.77 23.40
CA GLN D 106 7.34 -35.87 24.37
C GLN D 106 7.70 -36.60 25.66
N ILE D 107 6.83 -37.50 26.11
CA ILE D 107 7.12 -38.28 27.31
C ILE D 107 8.33 -39.18 27.07
N GLY D 108 8.42 -39.77 25.88
CA GLY D 108 9.58 -40.60 25.57
C GLY D 108 10.88 -39.83 25.58
N TRP D 109 10.87 -38.62 25.02
CA TRP D 109 12.06 -37.78 25.07
C TRP D 109 12.41 -37.40 26.49
N MET D 110 11.40 -37.03 27.29
CA MET D 110 11.67 -36.54 28.64
C MET D 110 12.15 -37.66 29.56
N THR D 111 11.66 -38.88 29.35
CA THR D 111 11.98 -40.01 30.21
C THR D 111 13.08 -40.89 29.65
N ASN D 112 13.67 -40.53 28.51
CA ASN D 112 14.72 -41.34 27.93
C ASN D 112 16.02 -41.19 28.72
N ASN D 113 17.00 -42.03 28.40
CA ASN D 113 18.32 -41.96 28.99
C ASN D 113 19.35 -41.92 27.88
N PRO D 114 20.05 -40.80 27.65
CA PRO D 114 19.95 -39.52 28.37
C PRO D 114 18.66 -38.77 28.05
N PRO D 115 18.11 -38.05 29.02
CA PRO D 115 16.86 -37.33 28.78
C PRO D 115 17.06 -36.08 27.94
N ILE D 116 16.01 -35.70 27.22
CA ILE D 116 15.93 -34.44 26.52
C ILE D 116 14.75 -33.66 27.10
N PRO D 117 14.97 -32.72 28.01
CA PRO D 117 13.85 -32.02 28.68
C PRO D 117 13.14 -31.06 27.73
N VAL D 118 12.34 -31.61 26.82
CA VAL D 118 11.65 -30.79 25.82
C VAL D 118 10.70 -29.82 26.50
N GLY D 119 10.10 -30.24 27.62
CA GLY D 119 9.25 -29.33 28.37
C GLY D 119 9.99 -28.12 28.89
N GLU D 120 11.21 -28.33 29.41
CA GLU D 120 12.00 -27.22 29.95
C GLU D 120 12.49 -26.28 28.84
N ILE D 121 12.91 -26.85 27.71
CA ILE D 121 13.33 -26.04 26.57
C ILE D 121 12.18 -25.20 26.06
N TYR D 122 11.01 -25.83 25.90
CA TYR D 122 9.83 -25.09 25.48
C TYR D 122 9.46 -24.03 26.51
N LYS D 123 9.63 -24.34 27.79
CA LYS D 123 9.31 -23.35 28.83
C LYS D 123 10.21 -22.13 28.70
N ARG D 124 11.49 -22.32 28.41
CA ARG D 124 12.36 -21.16 28.21
C ARG D 124 11.93 -20.36 26.99
N TRP D 125 11.55 -21.03 25.90
CA TRP D 125 11.06 -20.30 24.74
C TRP D 125 9.83 -19.46 25.09
N ILE D 126 8.90 -20.05 25.83
CA ILE D 126 7.70 -19.34 26.24
C ILE D 126 8.04 -18.19 27.17
N ILE D 127 9.05 -18.37 28.03
CA ILE D 127 9.46 -17.29 28.92
C ILE D 127 10.02 -16.13 28.12
N LEU D 128 10.78 -16.42 27.07
CA LEU D 128 11.25 -15.36 26.18
C LEU D 128 10.08 -14.61 25.56
N GLY D 129 9.08 -15.36 25.09
CA GLY D 129 7.89 -14.71 24.53
C GLY D 129 7.15 -13.86 25.55
N LEU D 130 7.01 -14.36 26.77
CA LEU D 130 6.33 -13.61 27.82
C LEU D 130 7.11 -12.36 28.20
N ASN D 131 8.43 -12.45 28.25
CA ASN D 131 9.25 -11.28 28.51
C ASN D 131 9.04 -10.22 27.43
N LYS D 132 9.02 -10.64 26.17
CA LYS D 132 8.75 -9.69 25.09
C LYS D 132 7.36 -9.08 25.24
N ILE D 133 6.36 -9.88 25.60
CA ILE D 133 5.00 -9.34 25.78
C ILE D 133 4.99 -8.31 26.91
N VAL D 134 5.65 -8.64 28.03
CA VAL D 134 5.65 -7.75 29.18
C VAL D 134 6.32 -6.43 28.83
N ARG D 135 7.39 -6.48 28.04
CA ARG D 135 8.07 -5.24 27.68
C ARG D 135 7.31 -4.43 26.64
N MET D 136 6.76 -5.09 25.61
CA MET D 136 6.31 -4.39 24.42
C MET D 136 4.80 -4.27 24.28
N TYR D 137 4.02 -5.15 24.88
CA TYR D 137 2.59 -5.22 24.64
C TYR D 137 1.83 -4.41 25.67
N SER D 138 0.92 -3.56 25.19
CA SER D 138 0.04 -2.78 26.05
C SER D 138 -1.41 -3.11 25.72
N PRO D 139 -2.15 -3.74 26.62
CA PRO D 139 -3.54 -4.08 26.31
C PRO D 139 -4.40 -2.84 26.13
N THR D 140 -5.40 -2.95 25.26
CA THR D 140 -6.35 -1.86 25.07
C THR D 140 -7.16 -1.64 26.34
N SER D 141 -7.44 -0.38 26.65
CA SER D 141 -8.22 -0.02 27.82
C SER D 141 -9.36 0.90 27.42
N ILE D 142 -10.55 0.61 27.94
CA ILE D 142 -11.70 1.49 27.69
C ILE D 142 -11.46 2.86 28.30
N LEU D 143 -10.63 2.93 29.34
CA LEU D 143 -10.33 4.22 29.97
C LEU D 143 -9.46 5.10 29.09
N ASP D 144 -8.78 4.53 28.11
CA ASP D 144 -7.87 5.27 27.26
C ASP D 144 -8.53 5.83 26.00
N ILE D 145 -9.81 5.53 25.78
CA ILE D 145 -10.49 5.96 24.55
C ILE D 145 -11.04 7.36 24.79
N ARG D 146 -10.41 8.35 24.17
CA ARG D 146 -10.87 9.73 24.23
C ARG D 146 -11.07 10.24 22.82
N GLN D 147 -12.05 11.13 22.65
CA GLN D 147 -12.32 11.70 21.34
C GLN D 147 -11.26 12.73 20.99
N GLY D 148 -10.73 12.62 19.78
CA GLY D 148 -9.76 13.58 19.29
C GLY D 148 -10.40 14.94 19.09
N PRO D 149 -9.58 15.99 19.08
CA PRO D 149 -10.13 17.34 18.95
C PRO D 149 -10.94 17.56 17.68
N LYS D 150 -10.55 16.93 16.58
CA LYS D 150 -11.27 17.03 15.32
C LYS D 150 -11.95 15.73 14.92
N GLU D 151 -12.00 14.75 15.81
CA GLU D 151 -12.58 13.46 15.48
C GLU D 151 -14.10 13.56 15.47
N PRO D 152 -14.78 13.01 14.46
CA PRO D 152 -16.24 12.97 14.50
C PRO D 152 -16.74 12.12 15.65
N PHE D 153 -17.87 12.52 16.23
CA PHE D 153 -18.39 11.82 17.40
C PHE D 153 -18.76 10.38 17.07
N ARG D 154 -19.18 10.13 15.82
CA ARG D 154 -19.57 8.77 15.44
C ARG D 154 -18.37 7.83 15.39
N ASP D 155 -17.25 8.30 14.84
CA ASP D 155 -16.04 7.47 14.85
C ASP D 155 -15.54 7.22 16.26
N TYR D 156 -15.63 8.23 17.11
CA TYR D 156 -15.27 8.05 18.52
C TYR D 156 -16.16 7.01 19.18
N VAL D 157 -17.46 7.04 18.90
CA VAL D 157 -18.37 6.06 19.49
C VAL D 157 -18.04 4.66 18.98
N ASP D 158 -17.70 4.55 17.70
CA ASP D 158 -17.32 3.25 17.14
C ASP D 158 -16.08 2.70 17.82
N ARG D 159 -15.05 3.54 17.98
CA ARG D 159 -13.84 3.11 18.68
C ARG D 159 -14.15 2.71 20.11
N PHE D 160 -14.99 3.50 20.78
CA PHE D 160 -15.33 3.22 22.18
C PHE D 160 -16.00 1.86 22.30
N TYR D 161 -16.95 1.56 21.41
CA TYR D 161 -17.67 0.31 21.52
C TYR D 161 -16.81 -0.88 21.11
N LYS D 162 -15.91 -0.68 20.15
CA LYS D 162 -14.96 -1.75 19.82
C LYS D 162 -14.10 -2.09 21.04
N THR D 163 -13.53 -1.07 21.68
CA THR D 163 -12.73 -1.29 22.87
C THR D 163 -13.55 -1.92 23.99
N LEU D 164 -14.79 -1.48 24.14
CA LEU D 164 -15.66 -2.03 25.18
C LEU D 164 -15.96 -3.50 24.94
N ARG D 165 -16.17 -3.89 23.69
CA ARG D 165 -16.33 -5.31 23.38
C ARG D 165 -15.06 -6.08 23.72
N ALA D 166 -13.90 -5.49 23.46
CA ALA D 166 -12.65 -6.18 23.81
C ALA D 166 -12.37 -6.14 25.31
N GLU D 167 -13.03 -5.27 26.07
CA GLU D 167 -12.73 -5.08 27.48
C GLU D 167 -13.11 -6.31 28.30
N GLN D 168 -12.26 -6.63 29.27
N GLN D 168 -12.28 -6.62 29.29
CA GLN D 168 -12.54 -7.70 30.23
CA GLN D 168 -12.55 -7.72 30.21
C GLN D 168 -13.38 -7.13 31.35
C GLN D 168 -13.37 -7.20 31.37
N ALA D 169 -14.69 -7.39 31.29
CA ALA D 169 -15.59 -6.91 32.33
C ALA D 169 -16.91 -7.65 32.22
N SER D 170 -17.68 -7.60 33.29
CA SER D 170 -19.04 -8.11 33.25
C SER D 170 -19.91 -7.18 32.41
N GLN D 171 -21.04 -7.71 31.94
CA GLN D 171 -21.92 -6.93 31.10
C GLN D 171 -22.47 -5.71 31.85
N GLU D 172 -22.80 -5.89 33.13
CA GLU D 172 -23.27 -4.76 33.93
C GLU D 172 -22.20 -3.69 34.06
N VAL D 173 -20.96 -4.11 34.28
CA VAL D 173 -19.85 -3.16 34.36
C VAL D 173 -19.67 -2.44 33.03
N LYS D 174 -19.81 -3.15 31.91
CA LYS D 174 -19.69 -2.51 30.60
C LYS D 174 -20.81 -1.50 30.37
N ASN D 175 -22.03 -1.83 30.80
CA ASN D 175 -23.11 -0.85 30.70
C ASN D 175 -22.82 0.39 31.53
N TRP D 176 -22.28 0.20 32.73
CA TRP D 176 -21.91 1.34 33.56
C TRP D 176 -20.80 2.16 32.91
N MET D 177 -19.84 1.49 32.27
CA MET D 177 -18.80 2.20 31.53
C MET D 177 -19.40 3.01 30.39
N THR D 178 -20.37 2.43 29.68
CA THR D 178 -21.03 3.19 28.61
C THR D 178 -21.73 4.41 29.17
N GLU D 179 -22.40 4.26 30.31
CA GLU D 179 -23.13 5.37 30.91
C GLU D 179 -22.22 6.44 31.50
N THR D 180 -20.97 6.11 31.81
CA THR D 180 -20.07 7.06 32.46
C THR D 180 -19.02 7.64 31.53
N LEU D 181 -18.35 6.81 30.74
CA LEU D 181 -17.10 7.22 30.09
C LEU D 181 -17.33 7.84 28.71
N LEU D 182 -18.41 7.44 28.03
CA LEU D 182 -18.59 7.89 26.65
C LEU D 182 -18.75 9.40 26.57
N VAL D 183 -19.66 9.96 27.37
CA VAL D 183 -19.81 11.41 27.39
C VAL D 183 -18.61 12.06 28.05
N GLN D 184 -18.07 11.44 29.09
CA GLN D 184 -16.96 12.04 29.83
C GLN D 184 -15.73 12.24 28.94
N ASN D 185 -15.40 11.25 28.12
CA ASN D 185 -14.19 11.30 27.32
C ASN D 185 -14.41 11.84 25.92
N ALA D 186 -15.56 12.46 25.66
CA ALA D 186 -15.73 13.21 24.43
C ALA D 186 -14.95 14.51 24.49
N ASN D 187 -14.67 15.08 23.32
CA ASN D 187 -13.91 16.31 23.26
C ASN D 187 -14.80 17.47 23.71
N PRO D 188 -14.20 18.63 24.05
CA PRO D 188 -15.02 19.73 24.59
C PRO D 188 -16.16 20.17 23.69
N ASP D 189 -15.95 20.21 22.38
CA ASP D 189 -16.98 20.67 21.47
C ASP D 189 -18.20 19.76 21.52
N CYS D 190 -17.99 18.44 21.53
CA CYS D 190 -19.10 17.52 21.63
C CYS D 190 -19.64 17.46 23.04
N LYS D 191 -18.78 17.61 24.05
CA LYS D 191 -19.22 17.53 25.44
C LYS D 191 -20.18 18.65 25.79
N THR D 192 -19.93 19.86 25.28
CA THR D 192 -20.86 20.97 25.51
C THR D 192 -22.26 20.61 25.03
N ILE D 193 -22.35 20.10 23.80
CA ILE D 193 -23.64 19.74 23.22
C ILE D 193 -24.28 18.60 24.00
N LEU D 194 -23.48 17.59 24.37
CA LEU D 194 -24.03 16.44 25.08
C LEU D 194 -24.56 16.84 26.45
N LYS D 195 -23.84 17.71 27.16
CA LYS D 195 -24.33 18.18 28.45
C LYS D 195 -25.60 19.00 28.29
N ALA D 196 -25.66 19.85 27.26
CA ALA D 196 -26.89 20.59 27.00
C ALA D 196 -28.04 19.66 26.64
N LEU D 197 -27.72 18.46 26.14
CA LEU D 197 -28.77 17.53 25.72
C LEU D 197 -29.52 16.96 26.91
N GLY D 198 -28.81 16.67 28.00
CA GLY D 198 -29.44 16.13 29.19
C GLY D 198 -29.03 14.71 29.48
N PRO D 199 -29.26 14.26 30.72
CA PRO D 199 -28.84 12.91 31.09
C PRO D 199 -29.70 11.81 30.47
N ALA D 200 -30.93 12.10 30.08
CA ALA D 200 -31.83 11.10 29.53
C ALA D 200 -31.60 10.81 28.06
N ALA D 201 -30.69 11.55 27.41
CA ALA D 201 -30.47 11.39 25.98
C ALA D 201 -29.96 9.98 25.65
N THR D 202 -30.49 9.42 24.57
CA THR D 202 -30.03 8.12 24.12
C THR D 202 -28.81 8.27 23.21
N LEU D 203 -28.24 7.13 22.82
CA LEU D 203 -27.06 7.16 21.97
C LEU D 203 -27.38 7.77 20.61
N GLU D 204 -28.54 7.44 20.05
CA GLU D 204 -28.91 7.99 18.75
C GLU D 204 -29.12 9.50 18.82
N GLU D 205 -29.78 9.98 19.87
CA GLU D 205 -29.94 11.43 20.03
C GLU D 205 -28.60 12.11 20.24
N MET D 206 -27.69 11.46 20.97
CA MET D 206 -26.36 12.04 21.17
C MET D 206 -25.61 12.12 19.85
N MET D 207 -25.70 11.08 19.02
CA MET D 207 -25.01 11.10 17.73
C MET D 207 -25.61 12.14 16.80
N THR D 208 -26.95 12.30 16.82
CA THR D 208 -27.57 13.33 16.01
C THR D 208 -27.16 14.72 16.47
N ALA D 209 -27.08 14.93 17.79
CA ALA D 209 -26.77 16.25 18.32
C ALA D 209 -25.33 16.66 18.00
N CYS D 210 -24.43 15.71 17.86
CA CYS D 210 -23.03 16.00 17.57
C CYS D 210 -22.67 15.76 16.12
N GLN D 211 -23.66 15.47 15.27
CA GLN D 211 -23.36 15.13 13.89
C GLN D 211 -22.78 16.29 13.11
N GLY D 212 -23.11 17.52 13.49
CA GLY D 212 -22.62 18.68 12.79
C GLY D 212 -21.37 19.32 13.34
N VAL D 213 -20.78 18.78 14.41
CA VAL D 213 -19.61 19.40 15.01
C VAL D 213 -18.44 19.33 14.04
N GLY D 214 -17.81 20.47 13.80
CA GLY D 214 -16.77 20.58 12.81
C GLY D 214 -17.26 20.92 11.42
N GLY D 215 -18.57 20.87 11.20
CA GLY D 215 -19.14 21.31 9.94
C GLY D 215 -19.19 22.82 9.86
N PRO D 216 -19.46 23.32 8.66
CA PRO D 216 -19.46 24.77 8.46
C PRO D 216 -20.41 25.53 9.37
N GLY D 217 -21.62 25.01 9.59
CA GLY D 217 -22.57 25.71 10.42
C GLY D 217 -22.15 25.77 11.88
N HIS D 218 -21.67 24.64 12.41
CA HIS D 218 -21.18 24.63 13.79
C HIS D 218 -19.99 25.55 13.97
N LYS D 219 -19.04 25.51 13.04
CA LYS D 219 -17.87 26.37 13.13
C LYS D 219 -18.26 27.84 13.10
N ALA D 220 -19.17 28.21 12.19
CA ALA D 220 -19.64 29.58 12.13
C ALA D 220 -20.34 29.98 13.42
N ARG D 221 -21.16 29.08 13.98
N ARG D 221 -21.17 29.08 13.97
CA ARG D 221 -21.92 29.41 15.17
CA ARG D 221 -21.93 29.40 15.17
C ARG D 221 -21.01 29.63 16.38
C ARG D 221 -21.01 29.62 16.37
N VAL D 222 -20.02 28.75 16.58
CA VAL D 222 -19.13 28.91 17.71
C VAL D 222 -18.24 30.14 17.54
N LEU D 223 -17.81 30.41 16.31
CA LEU D 223 -17.03 31.62 16.05
C LEU D 223 -17.85 32.87 16.34
N ALA D 224 -19.11 32.88 15.91
CA ALA D 224 -19.97 34.03 16.17
C ALA D 224 -20.24 34.20 17.65
N GLU D 225 -20.42 33.10 18.38
CA GLU D 225 -20.60 33.20 19.82
C GLU D 225 -19.38 33.79 20.50
N ALA D 226 -18.18 33.35 20.09
CA ALA D 226 -16.96 33.91 20.67
C ALA D 226 -16.83 35.39 20.35
N MET D 227 -17.12 35.79 19.11
CA MET D 227 -17.03 37.20 18.74
C MET D 227 -18.05 38.04 19.50
N SER D 228 -19.26 37.51 19.71
CA SER D 228 -20.26 38.23 20.48
C SER D 228 -19.81 38.41 21.92
N GLN D 229 -19.22 37.38 22.51
CA GLN D 229 -18.66 37.52 23.85
C GLN D 229 -17.59 38.59 23.88
N VAL D 230 -16.78 38.68 22.81
CA VAL D 230 -15.75 39.70 22.74
C VAL D 230 -16.37 41.10 22.70
N ILE D 231 -17.43 41.27 21.90
CA ILE D 231 -18.08 42.59 21.84
C ILE D 231 -18.65 42.97 23.19
N ASN D 232 -19.32 42.03 23.86
CA ASN D 232 -19.90 42.29 25.17
C ASN D 232 -18.84 42.21 26.26
N GLN E 1 -7.82 -47.47 20.42
CA GLN E 1 -8.20 -46.53 19.38
C GLN E 1 -7.84 -45.10 19.78
N MET E 2 -8.50 -44.14 19.15
CA MET E 2 -8.28 -42.73 19.45
C MET E 2 -9.59 -41.97 19.27
N VAL E 3 -9.68 -40.82 19.93
CA VAL E 3 -10.90 -40.02 19.94
C VAL E 3 -10.75 -38.94 18.86
N HIS E 4 -11.62 -39.00 17.84
CA HIS E 4 -11.55 -38.05 16.75
C HIS E 4 -12.11 -36.69 17.14
N GLN E 5 -12.96 -36.65 18.16
CA GLN E 5 -13.59 -35.42 18.60
C GLN E 5 -12.94 -34.82 19.84
N ALA E 6 -11.65 -35.10 20.05
CA ALA E 6 -10.92 -34.44 21.12
C ALA E 6 -10.88 -32.94 20.87
N ILE E 7 -10.94 -32.16 21.95
CA ILE E 7 -11.04 -30.73 21.80
C ILE E 7 -9.75 -30.16 21.23
N SER E 8 -9.89 -29.27 20.26
CA SER E 8 -8.78 -28.60 19.62
C SER E 8 -8.40 -27.35 20.41
N PRO E 9 -7.24 -26.76 20.13
CA PRO E 9 -6.87 -25.51 20.82
C PRO E 9 -7.92 -24.43 20.71
N ARG E 10 -8.53 -24.28 19.54
CA ARG E 10 -9.54 -23.24 19.35
C ARG E 10 -10.82 -23.57 20.09
N THR E 11 -11.15 -24.84 20.23
CA THR E 11 -12.32 -25.22 21.03
C THR E 11 -12.14 -24.82 22.48
N LEU E 12 -10.98 -25.14 23.06
CA LEU E 12 -10.71 -24.78 24.44
C LEU E 12 -10.68 -23.27 24.62
N ASN E 13 -10.04 -22.55 23.70
CA ASN E 13 -10.01 -21.09 23.80
C ASN E 13 -11.40 -20.50 23.66
N ALA E 14 -12.24 -21.07 22.81
CA ALA E 14 -13.61 -20.59 22.67
C ALA E 14 -14.40 -20.81 23.96
N TRP E 15 -14.23 -21.95 24.60
CA TRP E 15 -14.88 -22.17 25.89
C TRP E 15 -14.42 -21.16 26.93
N VAL E 16 -13.11 -20.91 26.98
CA VAL E 16 -12.58 -19.93 27.92
C VAL E 16 -13.17 -18.55 27.67
N LYS E 17 -13.22 -18.15 26.40
CA LYS E 17 -13.79 -16.85 26.06
C LYS E 17 -15.27 -16.77 26.39
N VAL E 18 -16.01 -17.87 26.17
CA VAL E 18 -17.42 -17.89 26.51
C VAL E 18 -17.62 -17.64 27.99
N VAL E 19 -16.85 -18.34 28.83
CA VAL E 19 -17.00 -18.16 30.26
C VAL E 19 -16.59 -16.75 30.67
N GLU E 20 -15.49 -16.23 30.11
CA GLU E 20 -15.02 -14.91 30.49
C GLU E 20 -15.99 -13.81 30.08
N GLU E 21 -16.63 -13.95 28.92
CA GLU E 21 -17.47 -12.89 28.39
C GLU E 21 -18.91 -12.97 28.85
N LYS E 22 -19.47 -14.17 28.97
CA LYS E 22 -20.87 -14.32 29.31
C LYS E 22 -21.11 -14.72 30.77
N ALA E 23 -20.05 -15.05 31.51
CA ALA E 23 -20.16 -15.57 32.87
C ALA E 23 -21.04 -16.81 32.80
N PHE E 24 -22.16 -16.87 33.51
CA PHE E 24 -23.08 -18.00 33.41
C PHE E 24 -24.48 -17.55 33.00
N SER E 25 -24.53 -16.72 31.96
CA SER E 25 -25.77 -16.45 31.27
C SER E 25 -26.24 -17.73 30.56
N PRO E 26 -27.52 -17.81 30.20
CA PRO E 26 -28.02 -19.04 29.57
C PRO E 26 -27.25 -19.46 28.33
N GLU E 27 -26.68 -18.50 27.59
CA GLU E 27 -25.88 -18.80 26.41
C GLU E 27 -24.77 -19.81 26.69
N VAL E 28 -24.38 -19.99 27.95
CA VAL E 28 -23.30 -20.91 28.27
C VAL E 28 -23.72 -22.35 28.00
N ILE E 29 -25.00 -22.67 28.20
CA ILE E 29 -25.44 -24.06 28.04
C ILE E 29 -25.32 -24.55 26.60
N PRO E 30 -25.83 -23.84 25.59
CA PRO E 30 -25.61 -24.32 24.21
C PRO E 30 -24.13 -24.38 23.83
N MET E 31 -23.38 -23.33 24.16
CA MET E 31 -21.97 -23.28 23.80
C MET E 31 -21.22 -24.49 24.35
N PHE E 32 -21.34 -24.75 25.65
CA PHE E 32 -20.70 -25.93 26.23
C PHE E 32 -21.18 -27.19 25.54
N SER E 33 -22.47 -27.25 25.21
CA SER E 33 -22.99 -28.45 24.57
C SER E 33 -22.35 -28.64 23.20
N ALA E 34 -22.06 -27.54 22.50
CA ALA E 34 -21.56 -27.65 21.14
C ALA E 34 -20.06 -27.86 21.13
N LEU E 35 -19.33 -27.16 21.99
CA LEU E 35 -17.88 -27.26 22.01
C LEU E 35 -17.41 -28.60 22.54
N SER E 36 -18.18 -29.21 23.43
CA SER E 36 -17.74 -30.40 24.16
C SER E 36 -18.22 -31.70 23.54
N GLU E 37 -18.92 -31.66 22.41
CA GLU E 37 -19.53 -32.88 21.88
C GLU E 37 -18.47 -33.85 21.39
N GLY E 38 -18.60 -35.11 21.81
CA GLY E 38 -17.68 -36.15 21.42
C GLY E 38 -16.40 -36.21 22.22
N ALA E 39 -16.20 -35.28 23.16
CA ALA E 39 -14.96 -35.22 23.91
C ALA E 39 -14.95 -36.26 25.03
N THR E 40 -13.74 -36.61 25.47
CA THR E 40 -13.59 -37.49 26.61
C THR E 40 -13.97 -36.76 27.89
N PRO E 41 -14.29 -37.49 28.96
CA PRO E 41 -14.47 -36.83 30.26
C PRO E 41 -13.26 -36.03 30.69
N GLN E 42 -12.06 -36.45 30.29
CA GLN E 42 -10.86 -35.70 30.60
C GLN E 42 -10.88 -34.32 29.95
N ASP E 43 -11.30 -34.24 28.69
CA ASP E 43 -11.41 -32.94 28.02
C ASP E 43 -12.46 -32.07 28.69
N LEU E 44 -13.59 -32.68 29.10
CA LEU E 44 -14.61 -31.93 29.82
C LEU E 44 -14.06 -31.37 31.13
N ASN E 45 -13.28 -32.18 31.84
CA ASN E 45 -12.68 -31.73 33.09
C ASN E 45 -11.69 -30.59 32.83
N THR E 46 -10.93 -30.68 31.75
CA THR E 46 -10.05 -29.57 31.37
C THR E 46 -10.85 -28.29 31.17
N MET E 47 -11.93 -28.38 30.39
CA MET E 47 -12.76 -27.20 30.14
C MET E 47 -13.31 -26.63 31.43
N LEU E 48 -13.77 -27.50 32.34
CA LEU E 48 -14.28 -27.03 33.62
C LEU E 48 -13.17 -26.37 34.45
N ASN E 49 -11.96 -26.94 34.40
CA ASN E 49 -10.85 -26.38 35.16
C ASN E 49 -10.36 -25.05 34.61
N THR E 50 -10.70 -24.71 33.37
CA THR E 50 -10.30 -23.42 32.82
C THR E 50 -11.24 -22.28 33.22
N VAL E 51 -12.21 -22.54 34.09
CA VAL E 51 -13.11 -21.49 34.55
C VAL E 51 -12.45 -20.76 35.72
N GLY E 52 -12.16 -19.47 35.53
CA GLY E 52 -11.59 -18.64 36.56
C GLY E 52 -12.67 -17.85 37.27
N GLY E 53 -12.59 -17.84 38.60
CA GLY E 53 -13.62 -17.21 39.39
C GLY E 53 -14.86 -18.09 39.49
N HIS E 54 -15.92 -17.49 40.04
CA HIS E 54 -17.20 -18.18 40.20
C HIS E 54 -17.04 -19.49 40.97
N GLN E 55 -16.33 -19.43 42.09
CA GLN E 55 -16.06 -20.65 42.86
C GLN E 55 -17.34 -21.29 43.38
N ALA E 56 -18.30 -20.48 43.82
CA ALA E 56 -19.57 -21.02 44.30
C ALA E 56 -20.31 -21.73 43.18
N ALA E 57 -20.29 -21.16 41.97
CA ALA E 57 -20.91 -21.82 40.82
C ALA E 57 -20.25 -23.15 40.53
N MET E 58 -18.93 -23.21 40.59
CA MET E 58 -18.23 -24.47 40.31
C MET E 58 -18.51 -25.50 41.40
N GLN E 59 -18.67 -25.05 42.65
CA GLN E 59 -19.04 -25.99 43.70
C GLN E 59 -20.45 -26.53 43.49
N MET E 60 -21.38 -25.67 43.05
N MET E 60 -21.37 -25.68 43.04
CA MET E 60 -22.71 -26.14 42.69
CA MET E 60 -22.71 -26.15 42.70
C MET E 60 -22.64 -27.19 41.59
C MET E 60 -22.66 -27.18 41.58
N LEU E 61 -21.84 -26.92 40.56
CA LEU E 61 -21.67 -27.87 39.47
C LEU E 61 -21.09 -29.18 39.97
N LYS E 62 -20.13 -29.12 40.89
CA LYS E 62 -19.52 -30.33 41.41
C LYS E 62 -20.52 -31.17 42.19
N GLU E 63 -21.36 -30.53 43.01
CA GLU E 63 -22.32 -31.32 43.77
C GLU E 63 -23.42 -31.88 42.87
N THR E 64 -23.80 -31.12 41.83
CA THR E 64 -24.72 -31.69 40.84
C THR E 64 -24.12 -32.91 40.16
N ILE E 65 -22.84 -32.83 39.80
CA ILE E 65 -22.18 -33.96 39.15
C ILE E 65 -22.11 -35.16 40.10
N ASN E 66 -21.81 -34.91 41.36
CA ASN E 66 -21.75 -36.00 42.33
C ASN E 66 -23.10 -36.67 42.50
N GLU E 67 -24.18 -35.88 42.51
CA GLU E 67 -25.50 -36.48 42.65
C GLU E 67 -25.88 -37.27 41.41
N GLU E 68 -25.51 -36.79 40.22
CA GLU E 68 -25.75 -37.56 39.01
C GLU E 68 -24.94 -38.85 39.00
N ALA E 69 -23.71 -38.80 39.51
CA ALA E 69 -22.90 -40.01 39.60
C ALA E 69 -23.52 -41.01 40.57
N ALA E 70 -24.07 -40.52 41.68
CA ALA E 70 -24.80 -41.39 42.60
C ALA E 70 -26.01 -42.02 41.92
N GLU E 71 -26.71 -41.24 41.11
CA GLU E 71 -27.83 -41.78 40.34
C GLU E 71 -27.37 -42.88 39.39
N TRP E 72 -26.25 -42.65 38.70
CA TRP E 72 -25.71 -43.68 37.82
C TRP E 72 -25.36 -44.94 38.59
N ASP E 73 -24.75 -44.79 39.76
CA ASP E 73 -24.38 -45.96 40.56
C ASP E 73 -25.62 -46.70 41.03
N ARG E 74 -26.69 -45.98 41.36
CA ARG E 74 -27.94 -46.62 41.73
C ARG E 74 -28.52 -47.42 40.56
N VAL E 75 -28.52 -46.81 39.37
CA VAL E 75 -29.12 -47.48 38.21
C VAL E 75 -28.28 -48.67 37.77
N HIS E 76 -26.95 -48.55 37.84
CA HIS E 76 -26.06 -49.62 37.42
C HIS E 76 -25.54 -50.36 38.64
N PRO E 77 -26.03 -51.57 38.93
CA PRO E 77 -25.53 -52.31 40.09
C PRO E 77 -24.13 -52.84 39.84
N VAL E 78 -23.26 -52.72 40.83
CA VAL E 78 -21.92 -53.28 40.73
C VAL E 78 -22.01 -54.80 40.74
N HIS E 79 -21.38 -55.44 39.76
CA HIS E 79 -21.42 -56.88 39.59
C HIS E 79 -20.13 -57.49 40.12
N ALA E 80 -20.26 -58.38 41.10
CA ALA E 80 -19.11 -59.07 41.65
C ALA E 80 -18.67 -60.20 40.73
N GLY E 81 -17.37 -60.32 40.53
CA GLY E 81 -16.82 -61.34 39.68
C GLY E 81 -15.69 -60.82 38.82
N PRO E 82 -14.74 -61.69 38.47
CA PRO E 82 -13.61 -61.25 37.64
C PRO E 82 -14.07 -60.86 36.25
N ILE E 83 -13.56 -59.73 35.76
CA ILE E 83 -13.89 -59.28 34.42
C ILE E 83 -13.20 -60.17 33.39
N ALA E 84 -13.82 -60.29 32.22
CA ALA E 84 -13.23 -61.08 31.16
C ALA E 84 -11.92 -60.43 30.70
N PRO E 85 -10.92 -61.22 30.32
CA PRO E 85 -9.65 -60.61 29.88
C PRO E 85 -9.81 -59.65 28.71
N GLY E 86 -10.65 -60.00 27.73
CA GLY E 86 -10.93 -59.07 26.66
C GLY E 86 -11.74 -57.87 27.11
N GLN E 87 -12.72 -58.10 27.98
CA GLN E 87 -13.61 -57.04 28.43
C GLN E 87 -12.93 -56.14 29.44
N MET E 88 -13.46 -54.92 29.56
CA MET E 88 -13.02 -53.97 30.56
C MET E 88 -14.05 -53.88 31.67
N ARG E 89 -13.66 -53.26 32.78
CA ARG E 89 -14.58 -53.07 33.88
C ARG E 89 -15.70 -52.10 33.49
N GLU E 90 -16.88 -52.33 34.03
CA GLU E 90 -18.00 -51.43 33.77
C GLU E 90 -17.77 -50.10 34.50
N PRO E 91 -18.02 -48.97 33.86
CA PRO E 91 -17.75 -47.68 34.50
C PRO E 91 -18.69 -47.42 35.67
N ARG E 92 -18.15 -46.75 36.68
CA ARG E 92 -18.95 -46.20 37.77
C ARG E 92 -19.16 -44.71 37.53
N GLY E 93 -19.96 -44.09 38.40
CA GLY E 93 -20.22 -42.67 38.25
C GLY E 93 -18.96 -41.84 38.30
N SER E 94 -18.03 -42.21 39.19
CA SER E 94 -16.75 -41.52 39.26
C SER E 94 -15.94 -41.73 37.99
N ASP E 95 -16.10 -42.88 37.35
CA ASP E 95 -15.40 -43.12 36.08
C ASP E 95 -15.94 -42.22 34.98
N ILE E 96 -17.25 -42.01 34.94
CA ILE E 96 -17.83 -41.09 33.96
C ILE E 96 -17.40 -39.66 34.26
N ALA E 97 -17.41 -39.27 35.53
CA ALA E 97 -16.95 -37.94 35.89
C ALA E 97 -15.45 -37.75 35.66
N GLY E 98 -14.71 -38.85 35.49
CA GLY E 98 -13.29 -38.76 35.25
C GLY E 98 -12.43 -38.65 36.48
N THR E 99 -13.00 -38.79 37.67
CA THR E 99 -12.19 -38.72 38.88
C THR E 99 -11.38 -40.01 39.08
N THR E 100 -11.97 -41.17 38.80
CA THR E 100 -11.31 -42.44 39.04
C THR E 100 -11.03 -43.21 37.75
N SER E 101 -11.05 -42.56 36.60
CA SER E 101 -10.79 -43.21 35.33
C SER E 101 -9.69 -42.47 34.60
N THR E 102 -8.79 -43.23 33.98
CA THR E 102 -7.75 -42.65 33.15
C THR E 102 -8.29 -42.36 31.75
N LEU E 103 -7.53 -41.58 30.99
CA LEU E 103 -7.93 -41.25 29.62
C LEU E 103 -8.04 -42.51 28.78
N GLN E 104 -7.11 -43.45 28.95
CA GLN E 104 -7.17 -44.69 28.18
C GLN E 104 -8.43 -45.48 28.49
N GLU E 105 -8.82 -45.54 29.77
CA GLU E 105 -10.06 -46.22 30.13
C GLU E 105 -11.27 -45.55 29.51
N GLN E 106 -11.30 -44.21 29.53
CA GLN E 106 -12.42 -43.48 28.94
C GLN E 106 -12.50 -43.76 27.44
N ILE E 107 -11.36 -43.73 26.75
CA ILE E 107 -11.35 -43.99 25.31
C ILE E 107 -11.77 -45.42 25.03
N GLY E 108 -11.33 -46.37 25.86
CA GLY E 108 -11.75 -47.75 25.68
C GLY E 108 -13.24 -47.92 25.84
N TRP E 109 -13.84 -47.21 26.80
CA TRP E 109 -15.29 -47.26 26.94
C TRP E 109 -15.98 -46.65 25.73
N MET E 110 -15.49 -45.50 25.25
CA MET E 110 -16.18 -44.82 24.15
C MET E 110 -15.99 -45.53 22.82
N THR E 111 -14.94 -46.34 22.68
CA THR E 111 -14.65 -47.01 21.41
C THR E 111 -14.86 -48.51 21.47
N ASN E 112 -15.58 -49.01 22.47
CA ASN E 112 -15.85 -50.43 22.58
C ASN E 112 -17.10 -50.80 21.79
N ASN E 113 -17.28 -52.09 21.54
CA ASN E 113 -18.49 -52.61 20.94
C ASN E 113 -19.22 -53.50 21.93
N PRO E 114 -20.38 -53.08 22.46
CA PRO E 114 -21.07 -51.81 22.23
C PRO E 114 -20.42 -50.65 22.98
N PRO E 115 -20.55 -49.43 22.49
CA PRO E 115 -19.89 -48.29 23.14
C PRO E 115 -20.67 -47.80 24.34
N ILE E 116 -19.94 -47.28 25.32
CA ILE E 116 -20.50 -46.56 26.45
C ILE E 116 -20.03 -45.11 26.35
N PRO E 117 -20.86 -44.20 25.88
CA PRO E 117 -20.40 -42.81 25.67
C PRO E 117 -20.28 -42.04 26.98
N VAL E 118 -19.20 -42.32 27.71
CA VAL E 118 -19.01 -41.73 29.03
C VAL E 118 -18.88 -40.22 28.92
N GLY E 119 -18.27 -39.74 27.84
CA GLY E 119 -18.20 -38.31 27.61
C GLY E 119 -19.57 -37.68 27.47
N GLU E 120 -20.48 -38.36 26.77
CA GLU E 120 -21.82 -37.82 26.54
C GLU E 120 -22.62 -37.78 27.83
N ILE E 121 -22.54 -38.85 28.62
CA ILE E 121 -23.22 -38.92 29.91
C ILE E 121 -22.70 -37.84 30.84
N TYR E 122 -21.37 -37.70 30.90
CA TYR E 122 -20.78 -36.67 31.74
C TYR E 122 -21.19 -35.28 31.26
N LYS E 123 -21.30 -35.09 29.94
CA LYS E 123 -21.71 -33.79 29.44
C LYS E 123 -23.13 -33.47 29.87
N ARG E 124 -24.02 -34.46 29.87
CA ARG E 124 -25.38 -34.19 30.37
C ARG E 124 -25.36 -33.83 31.85
N TRP E 125 -24.53 -34.53 32.64
CA TRP E 125 -24.40 -34.17 34.05
C TRP E 125 -23.94 -32.72 34.21
N ILE E 126 -22.94 -32.32 33.44
CA ILE E 126 -22.44 -30.96 33.51
C ILE E 126 -23.50 -29.98 33.05
N ILE E 127 -24.32 -30.37 32.08
CA ILE E 127 -25.40 -29.49 31.62
C ILE E 127 -26.41 -29.26 32.73
N LEU E 128 -26.74 -30.32 33.47
CA LEU E 128 -27.61 -30.16 34.64
C LEU E 128 -27.02 -29.18 35.63
N GLY E 129 -25.72 -29.33 35.90
CA GLY E 129 -25.06 -28.40 36.81
C GLY E 129 -25.07 -26.96 36.31
N LEU E 130 -24.80 -26.78 35.01
CA LEU E 130 -24.78 -25.45 34.44
C LEU E 130 -26.17 -24.82 34.45
N ASN E 131 -27.20 -25.63 34.24
CA ASN E 131 -28.56 -25.13 34.34
C ASN E 131 -28.87 -24.68 35.76
N LYS E 132 -28.45 -25.46 36.75
CA LYS E 132 -28.63 -25.04 38.15
C LYS E 132 -27.90 -23.73 38.41
N ILE E 133 -26.69 -23.59 37.88
CA ILE E 133 -25.94 -22.34 38.06
C ILE E 133 -26.68 -21.16 37.41
N VAL E 134 -27.15 -21.36 36.18
CA VAL E 134 -27.82 -20.27 35.46
C VAL E 134 -29.08 -19.84 36.20
N ARG E 135 -29.79 -20.79 36.79
CA ARG E 135 -31.01 -20.44 37.52
C ARG E 135 -30.72 -19.81 38.87
N MET E 136 -29.75 -20.33 39.63
CA MET E 136 -29.66 -20.03 41.05
C MET E 136 -28.43 -19.23 41.46
N TYR E 137 -27.46 -19.04 40.57
CA TYR E 137 -26.21 -18.38 40.94
C TYR E 137 -26.19 -16.96 40.38
N SER E 138 -25.90 -16.00 41.25
CA SER E 138 -25.73 -14.61 40.85
C SER E 138 -24.34 -14.17 41.22
N PRO E 139 -23.49 -13.83 40.25
CA PRO E 139 -22.13 -13.38 40.58
C PRO E 139 -22.14 -12.10 41.40
N THR E 140 -21.15 -11.98 42.27
CA THR E 140 -20.98 -10.72 43.01
C THR E 140 -20.59 -9.60 42.04
N SER E 141 -21.13 -8.42 42.30
CA SER E 141 -20.86 -7.25 41.46
C SER E 141 -20.40 -6.09 42.33
N ILE E 142 -19.36 -5.41 41.88
CA ILE E 142 -18.90 -4.21 42.58
C ILE E 142 -19.95 -3.12 42.51
N LEU E 143 -20.81 -3.16 41.50
CA LEU E 143 -21.87 -2.16 41.37
C LEU E 143 -22.96 -2.35 42.42
N ASP E 144 -23.06 -3.52 43.01
CA ASP E 144 -24.10 -3.83 43.98
C ASP E 144 -23.69 -3.55 45.42
N ILE E 145 -22.45 -3.13 45.66
CA ILE E 145 -21.97 -2.90 47.01
C ILE E 145 -22.33 -1.49 47.42
N ARG E 146 -23.32 -1.36 48.30
CA ARG E 146 -23.79 -0.07 48.77
C ARG E 146 -23.82 -0.07 50.29
N GLN E 147 -23.51 1.07 50.88
CA GLN E 147 -23.44 1.15 52.33
C GLN E 147 -24.85 1.14 52.92
N GLY E 148 -25.05 0.32 53.95
CA GLY E 148 -26.33 0.26 54.63
C GLY E 148 -26.62 1.55 55.37
N PRO E 149 -27.89 1.75 55.72
CA PRO E 149 -28.28 3.02 56.37
C PRO E 149 -27.52 3.30 57.65
N LYS E 150 -27.22 2.28 58.44
CA LYS E 150 -26.41 2.45 59.65
C LYS E 150 -25.23 1.50 59.69
N GLU E 151 -24.75 1.07 58.52
CA GLU E 151 -23.51 0.31 58.44
C GLU E 151 -22.33 1.24 58.68
N PRO E 152 -21.34 0.83 59.49
CA PRO E 152 -20.14 1.65 59.63
C PRO E 152 -19.40 1.77 58.32
N PHE E 153 -18.79 2.93 58.10
CA PHE E 153 -18.09 3.19 56.84
C PHE E 153 -16.92 2.23 56.66
N ARG E 154 -16.27 1.84 57.75
CA ARG E 154 -15.15 0.91 57.67
C ARG E 154 -15.61 -0.46 57.17
N ASP E 155 -16.74 -0.95 57.68
CA ASP E 155 -17.27 -2.23 57.22
C ASP E 155 -17.65 -2.18 55.75
N TYR E 156 -18.26 -1.08 55.32
CA TYR E 156 -18.64 -0.93 53.92
C TYR E 156 -17.41 -0.87 53.03
N VAL E 157 -16.34 -0.20 53.48
CA VAL E 157 -15.10 -0.16 52.71
C VAL E 157 -14.49 -1.55 52.61
N ASP E 158 -14.53 -2.31 53.70
CA ASP E 158 -14.04 -3.68 53.65
C ASP E 158 -14.80 -4.52 52.64
N ARG E 159 -16.14 -4.43 52.67
CA ARG E 159 -16.95 -5.17 51.70
C ARG E 159 -16.65 -4.73 50.27
N PHE E 160 -16.51 -3.43 50.06
CA PHE E 160 -16.22 -2.90 48.73
C PHE E 160 -14.91 -3.45 48.20
N TYR E 161 -13.87 -3.46 49.04
CA TYR E 161 -12.57 -3.91 48.55
C TYR E 161 -12.53 -5.42 48.38
N LYS E 162 -13.25 -6.17 49.21
CA LYS E 162 -13.35 -7.61 48.99
C LYS E 162 -14.02 -7.91 47.65
N THR E 163 -15.14 -7.24 47.36
CA THR E 163 -15.82 -7.44 46.10
C THR E 163 -14.97 -6.99 44.93
N LEU E 164 -14.23 -5.89 45.10
CA LEU E 164 -13.34 -5.41 44.05
C LEU E 164 -12.23 -6.40 43.77
N ARG E 165 -11.68 -7.03 44.80
CA ARG E 165 -10.71 -8.09 44.59
C ARG E 165 -11.33 -9.26 43.83
N ALA E 166 -12.58 -9.57 44.12
CA ALA E 166 -13.25 -10.65 43.39
C ALA E 166 -13.70 -10.23 41.99
N GLU E 167 -13.71 -8.93 41.69
CA GLU E 167 -14.25 -8.45 40.42
C GLU E 167 -13.32 -8.80 39.27
N GLN E 168 -13.92 -9.10 38.11
N GLN E 168 -13.91 -9.12 38.12
CA GLN E 168 -13.17 -9.43 36.90
CA GLN E 168 -13.16 -9.44 36.91
C GLN E 168 -12.96 -8.14 36.13
C GLN E 168 -12.95 -8.15 36.13
N ALA E 169 -11.77 -7.55 36.27
CA ALA E 169 -11.47 -6.30 35.59
C ALA E 169 -9.96 -6.12 35.58
N SER E 170 -9.51 -5.22 34.71
CA SER E 170 -8.12 -4.81 34.72
C SER E 170 -7.85 -3.92 35.93
N GLN E 171 -6.57 -3.86 36.31
CA GLN E 171 -6.19 -3.08 37.50
C GLN E 171 -6.54 -1.61 37.33
N GLU E 172 -6.38 -1.07 36.13
CA GLU E 172 -6.76 0.31 35.89
C GLU E 172 -8.26 0.51 36.07
N VAL E 173 -9.06 -0.44 35.57
CA VAL E 173 -10.50 -0.35 35.74
C VAL E 173 -10.88 -0.47 37.21
N LYS E 174 -10.17 -1.31 37.97
CA LYS E 174 -10.43 -1.42 39.40
C LYS E 174 -10.08 -0.12 40.13
N ASN E 175 -8.98 0.52 39.74
CA ASN E 175 -8.63 1.80 40.35
C ASN E 175 -9.69 2.85 40.05
N TRP E 176 -10.19 2.88 38.82
CA TRP E 176 -11.25 3.81 38.47
C TRP E 176 -12.54 3.48 39.23
N MET E 177 -12.82 2.19 39.42
CA MET E 177 -13.96 1.77 40.23
C MET E 177 -13.83 2.31 41.65
N THR E 178 -12.64 2.19 42.23
CA THR E 178 -12.43 2.73 43.57
C THR E 178 -12.63 4.24 43.59
N GLU E 179 -12.11 4.93 42.57
CA GLU E 179 -12.21 6.38 42.53
C GLU E 179 -13.65 6.86 42.35
N THR E 180 -14.50 6.05 41.73
CA THR E 180 -15.84 6.48 41.36
C THR E 180 -16.94 5.95 42.26
N LEU E 181 -16.86 4.68 42.67
CA LEU E 181 -18.03 4.00 43.21
C LEU E 181 -18.08 4.05 44.73
N LEU E 182 -16.92 4.10 45.38
CA LEU E 182 -16.88 3.98 46.84
C LEU E 182 -17.59 5.13 47.52
N VAL E 183 -17.30 6.36 47.12
CA VAL E 183 -18.02 7.51 47.68
C VAL E 183 -19.44 7.54 47.15
N GLN E 184 -19.64 7.15 45.88
CA GLN E 184 -20.96 7.21 45.27
C GLN E 184 -21.95 6.32 46.00
N ASN E 185 -21.54 5.12 46.41
CA ASN E 185 -22.45 4.17 47.02
C ASN E 185 -22.39 4.18 48.53
N ALA E 186 -21.83 5.23 49.14
CA ALA E 186 -21.93 5.41 50.56
C ALA E 186 -23.31 5.94 50.93
N ASN E 187 -23.73 5.70 52.17
CA ASN E 187 -25.02 6.18 52.63
C ASN E 187 -24.98 7.70 52.78
N PRO E 188 -26.15 8.35 52.78
CA PRO E 188 -26.15 9.82 52.78
C PRO E 188 -25.40 10.44 53.95
N ASP E 189 -25.49 9.83 55.14
CA ASP E 189 -24.81 10.38 56.30
C ASP E 189 -23.30 10.46 56.07
N CYS E 190 -22.71 9.37 55.57
CA CYS E 190 -21.28 9.39 55.26
C CYS E 190 -21.01 10.19 54.00
N LYS E 191 -21.96 10.20 53.06
CA LYS E 191 -21.74 10.86 51.78
C LYS E 191 -21.57 12.36 51.96
N THR E 192 -22.37 12.98 52.82
CA THR E 192 -22.23 14.43 53.03
C THR E 192 -20.84 14.77 53.55
N ILE E 193 -20.37 13.99 54.53
CA ILE E 193 -19.03 14.20 55.08
C ILE E 193 -17.97 14.00 54.00
N LEU E 194 -18.12 12.96 53.19
CA LEU E 194 -17.13 12.67 52.16
C LEU E 194 -17.06 13.79 51.13
N LYS E 195 -18.21 14.33 50.72
CA LYS E 195 -18.21 15.46 49.81
C LYS E 195 -17.58 16.69 50.45
N ALA E 196 -17.87 16.91 51.74
CA ALA E 196 -17.24 18.04 52.44
C ALA E 196 -15.73 17.89 52.51
N LEU E 197 -15.24 16.65 52.51
CA LEU E 197 -13.80 16.42 52.56
C LEU E 197 -13.11 16.96 51.30
N GLY E 198 -13.71 16.73 50.14
CA GLY E 198 -13.13 17.18 48.89
C GLY E 198 -12.67 16.04 48.01
N PRO E 199 -12.30 16.35 46.77
CA PRO E 199 -11.92 15.28 45.84
C PRO E 199 -10.56 14.67 46.11
N ALA E 200 -9.67 15.39 46.80
CA ALA E 200 -8.30 14.91 46.98
C ALA E 200 -8.13 14.06 48.23
N ALA E 201 -9.21 13.80 48.98
CA ALA E 201 -9.07 13.06 50.22
C ALA E 201 -8.62 11.62 49.97
N THR E 202 -7.75 11.13 50.84
CA THR E 202 -7.28 9.75 50.75
C THR E 202 -8.24 8.84 51.52
N LEU E 203 -8.05 7.53 51.33
CA LEU E 203 -8.94 6.56 51.94
C LEU E 203 -8.87 6.62 53.46
N GLU E 204 -7.67 6.81 54.01
CA GLU E 204 -7.53 6.93 55.46
C GLU E 204 -8.23 8.18 55.98
N GLU E 205 -8.11 9.29 55.24
CA GLU E 205 -8.80 10.51 55.65
C GLU E 205 -10.31 10.33 55.61
N MET E 206 -10.82 9.65 54.57
CA MET E 206 -12.26 9.40 54.51
C MET E 206 -12.72 8.48 55.63
N MET E 207 -11.93 7.47 55.97
CA MET E 207 -12.32 6.58 57.05
C MET E 207 -12.29 7.30 58.40
N THR E 208 -11.33 8.21 58.59
CA THR E 208 -11.31 9.00 59.81
C THR E 208 -12.50 9.95 59.88
N ALA E 209 -12.85 10.57 58.74
CA ALA E 209 -13.93 11.55 58.73
C ALA E 209 -15.27 10.90 59.05
N CYS E 210 -15.47 9.66 58.62
CA CYS E 210 -16.72 8.94 58.84
C CYS E 210 -16.67 8.02 60.04
N GLN E 211 -15.60 8.06 60.83
CA GLN E 211 -15.47 7.11 61.93
C GLN E 211 -16.51 7.34 63.01
N GLY E 212 -17.00 8.56 63.16
CA GLY E 212 -17.97 8.87 64.17
C GLY E 212 -19.42 8.86 63.74
N VAL E 213 -19.70 8.54 62.48
CA VAL E 213 -21.08 8.56 62.01
C VAL E 213 -21.87 7.47 62.73
N GLY E 214 -22.99 7.87 63.32
CA GLY E 214 -23.78 6.98 64.13
C GLY E 214 -23.43 7.00 65.60
N GLY E 215 -22.29 7.56 65.98
CA GLY E 215 -21.93 7.72 67.37
C GLY E 215 -22.75 8.81 68.01
N PRO E 216 -22.68 8.86 69.35
CA PRO E 216 -23.49 9.84 70.08
C PRO E 216 -23.26 11.27 69.64
N GLY E 217 -22.00 11.65 69.40
CA GLY E 217 -21.73 13.02 68.99
C GLY E 217 -22.33 13.37 67.65
N HIS E 218 -22.17 12.49 66.67
CA HIS E 218 -22.70 12.76 65.33
C HIS E 218 -24.22 12.77 65.34
N LYS E 219 -24.84 11.83 66.06
CA LYS E 219 -26.30 11.82 66.16
C LYS E 219 -26.81 13.10 66.78
N ALA E 220 -26.18 13.53 67.89
CA ALA E 220 -26.60 14.77 68.53
C ALA E 220 -26.40 15.97 67.62
N ARG E 221 -25.28 16.00 66.88
CA ARG E 221 -25.00 17.12 66.00
C ARG E 221 -26.03 17.23 64.87
N VAL E 222 -26.35 16.11 64.22
CA VAL E 222 -27.31 16.16 63.13
C VAL E 222 -28.71 16.47 63.65
N LEU E 223 -29.07 15.92 64.81
CA LEU E 223 -30.37 16.26 65.40
C LEU E 223 -30.43 17.75 65.74
N ALA E 224 -29.33 18.30 66.24
CA ALA E 224 -29.27 19.71 66.56
C ALA E 224 -29.41 20.58 65.31
N GLU E 225 -28.76 20.18 64.21
CA GLU E 225 -28.90 20.93 62.98
C GLU E 225 -30.32 20.89 62.45
N ALA E 226 -30.96 19.71 62.52
CA ALA E 226 -32.35 19.61 62.10
C ALA E 226 -33.26 20.48 62.97
N MET E 227 -33.02 20.50 64.28
CA MET E 227 -33.81 21.35 65.15
C MET E 227 -33.53 22.83 64.90
N SER E 228 -32.30 23.17 64.49
CA SER E 228 -32.01 24.54 64.10
C SER E 228 -32.83 24.94 62.89
N GLN E 229 -32.92 24.05 61.89
CA GLN E 229 -33.76 24.34 60.74
C GLN E 229 -35.22 24.48 61.14
N VAL E 230 -35.70 23.62 62.04
CA VAL E 230 -37.10 23.66 62.43
C VAL E 230 -37.42 24.95 63.20
N ILE E 231 -36.61 25.30 64.20
CA ILE E 231 -36.88 26.45 65.04
C ILE E 231 -36.32 27.74 64.45
N ASN E 232 -35.81 27.70 63.22
CA ASN E 232 -35.30 28.89 62.56
C ASN E 232 -36.41 29.90 62.30
N GLN F 1 23.00 -42.27 48.42
CA GLN F 1 23.74 -41.19 47.80
C GLN F 1 23.60 -39.90 48.60
N MET F 2 23.75 -38.76 47.93
CA MET F 2 23.60 -37.46 48.56
C MET F 2 22.97 -36.50 47.56
N VAL F 3 22.38 -35.43 48.09
CA VAL F 3 21.75 -34.40 47.28
C VAL F 3 22.72 -33.23 47.16
N HIS F 4 23.10 -32.91 45.93
CA HIS F 4 24.06 -31.83 45.70
C HIS F 4 23.44 -30.47 45.94
N GLN F 5 22.14 -30.34 45.71
CA GLN F 5 21.45 -29.06 45.84
C GLN F 5 20.77 -28.89 47.20
N ALA F 6 21.30 -29.53 48.24
CA ALA F 6 20.80 -29.31 49.58
C ALA F 6 20.96 -27.84 49.96
N ILE F 7 20.00 -27.33 50.73
CA ILE F 7 20.02 -25.91 51.06
C ILE F 7 21.20 -25.61 51.97
N SER F 8 21.93 -24.56 51.63
CA SER F 8 23.06 -24.07 52.40
C SER F 8 22.58 -23.16 53.52
N PRO F 9 23.42 -22.89 54.53
CA PRO F 9 23.01 -21.95 55.58
C PRO F 9 22.59 -20.60 55.04
N ARG F 10 23.31 -20.09 54.02
CA ARG F 10 22.92 -18.81 53.44
C ARG F 10 21.59 -18.89 52.72
N THR F 11 21.29 -20.04 52.10
CA THR F 11 20.00 -20.18 51.44
C THR F 11 18.86 -20.12 52.45
N LEU F 12 19.00 -20.84 53.56
CA LEU F 12 17.99 -20.80 54.61
C LEU F 12 17.84 -19.41 55.20
N ASN F 13 18.97 -18.75 55.46
CA ASN F 13 18.90 -17.39 56.00
C ASN F 13 18.24 -16.44 55.02
N ALA F 14 18.52 -16.59 53.73
CA ALA F 14 17.88 -15.75 52.73
C ALA F 14 16.38 -15.99 52.69
N TRP F 15 15.95 -17.24 52.80
CA TRP F 15 14.51 -17.51 52.87
C TRP F 15 13.89 -16.85 54.09
N VAL F 16 14.54 -16.97 55.24
CA VAL F 16 14.01 -16.36 56.46
C VAL F 16 13.90 -14.86 56.30
N LYS F 17 14.94 -14.23 55.74
CA LYS F 17 14.94 -12.79 55.57
C LYS F 17 13.89 -12.35 54.56
N VAL F 18 13.67 -13.15 53.51
CA VAL F 18 12.64 -12.82 52.53
C VAL F 18 11.27 -12.81 53.20
N VAL F 19 10.98 -13.85 53.99
CA VAL F 19 9.68 -13.92 54.66
C VAL F 19 9.53 -12.76 55.65
N GLU F 20 10.60 -12.44 56.39
CA GLU F 20 10.51 -11.39 57.39
C GLU F 20 10.34 -10.02 56.75
N GLU F 21 11.02 -9.77 55.63
CA GLU F 21 10.97 -8.44 55.02
C GLU F 21 9.72 -8.25 54.18
N LYS F 22 9.44 -9.18 53.27
CA LYS F 22 8.38 -9.01 52.29
C LYS F 22 7.05 -9.60 52.70
N ALA F 23 7.01 -10.35 53.81
CA ALA F 23 5.80 -11.06 54.26
C ALA F 23 5.38 -11.98 53.13
N PHE F 24 4.17 -11.87 52.59
CA PHE F 24 3.77 -12.71 51.47
C PHE F 24 3.36 -11.87 50.27
N SER F 25 4.19 -10.90 49.93
CA SER F 25 4.07 -10.17 48.67
C SER F 25 4.39 -11.11 47.52
N PRO F 26 4.04 -10.76 46.29
CA PRO F 26 4.32 -11.65 45.15
C PRO F 26 5.78 -12.05 45.06
N GLU F 27 6.70 -11.19 45.49
CA GLU F 27 8.13 -11.49 45.40
C GLU F 27 8.51 -12.77 46.12
N VAL F 28 7.69 -13.23 47.07
CA VAL F 28 8.02 -14.45 47.80
C VAL F 28 8.00 -15.65 46.85
N ILE F 29 7.13 -15.63 45.83
CA ILE F 29 7.02 -16.79 44.95
C ILE F 29 8.30 -17.03 44.15
N PRO F 30 8.88 -16.05 43.46
CA PRO F 30 10.16 -16.33 42.79
C PRO F 30 11.24 -16.75 43.75
N MET F 31 11.43 -16.01 44.85
CA MET F 31 12.51 -16.31 45.78
C MET F 31 12.46 -17.75 46.24
N PHE F 32 11.30 -18.21 46.74
CA PHE F 32 11.17 -19.60 47.13
C PHE F 32 11.57 -20.52 45.99
N SER F 33 10.99 -20.28 44.80
CA SER F 33 11.28 -21.13 43.65
C SER F 33 12.77 -21.19 43.40
N ALA F 34 13.46 -20.05 43.58
CA ALA F 34 14.90 -20.03 43.35
C ALA F 34 15.66 -20.68 44.49
N LEU F 35 15.22 -20.44 45.73
CA LEU F 35 16.02 -20.89 46.87
C LEU F 35 15.88 -22.39 47.11
N SER F 36 14.77 -22.96 46.69
CA SER F 36 14.44 -24.34 47.02
C SER F 36 14.77 -25.33 45.91
N GLU F 37 15.29 -24.86 44.78
CA GLU F 37 15.51 -25.73 43.64
C GLU F 37 16.48 -26.85 43.97
N GLY F 38 16.10 -28.08 43.63
CA GLY F 38 16.93 -29.24 43.87
C GLY F 38 16.91 -29.77 45.28
N ALA F 39 16.26 -29.08 46.21
CA ALA F 39 16.25 -29.50 47.60
C ALA F 39 15.29 -30.67 47.82
N THR F 40 15.55 -31.43 48.88
CA THR F 40 14.67 -32.51 49.27
C THR F 40 13.38 -31.94 49.86
N PRO F 41 12.32 -32.75 49.94
CA PRO F 41 11.14 -32.31 50.68
C PRO F 41 11.44 -31.97 52.13
N GLN F 42 12.43 -32.63 52.73
CA GLN F 42 12.83 -32.30 54.09
C GLN F 42 13.35 -30.88 54.20
N ASP F 43 14.20 -30.46 53.25
CA ASP F 43 14.68 -29.09 53.24
C ASP F 43 13.54 -28.11 53.00
N LEU F 44 12.59 -28.49 52.14
CA LEU F 44 11.43 -27.65 51.90
C LEU F 44 10.62 -27.45 53.17
N ASN F 45 10.42 -28.53 53.93
CA ASN F 45 9.68 -28.43 55.19
C ASN F 45 10.45 -27.60 56.21
N THR F 46 11.78 -27.72 56.21
CA THR F 46 12.58 -26.86 57.08
C THR F 46 12.39 -25.39 56.71
N MET F 47 12.37 -25.09 55.42
CA MET F 47 12.13 -23.73 54.96
C MET F 47 10.75 -23.24 55.41
N LEU F 48 9.74 -24.11 55.31
CA LEU F 48 8.39 -23.72 55.68
C LEU F 48 8.25 -23.53 57.18
N ASN F 49 9.01 -24.29 57.98
CA ASN F 49 8.90 -24.21 59.43
C ASN F 49 9.55 -22.95 59.99
N THR F 50 10.37 -22.26 59.20
CA THR F 50 11.03 -21.05 59.68
C THR F 50 10.17 -19.81 59.52
N VAL F 51 8.97 -19.95 58.98
CA VAL F 51 8.06 -18.81 58.86
C VAL F 51 7.45 -18.52 60.21
N GLY F 52 7.78 -17.37 60.78
CA GLY F 52 7.25 -16.94 62.06
C GLY F 52 6.07 -16.00 61.85
N GLY F 53 4.99 -16.27 62.57
CA GLY F 53 3.76 -15.54 62.35
C GLY F 53 3.06 -16.01 61.10
N HIS F 54 2.05 -15.25 60.70
CA HIS F 54 1.23 -15.58 59.53
C HIS F 54 0.69 -17.01 59.62
N GLN F 55 0.16 -17.37 60.79
CA GLN F 55 -0.28 -18.74 61.01
C GLN F 55 -1.44 -19.10 60.08
N ALA F 56 -2.35 -18.16 59.84
CA ALA F 56 -3.45 -18.42 58.93
C ALA F 56 -2.95 -18.71 57.53
N ALA F 57 -1.96 -17.94 57.06
CA ALA F 57 -1.38 -18.19 55.75
C ALA F 57 -0.75 -19.57 55.68
N MET F 58 -0.05 -19.98 56.74
CA MET F 58 0.56 -21.30 56.74
C MET F 58 -0.49 -22.40 56.75
N GLN F 59 -1.62 -22.15 57.40
CA GLN F 59 -2.73 -23.11 57.35
C GLN F 59 -3.30 -23.23 55.95
N MET F 60 -3.44 -22.10 55.25
CA MET F 60 -3.87 -22.16 53.84
C MET F 60 -2.87 -22.94 53.00
N LEU F 61 -1.58 -22.74 53.26
CA LEU F 61 -0.54 -23.49 52.56
C LEU F 61 -0.68 -24.99 52.82
N LYS F 62 -0.92 -25.37 54.07
CA LYS F 62 -1.07 -26.78 54.40
C LYS F 62 -2.30 -27.37 53.72
N GLU F 63 -3.39 -26.61 53.65
CA GLU F 63 -4.58 -27.08 52.95
C GLU F 63 -4.28 -27.32 51.47
N THR F 64 -3.60 -26.38 50.83
CA THR F 64 -3.25 -26.55 49.42
C THR F 64 -2.34 -27.75 49.21
N ILE F 65 -1.38 -27.94 50.11
CA ILE F 65 -0.47 -29.08 49.99
C ILE F 65 -1.23 -30.39 50.11
N ASN F 66 -2.17 -30.46 51.06
CA ASN F 66 -2.96 -31.68 51.22
C ASN F 66 -3.82 -31.94 49.99
N GLU F 67 -4.39 -30.89 49.41
CA GLU F 67 -5.18 -31.06 48.19
C GLU F 67 -4.31 -31.59 47.05
N GLU F 68 -3.11 -31.05 46.90
CA GLU F 68 -2.21 -31.52 45.85
C GLU F 68 -1.77 -32.97 46.10
N ALA F 69 -1.57 -33.34 47.37
CA ALA F 69 -1.23 -34.71 47.69
C ALA F 69 -2.38 -35.65 47.35
N ALA F 70 -3.61 -35.23 47.62
CA ALA F 70 -4.77 -36.03 47.24
C ALA F 70 -4.84 -36.19 45.72
N GLU F 71 -4.55 -35.12 44.98
CA GLU F 71 -4.54 -35.21 43.53
C GLU F 71 -3.46 -36.19 43.05
N TRP F 72 -2.28 -36.14 43.66
CA TRP F 72 -1.22 -37.08 43.32
C TRP F 72 -1.66 -38.52 43.59
N ASP F 73 -2.30 -38.76 44.73
CA ASP F 73 -2.76 -40.11 45.06
C ASP F 73 -3.81 -40.58 44.07
N ARG F 74 -4.68 -39.67 43.63
CA ARG F 74 -5.67 -40.01 42.61
C ARG F 74 -5.00 -40.41 41.31
N VAL F 75 -4.00 -39.65 40.87
CA VAL F 75 -3.35 -39.93 39.60
C VAL F 75 -2.52 -41.21 39.67
N HIS F 76 -1.89 -41.48 40.81
CA HIS F 76 -1.02 -42.65 40.96
C HIS F 76 -1.73 -43.74 41.74
N PRO F 77 -2.17 -44.82 41.09
CA PRO F 77 -2.82 -45.91 41.82
C PRO F 77 -1.84 -46.66 42.69
N VAL F 78 -2.37 -47.24 43.78
CA VAL F 78 -1.54 -48.02 44.69
C VAL F 78 -1.25 -49.39 44.09
N HIS F 79 0.01 -49.81 44.16
CA HIS F 79 0.42 -51.09 43.62
C HIS F 79 -0.14 -52.26 44.44
N ALA F 80 -0.05 -53.45 43.85
CA ALA F 80 -0.63 -54.63 44.50
C ALA F 80 0.17 -55.06 45.73
N GLY F 81 1.42 -54.60 45.84
CA GLY F 81 2.25 -54.95 46.97
C GLY F 81 3.40 -55.93 46.77
N PRO F 82 3.64 -56.45 45.54
CA PRO F 82 4.89 -57.25 45.45
C PRO F 82 6.11 -56.38 45.16
N ILE F 83 6.58 -55.69 46.21
CA ILE F 83 7.72 -54.79 46.05
C ILE F 83 8.98 -55.61 45.80
N ALA F 84 9.70 -55.25 44.73
CA ALA F 84 10.97 -55.90 44.46
C ALA F 84 12.00 -55.51 45.50
N PRO F 85 12.86 -56.45 45.93
CA PRO F 85 13.87 -56.09 46.95
C PRO F 85 14.79 -54.97 46.52
N GLY F 86 15.18 -54.94 45.25
CA GLY F 86 16.05 -53.86 44.78
C GLY F 86 15.34 -52.52 44.72
N GLN F 87 14.08 -52.51 44.28
CA GLN F 87 13.35 -51.28 44.12
C GLN F 87 12.72 -50.82 45.44
N MET F 88 12.47 -49.52 45.54
CA MET F 88 11.80 -48.94 46.68
C MET F 88 10.31 -48.77 46.38
N ARG F 89 9.54 -48.54 47.44
CA ARG F 89 8.12 -48.29 47.28
C ARG F 89 7.90 -46.99 46.51
N GLU F 90 6.86 -46.97 45.69
CA GLU F 90 6.53 -45.75 44.98
C GLU F 90 5.97 -44.72 45.96
N PRO F 91 6.35 -43.45 45.83
CA PRO F 91 5.91 -42.45 46.80
C PRO F 91 4.43 -42.11 46.66
N ARG F 92 3.78 -41.92 47.80
CA ARG F 92 2.43 -41.38 47.86
C ARG F 92 2.48 -39.87 48.03
N GLY F 93 1.30 -39.26 48.09
CA GLY F 93 1.23 -37.82 48.25
C GLY F 93 1.87 -37.34 49.54
N SER F 94 1.68 -38.10 50.63
CA SER F 94 2.29 -37.73 51.90
C SER F 94 3.80 -37.91 51.86
N ASP F 95 4.29 -38.78 50.98
CA ASP F 95 5.73 -38.95 50.83
C ASP F 95 6.34 -37.77 50.09
N ILE F 96 5.63 -37.21 49.11
CA ILE F 96 6.12 -36.03 48.41
C ILE F 96 6.23 -34.86 49.37
N ALA F 97 5.23 -34.68 50.23
CA ALA F 97 5.25 -33.60 51.21
C ALA F 97 6.17 -33.89 52.38
N GLY F 98 6.74 -35.09 52.46
CA GLY F 98 7.68 -35.42 53.50
C GLY F 98 7.08 -35.76 54.85
N THR F 99 5.76 -35.87 54.96
CA THR F 99 5.15 -36.19 56.24
C THR F 99 5.35 -37.65 56.60
N THR F 100 5.24 -38.56 55.62
CA THR F 100 5.38 -39.98 55.86
C THR F 100 6.60 -40.58 55.18
N SER F 101 7.57 -39.76 54.82
CA SER F 101 8.80 -40.24 54.20
C SER F 101 10.00 -39.65 54.93
N THR F 102 11.06 -40.46 55.02
CA THR F 102 12.30 -40.00 55.63
C THR F 102 13.18 -39.31 54.59
N LEU F 103 14.22 -38.64 55.08
CA LEU F 103 15.18 -38.00 54.18
C LEU F 103 15.87 -39.02 53.29
N GLN F 104 16.19 -40.19 53.84
CA GLN F 104 16.84 -41.24 53.06
C GLN F 104 15.94 -41.70 51.91
N GLU F 105 14.64 -41.87 52.18
CA GLU F 105 13.72 -42.26 51.12
C GLU F 105 13.60 -41.18 50.05
N GLN F 106 13.53 -39.91 50.46
CA GLN F 106 13.46 -38.82 49.49
C GLN F 106 14.71 -38.79 48.61
N ILE F 107 15.89 -38.96 49.22
CA ILE F 107 17.13 -39.00 48.46
C ILE F 107 17.12 -40.19 47.51
N GLY F 108 16.65 -41.34 47.97
CA GLY F 108 16.58 -42.51 47.12
C GLY F 108 15.68 -42.30 45.91
N TRP F 109 14.52 -41.67 46.13
CA TRP F 109 13.64 -41.37 45.00
C TRP F 109 14.29 -40.37 44.04
N MET F 110 14.95 -39.34 44.58
CA MET F 110 15.49 -38.30 43.73
C MET F 110 16.68 -38.79 42.92
N THR F 111 17.48 -39.69 43.48
CA THR F 111 18.69 -40.17 42.84
C THR F 111 18.51 -41.51 42.16
N ASN F 112 17.29 -42.02 42.09
CA ASN F 112 17.04 -43.30 41.44
C ASN F 112 17.03 -43.13 39.92
N ASN F 113 17.11 -44.26 39.23
CA ASN F 113 16.99 -44.29 37.77
C ASN F 113 15.84 -45.22 37.40
N PRO F 114 14.73 -44.71 36.84
CA PRO F 114 14.45 -43.31 36.52
C PRO F 114 14.18 -42.47 37.76
N PRO F 115 14.48 -41.18 37.72
CA PRO F 115 14.32 -40.35 38.92
C PRO F 115 12.89 -39.89 39.11
N ILE F 116 12.50 -39.77 40.38
CA ILE F 116 11.23 -39.17 40.76
C ILE F 116 11.54 -37.89 41.52
N PRO F 117 11.44 -36.72 40.89
CA PRO F 117 11.82 -35.46 41.55
C PRO F 117 10.79 -35.03 42.59
N VAL F 118 10.79 -35.75 43.72
CA VAL F 118 9.80 -35.50 44.76
C VAL F 118 9.94 -34.09 45.30
N GLY F 119 11.18 -33.59 45.40
CA GLY F 119 11.39 -32.22 45.83
C GLY F 119 10.77 -31.21 44.90
N GLU F 120 10.91 -31.42 43.59
CA GLU F 120 10.36 -30.45 42.64
C GLU F 120 8.84 -30.51 42.59
N ILE F 121 8.27 -31.70 42.70
CA ILE F 121 6.81 -31.84 42.78
C ILE F 121 6.28 -31.12 44.02
N TYR F 122 6.93 -31.36 45.16
CA TYR F 122 6.51 -30.71 46.39
C TYR F 122 6.67 -29.20 46.29
N LYS F 123 7.73 -28.74 45.61
CA LYS F 123 7.92 -27.31 45.42
C LYS F 123 6.79 -26.72 44.59
N ARG F 124 6.32 -27.46 43.58
CA ARG F 124 5.18 -27.01 42.80
C ARG F 124 3.93 -26.88 43.69
N TRP F 125 3.71 -27.86 44.57
CA TRP F 125 2.59 -27.78 45.49
C TRP F 125 2.69 -26.56 46.41
N ILE F 126 3.88 -26.33 46.95
CA ILE F 126 4.10 -25.19 47.84
C ILE F 126 3.91 -23.88 47.08
N ILE F 127 4.30 -23.85 45.81
CA ILE F 127 4.11 -22.63 45.02
C ILE F 127 2.62 -22.38 44.81
N LEU F 128 1.84 -23.43 44.58
CA LEU F 128 0.39 -23.26 44.50
C LEU F 128 -0.15 -22.67 45.79
N GLY F 129 0.29 -23.20 46.94
CA GLY F 129 -0.14 -22.66 48.21
C GLY F 129 0.26 -21.21 48.40
N LEU F 130 1.49 -20.87 48.04
CA LEU F 130 1.97 -19.50 48.19
C LEU F 130 1.22 -18.55 47.28
N ASN F 131 0.86 -19.01 46.09
CA ASN F 131 0.04 -18.19 45.20
C ASN F 131 -1.33 -17.93 45.83
N LYS F 132 -1.92 -18.96 46.42
CA LYS F 132 -3.19 -18.76 47.12
C LYS F 132 -3.04 -17.77 48.26
N ILE F 133 -1.94 -17.85 49.01
CA ILE F 133 -1.71 -16.92 50.12
C ILE F 133 -1.57 -15.49 49.59
N VAL F 134 -0.76 -15.31 48.55
CA VAL F 134 -0.53 -13.98 48.00
C VAL F 134 -1.84 -13.38 47.50
N ARG F 135 -2.69 -14.19 46.88
CA ARG F 135 -3.95 -13.67 46.36
C ARG F 135 -4.94 -13.37 47.48
N MET F 136 -5.06 -14.26 48.47
CA MET F 136 -6.18 -14.23 49.39
C MET F 136 -5.84 -13.72 50.78
N TYR F 137 -4.65 -14.02 51.29
CA TYR F 137 -4.31 -13.75 52.69
C TYR F 137 -3.89 -12.29 52.86
N SER F 138 -4.43 -11.65 53.89
CA SER F 138 -4.01 -10.32 54.28
C SER F 138 -3.57 -10.36 55.74
N PRO F 139 -2.34 -9.96 56.06
CA PRO F 139 -1.90 -10.00 57.45
C PRO F 139 -2.51 -8.86 58.25
N THR F 140 -2.72 -9.13 59.54
CA THR F 140 -3.26 -8.12 60.44
C THR F 140 -2.24 -7.00 60.64
N SER F 141 -2.73 -5.77 60.62
CA SER F 141 -1.89 -4.58 60.78
C SER F 141 -2.40 -3.75 61.94
N ILE F 142 -1.50 -3.33 62.81
CA ILE F 142 -1.86 -2.44 63.91
C ILE F 142 -2.35 -1.11 63.37
N LEU F 143 -1.95 -0.75 62.16
CA LEU F 143 -2.34 0.52 61.57
C LEU F 143 -3.81 0.56 61.19
N ASP F 144 -4.45 -0.58 61.00
CA ASP F 144 -5.85 -0.64 60.59
C ASP F 144 -6.81 -0.86 61.75
N ILE F 145 -6.33 -0.86 62.99
CA ILE F 145 -7.18 -1.12 64.15
C ILE F 145 -7.75 0.22 64.59
N ARG F 146 -9.01 0.48 64.23
CA ARG F 146 -9.68 1.72 64.53
C ARG F 146 -10.95 1.44 65.31
N GLN F 147 -11.30 2.33 66.22
CA GLN F 147 -12.50 2.15 67.03
C GLN F 147 -13.74 2.40 66.17
N GLY F 148 -14.71 1.50 66.27
CA GLY F 148 -15.98 1.66 65.60
C GLY F 148 -16.77 2.80 66.21
N PRO F 149 -17.73 3.35 65.44
CA PRO F 149 -18.51 4.48 65.97
C PRO F 149 -19.25 4.17 67.25
N LYS F 150 -19.71 2.93 67.42
CA LYS F 150 -20.44 2.53 68.62
C LYS F 150 -19.65 1.51 69.44
N GLU F 151 -18.39 1.30 69.12
CA GLU F 151 -17.61 0.29 69.82
C GLU F 151 -17.17 0.83 71.19
N PRO F 152 -17.32 0.05 72.25
CA PRO F 152 -16.80 0.47 73.55
C PRO F 152 -15.29 0.61 73.52
N PHE F 153 -14.78 1.57 74.30
CA PHE F 153 -13.34 1.82 74.32
C PHE F 153 -12.57 0.61 74.85
N ARG F 154 -13.15 -0.11 75.80
CA ARG F 154 -12.51 -1.32 76.32
C ARG F 154 -12.29 -2.34 75.22
N ASP F 155 -13.31 -2.59 74.40
CA ASP F 155 -13.19 -3.58 73.34
C ASP F 155 -12.16 -3.17 72.30
N TYR F 156 -12.15 -1.88 71.95
CA TYR F 156 -11.18 -1.40 70.98
C TYR F 156 -9.76 -1.49 71.52
N VAL F 157 -9.58 -1.20 72.81
CA VAL F 157 -8.27 -1.36 73.43
C VAL F 157 -7.84 -2.82 73.40
N ASP F 158 -8.76 -3.74 73.70
CA ASP F 158 -8.42 -5.16 73.66
C ASP F 158 -8.02 -5.59 72.26
N ARG F 159 -8.77 -5.15 71.25
CA ARG F 159 -8.40 -5.47 69.87
C ARG F 159 -7.04 -4.90 69.51
N PHE F 160 -6.78 -3.65 69.92
CA PHE F 160 -5.51 -3.01 69.65
C PHE F 160 -4.35 -3.80 70.25
N TYR F 161 -4.50 -4.23 71.50
CA TYR F 161 -3.40 -4.93 72.15
C TYR F 161 -3.21 -6.33 71.59
N LYS F 162 -4.30 -7.01 71.21
CA LYS F 162 -4.14 -8.29 70.55
C LYS F 162 -3.40 -8.15 69.23
N THR F 163 -3.78 -7.17 68.41
CA THR F 163 -3.10 -6.94 67.14
C THR F 163 -1.64 -6.55 67.37
N LEU F 164 -1.38 -5.74 68.39
CA LEU F 164 -0.01 -5.33 68.69
C LEU F 164 0.85 -6.51 69.11
N ARG F 165 0.28 -7.41 69.92
CA ARG F 165 0.99 -8.64 70.25
C ARG F 165 1.27 -9.47 69.01
N ALA F 166 0.38 -9.42 68.02
CA ALA F 166 0.61 -10.15 66.77
C ALA F 166 1.52 -9.41 65.80
N GLU F 167 1.88 -8.16 66.08
CA GLU F 167 2.61 -7.35 65.11
C GLU F 167 4.09 -7.67 65.13
N GLN F 168 4.71 -7.61 63.94
CA GLN F 168 6.15 -7.83 63.79
C GLN F 168 6.85 -6.50 64.02
N ALA F 169 7.38 -6.31 65.22
CA ALA F 169 8.08 -5.08 65.57
C ALA F 169 8.86 -5.33 66.85
N SER F 170 9.80 -4.42 67.12
CA SER F 170 10.54 -4.48 68.37
C SER F 170 9.67 -3.98 69.52
N GLN F 171 10.11 -4.30 70.75
CA GLN F 171 9.35 -3.88 71.92
C GLN F 171 9.27 -2.37 72.02
N GLU F 172 10.37 -1.68 71.73
CA GLU F 172 10.35 -0.21 71.75
C GLU F 172 9.41 0.34 70.70
N VAL F 173 9.42 -0.25 69.50
CA VAL F 173 8.51 0.21 68.45
C VAL F 173 7.07 -0.08 68.84
N LYS F 174 6.83 -1.21 69.52
CA LYS F 174 5.48 -1.50 69.98
C LYS F 174 5.03 -0.50 71.05
N ASN F 175 5.93 -0.11 71.95
CA ASN F 175 5.58 0.90 72.94
C ASN F 175 5.27 2.24 72.27
N TRP F 176 6.06 2.62 71.26
CA TRP F 176 5.77 3.85 70.53
C TRP F 176 4.45 3.75 69.79
N MET F 177 4.15 2.58 69.22
CA MET F 177 2.86 2.34 68.59
C MET F 177 1.73 2.52 69.58
N THR F 178 1.88 1.99 70.78
CA THR F 178 0.85 2.16 71.80
C THR F 178 0.68 3.63 72.16
N GLU F 179 1.79 4.35 72.30
CA GLU F 179 1.71 5.75 72.70
C GLU F 179 1.15 6.63 71.58
N THR F 180 1.24 6.20 70.33
CA THR F 180 0.87 7.05 69.21
C THR F 180 -0.49 6.70 68.60
N LEU F 181 -0.81 5.41 68.50
CA LEU F 181 -1.89 4.98 67.60
C LEU F 181 -3.20 4.77 68.35
N LEU F 182 -3.12 4.40 69.64
CA LEU F 182 -4.32 4.03 70.38
C LEU F 182 -5.29 5.20 70.49
N VAL F 183 -4.79 6.35 70.95
CA VAL F 183 -5.65 7.53 71.06
C VAL F 183 -5.97 8.08 69.67
N GLN F 184 -5.00 8.01 68.75
CA GLN F 184 -5.23 8.55 67.41
C GLN F 184 -6.37 7.85 66.70
N ASN F 185 -6.46 6.53 66.83
CA ASN F 185 -7.42 5.75 66.07
C ASN F 185 -8.70 5.47 66.83
N ALA F 186 -8.95 6.17 67.94
CA ALA F 186 -10.22 6.07 68.62
C ALA F 186 -11.28 6.89 67.88
N ASN F 187 -12.54 6.56 68.13
CA ASN F 187 -13.63 7.30 67.50
C ASN F 187 -13.73 8.70 68.10
N PRO F 188 -14.33 9.65 67.37
CA PRO F 188 -14.36 11.04 67.86
C PRO F 188 -14.95 11.21 69.24
N ASP F 189 -15.98 10.43 69.58
CA ASP F 189 -16.60 10.55 70.89
C ASP F 189 -15.61 10.23 72.00
N CYS F 190 -14.85 9.15 71.86
CA CYS F 190 -13.82 8.83 72.84
C CYS F 190 -12.61 9.74 72.67
N LYS F 191 -12.32 10.15 71.44
CA LYS F 191 -11.15 10.97 71.18
C LYS F 191 -11.23 12.32 71.89
N THR F 192 -12.42 12.92 71.92
CA THR F 192 -12.58 14.19 72.62
C THR F 192 -12.23 14.06 74.09
N ILE F 193 -12.74 13.01 74.74
CA ILE F 193 -12.45 12.78 76.15
C ILE F 193 -10.96 12.50 76.36
N LEU F 194 -10.37 11.70 75.49
CA LEU F 194 -8.94 11.39 75.62
C LEU F 194 -8.10 12.65 75.48
N LYS F 195 -8.46 13.52 74.54
CA LYS F 195 -7.74 14.79 74.39
C LYS F 195 -7.90 15.64 75.63
N ALA F 196 -9.11 15.71 76.19
CA ALA F 196 -9.33 16.49 77.40
C ALA F 196 -8.56 15.91 78.58
N LEU F 197 -8.27 14.62 78.55
CA LEU F 197 -7.58 13.98 79.67
C LEU F 197 -6.14 14.47 79.79
N GLY F 198 -5.46 14.65 78.66
CA GLY F 198 -4.08 15.08 78.66
C GLY F 198 -3.12 13.96 78.33
N PRO F 199 -1.93 14.32 77.85
CA PRO F 199 -0.95 13.29 77.45
C PRO F 199 -0.50 12.38 78.58
N ALA F 200 -0.48 12.89 79.81
CA ALA F 200 0.04 12.11 80.93
C ALA F 200 -0.90 10.99 81.37
N ALA F 201 -2.12 10.94 80.84
CA ALA F 201 -3.09 9.95 81.27
C ALA F 201 -2.61 8.54 80.96
N THR F 202 -2.79 7.63 81.91
CA THR F 202 -2.45 6.24 81.72
C THR F 202 -3.58 5.50 81.03
N LEU F 203 -3.33 4.22 80.72
CA LEU F 203 -4.35 3.42 80.06
C LEU F 203 -5.57 3.24 80.96
N GLU F 204 -5.36 3.01 82.26
CA GLU F 204 -6.48 2.84 83.17
C GLU F 204 -7.32 4.11 83.27
N GLU F 205 -6.65 5.27 83.34
CA GLU F 205 -7.39 6.53 83.42
C GLU F 205 -8.17 6.79 82.15
N MET F 206 -7.58 6.54 80.99
CA MET F 206 -8.28 6.73 79.72
C MET F 206 -9.49 5.80 79.62
N MET F 207 -9.31 4.54 80.03
CA MET F 207 -10.38 3.57 79.98
C MET F 207 -11.52 3.94 80.93
N THR F 208 -11.17 4.45 82.12
CA THR F 208 -12.21 4.93 83.02
C THR F 208 -12.92 6.14 82.45
N ALA F 209 -12.17 7.04 81.80
CA ALA F 209 -12.77 8.25 81.25
C ALA F 209 -13.74 7.93 80.11
N CYS F 210 -13.43 6.92 79.31
CA CYS F 210 -14.29 6.53 78.20
C CYS F 210 -15.27 5.42 78.56
N GLN F 211 -15.34 5.02 79.82
CA GLN F 211 -16.21 3.91 80.20
C GLN F 211 -17.68 4.23 79.98
N GLY F 212 -18.05 5.51 80.01
CA GLY F 212 -19.42 5.91 79.87
C GLY F 212 -19.85 6.33 78.48
N VAL F 213 -18.96 6.29 77.49
CA VAL F 213 -19.32 6.71 76.14
C VAL F 213 -20.35 5.75 75.58
N GLY F 214 -21.43 6.30 75.03
CA GLY F 214 -22.53 5.51 74.52
C GLY F 214 -23.60 5.20 75.53
N GLY F 215 -23.36 5.45 76.81
CA GLY F 215 -24.36 5.24 77.82
C GLY F 215 -25.37 6.37 77.84
N PRO F 216 -26.45 6.18 78.62
CA PRO F 216 -27.50 7.21 78.65
C PRO F 216 -27.00 8.56 79.13
N GLY F 217 -26.13 8.59 80.14
CA GLY F 217 -25.65 9.87 80.65
C GLY F 217 -24.83 10.64 79.62
N HIS F 218 -23.89 9.95 78.98
CA HIS F 218 -23.05 10.61 77.97
C HIS F 218 -23.87 11.07 76.78
N LYS F 219 -24.80 10.23 76.33
CA LYS F 219 -25.67 10.61 75.22
C LYS F 219 -26.49 11.84 75.57
N ALA F 220 -27.08 11.85 76.76
CA ALA F 220 -27.87 12.99 77.19
C ALA F 220 -27.02 14.25 77.27
N ARG F 221 -25.81 14.13 77.82
CA ARG F 221 -24.94 15.28 77.96
C ARG F 221 -24.53 15.85 76.60
N VAL F 222 -24.19 14.98 75.64
CA VAL F 222 -23.76 15.45 74.33
C VAL F 222 -24.93 16.07 73.59
N LEU F 223 -26.11 15.45 73.68
CA LEU F 223 -27.31 16.03 73.08
C LEU F 223 -27.63 17.39 73.69
N ALA F 224 -27.47 17.52 75.01
CA ALA F 224 -27.72 18.79 75.67
C ALA F 224 -26.74 19.85 75.21
N GLU F 225 -25.46 19.49 75.05
CA GLU F 225 -24.49 20.46 74.56
C GLU F 225 -24.84 20.93 73.16
N ALA F 226 -25.22 20.00 72.28
CA ALA F 226 -25.61 20.39 70.93
C ALA F 226 -26.84 21.28 70.93
N MET F 227 -27.84 20.94 71.75
CA MET F 227 -29.03 21.77 71.84
C MET F 227 -28.72 23.15 72.41
N SER F 228 -27.83 23.22 73.39
CA SER F 228 -27.45 24.50 73.98
C SER F 228 -26.74 25.37 72.95
N GLN F 229 -25.88 24.76 72.12
CA GLN F 229 -25.29 25.51 71.02
C GLN F 229 -26.39 26.03 70.09
N VAL F 230 -27.37 25.19 69.78
CA VAL F 230 -28.44 25.60 68.87
C VAL F 230 -29.22 26.78 69.42
N ILE F 231 -29.61 26.71 70.70
CA ILE F 231 -30.42 27.76 71.30
C ILE F 231 -29.65 29.08 71.33
N ASN F 232 -28.37 29.02 71.69
CA ASN F 232 -27.52 30.20 71.72
C ASN F 232 -27.16 30.65 70.31
N GLN G 1 -24.71 -48.26 2.81
CA GLN G 1 -25.70 -47.93 3.82
C GLN G 1 -26.38 -46.61 3.50
N MET G 2 -27.20 -46.12 4.43
CA MET G 2 -27.89 -44.85 4.27
C MET G 2 -27.79 -44.05 5.57
N VAL G 3 -27.87 -42.73 5.43
CA VAL G 3 -27.83 -41.84 6.58
C VAL G 3 -29.26 -41.61 7.05
N HIS G 4 -29.59 -42.11 8.23
CA HIS G 4 -30.94 -41.99 8.76
C HIS G 4 -31.28 -40.57 9.19
N GLN G 5 -30.28 -39.73 9.41
CA GLN G 5 -30.47 -38.39 9.92
C GLN G 5 -30.20 -37.33 8.86
N ALA G 6 -30.36 -37.68 7.59
CA ALA G 6 -30.26 -36.69 6.52
C ALA G 6 -31.31 -35.62 6.73
N ILE G 7 -30.94 -34.37 6.43
CA ILE G 7 -31.85 -33.26 6.69
C ILE G 7 -33.07 -33.39 5.80
N SER G 8 -34.23 -33.16 6.39
CA SER G 8 -35.52 -33.21 5.72
C SER G 8 -35.82 -31.86 5.10
N PRO G 9 -36.85 -31.78 4.24
CA PRO G 9 -37.23 -30.45 3.71
C PRO G 9 -37.54 -29.44 4.79
N ARG G 10 -38.23 -29.87 5.84
CA ARG G 10 -38.60 -28.94 6.91
C ARG G 10 -37.39 -28.50 7.71
N THR G 11 -36.41 -29.40 7.89
CA THR G 11 -35.18 -29.01 8.58
C THR G 11 -34.44 -27.92 7.81
N LEU G 12 -34.28 -28.11 6.50
CA LEU G 12 -33.60 -27.11 5.68
C LEU G 12 -34.36 -25.79 5.69
N ASN G 13 -35.69 -25.85 5.56
CA ASN G 13 -36.46 -24.61 5.57
C ASN G 13 -36.37 -23.91 6.92
N ALA G 14 -36.36 -24.68 8.01
CA ALA G 14 -36.22 -24.09 9.33
C ALA G 14 -34.88 -23.40 9.48
N TRP G 15 -33.82 -24.01 8.96
CA TRP G 15 -32.51 -23.36 8.99
C TRP G 15 -32.53 -22.06 8.20
N VAL G 16 -33.14 -22.07 7.01
CA VAL G 16 -33.20 -20.87 6.19
C VAL G 16 -33.96 -19.77 6.93
N LYS G 17 -35.09 -20.12 7.55
CA LYS G 17 -35.86 -19.12 8.28
C LYS G 17 -35.11 -18.62 9.50
N VAL G 18 -34.35 -19.48 10.17
CA VAL G 18 -33.54 -19.04 11.30
C VAL G 18 -32.54 -17.99 10.87
N VAL G 19 -31.83 -18.26 9.78
CA VAL G 19 -30.84 -17.29 9.30
C VAL G 19 -31.51 -16.01 8.85
N GLU G 20 -32.66 -16.11 8.19
CA GLU G 20 -33.34 -14.91 7.69
C GLU G 20 -33.86 -14.06 8.84
N GLU G 21 -34.41 -14.68 9.87
CA GLU G 21 -35.07 -13.92 10.93
C GLU G 21 -34.08 -13.41 11.97
N LYS G 22 -33.15 -14.27 12.42
CA LYS G 22 -32.27 -13.90 13.51
C LYS G 22 -30.90 -13.42 13.07
N ALA G 23 -30.56 -13.56 11.79
CA ALA G 23 -29.24 -13.24 11.27
C ALA G 23 -28.24 -14.08 12.07
N PHE G 24 -27.26 -13.47 12.73
CA PHE G 24 -26.30 -14.25 13.51
C PHE G 24 -26.31 -13.82 14.97
N SER G 25 -27.50 -13.71 15.54
CA SER G 25 -27.67 -13.63 16.98
C SER G 25 -27.27 -14.95 17.61
N PRO G 26 -26.99 -14.97 18.91
CA PRO G 26 -26.52 -16.23 19.53
C PRO G 26 -27.45 -17.41 19.31
N GLU G 27 -28.75 -17.15 19.12
CA GLU G 27 -29.71 -18.23 18.92
C GLU G 27 -29.38 -19.11 17.71
N VAL G 28 -28.55 -18.61 16.80
CA VAL G 28 -28.20 -19.40 15.62
C VAL G 28 -27.40 -20.63 16.01
N ILE G 29 -26.65 -20.55 17.12
CA ILE G 29 -25.76 -21.65 17.48
C ILE G 29 -26.55 -22.87 17.96
N PRO G 30 -27.48 -22.74 18.92
CA PRO G 30 -28.26 -23.93 19.28
C PRO G 30 -29.08 -24.48 18.11
N MET G 31 -29.72 -23.59 17.34
CA MET G 31 -30.55 -24.06 16.23
C MET G 31 -29.74 -24.89 15.25
N PHE G 32 -28.61 -24.37 14.77
CA PHE G 32 -27.76 -25.15 13.88
C PHE G 32 -27.33 -26.45 14.54
N SER G 33 -27.08 -26.41 15.84
CA SER G 33 -26.65 -27.63 16.52
C SER G 33 -27.74 -28.68 16.48
N ALA G 34 -29.01 -28.24 16.54
CA ALA G 34 -30.10 -29.19 16.64
C ALA G 34 -30.58 -29.64 15.26
N LEU G 35 -30.64 -28.71 14.30
CA LEU G 35 -31.12 -29.05 12.97
C LEU G 35 -30.15 -29.96 12.24
N SER G 36 -28.86 -29.76 12.45
CA SER G 36 -27.83 -30.45 11.67
C SER G 36 -27.35 -31.74 12.30
N GLU G 37 -27.90 -32.14 13.45
CA GLU G 37 -27.36 -33.29 14.17
C GLU G 37 -27.59 -34.57 13.38
N GLY G 38 -26.51 -35.34 13.20
CA GLY G 38 -26.56 -36.59 12.48
C GLY G 38 -26.42 -36.46 10.98
N ALA G 39 -26.34 -35.25 10.44
CA ALA G 39 -26.29 -35.06 9.00
C ALA G 39 -24.88 -35.26 8.47
N THR G 40 -24.80 -35.56 7.18
CA THR G 40 -23.52 -35.68 6.50
C THR G 40 -22.89 -34.31 6.31
N PRO G 41 -21.58 -34.25 6.07
CA PRO G 41 -20.98 -32.96 5.73
C PRO G 41 -21.59 -32.32 4.50
N GLN G 42 -22.10 -33.13 3.57
CA GLN G 42 -22.79 -32.59 2.41
C GLN G 42 -24.05 -31.82 2.81
N ASP G 43 -24.82 -32.37 3.75
CA ASP G 43 -26.02 -31.67 4.21
C ASP G 43 -25.66 -30.36 4.92
N LEU G 44 -24.61 -30.39 5.74
CA LEU G 44 -24.18 -29.17 6.41
C LEU G 44 -23.73 -28.13 5.40
N ASN G 45 -23.03 -28.57 4.35
CA ASN G 45 -22.62 -27.63 3.31
C ASN G 45 -23.83 -27.06 2.59
N THR G 46 -24.86 -27.87 2.38
CA THR G 46 -26.10 -27.34 1.82
C THR G 46 -26.68 -26.25 2.70
N MET G 47 -26.78 -26.52 4.01
CA MET G 47 -27.30 -25.52 4.94
C MET G 47 -26.47 -24.24 4.90
N LEU G 48 -25.15 -24.37 4.84
CA LEU G 48 -24.30 -23.18 4.77
C LEU G 48 -24.48 -22.44 3.46
N ASN G 49 -24.74 -23.17 2.37
CA ASN G 49 -24.96 -22.53 1.08
C ASN G 49 -26.29 -21.81 1.01
N THR G 50 -27.26 -22.18 1.84
CA THR G 50 -28.55 -21.49 1.83
C THR G 50 -28.51 -20.14 2.54
N VAL G 51 -27.36 -19.70 3.03
CA VAL G 51 -27.28 -18.41 3.70
C VAL G 51 -27.12 -17.32 2.64
N GLY G 52 -28.09 -16.41 2.57
CA GLY G 52 -28.04 -15.29 1.65
C GLY G 52 -27.59 -14.03 2.39
N GLY G 53 -26.68 -13.30 1.75
CA GLY G 53 -26.08 -12.16 2.40
C GLY G 53 -25.06 -12.58 3.43
N HIS G 54 -24.59 -11.60 4.20
CA HIS G 54 -23.59 -11.83 5.25
C HIS G 54 -22.35 -12.51 4.67
N GLN G 55 -21.84 -11.98 3.55
CA GLN G 55 -20.69 -12.58 2.90
C GLN G 55 -19.47 -12.55 3.79
N ALA G 56 -19.26 -11.45 4.52
CA ALA G 56 -18.11 -11.36 5.41
C ALA G 56 -18.19 -12.41 6.51
N ALA G 57 -19.39 -12.62 7.07
CA ALA G 57 -19.56 -13.65 8.08
C ALA G 57 -19.25 -15.03 7.52
N MET G 58 -19.70 -15.30 6.30
N MET G 58 -19.70 -15.30 6.30
CA MET G 58 -19.45 -16.60 5.68
CA MET G 58 -19.44 -16.61 5.69
C MET G 58 -17.96 -16.79 5.39
C MET G 58 -17.96 -16.79 5.39
N GLN G 59 -17.26 -15.72 5.02
CA GLN G 59 -15.82 -15.81 4.83
C GLN G 59 -15.12 -16.12 6.14
N MET G 60 -15.55 -15.49 7.23
CA MET G 60 -15.00 -15.81 8.55
C MET G 60 -15.26 -17.27 8.92
N LEU G 61 -16.47 -17.76 8.63
CA LEU G 61 -16.80 -19.16 8.88
C LEU G 61 -15.88 -20.09 8.08
N LYS G 62 -15.64 -19.75 6.82
CA LYS G 62 -14.77 -20.58 5.99
C LYS G 62 -13.35 -20.58 6.52
N GLU G 63 -12.86 -19.43 6.99
CA GLU G 63 -11.53 -19.39 7.59
C GLU G 63 -11.45 -20.26 8.83
N THR G 64 -12.47 -20.21 9.69
CA THR G 64 -12.47 -21.06 10.87
C THR G 64 -12.47 -22.54 10.48
N ILE G 65 -13.27 -22.90 9.47
CA ILE G 65 -13.33 -24.30 9.04
C ILE G 65 -11.98 -24.75 8.51
N ASN G 66 -11.31 -23.89 7.73
CA ASN G 66 -10.00 -24.24 7.22
C ASN G 66 -8.99 -24.43 8.34
N GLU G 67 -9.03 -23.56 9.35
CA GLU G 67 -8.12 -23.71 10.48
C GLU G 67 -8.39 -25.00 11.24
N GLU G 68 -9.66 -25.35 11.43
CA GLU G 68 -9.98 -26.60 12.12
C GLU G 68 -9.56 -27.81 11.30
N ALA G 69 -9.69 -27.73 9.98
CA ALA G 69 -9.22 -28.81 9.11
C ALA G 69 -7.71 -28.96 9.18
N ALA G 70 -6.99 -27.84 9.25
CA ALA G 70 -5.55 -27.88 9.43
C ALA G 70 -5.18 -28.53 10.75
N GLU G 71 -5.92 -28.21 11.82
CA GLU G 71 -5.68 -28.84 13.11
C GLU G 71 -5.94 -30.35 13.03
N TRP G 72 -7.00 -30.75 12.33
CA TRP G 72 -7.26 -32.18 12.14
C TRP G 72 -6.12 -32.85 11.40
N ASP G 73 -5.59 -32.21 10.36
CA ASP G 73 -4.47 -32.77 9.62
C ASP G 73 -3.22 -32.88 10.49
N ARG G 74 -2.98 -31.87 11.33
CA ARG G 74 -1.83 -31.92 12.23
C ARG G 74 -1.95 -33.08 13.21
N VAL G 75 -3.13 -33.27 13.80
CA VAL G 75 -3.33 -34.34 14.77
C VAL G 75 -3.32 -35.73 14.12
N HIS G 76 -3.77 -35.85 12.89
CA HIS G 76 -3.86 -37.13 12.19
C HIS G 76 -2.76 -37.25 11.15
N PRO G 77 -1.70 -38.01 11.42
CA PRO G 77 -0.64 -38.14 10.42
C PRO G 77 -1.10 -38.93 9.20
N VAL G 78 -0.50 -38.61 8.05
CA VAL G 78 -0.86 -39.29 6.82
C VAL G 78 -0.19 -40.66 6.79
N HIS G 79 -0.97 -41.70 6.53
CA HIS G 79 -0.47 -43.05 6.39
C HIS G 79 -0.23 -43.34 4.91
N ALA G 80 0.99 -43.73 4.57
CA ALA G 80 1.39 -43.98 3.20
C ALA G 80 1.50 -45.49 2.97
N GLY G 81 0.90 -45.96 1.89
CA GLY G 81 0.93 -47.36 1.54
C GLY G 81 -0.34 -47.82 0.85
N PRO G 82 -0.42 -49.12 0.54
CA PRO G 82 -1.61 -49.65 -0.13
C PRO G 82 -2.72 -49.92 0.88
N ILE G 83 -3.83 -49.21 0.74
CA ILE G 83 -4.97 -49.40 1.64
C ILE G 83 -5.57 -50.77 1.39
N ALA G 84 -6.03 -51.40 2.47
CA ALA G 84 -6.66 -52.71 2.35
C ALA G 84 -7.93 -52.60 1.52
N PRO G 85 -8.25 -53.62 0.71
CA PRO G 85 -9.48 -53.52 -0.12
C PRO G 85 -10.74 -53.32 0.70
N GLY G 86 -10.84 -53.98 1.86
CA GLY G 86 -12.00 -53.75 2.71
C GLY G 86 -12.01 -52.36 3.33
N GLN G 87 -10.86 -51.87 3.74
CA GLN G 87 -10.77 -50.57 4.39
C GLN G 87 -10.85 -49.44 3.36
N MET G 88 -11.34 -48.30 3.83
CA MET G 88 -11.36 -47.08 3.04
C MET G 88 -10.26 -46.15 3.51
N ARG G 89 -10.00 -45.12 2.71
CA ARG G 89 -9.00 -44.13 3.09
C ARG G 89 -9.43 -43.39 4.35
N GLU G 90 -8.45 -42.99 5.16
CA GLU G 90 -8.77 -42.23 6.36
C GLU G 90 -9.13 -40.80 5.98
N PRO G 91 -10.14 -40.22 6.63
CA PRO G 91 -10.54 -38.85 6.29
C PRO G 91 -9.44 -37.85 6.60
N ARG G 92 -9.34 -36.82 5.76
CA ARG G 92 -8.49 -35.67 6.00
C ARG G 92 -9.36 -34.48 6.34
N GLY G 93 -8.70 -33.37 6.70
CA GLY G 93 -9.44 -32.19 7.10
C GLY G 93 -10.39 -31.69 6.02
N SER G 94 -9.95 -31.73 4.76
CA SER G 94 -10.81 -31.35 3.66
C SER G 94 -11.93 -32.37 3.46
N ASP G 95 -11.67 -33.64 3.80
CA ASP G 95 -12.71 -34.65 3.68
C ASP G 95 -13.81 -34.46 4.71
N ILE G 96 -13.44 -34.01 5.92
CA ILE G 96 -14.44 -33.72 6.94
C ILE G 96 -15.34 -32.57 6.49
N ALA G 97 -14.73 -31.52 5.93
CA ALA G 97 -15.51 -30.38 5.45
C ALA G 97 -16.24 -30.67 4.16
N GLY G 98 -15.99 -31.82 3.53
CA GLY G 98 -16.69 -32.22 2.33
C GLY G 98 -16.20 -31.57 1.06
N THR G 99 -15.09 -30.82 1.10
CA THR G 99 -14.57 -30.22 -0.12
C THR G 99 -13.95 -31.26 -1.04
N THR G 100 -13.22 -32.22 -0.48
CA THR G 100 -12.55 -33.23 -1.27
C THR G 100 -13.14 -34.62 -1.08
N SER G 101 -14.34 -34.72 -0.52
CA SER G 101 -14.98 -36.01 -0.30
C SER G 101 -16.37 -36.01 -0.91
N THR G 102 -16.80 -37.18 -1.34
CA THR G 102 -18.14 -37.39 -1.89
C THR G 102 -19.10 -37.81 -0.80
N LEU G 103 -20.39 -37.67 -1.09
CA LEU G 103 -21.42 -38.10 -0.15
C LEU G 103 -21.27 -39.58 0.17
N GLN G 104 -20.90 -40.39 -0.81
CA GLN G 104 -20.71 -41.82 -0.56
C GLN G 104 -19.58 -42.06 0.42
N GLU G 105 -18.47 -41.33 0.28
CA GLU G 105 -17.35 -41.50 1.21
C GLU G 105 -17.73 -41.07 2.62
N GLN G 106 -18.46 -39.97 2.73
CA GLN G 106 -18.89 -39.51 4.05
C GLN G 106 -19.82 -40.52 4.70
N ILE G 107 -20.76 -41.09 3.93
CA ILE G 107 -21.65 -42.10 4.47
C ILE G 107 -20.86 -43.34 4.87
N GLY G 108 -19.86 -43.72 4.07
CA GLY G 108 -19.04 -44.87 4.42
C GLY G 108 -18.27 -44.66 5.71
N TRP G 109 -17.71 -43.48 5.90
CA TRP G 109 -17.03 -43.19 7.16
C TRP G 109 -17.99 -43.20 8.33
N MET G 110 -19.17 -42.60 8.16
CA MET G 110 -20.11 -42.47 9.27
C MET G 110 -20.70 -43.82 9.67
N THR G 111 -20.88 -44.73 8.71
CA THR G 111 -21.50 -46.01 8.98
C THR G 111 -20.50 -47.16 9.09
N ASN G 112 -19.21 -46.85 9.13
CA ASN G 112 -18.20 -47.89 9.24
C ASN G 112 -18.09 -48.38 10.69
N ASN G 113 -17.40 -49.50 10.87
CA ASN G 113 -17.10 -50.03 12.18
C ASN G 113 -15.59 -50.18 12.34
N PRO G 114 -14.92 -49.36 13.16
CA PRO G 114 -15.48 -48.29 14.01
C PRO G 114 -15.87 -47.06 13.20
N PRO G 115 -16.88 -46.32 13.63
CA PRO G 115 -17.33 -45.17 12.86
C PRO G 115 -16.49 -43.93 13.10
N ILE G 116 -16.37 -43.11 12.08
CA ILE G 116 -15.76 -41.80 12.16
C ILE G 116 -16.84 -40.76 11.90
N PRO G 117 -17.40 -40.12 12.93
CA PRO G 117 -18.53 -39.20 12.74
C PRO G 117 -18.10 -37.89 12.10
N VAL G 118 -17.84 -37.94 10.80
CA VAL G 118 -17.34 -36.76 10.08
C VAL G 118 -18.35 -35.63 10.14
N GLY G 119 -19.64 -35.96 10.12
CA GLY G 119 -20.66 -34.94 10.24
C GLY G 119 -20.59 -34.18 11.55
N GLU G 120 -20.37 -34.89 12.66
CA GLU G 120 -20.30 -34.23 13.96
C GLU G 120 -19.03 -33.41 14.13
N ILE G 121 -17.90 -33.93 13.63
CA ILE G 121 -16.65 -33.18 13.66
C ILE G 121 -16.79 -31.88 12.87
N TYR G 122 -17.34 -31.99 11.65
CA TYR G 122 -17.56 -30.81 10.84
C TYR G 122 -18.56 -29.87 11.51
N LYS G 123 -19.54 -30.43 12.22
CA LYS G 123 -20.50 -29.59 12.92
C LYS G 123 -19.82 -28.77 13.99
N ARG G 124 -18.90 -29.37 14.75
CA ARG G 124 -18.18 -28.59 15.76
C ARG G 124 -17.34 -27.50 15.10
N TRP G 125 -16.70 -27.80 13.97
CA TRP G 125 -15.95 -26.76 13.26
C TRP G 125 -16.86 -25.60 12.86
N ILE G 126 -18.03 -25.92 12.32
CA ILE G 126 -18.98 -24.89 11.92
C ILE G 126 -19.46 -24.10 13.12
N ILE G 127 -19.65 -24.78 14.26
CA ILE G 127 -20.10 -24.07 15.46
C ILE G 127 -19.03 -23.11 15.96
N LEU G 128 -17.76 -23.50 15.84
CA LEU G 128 -16.69 -22.57 16.18
C LEU G 128 -16.74 -21.34 15.28
N GLY G 129 -16.92 -21.56 13.97
CA GLY G 129 -17.06 -20.43 13.06
C GLY G 129 -18.26 -19.56 13.38
N LEU G 130 -19.39 -20.18 13.69
CA LEU G 130 -20.59 -19.42 14.03
C LEU G 130 -20.40 -18.63 15.30
N ASN G 131 -19.70 -19.20 16.29
CA ASN G 131 -19.40 -18.47 17.50
C ASN G 131 -18.55 -17.25 17.22
N LYS G 132 -17.54 -17.40 16.34
CA LYS G 132 -16.74 -16.23 15.98
C LYS G 132 -17.60 -15.18 15.27
N ILE G 133 -18.51 -15.62 14.41
CA ILE G 133 -19.39 -14.67 13.72
C ILE G 133 -20.27 -13.93 14.73
N VAL G 134 -20.83 -14.65 15.70
CA VAL G 134 -21.70 -14.04 16.70
C VAL G 134 -20.92 -13.02 17.52
N ARG G 135 -19.67 -13.34 17.87
CA ARG G 135 -18.89 -12.42 18.68
C ARG G 135 -18.40 -11.21 17.91
N MET G 136 -17.94 -11.40 16.68
CA MET G 136 -17.17 -10.38 15.99
C MET G 136 -17.88 -9.72 14.82
N TYR G 137 -18.77 -10.42 14.13
CA TYR G 137 -19.41 -9.90 12.93
C TYR G 137 -20.59 -9.02 13.28
N SER G 138 -20.63 -7.82 12.71
CA SER G 138 -21.75 -6.92 12.83
C SER G 138 -22.30 -6.62 11.43
N PRO G 139 -23.54 -6.98 11.12
CA PRO G 139 -24.06 -6.74 9.78
C PRO G 139 -24.32 -5.26 9.54
N THR G 140 -24.17 -4.84 8.28
CA THR G 140 -24.44 -3.47 7.91
C THR G 140 -25.93 -3.16 8.04
N SER G 141 -26.24 -1.97 8.53
CA SER G 141 -27.62 -1.54 8.70
C SER G 141 -27.82 -0.19 8.02
N ILE G 142 -28.93 -0.08 7.29
CA ILE G 142 -29.28 1.19 6.68
C ILE G 142 -29.57 2.24 7.75
N LEU G 143 -29.92 1.80 8.96
CA LEU G 143 -30.19 2.74 10.04
C LEU G 143 -28.91 3.39 10.55
N ASP G 144 -27.77 2.77 10.32
CA ASP G 144 -26.50 3.26 10.83
C ASP G 144 -25.80 4.22 9.87
N ILE G 145 -26.35 4.46 8.69
CA ILE G 145 -25.70 5.29 7.68
C ILE G 145 -26.08 6.74 7.95
N ARG G 146 -25.15 7.50 8.51
CA ARG G 146 -25.35 8.92 8.76
C ARG G 146 -24.27 9.71 8.06
N GLN G 147 -24.61 10.92 7.63
CA GLN G 147 -23.64 11.76 6.96
C GLN G 147 -22.67 12.35 7.97
N GLY G 148 -21.38 12.26 7.68
CA GLY G 148 -20.36 12.85 8.49
C GLY G 148 -20.43 14.37 8.46
N PRO G 149 -19.89 15.02 9.48
CA PRO G 149 -19.97 16.49 9.54
C PRO G 149 -19.34 17.19 8.34
N LYS G 150 -18.27 16.62 7.79
CA LYS G 150 -17.60 17.19 6.62
C LYS G 150 -17.76 16.31 5.38
N GLU G 151 -18.63 15.32 5.44
CA GLU G 151 -18.78 14.41 4.33
C GLU G 151 -19.61 15.05 3.22
N PRO G 152 -19.17 15.01 1.97
CA PRO G 152 -20.00 15.51 0.87
C PRO G 152 -21.30 14.72 0.77
N PHE G 153 -22.38 15.42 0.41
CA PHE G 153 -23.68 14.79 0.34
C PHE G 153 -23.71 13.66 -0.69
N ARG G 154 -22.97 13.83 -1.80
CA ARG G 154 -22.90 12.79 -2.82
C ARG G 154 -22.29 11.50 -2.27
N ASP G 155 -21.21 11.61 -1.51
CA ASP G 155 -20.58 10.42 -0.93
C ASP G 155 -21.52 9.75 0.06
N TYR G 156 -22.22 10.54 0.87
CA TYR G 156 -23.15 9.97 1.83
C TYR G 156 -24.30 9.26 1.12
N VAL G 157 -24.80 9.84 0.03
CA VAL G 157 -25.87 9.21 -0.74
C VAL G 157 -25.38 7.90 -1.35
N ASP G 158 -24.13 7.88 -1.83
CA ASP G 158 -23.58 6.64 -2.39
C ASP G 158 -23.47 5.56 -1.32
N ARG G 159 -22.97 5.92 -0.13
CA ARG G 159 -22.91 4.93 0.95
C ARG G 159 -24.30 4.45 1.33
N PHE G 160 -25.26 5.37 1.38
CA PHE G 160 -26.63 5.01 1.73
C PHE G 160 -27.20 4.00 0.74
N TYR G 161 -27.00 4.24 -0.56
CA TYR G 161 -27.59 3.37 -1.55
C TYR G 161 -26.87 2.03 -1.62
N LYS G 162 -25.56 2.01 -1.38
CA LYS G 162 -24.86 0.74 -1.27
C LYS G 162 -25.41 -0.09 -0.12
N THR G 163 -25.55 0.51 1.06
CA THR G 163 -26.09 -0.20 2.20
C THR G 163 -27.53 -0.64 1.95
N LEU G 164 -28.31 0.21 1.28
CA LEU G 164 -29.69 -0.14 0.97
C LEU G 164 -29.76 -1.33 0.03
N ARG G 165 -28.86 -1.40 -0.95
CA ARG G 165 -28.79 -2.57 -1.81
C ARG G 165 -28.44 -3.82 -1.01
N ALA G 166 -27.55 -3.68 -0.02
CA ALA G 166 -27.22 -4.83 0.80
C ALA G 166 -28.28 -5.15 1.85
N GLU G 167 -29.22 -4.24 2.11
CA GLU G 167 -30.21 -4.43 3.16
C GLU G 167 -31.21 -5.52 2.80
N GLN G 168 -31.60 -6.31 3.80
N GLN G 168 -31.62 -6.30 3.80
CA GLN G 168 -32.62 -7.33 3.63
CA GLN G 168 -32.62 -7.34 3.62
C GLN G 168 -33.98 -6.67 3.84
C GLN G 168 -34.00 -6.74 3.84
N ALA G 169 -34.70 -6.42 2.76
CA ALA G 169 -36.01 -5.81 2.84
C ALA G 169 -36.72 -5.99 1.52
N SER G 170 -38.04 -5.84 1.56
CA SER G 170 -38.81 -5.76 0.32
C SER G 170 -38.50 -4.46 -0.39
N GLN G 171 -38.73 -4.45 -1.70
CA GLN G 171 -38.44 -3.25 -2.48
C GLN G 171 -39.27 -2.07 -2.01
N GLU G 172 -40.53 -2.31 -1.63
CA GLU G 172 -41.37 -1.24 -1.11
C GLU G 172 -40.80 -0.68 0.19
N VAL G 173 -40.30 -1.56 1.06
CA VAL G 173 -39.70 -1.11 2.30
C VAL G 173 -38.42 -0.33 2.03
N LYS G 174 -37.66 -0.75 1.02
CA LYS G 174 -36.47 0.01 0.64
C LYS G 174 -36.82 1.40 0.12
N ASN G 175 -37.90 1.50 -0.66
CA ASN G 175 -38.35 2.81 -1.12
C ASN G 175 -38.77 3.69 0.05
N TRP G 176 -39.48 3.10 1.01
CA TRP G 176 -39.86 3.85 2.21
C TRP G 176 -38.64 4.29 3.00
N MET G 177 -37.62 3.43 3.10
CA MET G 177 -36.37 3.80 3.74
C MET G 177 -35.71 4.97 3.02
N THR G 178 -35.69 4.93 1.70
CA THR G 178 -35.13 6.05 0.95
C THR G 178 -35.88 7.34 1.23
N GLU G 179 -37.21 7.26 1.26
CA GLU G 179 -38.02 8.46 1.46
C GLU G 179 -37.90 8.99 2.88
N THR G 180 -37.54 8.16 3.85
CA THR G 180 -37.54 8.57 5.24
C THR G 180 -36.14 8.84 5.81
N LEU G 181 -35.16 8.02 5.48
CA LEU G 181 -33.93 7.95 6.25
C LEU G 181 -32.84 8.83 5.65
N LEU G 182 -32.84 9.00 4.33
CA LEU G 182 -31.74 9.70 3.67
C LEU G 182 -31.67 11.15 4.11
N VAL G 183 -32.79 11.86 4.04
CA VAL G 183 -32.81 13.24 4.51
C VAL G 183 -32.67 13.29 6.03
N GLN G 184 -33.27 12.33 6.72
CA GLN G 184 -33.23 12.32 8.18
C GLN G 184 -31.80 12.22 8.72
N ASN G 185 -30.97 11.39 8.08
CA ASN G 185 -29.65 11.11 8.60
C ASN G 185 -28.55 11.91 7.91
N ALA G 186 -28.92 12.93 7.14
CA ALA G 186 -27.94 13.88 6.64
C ALA G 186 -27.46 14.78 7.78
N ASN G 187 -26.27 15.36 7.60
CA ASN G 187 -25.74 16.22 8.62
C ASN G 187 -26.50 17.56 8.63
N PRO G 188 -26.43 18.31 9.73
CA PRO G 188 -27.26 19.52 9.84
C PRO G 188 -27.07 20.53 8.73
N ASP G 189 -25.85 20.70 8.24
CA ASP G 189 -25.60 21.66 7.16
C ASP G 189 -26.39 21.29 5.92
N CYS G 190 -26.39 20.01 5.56
CA CYS G 190 -27.17 19.57 4.41
C CYS G 190 -28.65 19.47 4.74
N LYS G 191 -28.98 19.12 5.98
CA LYS G 191 -30.39 18.96 6.35
C LYS G 191 -31.13 20.28 6.28
N THR G 192 -30.48 21.39 6.65
CA THR G 192 -31.12 22.69 6.53
C THR G 192 -31.51 22.97 5.08
N ILE G 193 -30.58 22.76 4.16
CA ILE G 193 -30.84 23.00 2.74
C ILE G 193 -31.93 22.06 2.23
N LEU G 194 -31.86 20.78 2.62
CA LEU G 194 -32.84 19.81 2.15
C LEU G 194 -34.24 20.14 2.64
N LYS G 195 -34.36 20.58 3.90
CA LYS G 195 -35.66 20.98 4.42
C LYS G 195 -36.18 22.22 3.71
N ALA G 196 -35.29 23.19 3.43
CA ALA G 196 -35.71 24.35 2.67
C ALA G 196 -36.13 23.99 1.25
N LEU G 197 -35.61 22.88 0.73
CA LEU G 197 -35.98 22.45 -0.62
C LEU G 197 -37.46 22.07 -0.71
N GLY G 198 -37.96 21.35 0.28
CA GLY G 198 -39.34 20.92 0.26
C GLY G 198 -39.50 19.42 0.19
N PRO G 199 -40.70 18.92 0.45
CA PRO G 199 -40.91 17.47 0.46
C PRO G 199 -40.93 16.84 -0.92
N ALA G 200 -41.15 17.63 -1.97
CA ALA G 200 -41.29 17.07 -3.31
C ALA G 200 -39.98 17.03 -4.08
N ALA G 201 -38.86 17.41 -3.47
CA ALA G 201 -37.59 17.45 -4.18
C ALA G 201 -37.15 16.05 -4.58
N THR G 202 -36.65 15.92 -5.80
CA THR G 202 -36.10 14.65 -6.26
C THR G 202 -34.67 14.49 -5.74
N LEU G 203 -34.11 13.31 -5.99
CA LEU G 203 -32.74 13.05 -5.55
C LEU G 203 -31.76 14.00 -6.21
N GLU G 204 -31.89 14.21 -7.52
CA GLU G 204 -30.95 15.07 -8.25
C GLU G 204 -30.99 16.50 -7.75
N GLU G 205 -32.19 17.02 -7.47
CA GLU G 205 -32.29 18.36 -6.92
C GLU G 205 -31.66 18.44 -5.55
N MET G 206 -31.73 17.36 -4.77
CA MET G 206 -31.09 17.35 -3.46
C MET G 206 -29.57 17.34 -3.59
N MET G 207 -29.03 16.58 -4.55
CA MET G 207 -27.58 16.62 -4.77
C MET G 207 -27.15 18.00 -5.23
N THR G 208 -27.90 18.62 -6.14
CA THR G 208 -27.53 19.95 -6.60
C THR G 208 -27.59 20.97 -5.48
N ALA G 209 -28.60 20.87 -4.62
CA ALA G 209 -28.77 21.84 -3.55
C ALA G 209 -27.68 21.74 -2.50
N CYS G 210 -27.09 20.56 -2.33
CA CYS G 210 -26.06 20.34 -1.34
C CYS G 210 -24.67 20.23 -1.95
N GLN G 211 -24.54 20.50 -3.24
CA GLN G 211 -23.26 20.28 -3.92
C GLN G 211 -22.20 21.24 -3.43
N GLY G 212 -22.60 22.38 -2.89
CA GLY G 212 -21.67 23.39 -2.43
C GLY G 212 -21.39 23.41 -0.94
N VAL G 213 -21.99 22.51 -0.16
CA VAL G 213 -21.80 22.52 1.28
C VAL G 213 -20.36 22.17 1.61
N GLY G 214 -19.69 23.05 2.34
CA GLY G 214 -18.28 22.93 2.61
C GLY G 214 -17.39 23.71 1.67
N GLY G 215 -17.91 24.11 0.52
CA GLY G 215 -17.18 24.96 -0.39
C GLY G 215 -17.07 26.37 0.12
N PRO G 216 -16.16 27.14 -0.49
CA PRO G 216 -15.88 28.49 0.03
C PRO G 216 -17.10 29.39 0.09
N GLY G 217 -17.96 29.36 -0.92
CA GLY G 217 -19.14 30.22 -0.90
C GLY G 217 -20.11 29.89 0.20
N HIS G 218 -20.39 28.60 0.40
CA HIS G 218 -21.29 28.17 1.46
C HIS G 218 -20.71 28.51 2.83
N LYS G 219 -19.41 28.26 3.01
CA LYS G 219 -18.77 28.58 4.28
C LYS G 219 -18.86 30.06 4.58
N ALA G 220 -18.57 30.90 3.59
CA ALA G 220 -18.66 32.34 3.78
C ALA G 220 -20.09 32.76 4.10
N ARG G 221 -21.07 32.15 3.42
N ARG G 221 -21.06 32.16 3.41
CA ARG G 221 -22.46 32.55 3.63
CA ARG G 221 -22.45 32.54 3.61
C ARG G 221 -22.93 32.19 5.03
C ARG G 221 -22.94 32.19 5.02
N VAL G 222 -22.63 30.99 5.50
CA VAL G 222 -23.07 30.61 6.84
C VAL G 222 -22.33 31.42 7.90
N LEU G 223 -21.05 31.69 7.68
CA LEU G 223 -20.31 32.55 8.61
C LEU G 223 -20.92 33.95 8.67
N ALA G 224 -21.27 34.50 7.51
CA ALA G 224 -21.89 35.82 7.48
C ALA G 224 -23.25 35.81 8.17
N GLU G 225 -24.04 34.76 7.98
CA GLU G 225 -25.33 34.67 8.65
C GLU G 225 -25.16 34.66 10.16
N ALA G 226 -24.21 33.86 10.67
CA ALA G 226 -23.97 33.83 12.10
C ALA G 226 -23.48 35.19 12.62
N MET G 227 -22.57 35.83 11.89
CA MET G 227 -22.05 37.12 12.34
C MET G 227 -23.14 38.18 12.30
N SER G 228 -24.08 38.09 11.35
CA SER G 228 -25.17 39.04 11.29
C SER G 228 -26.12 38.84 12.47
N GLN G 229 -26.41 37.58 12.82
CA GLN G 229 -27.19 37.32 14.02
C GLN G 229 -26.50 37.90 15.25
N VAL G 230 -25.18 37.84 15.29
CA VAL G 230 -24.44 38.40 16.41
C VAL G 230 -24.54 39.92 16.44
N ILE G 231 -24.34 40.57 15.30
CA ILE G 231 -24.37 42.03 15.26
C ILE G 231 -25.75 42.55 15.62
N ASN G 232 -26.80 41.88 15.14
CA ASN G 232 -28.16 42.26 15.49
C ASN G 232 -28.54 41.72 16.87
N GLN H 1 -25.21 -43.72 -13.93
CA GLN H 1 -24.28 -42.68 -14.36
C GLN H 1 -24.26 -41.52 -13.36
N MET H 2 -23.95 -40.32 -13.85
CA MET H 2 -23.90 -39.14 -13.02
C MET H 2 -24.48 -37.97 -13.80
N VAL H 3 -24.93 -36.95 -13.06
CA VAL H 3 -25.57 -35.78 -13.64
C VAL H 3 -24.56 -34.64 -13.62
N HIS H 4 -24.19 -34.18 -14.81
CA HIS H 4 -23.18 -33.13 -14.92
C HIS H 4 -23.74 -31.75 -14.59
N GLN H 5 -25.06 -31.60 -14.60
CA GLN H 5 -25.69 -30.31 -14.38
C GLN H 5 -26.31 -30.20 -12.99
N ALA H 6 -25.82 -30.98 -12.03
CA ALA H 6 -26.25 -30.83 -10.64
C ALA H 6 -25.89 -29.43 -10.16
N ILE H 7 -26.77 -28.85 -9.34
CA ILE H 7 -26.58 -27.47 -8.92
C ILE H 7 -25.33 -27.36 -8.04
N SER H 8 -24.53 -26.35 -8.33
CA SER H 8 -23.32 -26.04 -7.58
C SER H 8 -23.67 -25.20 -6.36
N PRO H 9 -22.74 -25.05 -5.42
CA PRO H 9 -23.02 -24.18 -4.27
C PRO H 9 -23.42 -22.77 -4.65
N ARG H 10 -22.77 -22.20 -5.67
CA ARG H 10 -23.09 -20.84 -6.07
C ARG H 10 -24.42 -20.75 -6.78
N THR H 11 -24.83 -21.81 -7.48
CA THR H 11 -26.16 -21.84 -8.09
C THR H 11 -27.25 -21.79 -7.01
N LEU H 12 -27.12 -22.64 -5.99
CA LEU H 12 -28.08 -22.64 -4.89
C LEU H 12 -28.09 -21.30 -4.18
N ASN H 13 -26.91 -20.72 -3.91
CA ASN H 13 -26.87 -19.44 -3.24
C ASN H 13 -27.50 -18.35 -4.10
N ALA H 14 -27.25 -18.38 -5.41
CA ALA H 14 -27.85 -17.39 -6.29
C ALA H 14 -29.36 -17.49 -6.29
N TRP H 15 -29.90 -18.71 -6.28
CA TRP H 15 -31.35 -18.87 -6.22
C TRP H 15 -31.91 -18.34 -4.91
N VAL H 16 -31.22 -18.64 -3.79
CA VAL H 16 -31.65 -18.13 -2.49
C VAL H 16 -31.66 -16.60 -2.50
N LYS H 17 -30.60 -15.99 -3.02
CA LYS H 17 -30.52 -14.53 -3.05
C LYS H 17 -31.59 -13.95 -3.98
N VAL H 18 -31.89 -14.63 -5.08
CA VAL H 18 -32.94 -14.17 -5.98
C VAL H 18 -34.27 -14.11 -5.25
N VAL H 19 -34.60 -15.18 -4.54
CA VAL H 19 -35.88 -15.21 -3.83
C VAL H 19 -35.91 -14.15 -2.73
N GLU H 20 -34.81 -14.00 -1.99
CA GLU H 20 -34.79 -13.01 -0.91
C GLU H 20 -34.90 -11.59 -1.44
N GLU H 21 -34.24 -11.28 -2.55
CA GLU H 21 -34.19 -9.91 -3.02
C GLU H 21 -35.44 -9.54 -3.80
N LYS H 22 -35.90 -10.42 -4.70
CA LYS H 22 -36.98 -10.10 -5.61
C LYS H 22 -38.34 -10.62 -5.15
N ALA H 23 -38.38 -11.47 -4.12
CA ALA H 23 -39.61 -12.11 -3.64
C ALA H 23 -40.19 -12.90 -4.80
N PHE H 24 -41.29 -12.46 -5.41
CA PHE H 24 -41.86 -13.19 -6.54
C PHE H 24 -42.24 -12.24 -7.65
N SER H 25 -41.33 -11.32 -7.96
CA SER H 25 -41.42 -10.50 -9.15
C SER H 25 -41.25 -11.41 -10.37
N PRO H 26 -41.66 -10.95 -11.56
CA PRO H 26 -41.51 -11.80 -12.75
C PRO H 26 -40.08 -12.27 -12.99
N GLU H 27 -39.09 -11.52 -12.51
CA GLU H 27 -37.69 -11.90 -12.68
C GLU H 27 -37.39 -13.28 -12.11
N VAL H 28 -38.21 -13.77 -11.19
CA VAL H 28 -37.95 -15.08 -10.60
C VAL H 28 -38.10 -16.18 -11.64
N ILE H 29 -38.92 -15.96 -12.67
CA ILE H 29 -39.21 -17.03 -13.62
C ILE H 29 -38.01 -17.30 -14.52
N PRO H 30 -37.40 -16.31 -15.18
CA PRO H 30 -36.19 -16.63 -15.94
C PRO H 30 -35.06 -17.16 -15.07
N MET H 31 -34.80 -16.50 -13.94
CA MET H 31 -33.70 -16.90 -13.07
C MET H 31 -33.81 -18.37 -12.69
N PHE H 32 -34.97 -18.78 -12.15
CA PHE H 32 -35.17 -20.19 -11.86
C PHE H 32 -34.86 -21.05 -13.07
N SER H 33 -35.47 -20.71 -14.22
CA SER H 33 -35.28 -21.51 -15.41
C SER H 33 -33.81 -21.59 -15.80
N ALA H 34 -33.06 -20.53 -15.52
CA ALA H 34 -31.65 -20.54 -15.85
C ALA H 34 -30.85 -21.33 -14.82
N LEU H 35 -31.21 -21.20 -13.54
CA LEU H 35 -30.38 -21.81 -12.50
C LEU H 35 -30.66 -23.30 -12.37
N SER H 36 -31.83 -23.74 -12.77
CA SER H 36 -32.28 -25.11 -12.54
C SER H 36 -32.08 -26.03 -13.73
N GLU H 37 -31.52 -25.52 -14.83
CA GLU H 37 -31.50 -26.28 -16.07
C GLU H 37 -30.57 -27.47 -15.97
N GLY H 38 -31.07 -28.64 -16.36
CA GLY H 38 -30.31 -29.87 -16.30
C GLY H 38 -30.27 -30.54 -14.96
N ALA H 39 -30.86 -29.95 -13.93
CA ALA H 39 -30.80 -30.50 -12.60
C ALA H 39 -31.83 -31.61 -12.42
N THR H 40 -31.57 -32.47 -11.45
CA THR H 40 -32.50 -33.52 -11.07
C THR H 40 -33.70 -32.93 -10.33
N PRO H 41 -34.81 -33.67 -10.25
CA PRO H 41 -35.92 -33.18 -9.41
C PRO H 41 -35.52 -32.97 -7.97
N GLN H 42 -34.54 -33.72 -7.46
CA GLN H 42 -34.06 -33.53 -6.10
C GLN H 42 -33.45 -32.14 -5.91
N ASP H 43 -32.65 -31.68 -6.88
CA ASP H 43 -32.07 -30.34 -6.79
C ASP H 43 -33.15 -29.27 -6.89
N LEU H 44 -34.15 -29.51 -7.73
CA LEU H 44 -35.28 -28.60 -7.82
C LEU H 44 -36.01 -28.49 -6.50
N ASN H 45 -36.21 -29.63 -5.83
CA ASN H 45 -36.87 -29.62 -4.53
C ASN H 45 -36.02 -28.93 -3.48
N THR H 46 -34.70 -29.11 -3.53
CA THR H 46 -33.81 -28.36 -2.64
C THR H 46 -33.99 -26.87 -2.83
N MET H 47 -34.01 -26.41 -4.08
CA MET H 47 -34.21 -24.99 -4.35
C MET H 47 -35.55 -24.51 -3.83
N LEU H 48 -36.61 -25.30 -4.04
CA LEU H 48 -37.93 -24.92 -3.56
C LEU H 48 -37.97 -24.85 -2.04
N ASN H 49 -37.27 -25.77 -1.37
CA ASN H 49 -37.23 -25.80 0.08
C ASN H 49 -36.37 -24.69 0.67
N THR H 50 -35.52 -24.06 -0.13
CA THR H 50 -34.74 -22.94 0.36
C THR H 50 -35.54 -21.64 0.44
N VAL H 51 -36.79 -21.64 0.00
CA VAL H 51 -37.60 -20.43 0.01
C VAL H 51 -38.13 -20.20 1.42
N GLY H 52 -37.68 -19.11 2.05
CA GLY H 52 -38.15 -18.74 3.37
C GLY H 52 -39.28 -17.72 3.26
N GLY H 53 -40.31 -17.92 4.05
CA GLY H 53 -41.50 -17.10 3.95
C GLY H 53 -42.33 -17.46 2.74
N HIS H 54 -43.30 -16.59 2.46
CA HIS H 54 -44.21 -16.77 1.32
C HIS H 54 -44.86 -18.15 1.32
N GLN H 55 -45.39 -18.54 2.47
CA GLN H 55 -45.94 -19.89 2.60
C GLN H 55 -47.16 -20.10 1.70
N ALA H 56 -48.01 -19.08 1.58
CA ALA H 56 -49.16 -19.18 0.68
C ALA H 56 -48.71 -19.36 -0.77
N ALA H 57 -47.67 -18.63 -1.17
CA ALA H 57 -47.13 -18.79 -2.52
C ALA H 57 -46.63 -20.21 -2.74
N MET H 58 -45.95 -20.79 -1.75
CA MET H 58 -45.42 -22.14 -1.92
C MET H 58 -46.54 -23.17 -1.92
N GLN H 59 -47.63 -22.90 -1.18
CA GLN H 59 -48.79 -23.78 -1.26
C GLN H 59 -49.43 -23.72 -2.65
N MET H 60 -49.49 -22.52 -3.23
N MET H 60 -49.49 -22.52 -3.23
CA MET H 60 -49.95 -22.39 -4.62
CA MET H 60 -49.96 -22.41 -4.62
C MET H 60 -49.06 -23.19 -5.56
C MET H 60 -49.06 -23.19 -5.57
N LEU H 61 -47.75 -23.10 -5.37
CA LEU H 61 -46.81 -23.86 -6.18
C LEU H 61 -47.05 -25.36 -6.06
N LYS H 62 -47.29 -25.83 -4.83
CA LYS H 62 -47.54 -27.25 -4.61
C LYS H 62 -48.83 -27.69 -5.30
N GLU H 63 -49.88 -26.85 -5.22
CA GLU H 63 -51.13 -27.19 -5.90
C GLU H 63 -50.92 -27.26 -7.41
N THR H 64 -50.17 -26.32 -7.98
CA THR H 64 -49.90 -26.37 -9.41
C THR H 64 -49.12 -27.62 -9.79
N ILE H 65 -48.12 -27.98 -8.97
CA ILE H 65 -47.33 -29.18 -9.25
C ILE H 65 -48.20 -30.43 -9.18
N ASN H 66 -49.10 -30.50 -8.19
CA ASN H 66 -49.98 -31.65 -8.09
C ASN H 66 -50.92 -31.74 -9.29
N GLU H 67 -51.43 -30.60 -9.75
CA GLU H 67 -52.26 -30.62 -10.95
C GLU H 67 -51.48 -31.11 -12.17
N GLU H 68 -50.23 -30.65 -12.32
CA GLU H 68 -49.42 -31.08 -13.46
C GLU H 68 -49.08 -32.56 -13.36
N ALA H 69 -48.84 -33.06 -12.14
CA ALA H 69 -48.58 -34.48 -11.96
C ALA H 69 -49.81 -35.31 -12.32
N ALA H 70 -51.00 -34.83 -11.94
CA ALA H 70 -52.22 -35.51 -12.33
C ALA H 70 -52.38 -35.52 -13.85
N GLU H 71 -52.05 -34.41 -14.49
CA GLU H 71 -52.10 -34.36 -15.95
C GLU H 71 -51.14 -35.37 -16.57
N TRP H 72 -49.92 -35.46 -16.02
CA TRP H 72 -48.97 -36.47 -16.51
C TRP H 72 -49.51 -37.86 -16.35
N ASP H 73 -50.10 -38.17 -15.19
CA ASP H 73 -50.65 -39.50 -14.96
C ASP H 73 -51.79 -39.80 -15.92
N ARG H 74 -52.61 -38.80 -16.22
CA ARG H 74 -53.67 -38.99 -17.22
C ARG H 74 -53.08 -39.29 -18.59
N VAL H 75 -52.05 -38.55 -18.99
CA VAL H 75 -51.48 -38.72 -20.32
C VAL H 75 -50.74 -40.04 -20.43
N HIS H 76 -50.03 -40.44 -19.38
CA HIS H 76 -49.26 -41.68 -19.39
C HIS H 76 -50.04 -42.76 -18.68
N PRO H 77 -50.64 -43.72 -19.40
CA PRO H 77 -51.40 -44.77 -18.72
C PRO H 77 -50.47 -45.74 -18.01
N VAL H 78 -50.81 -46.10 -16.77
CA VAL H 78 -50.03 -47.09 -16.05
C VAL H 78 -50.22 -48.45 -16.71
N HIS H 79 -49.11 -49.10 -17.01
CA HIS H 79 -49.11 -50.38 -17.72
C HIS H 79 -48.87 -51.51 -16.73
N ALA H 80 -49.78 -52.48 -16.72
CA ALA H 80 -49.65 -53.63 -15.84
C ALA H 80 -48.74 -54.68 -16.47
N GLY H 81 -47.83 -55.21 -15.66
CA GLY H 81 -46.89 -56.20 -16.12
C GLY H 81 -45.52 -56.01 -15.50
N PRO H 82 -44.79 -57.10 -15.30
CA PRO H 82 -43.45 -57.00 -14.70
C PRO H 82 -42.51 -56.22 -15.61
N ILE H 83 -41.74 -55.31 -15.00
CA ILE H 83 -40.76 -54.54 -15.76
C ILE H 83 -39.60 -55.44 -16.15
N ALA H 84 -39.01 -55.16 -17.31
CA ALA H 84 -37.86 -55.92 -17.76
C ALA H 84 -36.69 -55.72 -16.80
N PRO H 85 -35.89 -56.76 -16.53
CA PRO H 85 -34.76 -56.57 -15.61
C PRO H 85 -33.80 -55.47 -16.04
N GLY H 86 -33.52 -55.36 -17.33
CA GLY H 86 -32.71 -54.26 -17.81
C GLY H 86 -33.43 -52.92 -17.70
N GLN H 87 -34.72 -52.91 -17.99
CA GLN H 87 -35.49 -51.67 -17.97
C GLN H 87 -35.84 -51.27 -16.54
N MET H 88 -36.29 -50.04 -16.40
CA MET H 88 -36.78 -49.52 -15.12
C MET H 88 -38.25 -49.16 -15.25
N ARG H 89 -38.89 -48.94 -14.10
CA ARG H 89 -40.29 -48.55 -14.09
C ARG H 89 -40.46 -47.18 -14.73
N GLU H 90 -41.57 -47.00 -15.45
CA GLU H 90 -41.86 -45.71 -16.03
C GLU H 90 -42.27 -44.73 -14.94
N PRO H 91 -41.78 -43.49 -14.99
CA PRO H 91 -42.08 -42.54 -13.92
C PRO H 91 -43.55 -42.15 -13.92
N ARG H 92 -44.06 -41.87 -12.72
CA ARG H 92 -45.37 -41.26 -12.54
C ARG H 92 -45.18 -39.78 -12.20
N GLY H 93 -46.31 -39.08 -12.09
CA GLY H 93 -46.24 -37.65 -11.77
C GLY H 93 -45.51 -37.38 -10.46
N SER H 94 -45.77 -38.22 -9.46
CA SER H 94 -45.05 -38.09 -8.19
C SER H 94 -43.57 -38.36 -8.36
N ASP H 95 -43.22 -39.29 -9.27
CA ASP H 95 -41.81 -39.56 -9.54
C ASP H 95 -41.12 -38.35 -10.16
N ILE H 96 -41.78 -37.68 -11.10
CA ILE H 96 -41.21 -36.48 -11.69
C ILE H 96 -41.10 -35.37 -10.65
N ALA H 97 -42.13 -35.20 -9.82
CA ALA H 97 -42.05 -34.21 -8.76
C ALA H 97 -41.02 -34.57 -7.71
N GLY H 98 -40.56 -35.81 -7.68
CA GLY H 98 -39.57 -36.24 -6.73
C GLY H 98 -40.08 -36.66 -5.38
N THR H 99 -41.41 -36.77 -5.20
CA THR H 99 -41.95 -37.19 -3.92
C THR H 99 -41.77 -38.68 -3.71
N THR H 100 -41.97 -39.49 -4.75
CA THR H 100 -41.92 -40.94 -4.63
C THR H 100 -40.75 -41.55 -5.40
N SER H 101 -39.77 -40.75 -5.80
CA SER H 101 -38.61 -41.24 -6.53
C SER H 101 -37.34 -40.86 -5.79
N THR H 102 -36.39 -41.78 -5.77
CA THR H 102 -35.08 -41.49 -5.21
C THR H 102 -34.21 -40.79 -6.24
N LEU H 103 -33.12 -40.19 -5.76
CA LEU H 103 -32.19 -39.52 -6.65
C LEU H 103 -31.61 -40.49 -7.68
N GLN H 104 -31.36 -41.73 -7.27
CA GLN H 104 -30.84 -42.73 -8.20
C GLN H 104 -31.83 -43.02 -9.32
N GLU H 105 -33.12 -43.13 -8.98
CA GLU H 105 -34.13 -43.36 -10.00
C GLU H 105 -34.22 -42.18 -10.96
N GLN H 106 -34.17 -40.96 -10.43
CA GLN H 106 -34.21 -39.77 -11.28
C GLN H 106 -33.02 -39.75 -12.24
N ILE H 107 -31.83 -40.04 -11.73
CA ILE H 107 -30.64 -40.05 -12.57
C ILE H 107 -30.74 -41.16 -13.61
N GLY H 108 -31.28 -42.32 -13.23
CA GLY H 108 -31.45 -43.39 -14.18
C GLY H 108 -32.41 -43.03 -15.30
N TRP H 109 -33.51 -42.36 -14.97
CA TRP H 109 -34.43 -41.89 -16.01
C TRP H 109 -33.76 -40.86 -16.90
N MET H 110 -33.03 -39.91 -16.32
CA MET H 110 -32.43 -38.85 -17.11
C MET H 110 -31.33 -39.38 -18.04
N THR H 111 -30.57 -40.38 -17.60
CA THR H 111 -29.44 -40.88 -18.36
C THR H 111 -29.75 -42.17 -19.10
N ASN H 112 -31.02 -42.54 -19.22
CA ASN H 112 -31.39 -43.76 -19.93
C ASN H 112 -31.42 -43.48 -21.44
N ASN H 113 -31.53 -44.56 -22.22
CA ASN H 113 -31.70 -44.48 -23.65
C ASN H 113 -32.97 -45.21 -24.06
N PRO H 114 -34.01 -44.50 -24.52
CA PRO H 114 -34.13 -43.04 -24.65
C PRO H 114 -34.29 -42.34 -23.30
N PRO H 115 -33.76 -41.13 -23.18
CA PRO H 115 -33.86 -40.41 -21.90
C PRO H 115 -35.27 -39.90 -21.64
N ILE H 116 -35.63 -39.87 -20.36
CA ILE H 116 -36.83 -39.20 -19.88
C ILE H 116 -36.39 -38.03 -19.02
N PRO H 117 -36.44 -36.80 -19.52
CA PRO H 117 -35.88 -35.66 -18.77
C PRO H 117 -36.81 -35.20 -17.65
N VAL H 118 -36.85 -35.99 -16.58
CA VAL H 118 -37.77 -35.72 -15.47
C VAL H 118 -37.49 -34.36 -14.86
N GLY H 119 -36.21 -33.97 -14.82
CA GLY H 119 -35.87 -32.66 -14.31
C GLY H 119 -36.50 -31.53 -15.10
N GLU H 120 -36.49 -31.64 -16.43
CA GLU H 120 -37.07 -30.58 -17.26
C GLU H 120 -38.59 -30.55 -17.16
N ILE H 121 -39.22 -31.72 -17.12
CA ILE H 121 -40.68 -31.78 -16.95
C ILE H 121 -41.08 -31.14 -15.63
N TYR H 122 -40.39 -31.52 -14.55
CA TYR H 122 -40.66 -30.93 -13.26
C TYR H 122 -40.38 -29.43 -13.27
N LYS H 123 -39.34 -29.01 -14.00
CA LYS H 123 -39.04 -27.59 -14.09
C LYS H 123 -40.19 -26.83 -14.73
N ARG H 124 -40.78 -27.39 -15.80
CA ARG H 124 -41.92 -26.71 -16.41
C ARG H 124 -43.10 -26.64 -15.46
N TRP H 125 -43.34 -27.70 -14.69
CA TRP H 125 -44.40 -27.66 -13.69
C TRP H 125 -44.16 -26.54 -12.67
N ILE H 126 -42.91 -26.44 -12.19
CA ILE H 126 -42.57 -25.41 -11.22
C ILE H 126 -42.72 -24.03 -11.85
N ILE H 127 -42.40 -23.90 -13.13
CA ILE H 127 -42.56 -22.63 -13.82
C ILE H 127 -44.02 -22.24 -13.91
N LEU H 128 -44.90 -23.20 -14.19
CA LEU H 128 -46.33 -22.91 -14.17
C LEU H 128 -46.76 -22.42 -12.80
N GLY H 129 -46.31 -23.08 -11.74
CA GLY H 129 -46.63 -22.62 -10.39
C GLY H 129 -46.09 -21.23 -10.10
N LEU H 130 -44.86 -20.95 -10.53
CA LEU H 130 -44.26 -19.64 -10.29
C LEU H 130 -44.98 -18.55 -11.06
N ASN H 131 -45.42 -18.86 -12.28
CA ASN H 131 -46.20 -17.90 -13.05
C ASN H 131 -47.52 -17.60 -12.35
N LYS H 132 -48.17 -18.63 -11.82
CA LYS H 132 -49.41 -18.41 -11.09
C LYS H 132 -49.16 -17.57 -9.84
N ILE H 133 -48.04 -17.80 -9.16
CA ILE H 133 -47.69 -16.98 -7.99
C ILE H 133 -47.48 -15.54 -8.39
N VAL H 134 -46.73 -15.31 -9.47
CA VAL H 134 -46.43 -13.94 -9.89
C VAL H 134 -47.71 -13.21 -10.27
N ARG H 135 -48.65 -13.92 -10.89
CA ARG H 135 -49.90 -13.28 -11.28
C ARG H 135 -50.81 -13.01 -10.07
N MET H 136 -50.94 -13.97 -9.16
CA MET H 136 -52.03 -13.95 -8.20
C MET H 136 -51.61 -13.70 -6.75
N TYR H 137 -50.35 -13.90 -6.40
CA TYR H 137 -49.92 -13.82 -5.01
C TYR H 137 -49.34 -12.44 -4.71
N SER H 138 -49.82 -11.84 -3.63
CA SER H 138 -49.28 -10.58 -3.13
C SER H 138 -48.74 -10.78 -1.72
N PRO H 139 -47.45 -10.58 -1.49
CA PRO H 139 -46.91 -10.72 -0.14
C PRO H 139 -47.49 -9.67 0.80
N THR H 140 -47.63 -10.05 2.07
CA THR H 140 -48.07 -9.09 3.07
C THR H 140 -47.00 -8.03 3.28
N SER H 141 -47.43 -6.78 3.44
CA SER H 141 -46.52 -5.68 3.67
C SER H 141 -46.91 -4.94 4.94
N ILE H 142 -45.91 -4.63 5.77
CA ILE H 142 -46.15 -3.85 6.98
C ILE H 142 -46.61 -2.45 6.61
N LEU H 143 -46.22 -1.96 5.43
CA LEU H 143 -46.62 -0.63 5.01
C LEU H 143 -48.11 -0.57 4.70
N ASP H 144 -48.73 -1.70 4.38
CA ASP H 144 -50.14 -1.73 4.01
C ASP H 144 -51.07 -1.85 5.20
N ILE H 145 -50.54 -2.05 6.41
CA ILE H 145 -51.37 -2.22 7.59
C ILE H 145 -51.81 -0.84 8.09
N ARG H 146 -53.09 -0.54 7.93
CA ARG H 146 -53.64 0.74 8.32
C ARG H 146 -54.91 0.52 9.12
N GLN H 147 -55.11 1.31 10.16
CA GLN H 147 -56.27 1.16 11.01
C GLN H 147 -57.54 1.55 10.25
N GLY H 148 -58.56 0.71 10.33
CA GLY H 148 -59.84 1.01 9.77
C GLY H 148 -60.51 2.15 10.51
N PRO H 149 -61.44 2.84 9.85
CA PRO H 149 -62.13 3.95 10.52
C PRO H 149 -62.87 3.53 11.77
N LYS H 150 -63.41 2.32 11.80
CA LYS H 150 -64.16 1.82 12.95
C LYS H 150 -63.39 0.75 13.72
N GLU H 151 -62.18 0.42 13.29
CA GLU H 151 -61.43 -0.66 13.90
C GLU H 151 -60.96 -0.26 15.30
N PRO H 152 -61.13 -1.12 16.30
CA PRO H 152 -60.52 -0.84 17.60
C PRO H 152 -59.01 -0.79 17.48
N PHE H 153 -58.40 0.08 18.28
CA PHE H 153 -56.95 0.26 18.19
C PHE H 153 -56.20 -1.02 18.57
N ARG H 154 -56.78 -1.80 19.50
CA ARG H 154 -56.17 -3.07 19.87
C ARG H 154 -56.11 -4.05 18.70
N ASP H 155 -57.20 -4.15 17.93
CA ASP H 155 -57.20 -5.04 16.78
C ASP H 155 -56.18 -4.60 15.74
N TYR H 156 -56.08 -3.29 15.52
CA TYR H 156 -55.10 -2.76 14.58
C TYR H 156 -53.68 -3.05 15.04
N VAL H 157 -53.41 -2.90 16.33
CA VAL H 157 -52.09 -3.20 16.87
C VAL H 157 -51.77 -4.68 16.68
N ASP H 158 -52.76 -5.55 16.91
CA ASP H 158 -52.55 -6.98 16.71
C ASP H 158 -52.22 -7.29 15.26
N ARG H 159 -52.97 -6.72 14.32
CA ARG H 159 -52.68 -6.95 12.91
C ARG H 159 -51.30 -6.42 12.54
N PHE H 160 -50.94 -5.25 13.06
CA PHE H 160 -49.65 -4.66 12.78
C PHE H 160 -48.52 -5.57 13.25
N TYR H 161 -48.64 -6.10 14.46
CA TYR H 161 -47.57 -6.93 15.01
C TYR H 161 -47.50 -8.28 14.32
N LYS H 162 -48.65 -8.85 13.93
CA LYS H 162 -48.62 -10.08 13.15
C LYS H 162 -47.89 -9.86 11.82
N THR H 163 -48.24 -8.79 11.10
CA THR H 163 -47.59 -8.50 9.84
C THR H 163 -46.10 -8.23 10.03
N LEU H 164 -45.75 -7.53 11.11
CA LEU H 164 -44.35 -7.24 11.38
C LEU H 164 -43.56 -8.52 11.67
N ARG H 165 -44.18 -9.45 12.39
CA ARG H 165 -43.55 -10.75 12.60
C ARG H 165 -43.34 -11.48 11.28
N ALA H 166 -44.29 -11.32 10.35
CA ALA H 166 -44.11 -11.92 9.03
C ALA H 166 -43.16 -11.13 8.14
N GLU H 167 -42.83 -9.88 8.49
CA GLU H 167 -42.04 -9.03 7.63
C GLU H 167 -40.60 -9.51 7.54
N GLN H 168 -40.01 -9.38 6.35
N GLN H 168 -40.01 -9.38 6.35
CA GLN H 168 -38.63 -9.76 6.10
CA GLN H 168 -38.63 -9.77 6.11
C GLN H 168 -37.75 -8.54 6.35
C GLN H 168 -37.75 -8.55 6.35
N ALA H 169 -37.14 -8.49 7.53
CA ALA H 169 -36.30 -7.37 7.90
C ALA H 169 -35.48 -7.75 9.12
N SER H 170 -34.45 -6.94 9.39
CA SER H 170 -33.67 -7.11 10.60
C SER H 170 -34.47 -6.64 11.80
N GLN H 171 -34.03 -7.06 12.99
CA GLN H 171 -34.73 -6.68 14.21
C GLN H 171 -34.67 -5.17 14.44
N GLU H 172 -33.54 -4.55 14.13
CA GLU H 172 -33.43 -3.10 14.29
C GLU H 172 -34.40 -2.39 13.35
N VAL H 173 -34.51 -2.87 12.11
CA VAL H 173 -35.43 -2.27 11.16
C VAL H 173 -36.87 -2.47 11.59
N LYS H 174 -37.17 -3.63 12.18
CA LYS H 174 -38.52 -3.87 12.69
C LYS H 174 -38.84 -2.96 13.87
N ASN H 175 -37.87 -2.73 14.74
CA ASN H 175 -38.08 -1.79 15.85
C ASN H 175 -38.34 -0.39 15.32
N TRP H 176 -37.58 0.04 14.33
CA TRP H 176 -37.81 1.34 13.70
C TRP H 176 -39.18 1.40 13.03
N MET H 177 -39.59 0.30 12.40
CA MET H 177 -40.92 0.22 11.80
C MET H 177 -42.00 0.39 12.86
N THR H 178 -41.84 -0.26 14.01
CA THR H 178 -42.81 -0.08 15.09
C THR H 178 -42.83 1.37 15.56
N GLU H 179 -41.65 1.98 15.69
CA GLU H 179 -41.58 3.35 16.18
C GLU H 179 -42.19 4.35 15.20
N THR H 180 -42.20 4.02 13.91
CA THR H 180 -42.62 4.98 12.91
C THR H 180 -44.04 4.73 12.38
N LEU H 181 -44.34 3.49 11.98
CA LEU H 181 -45.54 3.23 11.18
C LEU H 181 -46.78 3.07 12.04
N LEU H 182 -46.63 2.55 13.26
CA LEU H 182 -47.80 2.17 14.06
C LEU H 182 -48.68 3.38 14.36
N VAL H 183 -48.09 4.46 14.86
CA VAL H 183 -48.86 5.67 15.13
C VAL H 183 -49.25 6.35 13.82
N GLN H 184 -48.34 6.36 12.85
CA GLN H 184 -48.60 7.07 11.59
C GLN H 184 -49.79 6.49 10.85
N ASN H 185 -49.92 5.16 10.85
CA ASN H 185 -50.96 4.49 10.08
C ASN H 185 -52.22 4.23 10.88
N ALA H 186 -52.36 4.86 12.04
CA ALA H 186 -53.60 4.78 12.80
C ALA H 186 -54.63 5.74 12.21
N ASN H 187 -55.90 5.45 12.47
CA ASN H 187 -56.96 6.29 11.97
C ASN H 187 -56.95 7.64 12.68
N PRO H 188 -57.57 8.67 12.09
CA PRO H 188 -57.49 10.01 12.70
C PRO H 188 -58.00 10.07 14.13
N ASP H 189 -59.08 9.36 14.43
CA ASP H 189 -59.65 9.40 15.78
C ASP H 189 -58.64 8.95 16.81
N CYS H 190 -57.94 7.85 16.55
CA CYS H 190 -56.90 7.40 17.46
C CYS H 190 -55.64 8.25 17.32
N LYS H 191 -55.40 8.80 16.13
CA LYS H 191 -54.14 9.49 15.89
C LYS H 191 -54.05 10.80 16.67
N THR H 192 -55.17 11.52 16.80
CA THR H 192 -55.13 12.73 17.62
C THR H 192 -54.78 12.41 19.06
N ILE H 193 -55.38 11.35 19.61
CA ILE H 193 -55.08 10.95 20.98
C ILE H 193 -53.63 10.54 21.12
N LEU H 194 -53.11 9.77 20.15
CA LEU H 194 -51.72 9.33 20.22
C LEU H 194 -50.76 10.51 20.15
N LYS H 195 -51.04 11.50 19.30
CA LYS H 195 -50.20 12.69 19.28
C LYS H 195 -50.29 13.46 20.59
N ALA H 196 -51.49 13.55 21.17
CA ALA H 196 -51.64 14.23 22.45
C ALA H 196 -50.86 13.52 23.56
N LEU H 197 -50.68 12.19 23.43
CA LEU H 197 -49.91 11.46 24.43
C LEU H 197 -48.46 11.92 24.47
N GLY H 198 -47.84 12.10 23.31
CA GLY H 198 -46.46 12.51 23.24
C GLY H 198 -45.56 11.43 22.68
N PRO H 199 -44.32 11.79 22.37
CA PRO H 199 -43.40 10.83 21.75
C PRO H 199 -42.98 9.70 22.67
N ALA H 200 -42.96 9.94 23.99
CA ALA H 200 -42.43 8.95 24.92
C ALA H 200 -43.45 7.90 25.33
N ALA H 201 -44.68 7.97 24.82
CA ALA H 201 -45.72 7.05 25.26
C ALA H 201 -45.37 5.61 24.88
N THR H 202 -45.58 4.71 25.83
CA THR H 202 -45.38 3.28 25.58
C THR H 202 -46.60 2.69 24.88
N LEU H 203 -46.43 1.46 24.39
CA LEU H 203 -47.52 0.80 23.68
C LEU H 203 -48.72 0.57 24.60
N GLU H 204 -48.46 0.24 25.86
CA GLU H 204 -49.55 0.05 26.81
C GLU H 204 -50.31 1.35 27.06
N GLU H 205 -49.58 2.45 27.23
CA GLU H 205 -50.23 3.75 27.41
C GLU H 205 -51.03 4.13 26.18
N MET H 206 -50.47 3.88 24.99
CA MET H 206 -51.18 4.17 23.75
C MET H 206 -52.45 3.35 23.64
N MET H 207 -52.39 2.08 24.03
CA MET H 207 -53.56 1.21 23.92
C MET H 207 -54.62 1.59 24.94
N THR H 208 -54.21 2.02 26.14
CA THR H 208 -55.18 2.49 27.13
C THR H 208 -55.83 3.80 26.68
N ALA H 209 -55.05 4.70 26.09
CA ALA H 209 -55.59 6.00 25.68
C ALA H 209 -56.65 5.85 24.60
N CYS H 210 -56.45 4.92 23.66
CA CYS H 210 -57.38 4.71 22.57
C CYS H 210 -58.42 3.65 22.86
N GLN H 211 -58.46 3.13 24.09
CA GLN H 211 -59.37 2.03 24.39
C GLN H 211 -60.82 2.46 24.32
N GLY H 212 -61.10 3.75 24.51
CA GLY H 212 -62.46 4.23 24.48
C GLY H 212 -62.93 4.79 23.16
N VAL H 213 -62.08 4.82 22.14
CA VAL H 213 -62.49 5.40 20.87
C VAL H 213 -63.58 4.55 20.24
N GLY H 214 -64.70 5.19 19.92
CA GLY H 214 -65.85 4.49 19.40
C GLY H 214 -66.91 4.17 20.42
N GLY H 215 -66.56 4.21 21.71
CA GLY H 215 -67.54 4.04 22.76
C GLY H 215 -68.41 5.27 22.91
N PRO H 216 -69.52 5.10 23.62
CA PRO H 216 -70.47 6.23 23.77
C PRO H 216 -69.83 7.48 24.36
N GLY H 217 -68.93 7.33 25.32
CA GLY H 217 -68.30 8.51 25.91
C GLY H 217 -67.47 9.29 24.92
N HIS H 218 -66.62 8.61 24.15
CA HIS H 218 -65.78 9.28 23.16
C HIS H 218 -66.62 9.89 22.04
N LYS H 219 -67.63 9.15 21.57
CA LYS H 219 -68.52 9.68 20.54
C LYS H 219 -69.20 10.95 21.03
N ALA H 220 -69.74 10.93 22.25
CA ALA H 220 -70.40 12.10 22.79
C ALA H 220 -69.42 13.26 22.94
N ARG H 221 -68.20 12.98 23.39
CA ARG H 221 -67.23 14.05 23.57
C ARG H 221 -66.85 14.71 22.25
N VAL H 222 -66.60 13.91 21.21
CA VAL H 222 -66.20 14.51 19.93
C VAL H 222 -67.38 15.24 19.29
N LEU H 223 -68.59 14.68 19.43
CA LEU H 223 -69.77 15.39 18.94
C LEU H 223 -69.94 16.71 19.67
N ALA H 224 -69.69 16.71 20.98
CA ALA H 224 -69.80 17.93 21.77
C ALA H 224 -68.78 18.97 21.31
N GLU H 225 -67.55 18.55 21.04
CA GLU H 225 -66.55 19.49 20.56
C GLU H 225 -66.94 20.07 19.20
N ALA H 226 -67.46 19.23 18.31
CA ALA H 226 -67.89 19.72 17.00
C ALA H 226 -69.03 20.72 17.14
N MET H 227 -70.01 20.44 17.99
CA MET H 227 -71.09 21.40 18.18
C MET H 227 -70.61 22.65 18.92
N SER H 228 -69.57 22.54 19.74
CA SER H 228 -68.96 23.72 20.32
C SER H 228 -68.38 24.62 19.24
N GLN H 229 -67.68 24.02 18.27
CA GLN H 229 -67.17 24.81 17.15
C GLN H 229 -68.31 25.43 16.35
N VAL H 230 -69.38 24.68 16.13
CA VAL H 230 -70.48 25.17 15.31
C VAL H 230 -71.20 26.33 16.00
N ILE H 231 -71.58 26.15 17.27
CA ILE H 231 -72.35 27.16 17.99
C ILE H 231 -71.46 28.29 18.54
N ASN H 232 -70.15 28.19 18.37
CA ASN H 232 -69.24 29.24 18.80
C ASN H 232 -69.55 30.57 18.12
N GLN I 1 -30.63 -55.04 25.74
CA GLN I 1 -29.62 -54.35 26.54
C GLN I 1 -30.25 -53.26 27.41
N MET I 2 -29.50 -52.19 27.62
CA MET I 2 -29.99 -51.06 28.40
C MET I 2 -29.48 -49.77 27.79
N VAL I 3 -30.20 -48.68 28.06
CA VAL I 3 -29.84 -47.36 27.58
C VAL I 3 -29.12 -46.63 28.71
N HIS I 4 -27.84 -46.30 28.48
CA HIS I 4 -27.04 -45.67 29.51
C HIS I 4 -27.45 -44.22 29.73
N GLN I 5 -28.01 -43.58 28.71
CA GLN I 5 -28.40 -42.19 28.78
C GLN I 5 -29.89 -42.01 29.06
N ALA I 6 -30.51 -42.96 29.76
CA ALA I 6 -31.89 -42.79 30.18
C ALA I 6 -32.00 -41.57 31.08
N ILE I 7 -33.12 -40.86 30.99
CA ILE I 7 -33.27 -39.63 31.74
C ILE I 7 -33.33 -39.92 33.23
N SER I 8 -32.55 -39.17 33.99
CA SER I 8 -32.51 -39.26 35.44
C SER I 8 -33.64 -38.46 36.06
N PRO I 9 -33.96 -38.70 37.33
CA PRO I 9 -34.99 -37.86 37.98
C PRO I 9 -34.68 -36.37 37.91
N ARG I 10 -33.41 -36.00 38.07
CA ARG I 10 -33.05 -34.59 38.00
C ARG I 10 -33.20 -34.05 36.59
N THR I 11 -32.94 -34.87 35.57
CA THR I 11 -33.13 -34.43 34.20
C THR I 11 -34.60 -34.11 33.93
N LEU I 12 -35.49 -35.01 34.33
CA LEU I 12 -36.92 -34.78 34.16
C LEU I 12 -37.37 -33.55 34.93
N ASN I 13 -36.92 -33.40 36.18
CA ASN I 13 -37.33 -32.24 36.96
C ASN I 13 -36.79 -30.95 36.36
N ALA I 14 -35.58 -30.98 35.82
CA ALA I 14 -35.04 -29.79 35.18
C ALA I 14 -35.84 -29.43 33.94
N TRP I 15 -36.28 -30.42 33.17
CA TRP I 15 -37.10 -30.12 32.01
C TRP I 15 -38.44 -29.52 32.42
N VAL I 16 -39.05 -30.08 33.47
CA VAL I 16 -40.31 -29.54 33.98
C VAL I 16 -40.12 -28.09 34.43
N LYS I 17 -39.03 -27.82 35.14
CA LYS I 17 -38.79 -26.47 35.64
C LYS I 17 -38.50 -25.50 34.49
N VAL I 18 -37.80 -25.98 33.45
CA VAL I 18 -37.55 -25.14 32.28
C VAL I 18 -38.86 -24.74 31.63
N VAL I 19 -39.76 -25.70 31.45
CA VAL I 19 -41.04 -25.39 30.82
C VAL I 19 -41.85 -24.44 31.70
N GLU I 20 -41.84 -24.66 33.01
CA GLU I 20 -42.66 -23.83 33.89
C GLU I 20 -42.11 -22.42 34.02
N GLU I 21 -40.78 -22.26 33.98
CA GLU I 21 -40.18 -20.94 34.15
C GLU I 21 -40.11 -20.13 32.88
N LYS I 22 -39.70 -20.76 31.76
CA LYS I 22 -39.48 -20.03 30.52
C LYS I 22 -40.61 -20.18 29.52
N ALA I 23 -41.62 -20.99 29.81
CA ALA I 23 -42.75 -21.25 28.90
C ALA I 23 -42.16 -21.78 27.60
N PHE I 24 -42.10 -20.99 26.53
CA PHE I 24 -41.56 -21.45 25.26
C PHE I 24 -40.71 -20.36 24.62
N SER I 25 -39.85 -19.74 25.43
CA SER I 25 -38.84 -18.85 24.93
C SER I 25 -37.80 -19.66 24.17
N PRO I 26 -36.96 -19.01 23.36
CA PRO I 26 -35.94 -19.76 22.60
C PRO I 26 -35.07 -20.64 23.48
N GLU I 27 -34.86 -20.26 24.75
CA GLU I 27 -34.05 -21.04 25.66
C GLU I 27 -34.52 -22.47 25.81
N VAL I 28 -35.78 -22.76 25.46
CA VAL I 28 -36.29 -24.12 25.61
C VAL I 28 -35.60 -25.06 24.63
N ILE I 29 -35.21 -24.55 23.45
CA ILE I 29 -34.61 -25.41 22.44
C ILE I 29 -33.26 -25.99 22.89
N PRO I 30 -32.29 -25.20 23.37
CA PRO I 30 -31.06 -25.83 23.87
C PRO I 30 -31.31 -26.78 25.02
N MET I 31 -32.16 -26.38 25.96
CA MET I 31 -32.39 -27.21 27.14
C MET I 31 -32.90 -28.59 26.76
N PHE I 32 -33.97 -28.65 25.96
CA PHE I 32 -34.48 -29.94 25.52
C PHE I 32 -33.43 -30.70 24.73
N SER I 33 -32.59 -29.97 23.98
CA SER I 33 -31.55 -30.63 23.21
C SER I 33 -30.55 -31.32 24.13
N ALA I 34 -30.27 -30.70 25.28
CA ALA I 34 -29.23 -31.21 26.15
C ALA I 34 -29.79 -32.25 27.14
N LEU I 35 -31.00 -32.03 27.64
CA LEU I 35 -31.56 -32.92 28.65
C LEU I 35 -31.98 -34.26 28.03
N SER I 36 -32.41 -34.26 26.78
CA SER I 36 -32.98 -35.44 26.16
C SER I 36 -31.95 -36.26 25.39
N GLU I 37 -30.70 -35.83 25.35
CA GLU I 37 -29.71 -36.44 24.47
C GLU I 37 -29.42 -37.87 24.90
N GLY I 38 -29.43 -38.79 23.94
CA GLY I 38 -29.18 -40.18 24.19
C GLY I 38 -30.35 -40.96 24.74
N ALA I 39 -31.50 -40.31 24.95
CA ALA I 39 -32.64 -40.98 25.57
C ALA I 39 -33.50 -41.67 24.52
N THR I 40 -34.30 -42.63 24.98
CA THR I 40 -35.21 -43.34 24.12
C THR I 40 -36.38 -42.43 23.74
N PRO I 41 -37.10 -42.77 22.67
CA PRO I 41 -38.34 -42.03 22.37
C PRO I 41 -39.35 -42.06 23.50
N GLN I 42 -39.34 -43.13 24.30
CA GLN I 42 -40.22 -43.19 25.47
C GLN I 42 -39.91 -42.09 26.48
N ASP I 43 -38.62 -41.88 26.76
CA ASP I 43 -38.23 -40.82 27.68
C ASP I 43 -38.60 -39.45 27.12
N LEU I 44 -38.39 -39.24 25.83
CA LEU I 44 -38.76 -37.97 25.20
C LEU I 44 -40.27 -37.75 25.29
N ASN I 45 -41.05 -38.81 25.12
CA ASN I 45 -42.49 -38.71 25.26
C ASN I 45 -42.89 -38.37 26.68
N THR I 46 -42.18 -38.93 27.68
CA THR I 46 -42.44 -38.55 29.06
C THR I 46 -42.16 -37.07 29.28
N MET I 47 -41.03 -36.58 28.77
CA MET I 47 -40.72 -35.15 28.89
C MET I 47 -41.80 -34.30 28.25
N LEU I 48 -42.29 -34.72 27.07
CA LEU I 48 -43.34 -33.96 26.40
C LEU I 48 -44.65 -34.00 27.19
N ASN I 49 -44.95 -35.14 27.82
CA ASN I 49 -46.19 -35.26 28.58
C ASN I 49 -46.14 -34.49 29.89
N THR I 50 -44.96 -34.18 30.40
CA THR I 50 -44.86 -33.39 31.62
C THR I 50 -45.18 -31.92 31.40
N VAL I 51 -45.38 -31.48 30.16
CA VAL I 51 -45.72 -30.09 29.91
C VAL I 51 -47.16 -29.83 30.31
N GLY I 52 -47.37 -28.88 31.22
CA GLY I 52 -48.69 -28.50 31.68
C GLY I 52 -49.10 -27.17 31.07
N GLY I 53 -50.31 -27.14 30.54
CA GLY I 53 -50.76 -25.96 29.82
C GLY I 53 -50.16 -25.90 28.43
N HIS I 54 -50.39 -24.76 27.79
CA HIS I 54 -49.93 -24.53 26.41
C HIS I 54 -50.37 -25.65 25.48
N GLN I 55 -51.65 -26.02 25.57
CA GLN I 55 -52.13 -27.16 24.79
C GLN I 55 -52.07 -26.88 23.29
N ALA I 56 -52.29 -25.63 22.89
CA ALA I 56 -52.16 -25.29 21.48
C ALA I 56 -50.73 -25.52 20.99
N ALA I 57 -49.74 -25.13 21.80
CA ALA I 57 -48.35 -25.36 21.44
C ALA I 57 -48.06 -26.84 21.28
N MET I 58 -48.60 -27.67 22.18
CA MET I 58 -48.36 -29.10 22.08
C MET I 58 -49.08 -29.70 20.87
N GLN I 59 -50.22 -29.12 20.50
CA GLN I 59 -50.88 -29.56 19.27
C GLN I 59 -50.03 -29.25 18.04
N MET I 60 -49.43 -28.05 18.01
CA MET I 60 -48.51 -27.74 16.91
C MET I 60 -47.30 -28.68 16.91
N LEU I 61 -46.79 -29.00 18.11
CA LEU I 61 -45.70 -29.96 18.22
C LEU I 61 -46.10 -31.31 17.63
N LYS I 62 -47.29 -31.80 17.97
CA LYS I 62 -47.76 -33.07 17.44
C LYS I 62 -47.91 -33.02 15.93
N GLU I 63 -48.41 -31.90 15.39
CA GLU I 63 -48.52 -31.77 13.95
C GLU I 63 -47.15 -31.84 13.27
N THR I 64 -46.16 -31.15 13.83
CA THR I 64 -44.82 -31.19 13.26
C THR I 64 -44.24 -32.60 13.33
N ILE I 65 -44.47 -33.29 14.45
CA ILE I 65 -43.94 -34.65 14.60
C ILE I 65 -44.59 -35.57 13.57
N ASN I 66 -45.90 -35.42 13.35
CA ASN I 66 -46.57 -36.25 12.35
C ASN I 66 -46.04 -35.96 10.95
N GLU I 67 -45.77 -34.70 10.65
CA GLU I 67 -45.18 -34.35 9.36
C GLU I 67 -43.81 -35.01 9.19
N GLU I 68 -42.98 -34.96 10.24
CA GLU I 68 -41.65 -35.55 10.15
C GLU I 68 -41.74 -37.07 10.04
N ALA I 69 -42.70 -37.69 10.71
CA ALA I 69 -42.90 -39.13 10.59
C ALA I 69 -43.33 -39.50 9.18
N ALA I 70 -44.20 -38.70 8.57
CA ALA I 70 -44.58 -38.93 7.18
C ALA I 70 -43.38 -38.81 6.27
N GLU I 71 -42.52 -37.80 6.50
CA GLU I 71 -41.32 -37.67 5.69
C GLU I 71 -40.39 -38.86 5.84
N TRP I 72 -40.23 -39.35 7.07
CA TRP I 72 -39.45 -40.57 7.30
C TRP I 72 -40.03 -41.75 6.53
N ASP I 73 -41.34 -41.93 6.59
CA ASP I 73 -41.97 -43.05 5.89
C ASP I 73 -41.77 -42.91 4.38
N ARG I 74 -41.83 -41.69 3.86
CA ARG I 74 -41.58 -41.45 2.45
C ARG I 74 -40.16 -41.88 2.07
N VAL I 75 -39.17 -41.44 2.85
CA VAL I 75 -37.78 -41.75 2.55
C VAL I 75 -37.47 -43.23 2.72
N HIS I 76 -38.16 -43.91 3.62
CA HIS I 76 -37.87 -45.32 3.92
C HIS I 76 -38.98 -46.21 3.38
N PRO I 77 -38.78 -46.87 2.24
CA PRO I 77 -39.81 -47.78 1.72
C PRO I 77 -40.00 -48.98 2.64
N VAL I 78 -41.22 -49.49 2.66
CA VAL I 78 -41.53 -50.67 3.46
C VAL I 78 -40.93 -51.91 2.81
N HIS I 79 -40.40 -52.80 3.64
CA HIS I 79 -39.81 -54.03 3.15
C HIS I 79 -40.89 -55.01 2.67
N ALA I 80 -40.45 -56.04 1.95
CA ALA I 80 -41.38 -56.96 1.32
C ALA I 80 -42.12 -57.83 2.33
N GLY I 81 -41.48 -58.16 3.45
CA GLY I 81 -42.09 -59.07 4.40
C GLY I 81 -41.17 -60.11 5.04
N PRO I 82 -40.20 -60.68 4.29
CA PRO I 82 -39.39 -61.74 4.93
C PRO I 82 -38.42 -61.19 5.96
N ILE I 83 -38.93 -60.96 7.17
CA ILE I 83 -38.09 -60.49 8.26
C ILE I 83 -37.22 -61.64 8.76
N ALA I 84 -35.92 -61.39 8.85
CA ALA I 84 -35.02 -62.40 9.39
C ALA I 84 -35.31 -62.64 10.87
N PRO I 85 -35.31 -63.89 11.33
CA PRO I 85 -35.58 -64.14 12.76
C PRO I 85 -34.60 -63.46 13.68
N GLY I 86 -33.31 -63.42 13.31
CA GLY I 86 -32.34 -62.72 14.13
C GLY I 86 -32.54 -61.22 14.13
N GLN I 87 -32.85 -60.65 12.98
CA GLN I 87 -33.05 -59.22 12.85
C GLN I 87 -34.45 -58.82 13.31
N MET I 88 -34.65 -57.52 13.48
CA MET I 88 -35.94 -56.97 13.87
C MET I 88 -36.47 -56.07 12.75
N ARG I 89 -37.77 -55.77 12.86
CA ARG I 89 -38.42 -54.94 11.85
C ARG I 89 -37.81 -53.55 11.79
N GLU I 90 -37.71 -53.00 10.59
CA GLU I 90 -37.21 -51.65 10.44
C GLU I 90 -38.26 -50.65 10.95
N PRO I 91 -37.85 -49.65 11.73
CA PRO I 91 -38.82 -48.72 12.31
C PRO I 91 -39.48 -47.84 11.26
N ARG I 92 -40.72 -47.46 11.52
CA ARG I 92 -41.44 -46.46 10.76
C ARG I 92 -41.46 -45.15 11.54
N GLY I 93 -42.09 -44.13 10.95
CA GLY I 93 -42.14 -42.84 11.61
C GLY I 93 -42.83 -42.89 12.95
N SER I 94 -43.93 -43.64 13.05
CA SER I 94 -44.62 -43.80 14.31
C SER I 94 -43.74 -44.56 15.32
N ASP I 95 -42.90 -45.46 14.84
CA ASP I 95 -41.96 -46.14 15.72
C ASP I 95 -40.92 -45.19 16.28
N ILE I 96 -40.40 -44.30 15.43
CA ILE I 96 -39.44 -43.31 15.92
C ILE I 96 -40.11 -42.40 16.94
N ALA I 97 -41.32 -41.95 16.65
CA ALA I 97 -42.06 -41.11 17.59
C ALA I 97 -42.53 -41.88 18.82
N GLY I 98 -42.46 -43.21 18.79
CA GLY I 98 -42.80 -44.02 19.94
C GLY I 98 -44.26 -44.34 20.11
N THR I 99 -45.12 -43.97 19.15
CA THR I 99 -46.53 -44.26 19.29
C THR I 99 -46.83 -45.74 19.06
N THR I 100 -46.18 -46.36 18.07
CA THR I 100 -46.42 -47.76 17.73
C THR I 100 -45.25 -48.66 18.12
N SER I 101 -44.27 -48.16 18.86
CA SER I 101 -43.14 -48.96 19.28
C SER I 101 -43.07 -49.01 20.79
N THR I 102 -42.58 -50.12 21.32
CA THR I 102 -42.38 -50.27 22.74
C THR I 102 -40.97 -49.83 23.13
N LEU I 103 -40.74 -49.72 24.44
CA LEU I 103 -39.42 -49.34 24.93
C LEU I 103 -38.38 -50.37 24.54
N GLN I 104 -38.74 -51.65 24.61
CA GLN I 104 -37.80 -52.71 24.25
C GLN I 104 -37.38 -52.59 22.78
N GLU I 105 -38.34 -52.31 21.91
CA GLU I 105 -38.02 -52.16 20.48
C GLU I 105 -37.12 -50.95 20.24
N GLN I 106 -37.39 -49.83 20.93
CA GLN I 106 -36.54 -48.66 20.78
C GLN I 106 -35.13 -48.94 21.26
N ILE I 107 -34.99 -49.64 22.39
CA ILE I 107 -33.68 -50.00 22.89
C ILE I 107 -32.97 -50.93 21.91
N GLY I 108 -33.71 -51.88 21.33
CA GLY I 108 -33.12 -52.77 20.35
C GLY I 108 -32.62 -52.04 19.13
N TRP I 109 -33.39 -51.06 18.64
CA TRP I 109 -32.93 -50.27 17.51
C TRP I 109 -31.69 -49.46 17.86
N MET I 110 -31.68 -48.85 19.05
CA MET I 110 -30.57 -47.98 19.41
C MET I 110 -29.29 -48.77 19.66
N THR I 111 -29.41 -49.97 20.22
CA THR I 111 -28.25 -50.78 20.58
C THR I 111 -27.90 -51.82 19.53
N ASN I 112 -28.60 -51.83 18.40
CA ASN I 112 -28.29 -52.78 17.34
C ASN I 112 -27.02 -52.38 16.61
N ASN I 113 -26.49 -53.30 15.82
CA ASN I 113 -25.34 -53.05 14.96
C ASN I 113 -25.71 -53.39 13.53
N PRO I 114 -25.80 -52.40 12.62
CA PRO I 114 -25.60 -50.96 12.83
C PRO I 114 -26.72 -50.32 13.63
N PRO I 115 -26.43 -49.27 14.39
CA PRO I 115 -27.46 -48.66 15.23
C PRO I 115 -28.36 -47.71 14.46
N ILE I 116 -29.65 -47.74 14.77
CA ILE I 116 -30.60 -46.74 14.30
C ILE I 116 -30.94 -45.84 15.48
N PRO I 117 -30.46 -44.59 15.51
CA PRO I 117 -30.68 -43.73 16.68
C PRO I 117 -32.06 -43.11 16.68
N VAL I 118 -33.06 -43.93 16.98
CA VAL I 118 -34.45 -43.49 16.91
C VAL I 118 -34.69 -42.33 17.88
N GLY I 119 -34.02 -42.35 19.02
CA GLY I 119 -34.15 -41.25 19.97
C GLY I 119 -33.65 -39.93 19.40
N GLU I 120 -32.51 -39.95 18.71
CA GLU I 120 -31.97 -38.71 18.17
C GLU I 120 -32.81 -38.19 17.01
N ILE I 121 -33.32 -39.09 16.17
CA ILE I 121 -34.20 -38.71 15.08
C ILE I 121 -35.47 -38.06 15.64
N TYR I 122 -36.06 -38.71 16.64
CA TYR I 122 -37.26 -38.16 17.27
C TYR I 122 -36.94 -36.83 17.93
N LYS I 123 -35.77 -36.70 18.53
CA LYS I 123 -35.39 -35.42 19.14
C LYS I 123 -35.30 -34.32 18.10
N ARG I 124 -34.78 -34.64 16.92
CA ARG I 124 -34.75 -33.65 15.84
C ARG I 124 -36.15 -33.22 15.44
N TRP I 125 -37.07 -34.19 15.33
CA TRP I 125 -38.45 -33.83 15.01
C TRP I 125 -39.05 -32.93 16.08
N ILE I 126 -38.81 -33.26 17.35
CA ILE I 126 -39.35 -32.46 18.45
C ILE I 126 -38.74 -31.07 18.45
N ILE I 127 -37.46 -30.97 18.09
CA ILE I 127 -36.82 -29.65 18.01
C ILE I 127 -37.45 -28.83 16.90
N LEU I 128 -37.76 -29.45 15.77
CA LEU I 128 -38.47 -28.74 14.72
C LEU I 128 -39.79 -28.19 15.23
N GLY I 129 -40.54 -29.02 15.96
CA GLY I 129 -41.80 -28.57 16.53
C GLY I 129 -41.62 -27.44 17.54
N LEU I 130 -40.60 -27.55 18.39
CA LEU I 130 -40.34 -26.52 19.38
C LEU I 130 -39.94 -25.21 18.72
N ASN I 131 -39.17 -25.29 17.64
CA ASN I 131 -38.82 -24.09 16.88
C ASN I 131 -40.08 -23.44 16.31
N LYS I 132 -40.99 -24.25 15.76
CA LYS I 132 -42.24 -23.70 15.27
C LYS I 132 -43.02 -23.03 16.40
N ILE I 133 -43.06 -23.66 17.58
CA ILE I 133 -43.77 -23.06 18.72
C ILE I 133 -43.13 -21.73 19.10
N VAL I 134 -41.81 -21.69 19.20
CA VAL I 134 -41.12 -20.46 19.59
C VAL I 134 -41.38 -19.36 18.58
N ARG I 135 -41.44 -19.71 17.30
CA ARG I 135 -41.67 -18.70 16.27
C ARG I 135 -43.11 -18.21 16.26
N MET I 136 -44.08 -19.11 16.42
CA MET I 136 -45.46 -18.79 16.10
C MET I 136 -46.40 -18.74 17.31
N TYR I 137 -46.14 -19.51 18.36
CA TYR I 137 -47.07 -19.64 19.47
C TYR I 137 -46.92 -18.46 20.42
N SER I 138 -48.04 -17.88 20.83
CA SER I 138 -48.08 -16.84 21.85
C SER I 138 -49.02 -17.28 22.96
N PRO I 139 -48.54 -17.51 24.17
CA PRO I 139 -49.43 -17.93 25.25
C PRO I 139 -50.38 -16.82 25.65
N THR I 140 -51.56 -17.23 26.14
CA THR I 140 -52.53 -16.27 26.64
C THR I 140 -52.03 -15.64 27.94
N SER I 141 -52.18 -14.32 28.04
CA SER I 141 -51.77 -13.57 29.22
C SER I 141 -52.94 -12.79 29.76
N ILE I 142 -53.16 -12.89 31.07
CA ILE I 142 -54.23 -12.14 31.71
C ILE I 142 -53.96 -10.65 31.61
N LEU I 143 -52.70 -10.26 31.40
CA LEU I 143 -52.35 -8.84 31.35
C LEU I 143 -52.85 -8.15 30.09
N ASP I 144 -53.07 -8.88 29.01
CA ASP I 144 -53.52 -8.27 27.77
C ASP I 144 -55.01 -8.42 27.54
N ILE I 145 -55.76 -8.92 28.51
CA ILE I 145 -57.22 -9.02 28.40
C ILE I 145 -57.80 -7.66 28.78
N ARG I 146 -58.24 -6.90 27.78
CA ARG I 146 -58.77 -5.56 28.00
C ARG I 146 -60.11 -5.44 27.29
N GLN I 147 -61.00 -4.67 27.90
CA GLN I 147 -62.34 -4.49 27.35
C GLN I 147 -62.28 -3.68 26.06
N GLY I 148 -63.00 -4.14 25.04
CA GLY I 148 -63.13 -3.41 23.81
C GLY I 148 -63.99 -2.17 24.00
N PRO I 149 -63.81 -1.17 23.13
CA PRO I 149 -64.56 0.08 23.29
C PRO I 149 -66.07 -0.12 23.28
N LYS I 150 -66.57 -1.08 22.52
CA LYS I 150 -68.00 -1.37 22.47
C LYS I 150 -68.34 -2.73 23.05
N GLU I 151 -67.40 -3.36 23.74
CA GLU I 151 -67.64 -4.70 24.28
C GLU I 151 -68.50 -4.62 25.54
N PRO I 152 -69.52 -5.47 25.66
CA PRO I 152 -70.27 -5.53 26.91
C PRO I 152 -69.38 -5.92 28.08
N PHE I 153 -69.69 -5.38 29.26
CA PHE I 153 -68.88 -5.64 30.43
C PHE I 153 -68.95 -7.11 30.83
N ARG I 154 -70.11 -7.74 30.66
CA ARG I 154 -70.24 -9.16 30.99
C ARG I 154 -69.33 -10.02 30.12
N ASP I 155 -69.27 -9.73 28.82
CA ASP I 155 -68.41 -10.50 27.93
C ASP I 155 -66.95 -10.31 28.29
N TYR I 156 -66.56 -9.08 28.61
CA TYR I 156 -65.19 -8.82 29.05
C TYR I 156 -64.87 -9.57 30.32
N VAL I 157 -65.80 -9.62 31.27
CA VAL I 157 -65.59 -10.35 32.51
C VAL I 157 -65.42 -11.83 32.21
N ASP I 158 -66.24 -12.37 31.30
CA ASP I 158 -66.12 -13.78 30.96
C ASP I 158 -64.76 -14.09 30.32
N ARG I 159 -64.30 -13.23 29.41
CA ARG I 159 -62.98 -13.41 28.82
C ARG I 159 -61.89 -13.33 29.88
N PHE I 160 -62.00 -12.37 30.79
CA PHE I 160 -61.02 -12.22 31.87
C PHE I 160 -60.95 -13.47 32.70
N TYR I 161 -62.09 -14.03 33.09
CA TYR I 161 -62.08 -15.19 33.98
C TYR I 161 -61.63 -16.45 33.26
N LYS I 162 -61.93 -16.57 31.97
CA LYS I 162 -61.39 -17.70 31.21
C LYS I 162 -59.87 -17.63 31.14
N THR I 163 -59.34 -16.45 30.80
CA THR I 163 -57.89 -16.29 30.75
C THR I 163 -57.26 -16.52 32.12
N LEU I 164 -57.92 -16.05 33.18
CA LEU I 164 -57.39 -16.25 34.52
C LEU I 164 -57.35 -17.72 34.91
N ARG I 165 -58.40 -18.47 34.55
CA ARG I 165 -58.37 -19.91 34.76
C ARG I 165 -57.24 -20.56 33.97
N ALA I 166 -56.91 -20.02 32.81
CA ALA I 166 -55.78 -20.55 32.04
C ALA I 166 -54.43 -20.04 32.51
N GLU I 167 -54.39 -19.06 33.41
CA GLU I 167 -53.12 -18.44 33.78
C GLU I 167 -52.32 -19.32 34.74
N GLN I 168 -51.00 -19.30 34.57
CA GLN I 168 -50.10 -20.02 35.46
C GLN I 168 -49.77 -19.13 36.65
N ALA I 169 -50.48 -19.33 37.75
CA ALA I 169 -50.26 -18.54 38.95
C ALA I 169 -50.90 -19.25 40.13
N SER I 170 -50.51 -18.83 41.33
CA SER I 170 -51.14 -19.35 42.53
C SER I 170 -52.52 -18.74 42.70
N GLN I 171 -53.33 -19.40 43.53
CA GLN I 171 -54.69 -18.94 43.75
C GLN I 171 -54.73 -17.55 44.37
N GLU I 172 -53.81 -17.28 45.30
CA GLU I 172 -53.73 -15.94 45.90
C GLU I 172 -53.33 -14.90 44.87
N VAL I 173 -52.38 -15.24 43.99
CA VAL I 173 -51.99 -14.32 42.94
C VAL I 173 -53.14 -14.12 41.96
N LYS I 174 -53.91 -15.17 41.68
CA LYS I 174 -55.06 -15.02 40.81
C LYS I 174 -56.12 -14.12 41.44
N ASN I 175 -56.33 -14.24 42.75
CA ASN I 175 -57.27 -13.34 43.43
C ASN I 175 -56.79 -11.91 43.37
N TRP I 176 -55.49 -11.69 43.56
CA TRP I 176 -54.94 -10.34 43.45
C TRP I 176 -55.10 -9.80 42.03
N MET I 177 -54.90 -10.65 41.02
CA MET I 177 -55.11 -10.24 39.64
C MET I 177 -56.56 -9.86 39.40
N THR I 178 -57.48 -10.64 39.95
CA THR I 178 -58.90 -10.30 39.82
C THR I 178 -59.20 -8.95 40.46
N GLU I 179 -58.63 -8.69 41.64
CA GLU I 179 -58.91 -7.45 42.34
C GLU I 179 -58.21 -6.25 41.71
N THR I 180 -57.18 -6.46 40.90
CA THR I 180 -56.40 -5.36 40.36
C THR I 180 -56.69 -5.08 38.89
N LEU I 181 -56.70 -6.10 38.03
CA LEU I 181 -56.66 -5.89 36.60
C LEU I 181 -58.06 -5.72 36.00
N LEU I 182 -59.07 -6.33 36.61
CA LEU I 182 -60.39 -6.35 35.99
C LEU I 182 -60.95 -4.94 35.82
N VAL I 183 -60.90 -4.14 36.87
CA VAL I 183 -61.39 -2.76 36.77
C VAL I 183 -60.40 -1.91 35.97
N GLN I 184 -59.10 -2.14 36.17
CA GLN I 184 -58.10 -1.30 35.51
C GLN I 184 -58.17 -1.44 33.99
N ASN I 185 -58.39 -2.66 33.50
CA ASN I 185 -58.35 -2.94 32.07
C ASN I 185 -59.72 -2.86 31.42
N ALA I 186 -60.69 -2.26 32.09
CA ALA I 186 -61.99 -2.01 31.46
C ALA I 186 -61.94 -0.74 30.63
N ASN I 187 -62.88 -0.62 29.69
CA ASN I 187 -62.91 0.54 28.83
C ASN I 187 -63.34 1.78 29.63
N PRO I 188 -62.98 2.98 29.16
CA PRO I 188 -63.25 4.18 29.97
C PRO I 188 -64.70 4.35 30.38
N ASP I 189 -65.63 3.98 29.51
CA ASP I 189 -67.04 4.19 29.79
C ASP I 189 -67.51 3.31 30.95
N CYS I 190 -67.10 2.04 30.97
CA CYS I 190 -67.40 1.19 32.12
C CYS I 190 -66.52 1.56 33.30
N LYS I 191 -65.30 2.03 33.03
CA LYS I 191 -64.37 2.32 34.11
C LYS I 191 -64.84 3.48 34.97
N THR I 192 -65.48 4.48 34.36
CA THR I 192 -66.00 5.60 35.12
C THR I 192 -67.08 5.14 36.10
N ILE I 193 -68.00 4.31 35.62
CA ILE I 193 -69.04 3.76 36.49
C ILE I 193 -68.43 2.89 37.59
N LEU I 194 -67.43 2.09 37.23
CA LEU I 194 -66.79 1.22 38.21
C LEU I 194 -66.12 2.03 39.31
N LYS I 195 -65.42 3.11 38.93
CA LYS I 195 -64.79 3.98 39.92
C LYS I 195 -65.84 4.63 40.81
N ALA I 196 -66.94 5.10 40.23
CA ALA I 196 -67.98 5.74 41.02
C ALA I 196 -68.68 4.74 41.92
N LEU I 197 -68.57 3.44 41.62
CA LEU I 197 -69.26 2.43 42.41
C LEU I 197 -68.59 2.22 43.77
N GLY I 198 -67.28 2.40 43.85
CA GLY I 198 -66.57 2.24 45.09
C GLY I 198 -65.71 0.98 45.12
N PRO I 199 -64.64 1.02 45.93
CA PRO I 199 -63.73 -0.14 45.98
C PRO I 199 -64.38 -1.41 46.51
N ALA I 200 -65.38 -1.30 47.38
CA ALA I 200 -65.96 -2.47 48.01
C ALA I 200 -67.02 -3.15 47.15
N ALA I 201 -67.25 -2.69 45.92
CA ALA I 201 -68.27 -3.27 45.08
C ALA I 201 -67.92 -4.71 44.71
N THR I 202 -68.91 -5.59 44.81
CA THR I 202 -68.75 -6.98 44.41
C THR I 202 -68.90 -7.12 42.89
N LEU I 203 -68.52 -8.30 42.38
CA LEU I 203 -68.55 -8.51 40.94
C LEU I 203 -69.97 -8.38 40.38
N GLU I 204 -70.95 -8.91 41.11
CA GLU I 204 -72.34 -8.78 40.66
C GLU I 204 -72.78 -7.32 40.64
N GLU I 205 -72.38 -6.54 41.65
CA GLU I 205 -72.74 -5.14 41.67
C GLU I 205 -72.12 -4.38 40.51
N MET I 206 -70.84 -4.64 40.21
CA MET I 206 -70.20 -3.98 39.08
C MET I 206 -70.85 -4.39 37.76
N MET I 207 -71.19 -5.67 37.63
CA MET I 207 -71.83 -6.13 36.40
C MET I 207 -73.20 -5.50 36.22
N THR I 208 -73.96 -5.35 37.31
CA THR I 208 -75.24 -4.66 37.22
C THR I 208 -75.05 -3.18 36.88
N ALA I 209 -74.04 -2.55 37.47
CA ALA I 209 -73.80 -1.13 37.21
C ALA I 209 -73.43 -0.89 35.76
N CYS I 210 -72.65 -1.79 35.17
CA CYS I 210 -72.21 -1.64 33.79
C CYS I 210 -73.13 -2.33 32.79
N GLN I 211 -74.25 -2.89 33.24
CA GLN I 211 -75.12 -3.65 32.35
C GLN I 211 -75.74 -2.76 31.28
N GLY I 212 -75.88 -1.46 31.54
CA GLY I 212 -76.50 -0.56 30.61
C GLY I 212 -75.57 0.21 29.70
N VAL I 213 -74.26 0.02 29.83
CA VAL I 213 -73.32 0.77 29.00
C VAL I 213 -73.48 0.36 27.55
N GLY I 214 -73.59 1.35 26.68
CA GLY I 214 -73.84 1.11 25.28
C GLY I 214 -75.30 1.04 24.90
N GLY I 215 -76.19 0.98 25.87
CA GLY I 215 -77.61 0.99 25.60
C GLY I 215 -78.10 2.39 25.32
N PRO I 216 -79.35 2.48 24.86
CA PRO I 216 -79.90 3.80 24.51
C PRO I 216 -79.91 4.78 25.66
N GLY I 217 -80.26 4.33 26.87
CA GLY I 217 -80.31 5.23 28.00
C GLY I 217 -78.96 5.79 28.38
N HIS I 218 -77.94 4.92 28.45
CA HIS I 218 -76.61 5.38 28.81
C HIS I 218 -76.03 6.30 27.74
N LYS I 219 -76.25 5.95 26.46
CA LYS I 219 -75.78 6.81 25.38
C LYS I 219 -76.44 8.17 25.44
N ALA I 220 -77.75 8.21 25.65
CA ALA I 220 -78.45 9.48 25.75
C ALA I 220 -77.94 10.29 26.93
N ARG I 221 -77.73 9.64 28.08
CA ARG I 221 -77.26 10.34 29.26
C ARG I 221 -75.88 10.94 29.05
N VAL I 222 -74.96 10.17 28.46
CA VAL I 222 -73.60 10.67 28.26
C VAL I 222 -73.58 11.79 27.24
N LEU I 223 -74.35 11.64 26.16
CA LEU I 223 -74.47 12.71 25.18
C LEU I 223 -75.05 13.97 25.80
N ALA I 224 -76.05 13.82 26.66
CA ALA I 224 -76.66 14.96 27.32
C ALA I 224 -75.66 15.65 28.25
N GLU I 225 -74.85 14.88 28.96
CA GLU I 225 -73.83 15.49 29.82
C GLU I 225 -72.82 16.28 29.00
N ALA I 226 -72.38 15.71 27.88
CA ALA I 226 -71.45 16.44 27.01
C ALA I 226 -72.09 17.71 26.46
N MET I 227 -73.34 17.62 26.02
CA MET I 227 -74.04 18.80 25.52
C MET I 227 -74.21 19.86 26.60
N SER I 228 -74.53 19.44 27.82
CA SER I 228 -74.69 20.38 28.92
C SER I 228 -73.38 21.08 29.24
N GLN I 229 -72.27 20.34 29.18
CA GLN I 229 -70.97 20.98 29.33
C GLN I 229 -70.76 22.02 28.23
N VAL I 230 -71.13 21.67 26.99
CA VAL I 230 -70.96 22.59 25.87
C VAL I 230 -71.77 23.87 26.09
N ILE I 231 -73.03 23.72 26.50
CA ILE I 231 -73.91 24.89 26.64
C ILE I 231 -73.39 25.82 27.73
N ASN I 232 -72.93 25.26 28.84
CA ASN I 232 -72.35 26.05 29.92
C ASN I 232 -70.98 26.58 29.53
N GLN J 1 -19.59 -35.11 -35.81
CA GLN J 1 -20.90 -34.69 -36.27
C GLN J 1 -20.96 -33.18 -36.47
N MET J 2 -22.17 -32.63 -36.38
CA MET J 2 -22.39 -31.19 -36.51
C MET J 2 -23.34 -30.74 -35.42
N VAL J 3 -23.20 -29.46 -35.04
CA VAL J 3 -24.07 -28.85 -34.04
C VAL J 3 -25.23 -28.19 -34.77
N HIS J 4 -26.45 -28.69 -34.52
CA HIS J 4 -27.62 -28.18 -35.21
C HIS J 4 -28.02 -26.81 -34.69
N GLN J 5 -27.65 -26.47 -33.46
CA GLN J 5 -28.06 -25.22 -32.83
C GLN J 5 -26.92 -24.21 -32.79
N ALA J 6 -26.02 -24.25 -33.75
CA ALA J 6 -24.99 -23.22 -33.85
C ALA J 6 -25.66 -21.87 -34.10
N ILE J 7 -25.12 -20.83 -33.46
CA ILE J 7 -25.76 -19.53 -33.55
C ILE J 7 -25.74 -19.02 -34.99
N SER J 8 -26.88 -18.51 -35.43
CA SER J 8 -27.05 -17.93 -36.76
C SER J 8 -26.60 -16.49 -36.75
N PRO J 9 -26.41 -15.89 -37.94
CA PRO J 9 -26.05 -14.45 -37.97
C PRO J 9 -27.03 -13.57 -37.21
N ARG J 10 -28.33 -13.84 -37.35
CA ARG J 10 -29.32 -13.02 -36.68
C ARG J 10 -29.29 -13.23 -35.17
N THR J 11 -28.97 -14.43 -34.72
CA THR J 11 -28.84 -14.68 -33.28
C THR J 11 -27.71 -13.85 -32.69
N LEU J 12 -26.54 -13.86 -33.34
CA LEU J 12 -25.41 -13.08 -32.88
C LEU J 12 -25.73 -11.59 -32.90
N ASN J 13 -26.35 -11.11 -33.99
CA ASN J 13 -26.69 -9.70 -34.05
C ASN J 13 -27.70 -9.32 -32.98
N ALA J 14 -28.67 -10.19 -32.70
CA ALA J 14 -29.65 -9.91 -31.67
C ALA J 14 -28.97 -9.82 -30.30
N TRP J 15 -28.02 -10.71 -30.03
CA TRP J 15 -27.31 -10.64 -28.76
C TRP J 15 -26.52 -9.34 -28.65
N VAL J 16 -25.86 -8.94 -29.73
CA VAL J 16 -25.11 -7.68 -29.73
C VAL J 16 -26.05 -6.51 -29.46
N LYS J 17 -27.21 -6.49 -30.11
CA LYS J 17 -28.15 -5.40 -29.90
C LYS J 17 -28.72 -5.41 -28.50
N VAL J 18 -28.94 -6.59 -27.93
CA VAL J 18 -29.41 -6.69 -26.55
C VAL J 18 -28.40 -6.03 -25.62
N VAL J 19 -27.12 -6.34 -25.79
CA VAL J 19 -26.10 -5.76 -24.92
C VAL J 19 -26.02 -4.25 -25.12
N GLU J 20 -26.09 -3.80 -26.38
CA GLU J 20 -25.95 -2.37 -26.65
C GLU J 20 -27.15 -1.57 -26.13
N GLU J 21 -28.36 -2.15 -26.21
CA GLU J 21 -29.56 -1.40 -25.86
C GLU J 21 -29.86 -1.46 -24.38
N LYS J 22 -29.74 -2.64 -23.77
CA LYS J 22 -30.14 -2.82 -22.38
C LYS J 22 -28.99 -2.81 -21.40
N ALA J 23 -27.75 -2.83 -21.88
CA ALA J 23 -26.55 -2.93 -21.03
C ALA J 23 -26.70 -4.20 -20.21
N PHE J 24 -26.66 -4.13 -18.88
CA PHE J 24 -26.80 -5.34 -18.07
C PHE J 24 -27.98 -5.21 -17.11
N SER J 25 -29.12 -4.79 -17.64
CA SER J 25 -30.38 -4.88 -16.95
C SER J 25 -30.78 -6.35 -16.85
N PRO J 26 -31.70 -6.69 -15.96
CA PRO J 26 -32.08 -8.11 -15.80
C PRO J 26 -32.52 -8.76 -17.10
N GLU J 27 -33.09 -7.98 -18.03
CA GLU J 27 -33.54 -8.49 -19.31
C GLU J 27 -32.45 -9.25 -20.07
N VAL J 28 -31.18 -9.00 -19.75
CA VAL J 28 -30.10 -9.66 -20.47
C VAL J 28 -30.09 -11.15 -20.18
N ILE J 29 -30.50 -11.55 -18.97
CA ILE J 29 -30.42 -12.96 -18.59
C ILE J 29 -31.35 -13.84 -19.41
N PRO J 30 -32.65 -13.56 -19.54
CA PRO J 30 -33.47 -14.41 -20.42
C PRO J 30 -32.99 -14.40 -21.86
N MET J 31 -32.59 -13.23 -22.37
CA MET J 31 -32.15 -13.15 -23.75
C MET J 31 -30.97 -14.07 -24.02
N PHE J 32 -29.91 -13.95 -23.20
CA PHE J 32 -28.78 -14.85 -23.36
C PHE J 32 -29.21 -16.30 -23.21
N SER J 33 -30.17 -16.56 -22.34
CA SER J 33 -30.60 -17.94 -22.13
C SER J 33 -31.26 -18.49 -23.40
N ALA J 34 -31.92 -17.62 -24.15
CA ALA J 34 -32.68 -18.09 -25.31
C ALA J 34 -31.82 -18.10 -26.57
N LEU J 35 -31.00 -17.06 -26.74
CA LEU J 35 -30.16 -16.97 -27.93
C LEU J 35 -29.07 -18.03 -27.95
N SER J 36 -28.55 -18.37 -26.77
CA SER J 36 -27.39 -19.25 -26.68
C SER J 36 -27.75 -20.71 -26.51
N GLU J 37 -29.03 -21.06 -26.48
CA GLU J 37 -29.44 -22.42 -26.17
C GLU J 37 -28.99 -23.38 -27.27
N GLY J 38 -28.35 -24.47 -26.87
CA GLY J 38 -27.88 -25.48 -27.80
C GLY J 38 -26.54 -25.20 -28.43
N ALA J 39 -25.95 -24.03 -28.18
CA ALA J 39 -24.72 -23.65 -28.83
C ALA J 39 -23.51 -24.25 -28.12
N THR J 40 -22.42 -24.41 -28.87
CA THR J 40 -21.17 -24.88 -28.32
C THR J 40 -20.55 -23.79 -27.45
N PRO J 41 -19.62 -24.16 -26.57
CA PRO J 41 -18.91 -23.12 -25.79
C PRO J 41 -18.19 -22.12 -26.67
N GLN J 42 -17.78 -22.52 -27.86
CA GLN J 42 -17.15 -21.58 -28.79
C GLN J 42 -18.12 -20.46 -29.18
N ASP J 43 -19.38 -20.81 -29.47
CA ASP J 43 -20.37 -19.81 -29.81
C ASP J 43 -20.64 -18.88 -28.64
N LEU J 44 -20.74 -19.42 -27.43
CA LEU J 44 -20.95 -18.58 -26.26
C LEU J 44 -19.77 -17.63 -26.04
N ASN J 45 -18.56 -18.12 -26.28
CA ASN J 45 -17.40 -17.26 -26.16
C ASN J 45 -17.40 -16.17 -27.22
N THR J 46 -17.87 -16.48 -28.43
CA THR J 46 -18.06 -15.45 -29.44
C THR J 46 -19.03 -14.38 -28.95
N MET J 47 -20.17 -14.81 -28.41
CA MET J 47 -21.15 -13.86 -27.89
C MET J 47 -20.56 -12.99 -26.79
N LEU J 48 -19.77 -13.59 -25.90
CA LEU J 48 -19.18 -12.81 -24.82
C LEU J 48 -18.12 -11.85 -25.35
N ASN J 49 -17.41 -12.24 -26.41
CA ASN J 49 -16.42 -11.34 -27.01
C ASN J 49 -17.04 -10.19 -27.77
N THR J 50 -18.29 -10.33 -28.22
CA THR J 50 -18.95 -9.22 -28.89
C THR J 50 -19.40 -8.11 -27.95
N VAL J 51 -19.20 -8.26 -26.64
CA VAL J 51 -19.59 -7.21 -25.70
C VAL J 51 -18.53 -6.12 -25.71
N GLY J 52 -18.91 -4.93 -26.15
CA GLY J 52 -18.03 -3.78 -26.16
C GLY J 52 -18.31 -2.92 -24.93
N GLY J 53 -17.24 -2.43 -24.31
CA GLY J 53 -17.36 -1.72 -23.06
C GLY J 53 -17.67 -2.65 -21.92
N HIS J 54 -18.01 -2.04 -20.78
CA HIS J 54 -18.33 -2.79 -19.55
C HIS J 54 -17.22 -3.78 -19.20
N GLN J 55 -15.97 -3.30 -19.21
CA GLN J 55 -14.85 -4.19 -18.95
C GLN J 55 -14.90 -4.77 -17.55
N ALA J 56 -15.31 -3.97 -16.56
CA ALA J 56 -15.41 -4.46 -15.19
C ALA J 56 -16.45 -5.57 -15.08
N ALA J 57 -17.59 -5.41 -15.74
CA ALA J 57 -18.61 -6.45 -15.73
C ALA J 57 -18.08 -7.73 -16.38
N MET J 58 -17.35 -7.60 -17.48
N MET J 58 -17.35 -7.60 -17.47
CA MET J 58 -16.79 -8.77 -18.15
CA MET J 58 -16.80 -8.78 -18.14
C MET J 58 -15.75 -9.46 -17.27
C MET J 58 -15.75 -9.47 -17.28
N GLN J 59 -14.98 -8.69 -16.51
CA GLN J 59 -14.03 -9.30 -15.59
C GLN J 59 -14.75 -10.04 -14.46
N MET J 60 -15.85 -9.47 -13.96
CA MET J 60 -16.69 -10.18 -13.00
C MET J 60 -17.20 -11.50 -13.57
N LEU J 61 -17.66 -11.47 -14.81
CA LEU J 61 -18.15 -12.68 -15.47
C LEU J 61 -17.04 -13.71 -15.60
N LYS J 62 -15.84 -13.27 -15.96
CA LYS J 62 -14.72 -14.19 -16.07
C LYS J 62 -14.39 -14.83 -14.72
N GLU J 63 -14.40 -14.03 -13.65
CA GLU J 63 -14.16 -14.58 -12.32
C GLU J 63 -15.20 -15.63 -11.95
N THR J 64 -16.48 -15.34 -12.22
CA THR J 64 -17.53 -16.30 -11.93
C THR J 64 -17.35 -17.58 -12.72
N ILE J 65 -16.98 -17.46 -14.01
CA ILE J 65 -16.77 -18.65 -14.83
C ILE J 65 -15.61 -19.47 -14.27
N ASN J 66 -14.54 -18.80 -13.86
CA ASN J 66 -13.39 -19.53 -13.31
C ASN J 66 -13.77 -20.26 -12.02
N GLU J 67 -14.58 -19.62 -11.18
CA GLU J 67 -15.04 -20.29 -9.95
C GLU J 67 -15.89 -21.51 -10.28
N GLU J 68 -16.80 -21.39 -11.25
CA GLU J 68 -17.61 -22.54 -11.63
C GLU J 68 -16.78 -23.65 -12.27
N ALA J 69 -15.73 -23.29 -13.01
CA ALA J 69 -14.83 -24.29 -13.56
C ALA J 69 -14.07 -25.02 -12.46
N ALA J 70 -13.65 -24.28 -11.44
CA ALA J 70 -13.02 -24.91 -10.28
C ALA J 70 -13.98 -25.86 -9.59
N GLU J 71 -15.25 -25.47 -9.45
CA GLU J 71 -16.24 -26.35 -8.85
C GLU J 71 -16.43 -27.61 -9.68
N TRP J 72 -16.48 -27.47 -11.02
CA TRP J 72 -16.55 -28.63 -11.89
C TRP J 72 -15.36 -29.56 -11.69
N ASP J 73 -14.16 -28.99 -11.60
CA ASP J 73 -12.97 -29.81 -11.40
C ASP J 73 -13.02 -30.53 -10.05
N ARG J 74 -13.52 -29.85 -9.02
CA ARG J 74 -13.65 -30.46 -7.71
C ARG J 74 -14.61 -31.65 -7.75
N VAL J 75 -15.75 -31.49 -8.42
CA VAL J 75 -16.75 -32.55 -8.47
C VAL J 75 -16.35 -33.69 -9.39
N HIS J 76 -15.55 -33.44 -10.42
CA HIS J 76 -15.11 -34.48 -11.36
C HIS J 76 -13.65 -34.82 -11.11
N PRO J 77 -13.36 -35.97 -10.51
CA PRO J 77 -11.97 -36.34 -10.27
C PRO J 77 -11.25 -36.68 -11.56
N VAL J 78 -9.96 -36.32 -11.62
CA VAL J 78 -9.16 -36.63 -12.80
C VAL J 78 -8.88 -38.12 -12.85
N HIS J 79 -9.14 -38.71 -14.01
CA HIS J 79 -8.86 -40.12 -14.25
C HIS J 79 -7.54 -40.27 -14.98
N ALA J 80 -6.64 -41.07 -14.41
CA ALA J 80 -5.30 -41.27 -14.95
C ALA J 80 -5.21 -42.63 -15.61
N GLY J 81 -4.71 -42.64 -16.85
CA GLY J 81 -4.56 -43.86 -17.60
C GLY J 81 -4.71 -43.64 -19.09
N PRO J 82 -4.58 -44.71 -19.87
CA PRO J 82 -4.73 -44.60 -21.33
C PRO J 82 -6.20 -44.63 -21.72
N ILE J 83 -6.66 -43.55 -22.35
CA ILE J 83 -8.04 -43.48 -22.78
C ILE J 83 -8.27 -44.47 -23.92
N ALA J 84 -9.48 -45.05 -23.95
CA ALA J 84 -9.82 -45.98 -25.00
C ALA J 84 -9.83 -45.27 -26.35
N PRO J 85 -9.39 -45.93 -27.43
CA PRO J 85 -9.39 -45.26 -28.74
C PRO J 85 -10.75 -44.75 -29.17
N GLY J 86 -11.81 -45.52 -28.89
CA GLY J 86 -13.14 -45.04 -29.20
C GLY J 86 -13.55 -43.87 -28.32
N GLN J 87 -13.19 -43.91 -27.04
CA GLN J 87 -13.54 -42.87 -26.11
C GLN J 87 -12.62 -41.65 -26.30
N MET J 88 -13.05 -40.53 -25.72
CA MET J 88 -12.28 -39.30 -25.74
C MET J 88 -12.13 -38.80 -24.31
N ARG J 89 -11.21 -37.84 -24.13
CA ARG J 89 -10.90 -37.35 -22.79
C ARG J 89 -12.13 -36.71 -22.16
N GLU J 90 -12.26 -36.87 -20.85
CA GLU J 90 -13.35 -36.24 -20.14
C GLU J 90 -13.12 -34.74 -20.02
N PRO J 91 -14.16 -33.93 -20.16
CA PRO J 91 -13.97 -32.47 -20.09
C PRO J 91 -13.56 -32.03 -18.69
N ARG J 92 -12.75 -30.98 -18.65
CA ARG J 92 -12.45 -30.27 -17.42
C ARG J 92 -13.11 -28.91 -17.45
N GLY J 93 -12.98 -28.16 -16.36
CA GLY J 93 -13.64 -26.87 -16.27
C GLY J 93 -13.24 -25.93 -17.39
N SER J 94 -11.94 -25.88 -17.69
CA SER J 94 -11.47 -25.06 -18.81
C SER J 94 -11.99 -25.60 -20.14
N ASP J 95 -12.16 -26.91 -20.24
CA ASP J 95 -12.76 -27.49 -21.45
C ASP J 95 -14.22 -27.06 -21.61
N ILE J 96 -14.97 -27.03 -20.51
CA ILE J 96 -16.34 -26.53 -20.57
C ILE J 96 -16.36 -25.07 -20.98
N ALA J 97 -15.48 -24.26 -20.38
CA ALA J 97 -15.42 -22.85 -20.73
C ALA J 97 -14.82 -22.62 -22.11
N GLY J 98 -14.23 -23.64 -22.74
CA GLY J 98 -13.69 -23.53 -24.06
C GLY J 98 -12.30 -22.91 -24.15
N THR J 99 -11.62 -22.68 -23.03
CA THR J 99 -10.29 -22.11 -23.08
C THR J 99 -9.25 -23.14 -23.52
N THR J 100 -9.41 -24.39 -23.09
CA THR J 100 -8.45 -25.43 -23.41
C THR J 100 -9.02 -26.48 -24.36
N SER J 101 -10.18 -26.24 -24.95
CA SER J 101 -10.82 -27.20 -25.84
C SER J 101 -11.10 -26.57 -27.19
N THR J 102 -11.00 -27.40 -28.23
CA THR J 102 -11.32 -26.97 -29.58
C THR J 102 -12.80 -27.19 -29.86
N LEU J 103 -13.28 -26.56 -30.94
CA LEU J 103 -14.67 -26.71 -31.33
C LEU J 103 -15.00 -28.16 -31.62
N GLN J 104 -14.07 -28.90 -32.23
CA GLN J 104 -14.30 -30.30 -32.54
C GLN J 104 -14.47 -31.11 -31.26
N GLU J 105 -13.67 -30.83 -30.24
CA GLU J 105 -13.81 -31.54 -28.96
C GLU J 105 -15.16 -31.24 -28.31
N GLN J 106 -15.59 -29.98 -28.35
CA GLN J 106 -16.88 -29.61 -27.79
C GLN J 106 -18.01 -30.32 -28.52
N ILE J 107 -17.93 -30.37 -29.85
CA ILE J 107 -18.95 -31.07 -30.63
C ILE J 107 -18.95 -32.55 -30.31
N GLY J 108 -17.76 -33.14 -30.15
CA GLY J 108 -17.67 -34.54 -29.80
C GLY J 108 -18.29 -34.85 -28.45
N TRP J 109 -18.04 -33.99 -27.46
CA TRP J 109 -18.70 -34.16 -26.16
C TRP J 109 -20.20 -34.01 -26.28
N MET J 110 -20.66 -33.01 -27.04
CA MET J 110 -22.09 -32.74 -27.12
C MET J 110 -22.84 -33.81 -27.87
N THR J 111 -22.21 -34.42 -28.88
CA THR J 111 -22.88 -35.41 -29.72
C THR J 111 -22.51 -36.85 -29.36
N ASN J 112 -21.78 -37.05 -28.27
CA ASN J 112 -21.41 -38.40 -27.87
C ASN J 112 -22.60 -39.11 -27.23
N ASN J 113 -22.46 -40.42 -27.06
CA ASN J 113 -23.44 -41.23 -26.36
C ASN J 113 -22.76 -41.96 -25.22
N PRO J 114 -23.01 -41.61 -23.95
CA PRO J 114 -23.91 -40.55 -23.48
C PRO J 114 -23.36 -39.16 -23.73
N PRO J 115 -24.22 -38.17 -23.92
CA PRO J 115 -23.74 -36.82 -24.22
C PRO J 115 -23.39 -36.02 -22.98
N ILE J 116 -22.32 -35.24 -23.06
CA ILE J 116 -22.00 -34.24 -22.05
C ILE J 116 -22.34 -32.87 -22.63
N PRO J 117 -23.40 -32.22 -22.18
CA PRO J 117 -23.79 -30.93 -22.78
C PRO J 117 -22.93 -29.77 -22.27
N VAL J 118 -21.71 -29.71 -22.78
CA VAL J 118 -20.75 -28.70 -22.33
C VAL J 118 -21.28 -27.31 -22.59
N GLY J 119 -22.02 -27.13 -23.68
CA GLY J 119 -22.62 -25.84 -23.96
C GLY J 119 -23.59 -25.40 -22.89
N GLU J 120 -24.46 -26.30 -22.43
CA GLU J 120 -25.46 -25.94 -21.43
C GLU J 120 -24.81 -25.69 -20.07
N ILE J 121 -23.80 -26.48 -19.71
CA ILE J 121 -23.07 -26.27 -18.46
C ILE J 121 -22.39 -24.91 -18.47
N TYR J 122 -21.68 -24.60 -19.56
CA TYR J 122 -21.05 -23.30 -19.69
C TYR J 122 -22.09 -22.19 -19.68
N LYS J 123 -23.25 -22.44 -20.29
CA LYS J 123 -24.31 -21.43 -20.31
C LYS J 123 -24.78 -21.11 -18.90
N ARG J 124 -24.93 -22.14 -18.05
CA ARG J 124 -25.35 -21.86 -16.68
C ARG J 124 -24.28 -21.09 -15.92
N TRP J 125 -23.01 -21.42 -16.15
CA TRP J 125 -21.93 -20.64 -15.53
C TRP J 125 -22.00 -19.18 -15.96
N ILE J 126 -22.20 -18.94 -17.26
CA ILE J 126 -22.30 -17.58 -17.77
C ILE J 126 -23.51 -16.87 -17.17
N ILE J 127 -24.60 -17.60 -16.98
CA ILE J 127 -25.79 -17.01 -16.38
C ILE J 127 -25.51 -16.60 -14.94
N LEU J 128 -24.78 -17.43 -14.20
CA LEU J 128 -24.38 -17.03 -12.86
C LEU J 128 -23.58 -15.74 -12.88
N GLY J 129 -22.63 -15.65 -13.81
CA GLY J 129 -21.87 -14.42 -13.95
C GLY J 129 -22.73 -13.22 -14.30
N LEU J 130 -23.68 -13.42 -15.20
CA LEU J 130 -24.57 -12.33 -15.61
C LEU J 130 -25.46 -11.88 -14.46
N ASN J 131 -25.93 -12.83 -13.65
CA ASN J 131 -26.72 -12.48 -12.47
C ASN J 131 -25.88 -11.67 -11.49
N LYS J 132 -24.63 -12.06 -11.29
CA LYS J 132 -23.74 -11.27 -10.43
C LYS J 132 -23.54 -9.87 -10.99
N ILE J 133 -23.37 -9.75 -12.31
CA ILE J 133 -23.20 -8.43 -12.92
C ILE J 133 -24.44 -7.58 -12.73
N VAL J 134 -25.62 -8.17 -12.96
CA VAL J 134 -26.87 -7.43 -12.84
C VAL J 134 -27.05 -6.92 -11.41
N ARG J 135 -26.73 -7.75 -10.42
CA ARG J 135 -26.89 -7.33 -9.04
C ARG J 135 -25.85 -6.28 -8.64
N MET J 136 -24.59 -6.47 -9.05
CA MET J 136 -23.48 -5.73 -8.46
C MET J 136 -22.92 -4.62 -9.33
N TYR J 137 -22.90 -4.79 -10.65
CA TYR J 137 -22.21 -3.86 -11.53
C TYR J 137 -23.09 -2.67 -11.85
N SER J 138 -22.53 -1.48 -11.72
CA SER J 138 -23.19 -0.23 -12.10
C SER J 138 -22.34 0.47 -13.14
N PRO J 139 -22.79 0.59 -14.38
CA PRO J 139 -21.98 1.25 -15.41
C PRO J 139 -21.77 2.72 -15.11
N THR J 140 -20.62 3.24 -15.53
CA THR J 140 -20.35 4.66 -15.37
C THR J 140 -21.28 5.47 -16.27
N SER J 141 -21.77 6.58 -15.75
CA SER J 141 -22.67 7.46 -16.48
C SER J 141 -22.11 8.88 -16.46
N ILE J 142 -22.08 9.51 -17.63
CA ILE J 142 -21.65 10.91 -17.71
C ILE J 142 -22.60 11.80 -16.94
N LEU J 143 -23.85 11.37 -16.77
CA LEU J 143 -24.82 12.15 -16.02
C LEU J 143 -24.53 12.17 -14.53
N ASP J 144 -23.71 11.24 -14.04
CA ASP J 144 -23.40 11.14 -12.61
C ASP J 144 -22.15 11.90 -12.21
N ILE J 145 -21.44 12.51 -13.16
CA ILE J 145 -20.18 13.19 -12.86
C ILE J 145 -20.51 14.61 -12.42
N ARG J 146 -20.41 14.86 -11.12
CA ARG J 146 -20.61 16.19 -10.56
C ARG J 146 -19.36 16.61 -9.81
N GLN J 147 -19.07 17.90 -9.85
CA GLN J 147 -17.94 18.44 -9.13
C GLN J 147 -18.20 18.39 -7.63
N GLY J 148 -17.22 17.90 -6.88
CA GLY J 148 -17.30 17.90 -5.43
C GLY J 148 -17.22 19.32 -4.89
N PRO J 149 -17.74 19.51 -3.68
CA PRO J 149 -17.74 20.87 -3.10
C PRO J 149 -16.37 21.49 -2.98
N LYS J 150 -15.34 20.69 -2.69
CA LYS J 150 -13.98 21.17 -2.59
C LYS J 150 -13.09 20.66 -3.72
N GLU J 151 -13.68 20.05 -4.74
CA GLU J 151 -12.90 19.46 -5.81
C GLU J 151 -12.39 20.56 -6.75
N PRO J 152 -11.10 20.55 -7.11
CA PRO J 152 -10.62 21.50 -8.12
C PRO J 152 -11.32 21.28 -9.45
N PHE J 153 -11.55 22.37 -10.16
CA PHE J 153 -12.27 22.29 -11.43
C PHE J 153 -11.50 21.47 -12.46
N ARG J 154 -10.16 21.52 -12.41
CA ARG J 154 -9.35 20.72 -13.31
C ARG J 154 -9.57 19.22 -13.11
N ASP J 155 -9.60 18.77 -11.85
CA ASP J 155 -9.83 17.36 -11.59
C ASP J 155 -11.22 16.94 -12.03
N TYR J 156 -12.22 17.80 -11.80
CA TYR J 156 -13.57 17.51 -12.24
C TYR J 156 -13.66 17.40 -13.75
N VAL J 157 -12.97 18.29 -14.48
CA VAL J 157 -12.97 18.23 -15.93
C VAL J 157 -12.29 16.96 -16.41
N ASP J 158 -11.21 16.56 -15.74
CA ASP J 158 -10.54 15.30 -16.09
C ASP J 158 -11.46 14.11 -15.91
N ARG J 159 -12.16 14.04 -14.78
CA ARG J 159 -13.10 12.95 -14.56
C ARG J 159 -14.21 12.97 -15.58
N PHE J 160 -14.72 14.16 -15.89
CA PHE J 160 -15.79 14.30 -16.87
C PHE J 160 -15.35 13.74 -18.22
N TYR J 161 -14.15 14.10 -18.67
CA TYR J 161 -13.74 13.68 -20.01
C TYR J 161 -13.37 12.21 -20.04
N LYS J 162 -12.85 11.67 -18.93
CA LYS J 162 -12.64 10.23 -18.86
C LYS J 162 -13.96 9.48 -18.98
N THR J 163 -14.97 9.88 -18.21
CA THR J 163 -16.28 9.24 -18.28
C THR J 163 -16.90 9.41 -19.66
N LEU J 164 -16.73 10.59 -20.27
CA LEU J 164 -17.27 10.83 -21.60
C LEU J 164 -16.62 9.93 -22.64
N ARG J 165 -15.31 9.72 -22.52
CA ARG J 165 -14.63 8.77 -23.40
C ARG J 165 -15.20 7.37 -23.22
N ALA J 166 -15.50 6.98 -21.98
CA ALA J 166 -16.09 5.68 -21.76
C ALA J 166 -17.59 5.62 -22.09
N GLU J 167 -18.22 6.76 -22.36
CA GLU J 167 -19.65 6.80 -22.57
C GLU J 167 -20.02 6.21 -23.93
N GLN J 168 -21.14 5.48 -23.97
N GLN J 168 -21.16 5.51 -23.98
CA GLN J 168 -21.67 4.94 -25.21
CA GLN J 168 -21.66 4.93 -25.22
C GLN J 168 -22.55 6.00 -25.85
C GLN J 168 -22.57 5.95 -25.90
N ALA J 169 -22.02 6.67 -26.87
CA ALA J 169 -22.77 7.71 -27.56
C ALA J 169 -22.06 8.04 -28.86
N SER J 170 -22.80 8.69 -29.75
CA SER J 170 -22.18 9.24 -30.95
C SER J 170 -21.32 10.44 -30.59
N GLN J 171 -20.39 10.77 -31.48
CA GLN J 171 -19.49 11.89 -31.22
C GLN J 171 -20.25 13.21 -31.13
N GLU J 172 -21.28 13.36 -31.95
CA GLU J 172 -22.12 14.56 -31.86
C GLU J 172 -22.83 14.64 -30.52
N VAL J 173 -23.34 13.49 -30.04
CA VAL J 173 -24.00 13.46 -28.74
C VAL J 173 -23.01 13.77 -27.63
N LYS J 174 -21.78 13.26 -27.75
CA LYS J 174 -20.76 13.56 -26.76
C LYS J 174 -20.39 15.03 -26.75
N ASN J 175 -20.34 15.66 -27.93
CA ASN J 175 -20.09 17.10 -27.99
C ASN J 175 -21.22 17.86 -27.32
N TRP J 176 -22.46 17.45 -27.57
CA TRP J 176 -23.60 18.10 -26.91
C TRP J 176 -23.55 17.90 -25.40
N MET J 177 -23.14 16.72 -24.94
CA MET J 177 -22.95 16.49 -23.51
C MET J 177 -21.89 17.41 -22.95
N THR J 178 -20.78 17.59 -23.65
CA THR J 178 -19.76 18.51 -23.18
C THR J 178 -20.31 19.92 -23.08
N GLU J 179 -21.09 20.34 -24.06
CA GLU J 179 -21.61 21.70 -24.08
C GLU J 179 -22.67 21.93 -23.01
N THR J 180 -23.34 20.86 -22.57
CA THR J 180 -24.45 21.02 -21.62
C THR J 180 -24.08 20.66 -20.18
N LEU J 181 -23.48 19.49 -19.96
CA LEU J 181 -23.41 18.91 -18.62
C LEU J 181 -22.22 19.43 -17.82
N LEU J 182 -21.12 19.78 -18.49
CA LEU J 182 -19.89 20.10 -17.77
C LEU J 182 -20.07 21.33 -16.89
N VAL J 183 -20.57 22.42 -17.45
CA VAL J 183 -20.81 23.62 -16.64
C VAL J 183 -21.97 23.40 -15.68
N GLN J 184 -23.00 22.68 -16.13
CA GLN J 184 -24.18 22.48 -15.31
C GLN J 184 -23.86 21.71 -14.04
N ASN J 185 -22.99 20.71 -14.13
CA ASN J 185 -22.70 19.83 -13.02
C ASN J 185 -21.48 20.26 -12.23
N ALA J 186 -20.98 21.47 -12.46
CA ALA J 186 -19.93 22.02 -11.62
C ALA J 186 -20.53 22.47 -10.28
N ASN J 187 -19.67 22.60 -9.28
CA ASN J 187 -20.13 23.03 -7.98
C ASN J 187 -20.48 24.51 -8.02
N PRO J 188 -21.29 24.99 -7.06
CA PRO J 188 -21.79 26.38 -7.14
C PRO J 188 -20.69 27.43 -7.22
N ASP J 189 -19.59 27.22 -6.50
CA ASP J 189 -18.49 28.19 -6.51
C ASP J 189 -17.91 28.35 -7.90
N CYS J 190 -17.69 27.24 -8.60
CA CYS J 190 -17.20 27.31 -9.96
C CYS J 190 -18.30 27.74 -10.93
N LYS J 191 -19.54 27.33 -10.68
CA LYS J 191 -20.62 27.67 -11.59
C LYS J 191 -20.86 29.17 -11.64
N THR J 192 -20.75 29.86 -10.51
CA THR J 192 -20.90 31.31 -10.51
C THR J 192 -19.92 31.95 -11.47
N ILE J 193 -18.65 31.57 -11.37
CA ILE J 193 -17.61 32.10 -12.24
C ILE J 193 -17.87 31.73 -13.69
N LEU J 194 -18.28 30.48 -13.94
CA LEU J 194 -18.49 30.04 -15.31
C LEU J 194 -19.64 30.78 -15.97
N LYS J 195 -20.72 31.02 -15.23
CA LYS J 195 -21.82 31.81 -15.79
C LYS J 195 -21.41 33.26 -16.00
N ALA J 196 -20.63 33.82 -15.08
CA ALA J 196 -20.12 35.18 -15.30
C ALA J 196 -19.20 35.23 -16.52
N LEU J 197 -18.61 34.10 -16.90
CA LEU J 197 -17.70 34.08 -18.03
C LEU J 197 -18.45 34.25 -19.36
N GLY J 198 -19.62 33.67 -19.48
CA GLY J 198 -20.39 33.77 -20.70
C GLY J 198 -20.51 32.45 -21.44
N PRO J 199 -21.46 32.38 -22.37
CA PRO J 199 -21.66 31.12 -23.10
C PRO J 199 -20.56 30.80 -24.09
N ALA J 200 -19.82 31.81 -24.56
CA ALA J 200 -18.81 31.59 -25.60
C ALA J 200 -17.45 31.18 -25.06
N ALA J 201 -17.32 31.01 -23.74
CA ALA J 201 -16.03 30.69 -23.16
C ALA J 201 -15.56 29.30 -23.59
N THR J 202 -14.27 29.19 -23.89
CA THR J 202 -13.67 27.92 -24.22
C THR J 202 -13.32 27.15 -22.95
N LEU J 203 -12.89 25.90 -23.13
CA LEU J 203 -12.51 25.08 -21.98
C LEU J 203 -11.29 25.65 -21.28
N GLU J 204 -10.32 26.17 -22.04
CA GLU J 204 -9.14 26.76 -21.43
C GLU J 204 -9.49 28.00 -20.62
N GLU J 205 -10.36 28.85 -21.17
CA GLU J 205 -10.80 30.04 -20.44
C GLU J 205 -11.57 29.65 -19.19
N MET J 206 -12.44 28.66 -19.30
CA MET J 206 -13.19 28.17 -18.14
C MET J 206 -12.25 27.62 -17.07
N MET J 207 -11.19 26.94 -17.50
CA MET J 207 -10.28 26.29 -16.59
C MET J 207 -9.40 27.31 -15.88
N THR J 208 -8.98 28.34 -16.61
CA THR J 208 -8.23 29.44 -16.00
C THR J 208 -9.10 30.23 -15.03
N ALA J 209 -10.37 30.45 -15.39
CA ALA J 209 -11.25 31.25 -14.55
C ALA J 209 -11.51 30.60 -13.20
N CYS J 210 -11.53 29.26 -13.15
CA CYS J 210 -11.80 28.54 -11.92
C CYS J 210 -10.53 28.02 -11.27
N GLN J 211 -9.36 28.43 -11.76
CA GLN J 211 -8.11 27.87 -11.25
C GLN J 211 -7.85 28.29 -9.80
N GLY J 212 -8.43 29.40 -9.37
CA GLY J 212 -8.22 29.88 -8.03
C GLY J 212 -9.28 29.55 -7.01
N VAL J 213 -10.32 28.80 -7.38
CA VAL J 213 -11.41 28.52 -6.47
C VAL J 213 -10.91 27.60 -5.36
N GLY J 214 -11.00 28.06 -4.12
CA GLY J 214 -10.44 27.36 -2.99
C GLY J 214 -9.11 27.88 -2.52
N GLY J 215 -8.42 28.67 -3.33
CA GLY J 215 -7.20 29.30 -2.91
C GLY J 215 -7.46 30.45 -1.96
N PRO J 216 -6.38 30.96 -1.38
CA PRO J 216 -6.54 32.02 -0.37
C PRO J 216 -7.27 33.25 -0.87
N GLY J 217 -6.95 33.71 -2.08
CA GLY J 217 -7.57 34.93 -2.58
C GLY J 217 -9.06 34.78 -2.83
N HIS J 218 -9.46 33.67 -3.46
CA HIS J 218 -10.88 33.44 -3.71
C HIS J 218 -11.66 33.27 -2.42
N LYS J 219 -11.10 32.54 -1.45
CA LYS J 219 -11.74 32.38 -0.15
C LYS J 219 -11.93 33.74 0.52
N ALA J 220 -10.89 34.56 0.54
CA ALA J 220 -11.00 35.88 1.15
C ALA J 220 -12.02 36.73 0.42
N ARG J 221 -12.07 36.65 -0.91
N ARG J 221 -12.06 36.65 -0.91
CA ARG J 221 -12.99 37.48 -1.67
CA ARG J 221 -12.98 37.46 -1.69
C ARG J 221 -14.43 37.10 -1.40
C ARG J 221 -14.43 37.10 -1.40
N VAL J 222 -14.75 35.81 -1.39
CA VAL J 222 -16.13 35.40 -1.13
C VAL J 222 -16.52 35.70 0.30
N LEU J 223 -15.58 35.53 1.25
CA LEU J 223 -15.86 35.89 2.63
C LEU J 223 -16.13 37.38 2.77
N ALA J 224 -15.33 38.21 2.11
CA ALA J 224 -15.54 39.65 2.17
C ALA J 224 -16.86 40.04 1.52
N GLU J 225 -17.22 39.39 0.42
CA GLU J 225 -18.51 39.68 -0.21
C GLU J 225 -19.67 39.37 0.72
N ALA J 226 -19.62 38.21 1.38
CA ALA J 226 -20.67 37.85 2.33
C ALA J 226 -20.72 38.83 3.50
N MET J 227 -19.55 39.21 4.03
CA MET J 227 -19.52 40.16 5.13
C MET J 227 -20.05 41.52 4.72
N SER J 228 -19.76 41.94 3.48
CA SER J 228 -20.28 43.22 3.00
C SER J 228 -21.80 43.17 2.86
N GLN J 229 -22.33 42.06 2.35
CA GLN J 229 -23.78 41.91 2.31
C GLN J 229 -24.39 41.98 3.70
N VAL J 230 -23.72 41.39 4.69
CA VAL J 230 -24.22 41.43 6.05
C VAL J 230 -24.19 42.84 6.63
N ILE J 231 -23.08 43.56 6.42
CA ILE J 231 -22.95 44.91 6.99
C ILE J 231 -23.96 45.84 6.36
N ASN J 232 -24.22 45.69 5.07
CA ASN J 232 -25.22 46.50 4.39
C ASN J 232 -26.62 45.96 4.64
N GLN K 1 -5.60 -28.18 -43.67
CA GLN K 1 -4.71 -27.38 -42.83
C GLN K 1 -5.51 -26.49 -41.88
N MET K 2 -4.85 -25.44 -41.38
CA MET K 2 -5.49 -24.50 -40.47
C MET K 2 -5.09 -23.09 -40.86
N VAL K 3 -5.90 -22.12 -40.44
CA VAL K 3 -5.68 -20.71 -40.73
C VAL K 3 -5.02 -20.08 -39.52
N HIS K 4 -3.79 -19.60 -39.70
CA HIS K 4 -3.04 -19.03 -38.59
C HIS K 4 -3.55 -17.65 -38.23
N GLN K 5 -4.12 -16.93 -39.18
CA GLN K 5 -4.60 -15.57 -38.97
C GLN K 5 -6.09 -15.51 -38.69
N ALA K 6 -6.66 -16.57 -38.13
CA ALA K 6 -8.03 -16.50 -37.65
C ALA K 6 -8.14 -15.46 -36.55
N ILE K 7 -9.27 -14.77 -36.49
CA ILE K 7 -9.42 -13.65 -35.58
C ILE K 7 -9.45 -14.17 -34.14
N SER K 8 -8.75 -13.46 -33.27
CA SER K 8 -8.68 -13.76 -31.86
C SER K 8 -9.82 -13.07 -31.13
N PRO K 9 -10.07 -13.43 -29.86
CA PRO K 9 -11.11 -12.71 -29.09
C PRO K 9 -10.88 -11.21 -29.04
N ARG K 10 -9.63 -10.80 -28.88
CA ARG K 10 -9.33 -9.37 -28.78
C ARG K 10 -9.51 -8.67 -30.12
N THR K 11 -9.22 -9.36 -31.22
CA THR K 11 -9.44 -8.78 -32.54
C THR K 11 -10.91 -8.50 -32.77
N LEU K 12 -11.77 -9.48 -32.48
CA LEU K 12 -13.20 -9.29 -32.64
C LEU K 12 -13.73 -8.20 -31.73
N ASN K 13 -13.27 -8.17 -30.47
CA ASN K 13 -13.70 -7.11 -29.58
C ASN K 13 -13.24 -5.74 -30.05
N ALA K 14 -12.03 -5.66 -30.62
CA ALA K 14 -11.55 -4.40 -31.15
C ALA K 14 -12.40 -3.92 -32.31
N TRP K 15 -12.79 -4.84 -33.20
CA TRP K 15 -13.70 -4.47 -34.28
C TRP K 15 -15.03 -3.96 -33.74
N VAL K 16 -15.58 -4.66 -32.73
CA VAL K 16 -16.85 -4.24 -32.15
C VAL K 16 -16.73 -2.85 -31.55
N LYS K 17 -15.66 -2.60 -30.80
CA LYS K 17 -15.47 -1.28 -30.19
C LYS K 17 -15.28 -0.22 -31.25
N VAL K 18 -14.59 -0.55 -32.34
CA VAL K 18 -14.39 0.42 -33.42
C VAL K 18 -15.72 0.84 -34.00
N VAL K 19 -16.59 -0.13 -34.28
CA VAL K 19 -17.90 0.21 -34.83
C VAL K 19 -18.73 0.99 -33.83
N GLU K 20 -18.66 0.63 -32.55
CA GLU K 20 -19.49 1.30 -31.55
C GLU K 20 -19.03 2.73 -31.32
N GLU K 21 -17.72 2.97 -31.36
CA GLU K 21 -17.20 4.28 -31.01
C GLU K 21 -17.14 5.23 -32.19
N LYS K 22 -16.75 4.73 -33.37
CA LYS K 22 -16.54 5.58 -34.51
C LYS K 22 -17.69 5.55 -35.51
N ALA K 23 -18.67 4.66 -35.33
CA ALA K 23 -19.76 4.47 -36.28
C ALA K 23 -19.13 4.17 -37.63
N PHE K 24 -19.39 4.96 -38.67
CA PHE K 24 -18.77 4.70 -39.97
C PHE K 24 -18.00 5.93 -40.43
N SER K 25 -17.20 6.49 -39.55
CA SER K 25 -16.20 7.48 -39.91
C SER K 25 -15.13 6.79 -40.75
N PRO K 26 -14.34 7.55 -41.51
CA PRO K 26 -13.35 6.91 -42.39
C PRO K 26 -12.38 5.99 -41.67
N GLU K 27 -12.11 6.25 -40.39
CA GLU K 27 -11.22 5.40 -39.60
C GLU K 27 -11.65 3.94 -39.62
N VAL K 28 -12.91 3.65 -39.95
CA VAL K 28 -13.37 2.26 -39.94
C VAL K 28 -12.69 1.46 -41.03
N ILE K 29 -12.27 2.10 -42.11
CA ILE K 29 -11.71 1.37 -43.24
C ILE K 29 -10.32 0.82 -42.90
N PRO K 30 -9.37 1.64 -42.39
CA PRO K 30 -8.09 1.05 -41.98
C PRO K 30 -8.25 -0.02 -40.91
N MET K 31 -9.05 0.24 -39.88
CA MET K 31 -9.20 -0.73 -38.80
C MET K 31 -9.67 -2.07 -39.33
N PHE K 32 -10.77 -2.08 -40.09
CA PHE K 32 -11.24 -3.33 -40.67
C PHE K 32 -10.18 -3.96 -41.55
N SER K 33 -9.40 -3.15 -42.27
CA SER K 33 -8.37 -3.69 -43.12
C SER K 33 -7.29 -4.38 -42.29
N ALA K 34 -6.98 -3.82 -41.13
CA ALA K 34 -5.88 -4.35 -40.33
C ALA K 34 -6.35 -5.49 -39.43
N LEU K 35 -7.56 -5.38 -38.91
CA LEU K 35 -8.06 -6.38 -37.98
C LEU K 35 -8.42 -7.68 -38.67
N SER K 36 -8.68 -7.63 -39.97
CA SER K 36 -9.23 -8.79 -40.67
C SER K 36 -8.25 -9.41 -41.65
N GLU K 37 -6.97 -9.05 -41.59
CA GLU K 37 -6.02 -9.55 -42.56
C GLU K 37 -5.74 -11.04 -42.33
N GLY K 38 -5.82 -11.81 -43.40
CA GLY K 38 -5.57 -13.24 -43.34
C GLY K 38 -6.70 -14.08 -42.80
N ALA K 39 -7.83 -13.47 -42.45
CA ALA K 39 -8.95 -14.22 -41.91
C ALA K 39 -9.77 -14.87 -43.01
N THR K 40 -10.49 -15.92 -42.64
CA THR K 40 -11.40 -16.58 -43.56
C THR K 40 -12.62 -15.70 -43.81
N PRO K 41 -13.34 -15.95 -44.91
CA PRO K 41 -14.62 -15.24 -45.10
C PRO K 41 -15.61 -15.45 -43.96
N GLN K 42 -15.55 -16.61 -43.28
CA GLN K 42 -16.42 -16.83 -42.13
C GLN K 42 -16.13 -15.84 -41.00
N ASP K 43 -14.85 -15.59 -40.73
CA ASP K 43 -14.49 -14.60 -39.71
C ASP K 43 -14.93 -13.20 -40.14
N LEU K 44 -14.79 -12.88 -41.42
CA LEU K 44 -15.26 -11.60 -41.92
C LEU K 44 -16.76 -11.46 -41.72
N ASN K 45 -17.51 -12.52 -41.99
CA ASN K 45 -18.95 -12.50 -41.81
C ASN K 45 -19.30 -12.34 -40.33
N THR K 46 -18.55 -13.00 -39.45
CA THR K 46 -18.77 -12.80 -38.02
C THR K 46 -18.58 -11.33 -37.64
N MET K 47 -17.48 -10.73 -38.12
CA MET K 47 -17.22 -9.32 -37.82
C MET K 47 -18.35 -8.43 -38.33
N LEU K 48 -18.83 -8.71 -39.54
CA LEU K 48 -19.94 -7.93 -40.09
C LEU K 48 -21.21 -8.12 -39.26
N ASN K 49 -21.46 -9.34 -38.79
CA ASN K 49 -22.66 -9.62 -38.01
C ASN K 49 -22.62 -9.01 -36.62
N THR K 50 -21.44 -8.68 -36.09
CA THR K 50 -21.40 -8.02 -34.80
C THR K 50 -21.69 -6.52 -34.85
N VAL K 51 -22.10 -6.00 -36.00
CA VAL K 51 -22.42 -4.58 -36.12
C VAL K 51 -23.86 -4.36 -35.68
N GLY K 52 -24.05 -3.59 -34.61
CA GLY K 52 -25.37 -3.29 -34.08
C GLY K 52 -25.84 -1.94 -34.57
N GLY K 53 -27.06 -1.90 -35.07
CA GLY K 53 -27.59 -0.70 -35.67
C GLY K 53 -27.07 -0.49 -37.07
N HIS K 54 -27.32 0.70 -37.60
CA HIS K 54 -26.90 1.09 -38.94
C HIS K 54 -27.35 0.07 -39.99
N GLN K 55 -28.63 -0.33 -39.91
CA GLN K 55 -29.13 -1.38 -40.79
C GLN K 55 -29.08 -0.96 -42.25
N ALA K 56 -29.36 0.32 -42.53
CA ALA K 56 -29.25 0.80 -43.91
C ALA K 56 -27.82 0.71 -44.42
N ALA K 57 -26.85 1.03 -43.57
CA ALA K 57 -25.45 0.89 -43.95
C ALA K 57 -25.11 -0.56 -44.28
N MET K 58 -25.59 -1.49 -43.46
CA MET K 58 -25.30 -2.90 -43.71
C MET K 58 -25.99 -3.39 -44.98
N GLN K 59 -27.19 -2.87 -45.27
CA GLN K 59 -27.84 -3.20 -46.55
C GLN K 59 -27.03 -2.69 -47.72
N MET K 60 -26.49 -1.47 -47.61
N MET K 60 -26.48 -1.47 -47.60
CA MET K 60 -25.60 -0.95 -48.63
CA MET K 60 -25.61 -0.96 -48.65
C MET K 60 -24.39 -1.85 -48.81
C MET K 60 -24.37 -1.84 -48.82
N LEU K 61 -23.79 -2.28 -47.71
CA LEU K 61 -22.63 -3.16 -47.77
C LEU K 61 -22.98 -4.48 -48.46
N LYS K 62 -24.15 -5.03 -48.15
CA LYS K 62 -24.57 -6.27 -48.79
C LYS K 62 -24.79 -6.08 -50.28
N GLU K 63 -25.38 -4.96 -50.69
CA GLU K 63 -25.53 -4.69 -52.11
C GLU K 63 -24.19 -4.59 -52.82
N THR K 64 -23.24 -3.90 -52.19
CA THR K 64 -21.90 -3.80 -52.77
C THR K 64 -21.25 -5.16 -52.90
N ILE K 65 -21.38 -6.01 -51.86
CA ILE K 65 -20.78 -7.33 -51.89
C ILE K 65 -21.42 -8.19 -52.99
N ASN K 66 -22.74 -8.09 -53.14
CA ASN K 66 -23.41 -8.86 -54.18
C ASN K 66 -22.95 -8.42 -55.57
N GLU K 67 -22.78 -7.12 -55.76
CA GLU K 67 -22.31 -6.66 -57.06
C GLU K 67 -20.88 -7.09 -57.33
N GLU K 68 -20.02 -7.08 -56.31
CA GLU K 68 -18.66 -7.58 -56.48
C GLU K 68 -18.64 -9.08 -56.76
N ALA K 69 -19.54 -9.83 -56.14
CA ALA K 69 -19.64 -11.26 -56.43
C ALA K 69 -20.11 -11.50 -57.86
N ALA K 70 -21.04 -10.69 -58.34
CA ALA K 70 -21.45 -10.77 -59.74
C ALA K 70 -20.29 -10.48 -60.67
N GLU K 71 -19.47 -9.48 -60.32
CA GLU K 71 -18.28 -9.19 -61.12
C GLU K 71 -17.31 -10.36 -61.12
N TRP K 72 -17.10 -10.99 -59.96
CA TRP K 72 -16.25 -12.17 -59.89
C TRP K 72 -16.78 -13.28 -60.78
N ASP K 73 -18.09 -13.51 -60.75
CA ASP K 73 -18.68 -14.56 -61.57
C ASP K 73 -18.53 -14.24 -63.05
N ARG K 74 -18.64 -12.96 -63.42
CA ARG K 74 -18.42 -12.57 -64.81
C ARG K 74 -16.98 -12.84 -65.23
N VAL K 75 -16.02 -12.49 -64.37
CA VAL K 75 -14.62 -12.67 -64.73
C VAL K 75 -14.23 -14.13 -64.77
N HIS K 76 -14.70 -14.92 -63.80
CA HIS K 76 -14.37 -16.35 -63.76
C HIS K 76 -15.51 -17.13 -64.38
N PRO K 77 -15.34 -17.70 -65.58
CA PRO K 77 -16.43 -18.46 -66.19
C PRO K 77 -16.54 -19.84 -65.55
N VAL K 78 -17.79 -20.24 -65.27
CA VAL K 78 -18.02 -21.58 -64.71
C VAL K 78 -17.65 -22.62 -65.75
N HIS K 79 -16.87 -23.60 -65.33
CA HIS K 79 -16.36 -24.64 -66.21
C HIS K 79 -17.18 -25.92 -66.00
N ALA K 80 -17.71 -26.47 -67.09
CA ALA K 80 -18.49 -27.69 -67.02
C ALA K 80 -17.57 -28.89 -67.09
N GLY K 81 -17.77 -29.84 -66.18
CA GLY K 81 -16.97 -31.03 -66.12
C GLY K 81 -16.68 -31.45 -64.69
N PRO K 82 -16.55 -32.76 -64.45
CA PRO K 82 -16.28 -33.24 -63.10
C PRO K 82 -14.93 -32.74 -62.60
N ILE K 83 -14.89 -32.32 -61.34
CA ILE K 83 -13.64 -31.85 -60.75
C ILE K 83 -12.75 -33.05 -60.44
N ALA K 84 -11.44 -32.83 -60.49
CA ALA K 84 -10.50 -33.89 -60.19
C ALA K 84 -10.65 -34.31 -58.73
N PRO K 85 -10.46 -35.59 -58.40
CA PRO K 85 -10.60 -36.02 -57.01
C PRO K 85 -9.61 -35.34 -56.07
N GLY K 86 -8.40 -35.04 -56.55
CA GLY K 86 -7.46 -34.31 -55.73
C GLY K 86 -7.70 -32.81 -55.74
N GLN K 87 -8.52 -32.35 -56.69
CA GLN K 87 -8.84 -30.94 -56.79
C GLN K 87 -10.20 -30.65 -56.15
N MET K 88 -10.46 -29.36 -55.92
CA MET K 88 -11.72 -28.91 -55.39
C MET K 88 -12.39 -27.96 -56.36
N ARG K 89 -13.68 -27.72 -56.13
CA ARG K 89 -14.43 -26.81 -56.99
C ARG K 89 -13.86 -25.40 -56.90
N GLU K 90 -13.85 -24.71 -58.04
CA GLU K 90 -13.39 -23.33 -58.06
C GLU K 90 -14.43 -22.43 -57.39
N PRO K 91 -14.01 -21.47 -56.57
CA PRO K 91 -14.98 -20.65 -55.84
C PRO K 91 -15.79 -19.77 -56.78
N ARG K 92 -17.07 -19.61 -56.45
CA ARG K 92 -17.92 -18.60 -57.05
C ARG K 92 -17.94 -17.36 -56.17
N GLY K 93 -18.65 -16.33 -56.63
CA GLY K 93 -18.75 -15.11 -55.85
C GLY K 93 -19.40 -15.34 -54.50
N SER K 94 -20.47 -16.14 -54.47
CA SER K 94 -21.11 -16.49 -53.22
C SER K 94 -20.18 -17.29 -52.32
N ASP K 95 -19.29 -18.10 -52.92
CA ASP K 95 -18.32 -18.84 -52.14
C ASP K 95 -17.34 -17.91 -51.44
N ILE K 96 -16.89 -16.86 -52.14
CA ILE K 96 -15.98 -15.90 -51.51
C ILE K 96 -16.71 -15.10 -50.45
N ALA K 97 -17.96 -14.70 -50.72
CA ALA K 97 -18.73 -13.99 -49.71
C ALA K 97 -19.06 -14.86 -48.51
N GLY K 98 -18.91 -16.17 -48.61
CA GLY K 98 -19.18 -17.06 -47.50
C GLY K 98 -20.60 -17.53 -47.39
N THR K 99 -21.48 -17.12 -48.31
CA THR K 99 -22.88 -17.55 -48.24
C THR K 99 -23.05 -19.01 -48.60
N THR K 100 -22.38 -19.47 -49.65
CA THR K 100 -22.54 -20.85 -50.13
C THR K 100 -21.30 -21.69 -49.92
N SER K 101 -20.40 -21.26 -49.04
CA SER K 101 -19.17 -22.00 -48.78
C SER K 101 -19.02 -22.25 -47.29
N THR K 102 -18.53 -23.43 -46.94
CA THR K 102 -18.26 -23.77 -45.55
C THR K 102 -16.86 -23.32 -45.16
N LEU K 103 -16.60 -23.30 -43.85
CA LEU K 103 -15.30 -22.92 -43.34
C LEU K 103 -14.21 -23.85 -43.87
N GLN K 104 -14.52 -25.15 -43.96
CA GLN K 104 -13.55 -26.10 -44.49
C GLN K 104 -13.19 -25.79 -45.94
N GLU K 105 -14.20 -25.46 -46.76
CA GLU K 105 -13.93 -25.11 -48.16
C GLU K 105 -13.10 -23.83 -48.25
N GLN K 106 -13.40 -22.85 -47.41
CA GLN K 106 -12.64 -21.61 -47.42
C GLN K 106 -11.17 -21.87 -47.06
N ILE K 107 -10.95 -22.68 -46.02
CA ILE K 107 -9.59 -23.01 -45.62
C ILE K 107 -8.89 -23.79 -46.72
N GLY K 108 -9.61 -24.69 -47.38
CA GLY K 108 -9.01 -25.44 -48.49
C GLY K 108 -8.59 -24.55 -49.64
N TRP K 109 -9.43 -23.57 -49.98
CA TRP K 109 -9.05 -22.61 -51.02
C TRP K 109 -7.85 -21.77 -50.59
N MET K 110 -7.84 -21.32 -49.33
CA MET K 110 -6.78 -20.42 -48.88
C MET K 110 -5.44 -21.15 -48.75
N THR K 111 -5.47 -22.44 -48.41
CA THR K 111 -4.26 -23.21 -48.19
C THR K 111 -3.94 -24.17 -49.32
N ASN K 112 -4.51 -23.97 -50.50
CA ASN K 112 -4.22 -24.83 -51.63
C ASN K 112 -2.97 -24.34 -52.37
N ASN K 113 -2.50 -25.16 -53.30
CA ASN K 113 -1.38 -24.81 -54.16
C ASN K 113 -1.83 -24.87 -55.62
N PRO K 114 -1.96 -23.74 -56.31
CA PRO K 114 -1.77 -22.35 -55.84
C PRO K 114 -2.92 -21.88 -54.96
N PRO K 115 -2.67 -21.00 -54.01
CA PRO K 115 -3.74 -20.54 -53.12
C PRO K 115 -4.69 -19.58 -53.82
N ILE K 116 -5.94 -19.61 -53.37
CA ILE K 116 -6.96 -18.63 -53.76
C ILE K 116 -7.33 -17.86 -52.50
N PRO K 117 -6.79 -16.67 -52.29
CA PRO K 117 -7.03 -15.94 -51.03
C PRO K 117 -8.45 -15.36 -50.97
N VAL K 118 -9.41 -16.24 -50.72
CA VAL K 118 -10.81 -15.83 -50.72
C VAL K 118 -11.07 -14.82 -49.63
N GLY K 119 -10.38 -14.96 -48.49
CA GLY K 119 -10.51 -13.97 -47.43
C GLY K 119 -10.11 -12.58 -47.87
N GLU K 120 -9.02 -12.46 -48.63
CA GLU K 120 -8.57 -11.13 -49.06
C GLU K 120 -9.48 -10.54 -50.13
N ILE K 121 -9.97 -11.38 -51.05
CA ILE K 121 -10.93 -10.91 -52.05
C ILE K 121 -12.20 -10.40 -51.38
N TYR K 122 -12.71 -11.18 -50.43
CA TYR K 122 -13.90 -10.76 -49.69
C TYR K 122 -13.60 -9.49 -48.89
N LYS K 123 -12.38 -9.36 -48.37
CA LYS K 123 -12.01 -8.16 -47.64
C LYS K 123 -12.08 -6.95 -48.55
N ARG K 124 -11.58 -7.06 -49.79
CA ARG K 124 -11.65 -5.92 -50.68
C ARG K 124 -13.10 -5.57 -51.03
N TRP K 125 -13.94 -6.59 -51.22
CA TRP K 125 -15.36 -6.31 -51.44
C TRP K 125 -15.99 -5.56 -50.27
N ILE K 126 -15.69 -6.01 -49.05
CA ILE K 126 -16.23 -5.37 -47.87
C ILE K 126 -15.70 -3.96 -47.75
N ILE K 127 -14.44 -3.74 -48.14
CA ILE K 127 -13.86 -2.40 -48.08
C ILE K 127 -14.55 -1.47 -49.06
N LEU K 128 -14.88 -1.98 -50.25
CA LEU K 128 -15.67 -1.18 -51.19
C LEU K 128 -17.01 -0.80 -50.58
N GLY K 129 -17.68 -1.76 -49.95
CA GLY K 129 -18.94 -1.45 -49.30
C GLY K 129 -18.79 -0.43 -48.20
N LEU K 130 -17.75 -0.57 -47.37
CA LEU K 130 -17.52 0.37 -46.29
C LEU K 130 -17.21 1.77 -46.82
N ASN K 131 -16.45 1.85 -47.91
CA ASN K 131 -16.18 3.14 -48.54
C ASN K 131 -17.47 3.79 -49.02
N LYS K 132 -18.35 2.99 -49.64
CA LYS K 132 -19.65 3.53 -50.04
C LYS K 132 -20.44 4.03 -48.83
N ILE K 133 -20.39 3.27 -47.73
CA ILE K 133 -21.09 3.69 -46.52
C ILE K 133 -20.53 5.01 -46.00
N VAL K 134 -19.21 5.11 -45.92
CA VAL K 134 -18.59 6.31 -45.38
C VAL K 134 -18.93 7.52 -46.24
N ARG K 135 -19.00 7.32 -47.56
CA ARG K 135 -19.30 8.42 -48.45
C ARG K 135 -20.77 8.83 -48.39
N MET K 136 -21.69 7.86 -48.36
CA MET K 136 -23.09 8.14 -48.65
C MET K 136 -24.04 7.95 -47.48
N TYR K 137 -23.65 7.22 -46.44
CA TYR K 137 -24.54 6.91 -45.34
C TYR K 137 -24.37 7.93 -44.22
N SER K 138 -25.50 8.46 -43.73
CA SER K 138 -25.50 9.36 -42.59
C SER K 138 -26.40 8.79 -41.51
N PRO K 139 -25.86 8.43 -40.35
CA PRO K 139 -26.72 7.87 -39.29
C PRO K 139 -27.71 8.89 -38.77
N THR K 140 -28.86 8.39 -38.33
CA THR K 140 -29.86 9.27 -37.71
C THR K 140 -29.36 9.78 -36.37
N SER K 141 -29.66 11.04 -36.08
CA SER K 141 -29.25 11.67 -34.83
C SER K 141 -30.46 12.28 -34.15
N ILE K 142 -30.56 12.05 -32.84
CA ILE K 142 -31.62 12.69 -32.05
C ILE K 142 -31.45 14.20 -32.03
N LEU K 143 -30.20 14.67 -32.17
CA LEU K 143 -29.96 16.10 -32.20
C LEU K 143 -30.50 16.76 -33.46
N ASP K 144 -30.73 15.98 -34.51
CA ASP K 144 -31.19 16.52 -35.79
C ASP K 144 -32.69 16.54 -35.93
N ILE K 145 -33.43 16.07 -34.93
CA ILE K 145 -34.89 15.99 -35.01
C ILE K 145 -35.46 17.32 -34.52
N ARG K 146 -36.00 18.10 -35.44
CA ARG K 146 -36.54 19.42 -35.13
C ARG K 146 -37.92 19.55 -35.75
N GLN K 147 -38.83 20.19 -35.03
CA GLN K 147 -40.20 20.32 -35.52
C GLN K 147 -40.26 21.29 -36.68
N GLY K 148 -40.96 20.89 -37.74
CA GLY K 148 -41.16 21.74 -38.88
C GLY K 148 -42.05 22.92 -38.54
N PRO K 149 -41.98 23.99 -39.33
CA PRO K 149 -42.80 25.17 -39.04
C PRO K 149 -44.29 24.89 -39.04
N LYS K 150 -44.75 23.96 -39.87
CA LYS K 150 -46.17 23.63 -39.97
C LYS K 150 -46.46 22.21 -39.48
N GLU K 151 -45.47 21.53 -38.94
CA GLU K 151 -45.64 20.13 -38.57
C GLU K 151 -46.38 20.03 -37.25
N PRO K 152 -47.38 19.16 -37.17
CA PRO K 152 -48.10 18.97 -35.90
C PRO K 152 -47.17 18.48 -34.80
N PHE K 153 -47.46 18.87 -33.57
CA PHE K 153 -46.60 18.49 -32.45
C PHE K 153 -46.63 16.99 -32.21
N ARG K 154 -47.78 16.35 -32.45
CA ARG K 154 -47.85 14.89 -32.38
C ARG K 154 -46.89 14.22 -33.34
N ASP K 155 -46.86 14.66 -34.60
CA ASP K 155 -45.98 14.04 -35.59
C ASP K 155 -44.52 14.25 -35.22
N TYR K 156 -44.18 15.44 -34.74
CA TYR K 156 -42.81 15.70 -34.32
C TYR K 156 -42.43 14.84 -33.12
N VAL K 157 -43.35 14.66 -32.18
CA VAL K 157 -43.07 13.81 -31.02
C VAL K 157 -42.86 12.36 -31.46
N ASP K 158 -43.66 11.90 -32.42
CA ASP K 158 -43.51 10.55 -32.94
C ASP K 158 -42.13 10.37 -33.58
N ARG K 159 -41.73 11.33 -34.42
CA ARG K 159 -40.42 11.27 -35.05
C ARG K 159 -39.31 11.29 -34.01
N PHE K 160 -39.45 12.14 -32.99
CA PHE K 160 -38.45 12.24 -31.94
C PHE K 160 -38.30 10.91 -31.22
N TYR K 161 -39.41 10.26 -30.89
CA TYR K 161 -39.31 9.03 -30.10
C TYR K 161 -38.82 7.86 -30.95
N LYS K 162 -39.16 7.85 -32.24
CA LYS K 162 -38.59 6.84 -33.13
C LYS K 162 -37.07 7.00 -33.22
N THR K 163 -36.60 8.22 -33.44
CA THR K 163 -35.17 8.46 -33.50
C THR K 163 -34.48 8.14 -32.18
N LEU K 164 -35.14 8.44 -31.06
CA LEU K 164 -34.57 8.12 -29.75
C LEU K 164 -34.45 6.61 -29.57
N ARG K 165 -35.47 5.86 -30.00
CA ARG K 165 -35.36 4.41 -29.95
C ARG K 165 -34.19 3.92 -30.79
N ALA K 166 -33.95 4.54 -31.94
CA ALA K 166 -32.81 4.16 -32.76
C ALA K 166 -31.48 4.68 -32.23
N GLU K 167 -31.49 5.61 -31.28
CA GLU K 167 -30.26 6.23 -30.82
C GLU K 167 -29.41 5.27 -29.99
N GLN K 168 -28.09 5.37 -30.16
N GLN K 168 -28.10 5.35 -30.17
CA GLN K 168 -27.13 4.56 -29.41
CA GLN K 168 -27.14 4.54 -29.40
C GLN K 168 -26.80 5.31 -28.12
C GLN K 168 -26.81 5.30 -28.12
N ALA K 169 -27.50 4.97 -27.04
CA ALA K 169 -27.28 5.63 -25.77
C ALA K 169 -27.83 4.75 -24.66
N SER K 170 -27.41 5.06 -23.44
CA SER K 170 -27.97 4.41 -22.27
C SER K 170 -29.39 4.93 -22.02
N GLN K 171 -30.15 4.17 -21.22
CA GLN K 171 -31.53 4.55 -20.93
C GLN K 171 -31.59 5.87 -20.15
N GLU K 172 -30.67 6.06 -19.21
CA GLU K 172 -30.62 7.32 -18.48
C GLU K 172 -30.32 8.49 -19.41
N VAL K 173 -29.37 8.29 -20.34
CA VAL K 173 -29.06 9.33 -21.30
C VAL K 173 -30.27 9.61 -22.20
N LYS K 174 -30.97 8.55 -22.61
CA LYS K 174 -32.16 8.73 -23.45
C LYS K 174 -33.23 9.51 -22.70
N ASN K 175 -33.42 9.22 -21.41
CA ASN K 175 -34.37 9.98 -20.61
C ASN K 175 -33.96 11.45 -20.53
N TRP K 176 -32.67 11.71 -20.36
CA TRP K 176 -32.20 13.09 -20.31
C TRP K 176 -32.40 13.80 -21.65
N MET K 177 -32.18 13.09 -22.76
CA MET K 177 -32.47 13.67 -24.06
C MET K 177 -33.95 13.99 -24.22
N THR K 178 -34.82 13.10 -23.73
CA THR K 178 -36.24 13.41 -23.76
C THR K 178 -36.55 14.67 -22.94
N GLU K 179 -35.93 14.78 -21.77
CA GLU K 179 -36.22 15.93 -20.91
C GLU K 179 -35.64 17.22 -21.46
N THR K 180 -34.64 17.15 -22.33
CA THR K 180 -33.97 18.36 -22.80
C THR K 180 -34.31 18.75 -24.23
N LEU K 181 -34.21 17.82 -25.18
CA LEU K 181 -34.24 18.19 -26.60
C LEU K 181 -35.66 18.36 -27.13
N LEU K 182 -36.62 17.63 -26.56
CA LEU K 182 -37.95 17.57 -27.17
C LEU K 182 -38.62 18.94 -27.18
N VAL K 183 -38.64 19.62 -26.04
CA VAL K 183 -39.19 20.98 -26.00
C VAL K 183 -38.27 21.95 -26.72
N GLN K 184 -36.95 21.76 -26.58
CA GLN K 184 -36.00 22.69 -27.15
C GLN K 184 -36.10 22.76 -28.66
N ASN K 185 -36.25 21.61 -29.32
CA ASN K 185 -36.26 21.56 -30.77
C ASN K 185 -37.66 21.63 -31.36
N ALA K 186 -38.65 22.05 -30.57
CA ALA K 186 -39.97 22.32 -31.12
C ALA K 186 -39.98 23.69 -31.81
N ASN K 187 -40.92 23.86 -32.74
CA ASN K 187 -41.02 25.10 -33.46
C ASN K 187 -41.51 26.21 -32.53
N PRO K 188 -41.27 27.48 -32.88
CA PRO K 188 -41.62 28.56 -31.95
C PRO K 188 -43.09 28.57 -31.54
N ASP K 189 -43.99 28.27 -32.46
CA ASP K 189 -45.41 28.31 -32.16
C ASP K 189 -45.77 27.31 -31.06
N CYS K 190 -45.22 26.10 -31.13
CA CYS K 190 -45.43 25.14 -30.06
C CYS K 190 -44.58 25.47 -28.85
N LYS K 191 -43.39 26.04 -29.07
CA LYS K 191 -42.43 26.23 -27.99
C LYS K 191 -42.91 27.28 -27.00
N THR K 192 -43.58 28.33 -27.47
CA THR K 192 -44.10 29.32 -26.53
C THR K 192 -45.15 28.72 -25.62
N ILE K 193 -46.05 27.90 -26.18
CA ILE K 193 -47.06 27.22 -25.37
C ILE K 193 -46.40 26.27 -24.38
N LEU K 194 -45.39 25.52 -24.85
CA LEU K 194 -44.71 24.56 -23.99
C LEU K 194 -44.03 25.27 -22.82
N LYS K 195 -43.40 26.41 -23.07
CA LYS K 195 -42.81 27.19 -21.99
C LYS K 195 -43.87 27.71 -21.04
N ALA K 196 -45.02 28.14 -21.58
CA ALA K 196 -46.10 28.62 -20.72
C ALA K 196 -46.63 27.51 -19.82
N LEU K 197 -46.54 26.25 -20.28
CA LEU K 197 -47.00 25.13 -19.45
C LEU K 197 -46.19 25.00 -18.17
N GLY K 198 -44.88 25.13 -18.27
CA GLY K 198 -44.02 24.97 -17.12
C GLY K 198 -43.20 23.70 -17.16
N PRO K 199 -42.17 23.62 -16.32
CA PRO K 199 -41.27 22.46 -16.36
C PRO K 199 -41.94 21.15 -15.98
N ALA K 200 -42.97 21.19 -15.13
CA ALA K 200 -43.57 19.97 -14.61
C ALA K 200 -44.53 19.31 -15.59
N ALA K 201 -44.80 19.92 -16.74
CA ALA K 201 -45.78 19.38 -17.66
C ALA K 201 -45.36 18.01 -18.17
N THR K 202 -46.32 17.08 -18.19
CA THR K 202 -46.10 15.76 -18.74
C THR K 202 -46.21 15.78 -20.26
N LEU K 203 -45.85 14.66 -20.89
CA LEU K 203 -45.91 14.57 -22.33
C LEU K 203 -47.34 14.70 -22.84
N GLU K 204 -48.29 14.10 -22.14
CA GLU K 204 -49.68 14.18 -22.56
C GLU K 204 -50.23 15.61 -22.42
N GLU K 205 -49.89 16.29 -21.32
CA GLU K 205 -50.29 17.68 -21.17
C GLU K 205 -49.66 18.56 -22.24
N MET K 206 -48.38 18.32 -22.52
CA MET K 206 -47.70 19.09 -23.56
C MET K 206 -48.35 18.87 -24.91
N MET K 207 -48.74 17.62 -25.19
CA MET K 207 -49.32 17.27 -26.48
C MET K 207 -50.75 17.78 -26.62
N THR K 208 -51.48 17.85 -25.50
CA THR K 208 -52.81 18.46 -25.53
C THR K 208 -52.72 19.97 -25.73
N ALA K 209 -51.74 20.61 -25.08
CA ALA K 209 -51.62 22.07 -25.18
C ALA K 209 -51.29 22.50 -26.60
N CYS K 210 -50.50 21.70 -27.31
CA CYS K 210 -50.10 22.03 -28.67
C CYS K 210 -51.02 21.42 -29.72
N GLN K 211 -52.11 20.78 -29.31
CA GLN K 211 -52.94 20.06 -30.26
C GLN K 211 -53.64 21.00 -31.23
N GLY K 212 -53.89 22.24 -30.82
CA GLY K 212 -54.58 23.18 -31.67
C GLY K 212 -53.70 24.11 -32.48
N VAL K 213 -52.38 23.98 -32.37
CA VAL K 213 -51.49 24.88 -33.09
C VAL K 213 -51.64 24.66 -34.59
N GLY K 214 -51.87 25.75 -35.32
CA GLY K 214 -52.12 25.68 -36.73
C GLY K 214 -53.59 25.53 -37.09
N GLY K 215 -54.46 25.30 -36.12
CA GLY K 215 -55.88 25.27 -36.36
C GLY K 215 -56.44 26.66 -36.46
N PRO K 216 -57.69 26.75 -36.92
CA PRO K 216 -58.31 28.07 -37.10
C PRO K 216 -58.32 28.92 -35.85
N GLY K 217 -58.60 28.31 -34.70
CA GLY K 217 -58.62 29.09 -33.46
C GLY K 217 -57.26 29.65 -33.10
N HIS K 218 -56.23 28.82 -33.18
CA HIS K 218 -54.88 29.28 -32.84
C HIS K 218 -54.39 30.34 -33.82
N LYS K 219 -54.65 30.14 -35.11
CA LYS K 219 -54.27 31.13 -36.11
C LYS K 219 -54.96 32.47 -35.83
N ALA K 220 -56.27 32.43 -35.58
CA ALA K 220 -57.01 33.64 -35.28
C ALA K 220 -56.47 34.32 -34.02
N ARG K 221 -56.15 33.53 -32.99
CA ARG K 221 -55.69 34.11 -31.74
C ARG K 221 -54.32 34.78 -31.90
N VAL K 222 -53.39 34.13 -32.59
CA VAL K 222 -52.06 34.73 -32.75
C VAL K 222 -52.14 35.96 -33.65
N LEU K 223 -52.95 35.90 -34.70
CA LEU K 223 -53.15 37.08 -35.54
C LEU K 223 -53.76 38.22 -34.73
N ALA K 224 -54.70 37.90 -33.84
CA ALA K 224 -55.31 38.92 -33.00
C ALA K 224 -54.30 39.55 -32.05
N GLU K 225 -53.42 38.74 -31.46
CA GLU K 225 -52.39 39.30 -30.59
C GLU K 225 -51.43 40.19 -31.37
N ALA K 226 -51.03 39.76 -32.56
CA ALA K 226 -50.14 40.57 -33.37
C ALA K 226 -50.78 41.90 -33.75
N MET K 227 -52.06 41.88 -34.14
CA MET K 227 -52.72 43.14 -34.48
C MET K 227 -53.02 43.98 -33.24
N SER K 228 -53.13 43.35 -32.07
CA SER K 228 -53.19 44.13 -30.83
C SER K 228 -51.91 44.89 -30.62
N GLN K 229 -50.77 44.25 -30.86
CA GLN K 229 -49.49 44.97 -30.79
C GLN K 229 -49.44 46.08 -31.83
N VAL K 230 -49.91 45.81 -33.05
CA VAL K 230 -49.79 46.81 -34.12
C VAL K 230 -50.67 48.02 -33.85
N ILE K 231 -51.96 47.79 -33.54
CA ILE K 231 -52.89 48.89 -33.33
C ILE K 231 -52.86 49.42 -31.90
N ASN K 232 -51.87 49.00 -31.10
CA ASN K 232 -51.72 49.50 -29.74
C ASN K 232 -51.44 51.00 -29.74
N GLN L 1 -42.59 -43.06 -31.04
CA GLN L 1 -42.59 -42.82 -29.60
C GLN L 1 -43.59 -41.74 -29.23
N MET L 2 -43.35 -41.06 -28.12
CA MET L 2 -44.21 -39.98 -27.65
C MET L 2 -43.34 -38.87 -27.09
N VAL L 3 -43.88 -37.65 -27.14
CA VAL L 3 -43.18 -36.47 -26.64
C VAL L 3 -43.57 -36.27 -25.18
N HIS L 4 -42.61 -36.48 -24.28
CA HIS L 4 -42.87 -36.37 -22.85
C HIS L 4 -43.20 -34.94 -22.44
N GLN L 5 -42.58 -33.95 -23.08
CA GLN L 5 -42.78 -32.56 -22.75
C GLN L 5 -43.82 -31.89 -23.64
N ALA L 6 -44.82 -32.64 -24.10
CA ALA L 6 -45.93 -32.05 -24.84
C ALA L 6 -46.66 -31.05 -23.95
N ILE L 7 -47.16 -29.97 -24.56
CA ILE L 7 -47.79 -28.91 -23.78
C ILE L 7 -49.09 -29.43 -23.18
N SER L 8 -49.27 -29.14 -21.90
CA SER L 8 -50.46 -29.51 -21.14
C SER L 8 -51.54 -28.44 -21.32
N PRO L 9 -52.79 -28.76 -20.96
CA PRO L 9 -53.82 -27.71 -21.01
C PRO L 9 -53.46 -26.47 -20.20
N ARG L 10 -52.85 -26.66 -19.04
CA ARG L 10 -52.48 -25.52 -18.21
C ARG L 10 -51.37 -24.71 -18.85
N THR L 11 -50.43 -25.38 -19.53
CA THR L 11 -49.36 -24.67 -20.22
C THR L 11 -49.91 -23.78 -21.32
N LEU L 12 -50.81 -24.33 -22.14
CA LEU L 12 -51.42 -23.55 -23.22
C LEU L 12 -52.23 -22.39 -22.66
N ASN L 13 -53.00 -22.65 -21.61
CA ASN L 13 -53.79 -21.57 -21.02
C ASN L 13 -52.91 -20.48 -20.42
N ALA L 14 -51.79 -20.88 -19.81
CA ALA L 14 -50.86 -19.90 -19.26
C ALA L 14 -50.25 -19.05 -20.36
N TRP L 15 -49.89 -19.66 -21.49
CA TRP L 15 -49.38 -18.88 -22.60
C TRP L 15 -50.43 -17.90 -23.13
N VAL L 16 -51.67 -18.36 -23.25
CA VAL L 16 -52.75 -17.48 -23.70
C VAL L 16 -52.92 -16.31 -22.75
N LYS L 17 -52.88 -16.59 -21.45
CA LYS L 17 -53.06 -15.53 -20.47
C LYS L 17 -51.88 -14.56 -20.48
N VAL L 18 -50.67 -15.07 -20.71
CA VAL L 18 -49.50 -14.19 -20.81
C VAL L 18 -49.67 -13.23 -21.98
N VAL L 19 -50.06 -13.76 -23.14
CA VAL L 19 -50.24 -12.90 -24.31
C VAL L 19 -51.35 -11.88 -24.06
N GLU L 20 -52.44 -12.30 -23.42
CA GLU L 20 -53.55 -11.39 -23.21
C GLU L 20 -53.21 -10.30 -22.20
N GLU L 21 -52.50 -10.65 -21.12
CA GLU L 21 -52.22 -9.67 -20.08
C GLU L 21 -51.06 -8.76 -20.43
N LYS L 22 -49.95 -9.33 -20.87
CA LYS L 22 -48.72 -8.57 -21.04
C LYS L 22 -48.49 -8.09 -22.47
N ALA L 23 -49.31 -8.51 -23.42
CA ALA L 23 -49.14 -8.18 -24.84
C ALA L 23 -47.76 -8.68 -25.24
N PHE L 24 -46.87 -7.83 -25.75
CA PHE L 24 -45.53 -8.23 -26.13
C PHE L 24 -44.49 -7.41 -25.38
N SER L 25 -44.69 -7.28 -24.07
CA SER L 25 -43.67 -6.76 -23.18
C SER L 25 -42.53 -7.77 -23.10
N PRO L 26 -41.34 -7.36 -22.64
CA PRO L 26 -40.21 -8.31 -22.61
C PRO L 26 -40.50 -9.58 -21.83
N GLU L 27 -41.38 -9.54 -20.84
CA GLU L 27 -41.74 -10.72 -20.07
C GLU L 27 -42.25 -11.86 -20.94
N VAL L 28 -42.69 -11.58 -22.17
CA VAL L 28 -43.21 -12.63 -23.03
C VAL L 28 -42.10 -13.59 -23.43
N ILE L 29 -40.87 -13.10 -23.52
CA ILE L 29 -39.78 -13.94 -24.01
C ILE L 29 -39.43 -15.04 -23.01
N PRO L 30 -39.15 -14.73 -21.73
CA PRO L 30 -38.90 -15.84 -20.79
C PRO L 30 -40.07 -16.79 -20.69
N MET L 31 -41.30 -16.27 -20.56
CA MET L 31 -42.46 -17.13 -20.39
C MET L 31 -42.58 -18.14 -21.52
N PHE L 32 -42.55 -17.67 -22.77
CA PHE L 32 -42.57 -18.58 -23.90
C PHE L 32 -41.45 -19.60 -23.79
N SER L 33 -40.24 -19.12 -23.52
CA SER L 33 -39.09 -20.02 -23.45
C SER L 33 -39.32 -21.09 -22.39
N ALA L 34 -39.99 -20.72 -21.29
CA ALA L 34 -40.25 -21.69 -20.24
C ALA L 34 -41.40 -22.61 -20.63
N LEU L 35 -42.41 -22.08 -21.30
CA LEU L 35 -43.63 -22.86 -21.51
C LEU L 35 -43.47 -23.84 -22.67
N SER L 36 -42.59 -23.54 -23.62
CA SER L 36 -42.46 -24.32 -24.84
C SER L 36 -41.36 -25.37 -24.77
N GLU L 37 -40.65 -25.47 -23.66
CA GLU L 37 -39.49 -26.35 -23.59
C GLU L 37 -39.87 -27.79 -23.82
N GLY L 38 -39.11 -28.46 -24.69
CA GLY L 38 -39.34 -29.86 -25.00
C GLY L 38 -40.53 -30.15 -25.87
N ALA L 39 -41.26 -29.12 -26.31
CA ALA L 39 -42.45 -29.36 -27.12
C ALA L 39 -42.08 -29.49 -28.59
N THR L 40 -42.97 -30.16 -29.33
CA THR L 40 -42.80 -30.33 -30.76
C THR L 40 -43.09 -29.02 -31.49
N PRO L 41 -42.63 -28.90 -32.74
CA PRO L 41 -43.03 -27.71 -33.53
C PRO L 41 -44.54 -27.55 -33.64
N GLN L 42 -45.28 -28.66 -33.65
CA GLN L 42 -46.73 -28.57 -33.71
C GLN L 42 -47.30 -27.86 -32.48
N ASP L 43 -46.79 -28.18 -31.29
CA ASP L 43 -47.24 -27.50 -30.08
C ASP L 43 -46.87 -26.03 -30.10
N LEU L 44 -45.67 -25.71 -30.60
CA LEU L 44 -45.28 -24.31 -30.70
C LEU L 44 -46.18 -23.55 -31.66
N ASN L 45 -46.54 -24.18 -32.78
CA ASN L 45 -47.46 -23.55 -33.73
C ASN L 45 -48.83 -23.35 -33.12
N THR L 46 -49.30 -24.33 -32.33
CA THR L 46 -50.55 -24.16 -31.62
C THR L 46 -50.48 -22.98 -30.66
N MET L 47 -49.37 -22.85 -29.94
CA MET L 47 -49.20 -21.72 -29.03
C MET L 47 -49.20 -20.40 -29.78
N LEU L 48 -48.60 -20.37 -30.97
CA LEU L 48 -48.57 -19.15 -31.76
C LEU L 48 -49.94 -18.82 -32.35
N ASN L 49 -50.75 -19.83 -32.66
CA ASN L 49 -52.05 -19.60 -33.26
C ASN L 49 -53.06 -19.08 -32.26
N THR L 50 -52.78 -19.18 -30.97
CA THR L 50 -53.70 -18.71 -29.94
C THR L 50 -53.53 -17.23 -29.64
N VAL L 51 -52.62 -16.54 -30.34
CA VAL L 51 -52.45 -15.11 -30.14
C VAL L 51 -53.55 -14.38 -30.90
N GLY L 52 -54.40 -13.66 -30.17
CA GLY L 52 -55.47 -12.89 -30.74
C GLY L 52 -55.06 -11.42 -30.83
N GLY L 53 -55.29 -10.83 -31.98
CA GLY L 53 -54.83 -9.49 -32.24
C GLY L 53 -53.34 -9.46 -32.53
N HIS L 54 -52.80 -8.24 -32.58
CA HIS L 54 -51.39 -8.01 -32.92
C HIS L 54 -51.01 -8.75 -34.19
N GLN L 55 -51.81 -8.58 -35.24
CA GLN L 55 -51.55 -9.29 -36.50
C GLN L 55 -50.25 -8.83 -37.13
N ALA L 56 -49.91 -7.54 -37.01
CA ALA L 56 -48.64 -7.06 -37.52
C ALA L 56 -47.48 -7.71 -36.81
N ALA L 57 -47.57 -7.86 -35.49
CA ALA L 57 -46.52 -8.53 -34.73
C ALA L 57 -46.36 -9.98 -35.17
N MET L 58 -47.48 -10.68 -35.39
CA MET L 58 -47.40 -12.06 -35.85
C MET L 58 -46.78 -12.14 -37.24
N GLN L 59 -47.06 -11.15 -38.09
CA GLN L 59 -46.44 -11.13 -39.41
C GLN L 59 -44.92 -10.93 -39.31
N MET L 60 -44.48 -10.04 -38.42
CA MET L 60 -43.04 -9.89 -38.19
C MET L 60 -42.43 -11.19 -37.69
N LEU L 61 -43.14 -11.88 -36.79
CA LEU L 61 -42.65 -13.16 -36.29
C LEU L 61 -42.52 -14.18 -37.42
N LYS L 62 -43.51 -14.23 -38.31
CA LYS L 62 -43.43 -15.15 -39.44
C LYS L 62 -42.26 -14.81 -40.36
N GLU L 63 -42.02 -13.52 -40.58
CA GLU L 63 -40.87 -13.13 -41.40
C GLU L 63 -39.57 -13.60 -40.77
N THR L 64 -39.44 -13.42 -39.45
CA THR L 64 -38.23 -13.89 -38.77
C THR L 64 -38.08 -15.40 -38.88
N ILE L 65 -39.18 -16.14 -38.72
CA ILE L 65 -39.11 -17.59 -38.81
C ILE L 65 -38.69 -18.01 -40.20
N ASN L 66 -39.23 -17.36 -41.23
CA ASN L 66 -38.85 -17.70 -42.61
C ASN L 66 -37.38 -17.41 -42.85
N GLU L 67 -36.87 -16.30 -42.32
CA GLU L 67 -35.45 -16.00 -42.46
C GLU L 67 -34.59 -17.06 -41.79
N GLU L 68 -34.98 -17.49 -40.58
CA GLU L 68 -34.21 -18.51 -39.89
C GLU L 68 -34.28 -19.85 -40.61
N ALA L 69 -35.44 -20.17 -41.20
CA ALA L 69 -35.55 -21.39 -41.98
C ALA L 69 -34.65 -21.34 -43.21
N ALA L 70 -34.58 -20.18 -43.85
CA ALA L 70 -33.67 -20.02 -44.98
C ALA L 70 -32.22 -20.21 -44.55
N GLU L 71 -31.85 -19.66 -43.40
CA GLU L 71 -30.50 -19.84 -42.89
C GLU L 71 -30.21 -21.31 -42.58
N TRP L 72 -31.18 -22.01 -41.99
CA TRP L 72 -31.03 -23.43 -41.75
C TRP L 72 -30.82 -24.20 -43.06
N ASP L 73 -31.59 -23.86 -44.09
CA ASP L 73 -31.42 -24.52 -45.38
C ASP L 73 -30.05 -24.23 -45.97
N ARG L 74 -29.57 -23.00 -45.82
CA ARG L 74 -28.25 -22.65 -46.31
C ARG L 74 -27.16 -23.46 -45.62
N VAL L 75 -27.27 -23.62 -44.31
CA VAL L 75 -26.25 -24.34 -43.55
C VAL L 75 -26.30 -25.84 -43.83
N HIS L 76 -27.50 -26.40 -44.06
CA HIS L 76 -27.64 -27.83 -44.30
C HIS L 76 -27.89 -28.10 -45.78
N PRO L 77 -26.90 -28.63 -46.52
CA PRO L 77 -27.14 -28.97 -47.92
C PRO L 77 -28.14 -30.09 -48.07
N VAL L 78 -28.88 -30.06 -49.19
CA VAL L 78 -29.83 -31.12 -49.50
C VAL L 78 -29.08 -32.38 -49.92
N HIS L 79 -29.52 -33.52 -49.39
CA HIS L 79 -28.88 -34.79 -49.70
C HIS L 79 -29.15 -35.20 -51.14
N ALA L 80 -28.37 -36.19 -51.61
CA ALA L 80 -28.42 -36.58 -53.01
C ALA L 80 -29.73 -37.29 -53.35
N GLY L 81 -30.29 -38.04 -52.40
CA GLY L 81 -31.48 -38.80 -52.66
C GLY L 81 -31.54 -40.22 -52.10
N PRO L 82 -30.41 -40.94 -51.97
CA PRO L 82 -30.55 -42.32 -51.45
C PRO L 82 -30.84 -42.35 -49.95
N ILE L 83 -32.12 -42.16 -49.61
CA ILE L 83 -32.55 -42.21 -48.23
C ILE L 83 -32.56 -43.65 -47.76
N ALA L 84 -31.92 -43.91 -46.62
CA ALA L 84 -31.91 -45.25 -46.05
C ALA L 84 -33.32 -45.66 -45.64
N PRO L 85 -33.71 -46.91 -45.88
CA PRO L 85 -35.08 -47.32 -45.51
C PRO L 85 -35.34 -47.23 -44.01
N GLY L 86 -34.33 -47.48 -43.17
CA GLY L 86 -34.54 -47.38 -41.74
C GLY L 86 -34.40 -45.97 -41.22
N GLN L 87 -33.78 -45.10 -42.01
CA GLN L 87 -33.62 -43.71 -41.61
C GLN L 87 -34.69 -42.84 -42.24
N MET L 88 -34.87 -41.64 -41.67
CA MET L 88 -35.82 -40.67 -42.19
C MET L 88 -35.08 -39.53 -42.88
N ARG L 89 -35.84 -38.78 -43.67
CA ARG L 89 -35.29 -37.62 -44.35
C ARG L 89 -34.80 -36.58 -43.34
N GLU L 90 -33.68 -35.94 -43.66
CA GLU L 90 -33.19 -34.86 -42.81
C GLU L 90 -34.13 -33.66 -42.91
N PRO L 91 -34.46 -33.02 -41.80
CA PRO L 91 -35.42 -31.91 -41.85
C PRO L 91 -34.86 -30.70 -42.56
N ARG L 92 -35.75 -29.95 -43.20
CA ARG L 92 -35.46 -28.64 -43.77
C ARG L 92 -36.01 -27.56 -42.84
N GLY L 93 -35.76 -26.30 -43.21
CA GLY L 93 -36.24 -25.20 -42.38
C GLY L 93 -37.75 -25.20 -42.23
N SER L 94 -38.47 -25.48 -43.32
CA SER L 94 -39.92 -25.59 -43.24
C SER L 94 -40.33 -26.76 -42.35
N ASP L 95 -39.57 -27.85 -42.38
CA ASP L 95 -39.84 -28.96 -41.48
C ASP L 95 -39.64 -28.56 -40.03
N ILE L 96 -38.59 -27.79 -39.75
CA ILE L 96 -38.35 -27.30 -38.41
C ILE L 96 -39.51 -26.41 -37.95
N ALA L 97 -39.97 -25.51 -38.82
CA ALA L 97 -41.09 -24.65 -38.49
C ALA L 97 -42.42 -25.39 -38.47
N GLY L 98 -42.47 -26.62 -38.97
CA GLY L 98 -43.67 -27.42 -38.92
C GLY L 98 -44.62 -27.24 -40.09
N THR L 99 -44.32 -26.35 -41.04
CA THR L 99 -45.22 -26.14 -42.17
C THR L 99 -45.27 -27.35 -43.08
N THR L 100 -44.13 -27.97 -43.35
CA THR L 100 -44.07 -29.11 -44.27
C THR L 100 -43.78 -30.43 -43.56
N SER L 101 -43.86 -30.47 -42.23
CA SER L 101 -43.62 -31.68 -41.47
C SER L 101 -44.85 -32.01 -40.64
N THR L 102 -45.10 -33.30 -40.48
CA THR L 102 -46.18 -33.77 -39.63
C THR L 102 -45.70 -33.94 -38.19
N LEU L 103 -46.65 -34.12 -37.28
CA LEU L 103 -46.30 -34.34 -35.88
C LEU L 103 -45.50 -35.62 -35.71
N GLN L 104 -45.84 -36.66 -36.46
CA GLN L 104 -45.10 -37.93 -36.39
C GLN L 104 -43.65 -37.73 -36.82
N GLU L 105 -43.43 -36.98 -37.89
CA GLU L 105 -42.05 -36.73 -38.34
C GLU L 105 -41.28 -35.91 -37.31
N GLN L 106 -41.92 -34.91 -36.71
CA GLN L 106 -41.24 -34.12 -35.69
C GLN L 106 -40.86 -35.00 -34.49
N ILE L 107 -41.77 -35.87 -34.06
CA ILE L 107 -41.47 -36.78 -32.97
C ILE L 107 -40.33 -37.72 -33.36
N GLY L 108 -40.35 -38.22 -34.59
CA GLY L 108 -39.29 -39.10 -35.04
C GLY L 108 -37.93 -38.42 -35.02
N TRP L 109 -37.86 -37.17 -35.48
CA TRP L 109 -36.61 -36.42 -35.41
C TRP L 109 -36.19 -36.19 -33.97
N MET L 110 -37.14 -35.86 -33.10
CA MET L 110 -36.81 -35.51 -31.73
C MET L 110 -36.34 -36.71 -30.93
N THR L 111 -36.89 -37.89 -31.21
CA THR L 111 -36.58 -39.10 -30.45
C THR L 111 -35.59 -40.01 -31.17
N ASN L 112 -35.07 -39.60 -32.33
CA ASN L 112 -34.11 -40.42 -33.03
C ASN L 112 -32.75 -40.40 -32.32
N ASN L 113 -31.89 -41.33 -32.72
CA ASN L 113 -30.53 -41.40 -32.20
C ASN L 113 -29.56 -41.35 -33.37
N PRO L 114 -28.79 -40.27 -33.55
CA PRO L 114 -28.73 -39.05 -32.72
C PRO L 114 -29.97 -38.18 -32.91
N PRO L 115 -30.35 -37.41 -31.89
CA PRO L 115 -31.56 -36.61 -31.99
C PRO L 115 -31.34 -35.25 -32.64
N ILE L 116 -32.34 -34.84 -33.42
CA ILE L 116 -32.39 -33.48 -33.95
C ILE L 116 -33.48 -32.74 -33.19
N PRO L 117 -33.12 -31.82 -32.29
CA PRO L 117 -34.15 -31.14 -31.47
C PRO L 117 -34.89 -30.06 -32.26
N VAL L 118 -35.78 -30.51 -33.14
CA VAL L 118 -36.48 -29.60 -34.04
C VAL L 118 -37.30 -28.59 -33.25
N GLY L 119 -37.89 -29.04 -32.13
CA GLY L 119 -38.65 -28.13 -31.30
C GLY L 119 -37.80 -27.02 -30.71
N GLU L 120 -36.60 -27.34 -30.24
CA GLU L 120 -35.77 -26.31 -29.62
C GLU L 120 -35.22 -25.34 -30.66
N ILE L 121 -34.88 -25.84 -31.85
CA ILE L 121 -34.43 -24.96 -32.92
C ILE L 121 -35.55 -24.01 -33.32
N TYR L 122 -36.75 -24.54 -33.51
CA TYR L 122 -37.89 -23.71 -33.83
C TYR L 122 -38.17 -22.71 -32.70
N LYS L 123 -37.96 -23.14 -31.46
CA LYS L 123 -38.16 -22.23 -30.33
C LYS L 123 -37.20 -21.06 -30.39
N ARG L 124 -35.94 -21.32 -30.74
CA ARG L 124 -34.99 -20.21 -30.87
C ARG L 124 -35.40 -19.27 -31.99
N TRP L 125 -35.89 -19.81 -33.11
CA TRP L 125 -36.38 -18.94 -34.18
C TRP L 125 -37.54 -18.07 -33.68
N ILE L 126 -38.47 -18.67 -32.96
CA ILE L 126 -39.62 -17.93 -32.45
C ILE L 126 -39.17 -16.88 -31.45
N ILE L 127 -38.13 -17.19 -30.67
CA ILE L 127 -37.62 -16.22 -29.70
C ILE L 127 -36.99 -15.04 -30.42
N LEU L 128 -36.28 -15.30 -31.51
CA LEU L 128 -35.75 -14.19 -32.31
C LEU L 128 -36.88 -13.31 -32.83
N GLY L 129 -37.94 -13.92 -33.33
CA GLY L 129 -39.09 -13.15 -33.76
C GLY L 129 -39.73 -12.36 -32.63
N LEU L 130 -39.88 -12.97 -31.46
CA LEU L 130 -40.48 -12.29 -30.32
C LEU L 130 -39.62 -11.13 -29.86
N ASN L 131 -38.30 -11.30 -29.90
CA ASN L 131 -37.39 -10.21 -29.54
C ASN L 131 -37.54 -9.06 -30.51
N LYS L 132 -37.64 -9.35 -31.81
CA LYS L 132 -37.88 -8.30 -32.79
C LYS L 132 -39.20 -7.58 -32.52
N ILE L 133 -40.24 -8.35 -32.18
CA ILE L 133 -41.54 -7.75 -31.88
C ILE L 133 -41.42 -6.83 -30.67
N VAL L 134 -40.78 -7.30 -29.60
CA VAL L 134 -40.65 -6.51 -28.38
C VAL L 134 -39.88 -5.24 -28.67
N ARG L 135 -38.87 -5.32 -29.52
CA ARG L 135 -38.06 -4.14 -29.81
C ARG L 135 -38.80 -3.15 -30.71
N MET L 136 -39.52 -3.62 -31.71
CA MET L 136 -39.99 -2.76 -32.79
C MET L 136 -41.50 -2.55 -32.82
N TYR L 137 -42.30 -3.51 -32.38
CA TYR L 137 -43.74 -3.46 -32.53
C TYR L 137 -44.36 -2.64 -31.40
N SER L 138 -45.27 -1.76 -31.75
CA SER L 138 -46.05 -0.99 -30.79
C SER L 138 -47.54 -1.20 -31.07
N PRO L 139 -48.28 -1.82 -30.17
CA PRO L 139 -49.71 -2.03 -30.41
C PRO L 139 -50.48 -0.72 -30.48
N THR L 140 -51.52 -0.71 -31.29
CA THR L 140 -52.41 0.45 -31.37
C THR L 140 -53.18 0.61 -30.06
N SER L 141 -53.29 1.85 -29.61
CA SER L 141 -53.97 2.18 -28.37
C SER L 141 -55.07 3.18 -28.65
N ILE L 142 -56.24 2.96 -28.03
CA ILE L 142 -57.32 3.95 -28.14
C ILE L 142 -56.95 5.23 -27.42
N LEU L 143 -55.98 5.18 -26.50
CA LEU L 143 -55.68 6.34 -25.67
C LEU L 143 -54.91 7.42 -26.44
N ASP L 144 -54.14 7.04 -27.46
CA ASP L 144 -53.35 8.03 -28.18
C ASP L 144 -53.97 8.44 -29.51
N ILE L 145 -55.24 8.15 -29.74
CA ILE L 145 -55.95 8.60 -30.94
C ILE L 145 -56.48 9.99 -30.63
N ARG L 146 -55.81 11.00 -31.17
CA ARG L 146 -56.19 12.39 -30.96
C ARG L 146 -56.39 13.07 -32.31
N GLN L 147 -57.32 14.02 -32.33
CA GLN L 147 -57.58 14.75 -33.56
C GLN L 147 -56.43 15.70 -33.88
N GLY L 148 -56.00 15.70 -35.13
CA GLY L 148 -54.99 16.62 -35.58
C GLY L 148 -55.52 18.04 -35.62
N PRO L 149 -54.62 19.02 -35.56
CA PRO L 149 -55.06 20.42 -35.54
C PRO L 149 -55.89 20.83 -36.74
N LYS L 150 -55.63 20.23 -37.91
CA LYS L 150 -56.40 20.53 -39.10
C LYS L 150 -57.17 19.32 -39.63
N GLU L 151 -57.21 18.24 -38.88
CA GLU L 151 -57.87 17.05 -39.38
C GLU L 151 -59.39 17.18 -39.21
N PRO L 152 -60.16 16.78 -40.22
CA PRO L 152 -61.62 16.86 -40.10
C PRO L 152 -62.14 15.95 -38.99
N PHE L 153 -63.25 16.37 -38.38
CA PHE L 153 -63.82 15.62 -37.26
C PHE L 153 -64.27 14.24 -37.69
N ARG L 154 -64.83 14.12 -38.91
CA ARG L 154 -65.28 12.82 -39.40
C ARG L 154 -64.12 11.85 -39.52
N ASP L 155 -62.98 12.31 -40.05
CA ASP L 155 -61.82 11.44 -40.19
C ASP L 155 -61.29 11.01 -38.83
N TYR L 156 -61.27 11.93 -37.87
CA TYR L 156 -60.86 11.59 -36.52
C TYR L 156 -61.79 10.55 -35.89
N VAL L 157 -63.09 10.72 -36.10
CA VAL L 157 -64.05 9.76 -35.56
C VAL L 157 -63.84 8.40 -36.18
N ASP L 158 -63.59 8.36 -37.48
CA ASP L 158 -63.33 7.08 -38.16
C ASP L 158 -62.08 6.40 -37.60
N ARG L 159 -61.01 7.17 -37.40
CA ARG L 159 -59.80 6.62 -36.82
C ARG L 159 -60.07 6.09 -35.41
N PHE L 160 -60.80 6.86 -34.61
CA PHE L 160 -61.12 6.47 -33.24
C PHE L 160 -61.89 5.15 -33.23
N TYR L 161 -62.88 5.02 -34.10
CA TYR L 161 -63.70 3.81 -34.09
C TYR L 161 -62.94 2.61 -34.64
N LYS L 162 -62.06 2.82 -35.61
CA LYS L 162 -61.21 1.73 -36.08
C LYS L 162 -60.30 1.23 -34.96
N THR L 163 -59.64 2.16 -34.26
CA THR L 163 -58.80 1.75 -33.13
C THR L 163 -59.61 1.06 -32.04
N LEU L 164 -60.81 1.57 -31.76
CA LEU L 164 -61.66 0.96 -30.75
C LEU L 164 -62.06 -0.46 -31.13
N ARG L 165 -62.41 -0.68 -32.39
CA ARG L 165 -62.68 -2.03 -32.86
C ARG L 165 -61.46 -2.93 -32.71
N ALA L 166 -60.27 -2.36 -32.88
CA ALA L 166 -59.05 -3.14 -32.66
C ALA L 166 -58.66 -3.28 -31.19
N GLU L 167 -59.29 -2.53 -30.30
CA GLU L 167 -58.85 -2.49 -28.91
C GLU L 167 -59.27 -3.75 -28.16
N GLN L 168 -58.41 -4.18 -27.23
CA GLN L 168 -58.69 -5.33 -26.38
C GLN L 168 -59.43 -4.83 -25.14
N ALA L 169 -60.75 -4.97 -25.14
CA ALA L 169 -61.56 -4.54 -24.02
C ALA L 169 -62.95 -5.14 -24.17
N SER L 170 -63.71 -5.10 -23.08
CA SER L 170 -65.08 -5.54 -23.13
C SER L 170 -65.95 -4.49 -23.83
N GLN L 171 -67.15 -4.92 -24.23
CA GLN L 171 -68.06 -4.02 -24.93
C GLN L 171 -68.45 -2.85 -24.05
N GLU L 172 -68.68 -3.10 -22.76
CA GLU L 172 -69.01 -2.01 -21.84
C GLU L 172 -67.85 -1.04 -21.68
N VAL L 173 -66.62 -1.56 -21.58
CA VAL L 173 -65.46 -0.68 -21.49
C VAL L 173 -65.29 0.09 -22.79
N LYS L 174 -65.59 -0.54 -23.93
CA LYS L 174 -65.52 0.15 -25.21
C LYS L 174 -66.53 1.29 -25.28
N ASN L 175 -67.75 1.05 -24.78
CA ASN L 175 -68.76 2.09 -24.76
C ASN L 175 -68.33 3.24 -23.84
N TRP L 176 -67.76 2.92 -22.69
CA TRP L 176 -67.26 3.95 -21.79
C TRP L 176 -66.12 4.74 -22.44
N MET L 177 -65.25 4.04 -23.18
CA MET L 177 -64.19 4.71 -23.92
C MET L 177 -64.77 5.66 -24.95
N THR L 178 -65.81 5.24 -25.67
CA THR L 178 -66.45 6.11 -26.64
C THR L 178 -67.04 7.34 -25.97
N GLU L 179 -67.68 7.15 -24.81
CA GLU L 179 -68.32 8.26 -24.14
C GLU L 179 -67.30 9.21 -23.50
N THR L 180 -66.09 8.74 -23.23
CA THR L 180 -65.12 9.55 -22.52
C THR L 180 -64.06 10.18 -23.43
N LEU L 181 -63.39 9.36 -24.25
CA LEU L 181 -62.16 9.80 -24.92
C LEU L 181 -62.44 10.57 -26.20
N LEU L 182 -63.59 10.33 -26.83
CA LEU L 182 -63.83 10.92 -28.15
C LEU L 182 -63.87 12.44 -28.08
N VAL L 183 -64.63 12.99 -27.13
CA VAL L 183 -64.65 14.44 -26.96
C VAL L 183 -63.32 14.93 -26.39
N GLN L 184 -62.78 14.20 -25.42
CA GLN L 184 -61.60 14.69 -24.70
C GLN L 184 -60.41 14.86 -25.63
N ASN L 185 -60.26 13.97 -26.60
CA ASN L 185 -59.09 13.94 -27.45
C ASN L 185 -59.30 14.64 -28.79
N ALA L 186 -60.39 15.39 -28.95
CA ALA L 186 -60.57 16.22 -30.12
C ALA L 186 -59.75 17.49 -30.00
N ASN L 187 -59.48 18.12 -31.14
CA ASN L 187 -58.69 19.34 -31.15
C ASN L 187 -59.51 20.48 -30.55
N PRO L 188 -58.84 21.54 -30.07
CA PRO L 188 -59.58 22.63 -29.40
C PRO L 188 -60.70 23.23 -30.22
N ASP L 189 -60.49 23.37 -31.54
CA ASP L 189 -61.51 23.98 -32.39
C ASP L 189 -62.80 23.16 -32.39
N CYS L 190 -62.68 21.84 -32.54
CA CYS L 190 -63.86 20.99 -32.48
C CYS L 190 -64.32 20.80 -31.04
N LYS L 191 -63.39 20.82 -30.09
CA LYS L 191 -63.74 20.57 -28.69
C LYS L 191 -64.61 21.66 -28.13
N THR L 192 -64.36 22.92 -28.52
CA THR L 192 -65.22 24.02 -28.07
C THR L 192 -66.66 23.83 -28.53
N ILE L 193 -66.84 23.48 -29.80
CA ILE L 193 -68.19 23.24 -30.32
C ILE L 193 -68.85 22.05 -29.63
N LEU L 194 -68.08 20.98 -29.42
CA LEU L 194 -68.64 19.80 -28.75
C LEU L 194 -69.07 20.13 -27.32
N LYS L 195 -68.26 20.91 -26.60
CA LYS L 195 -68.65 21.33 -25.26
C LYS L 195 -69.91 22.17 -25.29
N ALA L 196 -70.00 23.10 -26.25
CA ALA L 196 -71.21 23.92 -26.35
C ALA L 196 -72.44 23.09 -26.71
N LEU L 197 -72.23 21.96 -27.39
CA LEU L 197 -73.37 21.14 -27.80
C LEU L 197 -74.10 20.52 -26.61
N GLY L 198 -73.36 20.06 -25.60
CA GLY L 198 -73.96 19.45 -24.45
C GLY L 198 -73.68 17.96 -24.35
N PRO L 199 -73.77 17.42 -23.13
CA PRO L 199 -73.43 16.00 -22.94
C PRO L 199 -74.40 15.04 -23.62
N ALA L 200 -75.63 15.47 -23.87
CA ALA L 200 -76.64 14.57 -24.43
C ALA L 200 -76.53 14.43 -25.94
N ALA L 201 -75.64 15.17 -26.59
CA ALA L 201 -75.55 15.13 -28.05
C ALA L 201 -75.10 13.75 -28.53
N THR L 202 -75.73 13.28 -29.59
CA THR L 202 -75.36 12.01 -30.20
C THR L 202 -74.19 12.22 -31.16
N LEU L 203 -73.67 11.10 -31.68
CA LEU L 203 -72.54 11.16 -32.59
C LEU L 203 -72.90 11.93 -33.86
N GLU L 204 -74.10 11.71 -34.40
CA GLU L 204 -74.50 12.42 -35.60
C GLU L 204 -74.61 13.92 -35.37
N GLU L 205 -75.17 14.31 -34.22
CA GLU L 205 -75.26 15.75 -33.91
C GLU L 205 -73.88 16.36 -33.75
N MET L 206 -72.97 15.66 -33.07
CA MET L 206 -71.61 16.14 -32.93
C MET L 206 -70.93 16.31 -34.28
N MET L 207 -71.09 15.32 -35.15
CA MET L 207 -70.43 15.35 -36.45
C MET L 207 -71.01 16.44 -37.33
N THR L 208 -72.32 16.67 -37.26
CA THR L 208 -72.92 17.78 -37.98
C THR L 208 -72.42 19.11 -37.43
N ALA L 209 -72.30 19.23 -36.11
CA ALA L 209 -71.84 20.47 -35.51
C ALA L 209 -70.40 20.79 -35.91
N CYS L 210 -69.54 19.78 -35.97
CA CYS L 210 -68.14 19.98 -36.32
C CYS L 210 -67.88 19.85 -37.81
N GLN L 211 -68.91 19.68 -38.64
CA GLN L 211 -68.70 19.46 -40.05
C GLN L 211 -68.11 20.68 -40.75
N GLY L 212 -68.34 21.87 -40.21
CA GLY L 212 -67.83 23.09 -40.80
C GLY L 212 -66.51 23.59 -40.28
N VAL L 213 -65.90 22.89 -39.30
CA VAL L 213 -64.65 23.36 -38.75
C VAL L 213 -63.56 23.28 -39.80
N GLY L 214 -62.82 24.38 -39.96
CA GLY L 214 -61.80 24.48 -40.98
C GLY L 214 -62.28 25.08 -42.28
N GLY L 215 -63.58 25.16 -42.49
CA GLY L 215 -64.12 25.78 -43.68
C GLY L 215 -64.05 27.28 -43.61
N PRO L 216 -64.36 27.93 -44.73
CA PRO L 216 -64.27 29.39 -44.78
C PRO L 216 -65.15 30.09 -43.75
N GLY L 217 -66.37 29.60 -43.54
CA GLY L 217 -67.27 30.24 -42.60
C GLY L 217 -66.76 30.17 -41.17
N HIS L 218 -66.31 28.98 -40.75
CA HIS L 218 -65.79 28.83 -39.39
C HIS L 218 -64.53 29.66 -39.18
N LYS L 219 -63.61 29.65 -40.16
CA LYS L 219 -62.40 30.44 -40.04
C LYS L 219 -62.72 31.91 -39.94
N ALA L 220 -63.63 32.40 -40.78
CA ALA L 220 -64.01 33.80 -40.74
C ALA L 220 -64.65 34.15 -39.40
N ARG L 221 -65.52 33.26 -38.89
CA ARG L 221 -66.21 33.55 -37.63
C ARG L 221 -65.22 33.60 -36.47
N VAL L 222 -64.29 32.66 -36.40
CA VAL L 222 -63.31 32.67 -35.30
C VAL L 222 -62.39 33.88 -35.41
N LEU L 223 -61.95 34.21 -36.63
CA LEU L 223 -61.13 35.39 -36.83
C LEU L 223 -61.87 36.65 -36.41
N ALA L 224 -63.16 36.74 -36.76
CA ALA L 224 -63.96 37.90 -36.38
C ALA L 224 -64.12 37.99 -34.86
N GLU L 225 -64.30 36.85 -34.19
CA GLU L 225 -64.41 36.87 -32.74
C GLU L 225 -63.12 37.36 -32.10
N ALA L 226 -61.97 36.88 -32.60
CA ALA L 226 -60.69 37.34 -32.07
C ALA L 226 -60.50 38.83 -32.33
N MET L 227 -60.85 39.30 -33.54
CA MET L 227 -60.74 40.71 -33.86
C MET L 227 -61.64 41.55 -32.96
N SER L 228 -62.86 41.07 -32.70
CA SER L 228 -63.79 41.80 -31.84
C SER L 228 -63.27 41.89 -30.43
N GLN L 229 -62.67 40.82 -29.93
CA GLN L 229 -62.03 40.88 -28.62
C GLN L 229 -60.92 41.92 -28.62
N VAL L 230 -60.13 41.96 -29.68
CA VAL L 230 -59.03 42.92 -29.76
C VAL L 230 -59.55 44.35 -29.75
N ILE L 231 -60.59 44.63 -30.55
CA ILE L 231 -61.10 46.00 -30.65
C ILE L 231 -61.65 46.46 -29.32
N ASN L 232 -62.40 45.61 -28.62
CA ASN L 232 -62.92 45.93 -27.31
C ASN L 232 -61.81 45.91 -26.25
N GLN M 1 16.19 -18.73 -48.03
CA GLN M 1 15.82 -17.75 -49.06
C GLN M 1 16.06 -16.33 -48.56
N MET M 2 15.34 -15.38 -49.14
CA MET M 2 15.44 -13.98 -48.75
C MET M 2 14.04 -13.38 -48.70
N VAL M 3 13.89 -12.34 -47.90
CA VAL M 3 12.62 -11.63 -47.76
C VAL M 3 12.65 -10.46 -48.74
N HIS M 4 11.77 -10.51 -49.74
CA HIS M 4 11.72 -9.46 -50.76
C HIS M 4 11.13 -8.17 -50.23
N GLN M 5 10.43 -8.21 -49.10
CA GLN M 5 9.75 -7.05 -48.56
C GLN M 5 10.39 -6.54 -47.28
N ALA M 6 11.69 -6.77 -47.10
CA ALA M 6 12.41 -6.18 -45.98
C ALA M 6 12.35 -4.67 -46.07
N ILE M 7 12.24 -4.01 -44.92
CA ILE M 7 12.07 -2.57 -44.91
C ILE M 7 13.31 -1.89 -45.48
N SER M 8 13.08 -0.94 -46.38
CA SER M 8 14.14 -0.13 -46.97
C SER M 8 14.49 1.02 -46.04
N PRO M 9 15.62 1.69 -46.28
CA PRO M 9 15.95 2.86 -45.44
C PRO M 9 14.84 3.91 -45.43
N ARG M 10 14.23 4.17 -46.58
CA ARG M 10 13.18 5.18 -46.64
C ARG M 10 11.93 4.74 -45.91
N THR M 11 11.62 3.44 -45.93
CA THR M 11 10.48 2.94 -45.16
C THR M 11 10.68 3.18 -43.66
N LEU M 12 11.87 2.83 -43.15
CA LEU M 12 12.14 3.03 -41.74
C LEU M 12 12.11 4.51 -41.37
N ASN M 13 12.70 5.36 -42.22
CA ASN M 13 12.68 6.79 -41.95
C ASN M 13 11.26 7.33 -41.97
N ALA M 14 10.44 6.85 -42.91
CA ALA M 14 9.05 7.29 -42.96
C ALA M 14 8.32 6.91 -41.69
N TRP M 15 8.54 5.69 -41.19
CA TRP M 15 7.92 5.29 -39.93
C TRP M 15 8.36 6.19 -38.79
N VAL M 16 9.66 6.49 -38.72
CA VAL M 16 10.17 7.35 -37.66
C VAL M 16 9.52 8.73 -37.73
N LYS M 17 9.38 9.27 -38.94
CA LYS M 17 8.78 10.58 -39.09
C LYS M 17 7.29 10.57 -38.76
N VAL M 18 6.59 9.47 -39.09
CA VAL M 18 5.19 9.34 -38.71
C VAL M 18 5.05 9.42 -37.20
N VAL M 19 5.87 8.65 -36.48
CA VAL M 19 5.76 8.67 -35.02
C VAL M 19 6.12 10.04 -34.48
N GLU M 20 7.15 10.68 -35.03
CA GLU M 20 7.59 11.97 -34.51
C GLU M 20 6.55 13.05 -34.77
N GLU M 21 5.89 13.03 -35.92
CA GLU M 21 4.99 14.09 -36.32
C GLU M 21 3.57 13.92 -35.79
N LYS M 22 3.01 12.72 -35.88
CA LYS M 22 1.63 12.51 -35.48
C LYS M 22 1.47 11.87 -34.12
N ALA M 23 2.55 11.41 -33.49
CA ALA M 23 2.52 10.76 -32.19
C ALA M 23 1.67 9.50 -32.35
N PHE M 24 0.59 9.33 -31.60
CA PHE M 24 -0.26 8.16 -31.77
C PHE M 24 -1.69 8.57 -32.10
N SER M 25 -1.82 9.49 -33.04
CA SER M 25 -3.09 9.77 -33.67
C SER M 25 -3.50 8.58 -34.53
N PRO M 26 -4.79 8.47 -34.88
CA PRO M 26 -5.23 7.28 -35.62
C PRO M 26 -4.47 7.05 -36.92
N GLU M 27 -3.93 8.09 -37.54
CA GLU M 27 -3.15 7.94 -38.77
C GLU M 27 -1.98 6.99 -38.61
N VAL M 28 -1.55 6.71 -37.37
CA VAL M 28 -0.42 5.81 -37.17
C VAL M 28 -0.78 4.38 -37.59
N ILE M 29 -2.07 4.02 -37.48
CA ILE M 29 -2.45 2.64 -37.78
C ILE M 29 -2.37 2.32 -39.26
N PRO M 30 -2.98 3.09 -40.17
CA PRO M 30 -2.77 2.78 -41.60
C PRO M 30 -1.32 2.84 -42.01
N MET M 31 -0.58 3.85 -41.53
CA MET M 31 0.81 4.02 -41.94
C MET M 31 1.63 2.80 -41.57
N PHE M 32 1.57 2.38 -40.30
CA PHE M 32 2.27 1.18 -39.89
C PHE M 32 1.81 -0.02 -40.67
N SER M 33 0.53 -0.07 -41.03
CA SER M 33 0.03 -1.21 -41.78
C SER M 33 0.68 -1.26 -43.16
N ALA M 34 0.92 -0.10 -43.77
CA ALA M 34 1.40 -0.08 -45.13
C ALA M 34 2.92 -0.14 -45.19
N LEU M 35 3.58 0.42 -44.18
CA LEU M 35 5.04 0.46 -44.19
C LEU M 35 5.63 -0.90 -43.84
N SER M 36 4.91 -1.69 -43.04
CA SER M 36 5.46 -2.92 -42.50
C SER M 36 4.97 -4.17 -43.23
N GLU M 37 4.25 -4.03 -44.33
CA GLU M 37 3.68 -5.19 -44.99
C GLU M 37 4.75 -6.03 -45.65
N GLY M 38 4.73 -7.33 -45.37
CA GLY M 38 5.71 -8.26 -45.90
C GLY M 38 7.00 -8.34 -45.13
N ALA M 39 7.17 -7.56 -44.07
CA ALA M 39 8.40 -7.53 -43.32
C ALA M 39 8.44 -8.64 -42.28
N THR M 40 9.66 -9.06 -41.94
CA THR M 40 9.86 -10.05 -40.90
C THR M 40 9.56 -9.44 -39.53
N PRO M 41 9.31 -10.28 -38.52
CA PRO M 41 9.13 -9.73 -37.16
C PRO M 41 10.34 -8.96 -36.67
N GLN M 42 11.53 -9.29 -37.17
CA GLN M 42 12.71 -8.52 -36.82
C GLN M 42 12.61 -7.08 -37.31
N ASP M 43 12.10 -6.89 -38.54
CA ASP M 43 11.92 -5.54 -39.05
C ASP M 43 10.86 -4.78 -38.27
N LEU M 44 9.77 -5.46 -37.88
CA LEU M 44 8.75 -4.80 -37.07
C LEU M 44 9.30 -4.41 -35.71
N ASN M 45 10.15 -5.25 -35.13
CA ASN M 45 10.78 -4.90 -33.87
C ASN M 45 11.73 -3.72 -34.03
N THR M 46 12.46 -3.68 -35.16
CA THR M 46 13.28 -2.51 -35.45
C THR M 46 12.44 -1.26 -35.52
N MET M 47 11.28 -1.34 -36.19
CA MET M 47 10.38 -0.19 -36.27
C MET M 47 9.89 0.23 -34.90
N LEU M 48 9.55 -0.73 -34.05
CA LEU M 48 9.02 -0.41 -32.73
C LEU M 48 10.10 0.20 -31.84
N ASN M 49 11.35 -0.23 -32.02
CA ASN M 49 12.41 0.27 -31.16
C ASN M 49 12.82 1.70 -31.50
N THR M 50 12.39 2.23 -32.63
CA THR M 50 12.70 3.60 -33.02
C THR M 50 11.72 4.61 -32.45
N VAL M 51 10.72 4.17 -31.70
CA VAL M 51 9.80 5.12 -31.09
C VAL M 51 10.47 5.73 -29.88
N GLY M 52 10.75 7.03 -29.96
CA GLY M 52 11.33 7.77 -28.86
C GLY M 52 10.23 8.41 -28.03
N GLY M 53 10.36 8.32 -26.71
CA GLY M 53 9.32 8.76 -25.83
C GLY M 53 8.12 7.84 -25.86
N HIS M 54 7.03 8.30 -25.27
CA HIS M 54 5.78 7.54 -25.18
C HIS M 54 6.02 6.16 -24.56
N GLN M 55 6.78 6.14 -23.45
CA GLN M 55 7.15 4.88 -22.83
C GLN M 55 5.91 4.13 -22.33
N ALA M 56 4.94 4.85 -21.77
CA ALA M 56 3.72 4.20 -21.31
C ALA M 56 2.97 3.56 -22.48
N ALA M 57 2.90 4.25 -23.62
CA ALA M 57 2.24 3.68 -24.79
C ALA M 57 2.95 2.42 -25.27
N MET M 58 4.28 2.44 -25.26
N MET M 58 4.29 2.43 -25.26
CA MET M 58 5.04 1.27 -25.71
CA MET M 58 5.02 1.26 -25.71
C MET M 58 4.87 0.10 -24.74
C MET M 58 4.87 0.10 -24.74
N GLN M 59 4.76 0.39 -23.44
CA GLN M 59 4.46 -0.66 -22.48
C GLN M 59 3.07 -1.25 -22.73
N MET M 60 2.10 -0.40 -23.06
CA MET M 60 0.78 -0.88 -23.45
C MET M 60 0.87 -1.81 -24.65
N LEU M 61 1.63 -1.39 -25.66
CA LEU M 61 1.79 -2.20 -26.87
C LEU M 61 2.43 -3.55 -26.55
N LYS M 62 3.43 -3.55 -25.68
CA LYS M 62 4.06 -4.80 -25.28
C LYS M 62 3.07 -5.71 -24.55
N GLU M 63 2.24 -5.15 -23.68
CA GLU M 63 1.23 -5.95 -22.99
C GLU M 63 0.26 -6.57 -23.99
N THR M 64 -0.18 -5.79 -24.98
CA THR M 64 -1.07 -6.33 -26.00
C THR M 64 -0.41 -7.45 -26.79
N ILE M 65 0.86 -7.27 -27.16
CA ILE M 65 1.58 -8.30 -27.91
C ILE M 65 1.69 -9.57 -27.07
N ASN M 66 1.97 -9.43 -25.78
CA ASN M 66 2.07 -10.60 -24.92
C ASN M 66 0.74 -11.33 -24.81
N GLU M 67 -0.35 -10.58 -24.71
CA GLU M 67 -1.68 -11.21 -24.69
C GLU M 67 -1.95 -11.96 -25.99
N GLU M 68 -1.60 -11.36 -27.13
CA GLU M 68 -1.84 -12.03 -28.41
C GLU M 68 -0.96 -13.26 -28.57
N ALA M 69 0.27 -13.21 -28.04
CA ALA M 69 1.14 -14.37 -28.08
C ALA M 69 0.59 -15.49 -27.21
N ALA M 70 0.05 -15.15 -26.04
CA ALA M 70 -0.61 -16.15 -25.21
C ALA M 70 -1.79 -16.76 -25.93
N GLU M 71 -2.56 -15.94 -26.66
CA GLU M 71 -3.68 -16.46 -27.44
C GLU M 71 -3.20 -17.42 -28.51
N TRP M 72 -2.11 -17.07 -29.20
CA TRP M 72 -1.52 -17.96 -30.20
C TRP M 72 -1.12 -19.29 -29.57
N ASP M 73 -0.48 -19.25 -28.41
CA ASP M 73 -0.05 -20.47 -27.75
C ASP M 73 -1.25 -21.32 -27.32
N ARG M 74 -2.32 -20.67 -26.86
CA ARG M 74 -3.52 -21.40 -26.50
C ARG M 74 -4.14 -22.09 -27.70
N VAL M 75 -4.17 -21.41 -28.86
CA VAL M 75 -4.77 -22.00 -30.05
C VAL M 75 -3.86 -23.03 -30.71
N HIS M 76 -2.55 -22.91 -30.56
CA HIS M 76 -1.59 -23.84 -31.18
C HIS M 76 -1.00 -24.75 -30.12
N PRO M 77 -1.44 -26.00 -30.03
CA PRO M 77 -0.90 -26.90 -29.00
C PRO M 77 0.56 -27.24 -29.29
N VAL M 78 1.31 -27.47 -28.20
CA VAL M 78 2.72 -27.84 -28.34
C VAL M 78 2.82 -29.28 -28.77
N HIS M 79 3.59 -29.54 -29.82
CA HIS M 79 3.83 -30.89 -30.32
C HIS M 79 5.17 -31.39 -29.80
N ALA M 80 5.15 -32.54 -29.16
CA ALA M 80 6.34 -33.14 -28.56
C ALA M 80 6.81 -34.30 -29.42
N GLY M 81 8.10 -34.33 -29.71
CA GLY M 81 8.68 -35.39 -30.51
C GLY M 81 9.84 -34.90 -31.35
N PRO M 82 10.51 -35.83 -32.05
CA PRO M 82 11.65 -35.45 -32.89
C PRO M 82 11.16 -34.81 -34.18
N ILE M 83 11.54 -33.55 -34.41
CA ILE M 83 11.15 -32.85 -35.62
C ILE M 83 11.86 -33.46 -36.82
N ALA M 84 11.17 -33.49 -37.95
CA ALA M 84 11.76 -34.02 -39.17
C ALA M 84 12.95 -33.17 -39.60
N PRO M 85 14.00 -33.78 -40.16
CA PRO M 85 15.15 -32.96 -40.60
C PRO M 85 14.79 -31.95 -41.67
N GLY M 86 13.84 -32.27 -42.54
CA GLY M 86 13.41 -31.30 -43.54
C GLY M 86 12.42 -30.29 -42.98
N GLN M 87 11.91 -30.55 -41.78
CA GLN M 87 10.95 -29.65 -41.16
C GLN M 87 11.62 -28.80 -40.10
N MET M 88 11.00 -27.67 -39.79
CA MET M 88 11.43 -26.78 -38.73
C MET M 88 10.40 -26.78 -37.60
N ARG M 89 10.81 -26.31 -36.44
CA ARG M 89 9.91 -26.24 -35.30
C ARG M 89 8.76 -25.29 -35.59
N GLU M 90 7.59 -25.61 -35.07
CA GLU M 90 6.42 -24.76 -35.28
C GLU M 90 6.58 -23.47 -34.47
N PRO M 91 6.21 -22.33 -35.04
CA PRO M 91 6.35 -21.06 -34.30
C PRO M 91 5.50 -21.04 -33.05
N ARG M 92 6.03 -20.42 -32.00
CA ARG M 92 5.28 -20.12 -30.80
C ARG M 92 4.98 -18.64 -30.74
N GLY M 93 4.21 -18.24 -29.73
CA GLY M 93 3.83 -16.85 -29.62
C GLY M 93 5.01 -15.91 -29.51
N SER M 94 6.03 -16.32 -28.75
CA SER M 94 7.24 -15.51 -28.64
C SER M 94 8.04 -15.53 -29.93
N ASP M 95 7.93 -16.61 -30.70
CA ASP M 95 8.65 -16.69 -31.97
C ASP M 95 8.08 -15.69 -32.98
N ILE M 96 6.75 -15.53 -33.01
CA ILE M 96 6.13 -14.57 -33.91
C ILE M 96 6.49 -13.15 -33.51
N ALA M 97 6.50 -12.87 -32.21
CA ALA M 97 6.92 -11.55 -31.75
C ALA M 97 8.42 -11.34 -31.90
N GLY M 98 9.17 -12.37 -32.25
CA GLY M 98 10.59 -12.24 -32.51
C GLY M 98 11.48 -12.28 -31.29
N THR M 99 10.93 -12.43 -30.09
CA THR M 99 11.76 -12.47 -28.90
C THR M 99 12.61 -13.73 -28.84
N THR M 100 12.02 -14.88 -29.14
CA THR M 100 12.73 -16.15 -29.04
C THR M 100 13.08 -16.75 -30.39
N SER M 101 12.96 -15.98 -31.47
CA SER M 101 13.28 -16.46 -32.80
C SER M 101 14.34 -15.57 -33.45
N THR M 102 15.15 -16.18 -34.28
CA THR M 102 16.14 -15.46 -35.07
C THR M 102 15.56 -15.06 -36.42
N LEU M 103 16.23 -14.11 -37.08
CA LEU M 103 15.80 -13.66 -38.38
C LEU M 103 15.77 -14.82 -39.38
N GLN M 104 16.73 -15.72 -39.29
CA GLN M 104 16.76 -16.87 -40.18
C GLN M 104 15.55 -17.77 -39.97
N GLU M 105 15.16 -17.98 -38.71
CA GLU M 105 13.97 -18.79 -38.43
C GLU M 105 12.71 -18.12 -38.96
N GLN M 106 12.60 -16.81 -38.79
CA GLN M 106 11.44 -16.09 -39.31
C GLN M 106 11.38 -16.18 -40.82
N ILE M 107 12.52 -16.03 -41.50
CA ILE M 107 12.54 -16.16 -42.95
C ILE M 107 12.18 -17.57 -43.37
N GLY M 108 12.65 -18.57 -42.63
CA GLY M 108 12.30 -19.95 -42.94
C GLY M 108 10.81 -20.21 -42.81
N TRP M 109 10.19 -19.70 -41.75
CA TRP M 109 8.75 -19.83 -41.61
C TRP M 109 8.00 -19.10 -42.72
N MET M 110 8.45 -17.89 -43.07
CA MET M 110 7.73 -17.08 -44.05
C MET M 110 7.87 -17.66 -45.45
N THR M 111 9.00 -18.27 -45.77
CA THR M 111 9.27 -18.78 -47.10
C THR M 111 9.06 -20.28 -47.23
N ASN M 112 8.56 -20.93 -46.18
CA ASN M 112 8.32 -22.36 -46.24
C ASN M 112 7.05 -22.68 -47.04
N ASN M 113 6.86 -23.97 -47.32
CA ASN M 113 5.67 -24.44 -48.02
C ASN M 113 5.01 -25.54 -47.21
N PRO M 114 3.83 -25.30 -46.60
CA PRO M 114 3.05 -24.05 -46.62
C PRO M 114 3.68 -22.98 -45.75
N PRO M 115 3.52 -21.73 -46.15
CA PRO M 115 4.12 -20.63 -45.40
C PRO M 115 3.33 -20.28 -44.15
N ILE M 116 4.06 -19.85 -43.14
CA ILE M 116 3.47 -19.28 -41.92
C ILE M 116 3.85 -17.80 -41.90
N PRO M 117 2.94 -16.89 -42.24
CA PRO M 117 3.30 -15.46 -42.31
C PRO M 117 3.44 -14.84 -40.92
N VAL M 118 4.56 -15.15 -40.26
CA VAL M 118 4.78 -14.69 -38.90
C VAL M 118 4.83 -13.17 -38.85
N GLY M 119 5.38 -12.55 -39.90
CA GLY M 119 5.36 -11.10 -39.98
C GLY M 119 3.96 -10.52 -39.99
N GLU M 120 3.04 -11.14 -40.73
CA GLU M 120 1.67 -10.64 -40.81
C GLU M 120 0.92 -10.84 -39.49
N ILE M 121 1.10 -12.01 -38.85
CA ILE M 121 0.49 -12.26 -37.56
C ILE M 121 0.99 -11.26 -36.52
N TYR M 122 2.31 -11.05 -36.49
CA TYR M 122 2.87 -10.06 -35.58
C TYR M 122 2.36 -8.67 -35.90
N LYS M 123 2.18 -8.35 -37.19
CA LYS M 123 1.66 -7.04 -37.56
C LYS M 123 0.26 -6.83 -37.03
N ARG M 124 -0.59 -7.87 -37.08
CA ARG M 124 -1.92 -7.71 -36.51
C ARG M 124 -1.86 -7.53 -35.00
N TRP M 125 -0.97 -8.26 -34.31
CA TRP M 125 -0.83 -8.04 -32.88
C TRP M 125 -0.42 -6.61 -32.57
N ILE M 126 0.54 -6.08 -33.33
CA ILE M 126 1.00 -4.71 -33.14
C ILE M 126 -0.12 -3.73 -33.46
N ILE M 127 -0.95 -4.04 -34.46
CA ILE M 127 -2.06 -3.17 -34.80
C ILE M 127 -3.07 -3.12 -33.65
N LEU M 128 -3.31 -4.25 -33.01
CA LEU M 128 -4.16 -4.25 -31.82
C LEU M 128 -3.57 -3.37 -30.73
N GLY M 129 -2.26 -3.48 -30.50
CA GLY M 129 -1.63 -2.62 -29.52
C GLY M 129 -1.73 -1.15 -29.86
N LEU M 130 -1.53 -0.81 -31.14
CA LEU M 130 -1.61 0.57 -31.58
C LEU M 130 -3.03 1.10 -31.44
N ASN M 131 -4.03 0.28 -31.75
CA ASN M 131 -5.41 0.68 -31.55
C ASN M 131 -5.70 0.97 -30.09
N LYS M 132 -5.20 0.11 -29.20
CA LYS M 132 -5.36 0.37 -27.77
C LYS M 132 -4.67 1.68 -27.37
N ILE M 133 -3.48 1.94 -27.89
CA ILE M 133 -2.78 3.18 -27.58
C ILE M 133 -3.57 4.38 -28.06
N VAL M 134 -4.07 4.33 -29.29
CA VAL M 134 -4.82 5.44 -29.86
C VAL M 134 -6.07 5.71 -29.04
N ARG M 135 -6.72 4.66 -28.56
CA ARG M 135 -7.94 4.84 -27.79
C ARG M 135 -7.67 5.35 -26.37
N MET M 136 -6.66 4.80 -25.69
CA MET M 136 -6.52 4.99 -24.26
C MET M 136 -5.38 5.91 -23.84
N TYR M 137 -4.29 5.97 -24.60
CA TYR M 137 -3.10 6.69 -24.20
C TYR M 137 -3.22 8.17 -24.57
N SER M 138 -2.87 9.03 -23.62
CA SER M 138 -2.83 10.47 -23.84
C SER M 138 -1.45 10.98 -23.46
N PRO M 139 -0.65 11.46 -24.41
CA PRO M 139 0.70 11.93 -24.06
C PRO M 139 0.66 13.17 -23.18
N THR M 140 1.66 13.28 -22.32
CA THR M 140 1.78 14.46 -21.47
C THR M 140 2.08 15.69 -22.31
N SER M 141 1.44 16.80 -21.96
CA SER M 141 1.64 18.06 -22.66
C SER M 141 2.08 19.13 -21.67
N ILE M 142 3.10 19.90 -22.06
CA ILE M 142 3.54 21.01 -21.22
C ILE M 142 2.43 22.06 -21.12
N LEU M 143 1.57 22.14 -22.14
CA LEU M 143 0.47 23.09 -22.11
C LEU M 143 -0.59 22.72 -21.09
N ASP M 144 -0.61 21.47 -20.63
CA ASP M 144 -1.63 21.00 -19.71
C ASP M 144 -1.23 21.15 -18.24
N ILE M 145 -0.04 21.67 -17.97
CA ILE M 145 0.46 21.75 -16.60
C ILE M 145 0.05 23.09 -16.01
N ARG M 146 -0.95 23.07 -15.14
CA ARG M 146 -1.41 24.26 -14.45
C ARG M 146 -1.32 24.05 -12.95
N GLN M 147 -1.04 25.13 -12.23
CA GLN M 147 -0.95 25.05 -10.78
C GLN M 147 -2.34 24.89 -10.18
N GLY M 148 -2.49 23.93 -9.28
CA GLY M 148 -3.72 23.75 -8.56
C GLY M 148 -4.00 24.93 -7.64
N PRO M 149 -5.27 25.13 -7.28
CA PRO M 149 -5.60 26.28 -6.43
C PRO M 149 -4.90 26.27 -5.09
N LYS M 150 -4.62 25.10 -4.54
CA LYS M 150 -3.93 24.97 -3.26
C LYS M 150 -2.54 24.39 -3.41
N GLU M 151 -2.07 24.20 -4.63
CA GLU M 151 -0.78 23.56 -4.84
C GLU M 151 0.36 24.52 -4.53
N PRO M 152 1.38 24.09 -3.80
CA PRO M 152 2.56 24.94 -3.59
C PRO M 152 3.24 25.24 -4.92
N PHE M 153 3.79 26.45 -5.03
CA PHE M 153 4.41 26.87 -6.27
C PHE M 153 5.61 26.00 -6.62
N ARG M 154 6.33 25.53 -5.61
CA ARG M 154 7.50 24.69 -5.86
C ARG M 154 7.10 23.33 -6.45
N ASP M 155 6.02 22.74 -5.92
CA ASP M 155 5.54 21.48 -6.49
C ASP M 155 5.10 21.66 -7.94
N TYR M 156 4.42 22.77 -8.22
CA TYR M 156 3.99 23.08 -9.58
C TYR M 156 5.19 23.26 -10.50
N VAL M 157 6.24 23.92 -10.02
CA VAL M 157 7.44 24.11 -10.81
C VAL M 157 8.11 22.77 -11.10
N ASP M 158 8.15 21.89 -10.10
CA ASP M 158 8.72 20.56 -10.32
C ASP M 158 7.95 19.78 -11.37
N ARG M 159 6.61 19.80 -11.28
CA ARG M 159 5.80 19.12 -12.28
C ARG M 159 6.04 19.72 -13.67
N PHE M 160 6.11 21.05 -13.74
CA PHE M 160 6.32 21.72 -15.01
C PHE M 160 7.64 21.30 -15.64
N TYR M 161 8.71 21.25 -14.84
CA TYR M 161 10.01 20.93 -15.41
C TYR M 161 10.11 19.46 -15.76
N LYS M 162 9.45 18.58 -15.01
CA LYS M 162 9.40 17.18 -15.40
C LYS M 162 8.72 17.01 -16.76
N THR M 163 7.55 17.65 -16.92
CA THR M 163 6.85 17.57 -18.19
C THR M 163 7.67 18.19 -19.31
N LEU M 164 8.35 19.30 -19.04
CA LEU M 164 9.20 19.94 -20.04
C LEU M 164 10.33 19.03 -20.48
N ARG M 165 10.95 18.32 -19.52
CA ARG M 165 11.97 17.33 -19.89
C ARG M 165 11.39 16.24 -20.78
N ALA M 166 10.15 15.83 -20.49
CA ALA M 166 9.53 14.81 -21.34
C ALA M 166 9.02 15.36 -22.67
N GLU M 167 8.91 16.68 -22.81
CA GLU M 167 8.31 17.29 -23.99
C GLU M 167 9.20 17.11 -25.22
N GLN M 168 8.57 16.86 -26.36
N GLN M 168 8.57 16.88 -26.36
CA GLN M 168 9.25 16.81 -27.65
CA GLN M 168 9.29 16.79 -27.64
C GLN M 168 9.38 18.24 -28.17
C GLN M 168 9.40 18.19 -28.22
N ALA M 169 10.57 18.80 -28.04
CA ALA M 169 10.83 20.14 -28.53
C ALA M 169 12.32 20.37 -28.57
N SER M 170 12.72 21.38 -29.34
CA SER M 170 14.09 21.84 -29.31
C SER M 170 14.35 22.56 -27.99
N GLN M 171 15.63 22.66 -27.63
CA GLN M 171 16.00 23.30 -26.36
C GLN M 171 15.59 24.77 -26.36
N GLU M 172 15.72 25.44 -27.50
CA GLU M 172 15.30 26.83 -27.59
C GLU M 172 13.78 26.95 -27.38
N VAL M 173 13.02 26.05 -27.99
CA VAL M 173 11.57 26.06 -27.79
C VAL M 173 11.24 25.78 -26.33
N LYS M 174 11.96 24.87 -25.69
CA LYS M 174 11.73 24.58 -24.28
C LYS M 174 12.03 25.79 -23.40
N ASN M 175 13.10 26.52 -23.72
CA ASN M 175 13.39 27.75 -22.98
C ASN M 175 12.27 28.77 -23.15
N TRP M 176 11.75 28.90 -24.37
CA TRP M 176 10.64 29.81 -24.61
C TRP M 176 9.39 29.37 -23.85
N MET M 177 9.14 28.06 -23.79
CA MET M 177 8.04 27.55 -22.98
C MET M 177 8.23 27.89 -21.50
N THR M 178 9.45 27.76 -21.00
CA THR M 178 9.71 28.14 -19.61
C THR M 178 9.43 29.61 -19.39
N GLU M 179 9.84 30.46 -20.33
CA GLU M 179 9.66 31.90 -20.19
C GLU M 179 8.22 32.33 -20.38
N THR M 180 7.37 31.52 -21.00
CA THR M 180 6.00 31.92 -21.27
C THR M 180 4.97 31.23 -20.39
N LEU M 181 5.06 29.90 -20.22
CA LEU M 181 3.95 29.13 -19.68
C LEU M 181 4.01 29.02 -18.16
N LEU M 182 5.21 29.06 -17.57
CA LEU M 182 5.34 28.78 -16.15
C LEU M 182 4.61 29.81 -15.30
N VAL M 183 4.83 31.09 -15.57
CA VAL M 183 4.11 32.14 -14.86
C VAL M 183 2.65 32.18 -15.31
N GLN M 184 2.40 31.95 -16.60
CA GLN M 184 1.04 32.06 -17.13
C GLN M 184 0.12 31.03 -16.50
N ASN M 185 0.59 29.80 -16.30
CA ASN M 185 -0.25 28.72 -15.82
C ASN M 185 -0.18 28.54 -14.32
N ALA M 186 0.39 29.50 -13.60
CA ALA M 186 0.29 29.50 -12.16
C ALA M 186 -1.11 29.90 -11.73
N ASN M 187 -1.48 29.55 -10.49
CA ASN M 187 -2.78 29.88 -9.98
C ASN M 187 -2.84 31.37 -9.67
N PRO M 188 -4.05 31.94 -9.52
CA PRO M 188 -4.15 33.39 -9.34
C PRO M 188 -3.37 33.93 -8.15
N ASP M 189 -3.35 33.21 -7.03
CA ASP M 189 -2.65 33.69 -5.85
C ASP M 189 -1.16 33.85 -6.11
N CYS M 190 -0.55 32.88 -6.78
CA CYS M 190 0.86 33.00 -7.12
C CYS M 190 1.07 33.95 -8.29
N LYS M 191 0.12 34.00 -9.22
CA LYS M 191 0.25 34.87 -10.39
C LYS M 191 0.30 36.33 -9.99
N THR M 192 -0.50 36.73 -9.00
CA THR M 192 -0.46 38.12 -8.52
C THR M 192 0.94 38.48 -8.04
N ILE M 193 1.53 37.62 -7.21
CA ILE M 193 2.86 37.87 -6.67
C ILE M 193 3.90 37.88 -7.78
N LEU M 194 3.80 36.94 -8.71
CA LEU M 194 4.78 36.86 -9.80
C LEU M 194 4.71 38.09 -10.70
N LYS M 195 3.50 38.56 -11.00
CA LYS M 195 3.38 39.78 -11.81
C LYS M 195 3.92 40.99 -11.06
N ALA M 196 3.66 41.07 -9.76
CA ALA M 196 4.22 42.17 -8.99
C ALA M 196 5.74 42.08 -8.92
N LEU M 197 6.30 40.87 -9.08
CA LEU M 197 7.74 40.70 -9.01
C LEU M 197 8.46 41.37 -10.17
N GLY M 198 7.91 41.26 -11.36
CA GLY M 198 8.51 41.86 -12.54
C GLY M 198 8.95 40.84 -13.56
N PRO M 199 9.19 41.29 -14.79
CA PRO M 199 9.57 40.35 -15.85
C PRO M 199 10.97 39.81 -15.72
N ALA M 200 11.84 40.48 -14.95
CA ALA M 200 13.24 40.08 -14.85
C ALA M 200 13.50 39.10 -13.71
N ALA M 201 12.47 38.67 -12.98
CA ALA M 201 12.67 37.80 -11.84
C ALA M 201 13.17 36.42 -12.29
N THR M 202 14.14 35.90 -11.54
CA THR M 202 14.64 34.57 -11.83
C THR M 202 13.74 33.52 -11.19
N LEU M 203 14.02 32.25 -11.49
CA LEU M 203 13.21 31.16 -10.94
C LEU M 203 13.34 31.10 -9.42
N GLU M 204 14.54 31.32 -8.90
CA GLU M 204 14.73 31.29 -7.45
C GLU M 204 13.97 32.42 -6.76
N GLU M 205 14.03 33.63 -7.33
CA GLU M 205 13.27 34.73 -6.76
C GLU M 205 11.78 34.47 -6.86
N MET M 206 11.33 33.86 -7.94
CA MET M 206 9.91 33.53 -8.09
C MET M 206 9.48 32.52 -7.04
N MET M 207 10.31 31.50 -6.79
CA MET M 207 9.97 30.50 -5.79
C MET M 207 9.99 31.10 -4.38
N THR M 208 10.94 31.99 -4.10
CA THR M 208 10.96 32.64 -2.80
C THR M 208 9.73 33.53 -2.61
N ALA M 209 9.32 34.24 -3.66
CA ALA M 209 8.19 35.16 -3.56
C ALA M 209 6.88 34.43 -3.31
N CYS M 210 6.76 33.21 -3.82
CA CYS M 210 5.54 32.43 -3.67
C CYS M 210 5.64 31.37 -2.59
N GLN M 211 6.72 31.38 -1.81
CA GLN M 211 6.95 30.32 -0.84
C GLN M 211 5.91 30.36 0.28
N GLY M 212 5.40 31.53 0.61
CA GLY M 212 4.44 31.66 1.67
C GLY M 212 2.98 31.59 1.28
N VAL M 213 2.67 31.37 0.00
CA VAL M 213 1.27 31.35 -0.43
C VAL M 213 0.56 30.16 0.18
N GLY M 214 -0.59 30.43 0.80
CA GLY M 214 -1.30 29.41 1.54
C GLY M 214 -0.86 29.26 2.98
N GLY M 215 0.20 29.94 3.39
CA GLY M 215 0.61 29.96 4.77
C GLY M 215 -0.23 30.92 5.57
N PRO M 216 -0.09 30.83 6.89
CA PRO M 216 -0.92 31.68 7.77
C PRO M 216 -0.79 33.16 7.50
N GLY M 217 0.43 33.66 7.28
CA GLY M 217 0.61 35.08 7.04
C GLY M 217 -0.01 35.54 5.75
N HIS M 218 0.19 34.79 4.67
CA HIS M 218 -0.42 35.13 3.39
C HIS M 218 -1.94 35.09 3.47
N LYS M 219 -2.48 34.07 4.12
CA LYS M 219 -3.93 33.97 4.28
C LYS M 219 -4.48 35.16 5.03
N ALA M 220 -3.84 35.53 6.14
CA ALA M 220 -4.27 36.68 6.91
C ALA M 220 -4.19 37.95 6.10
N ARG M 221 -3.11 38.11 5.31
N ARG M 221 -3.11 38.11 5.31
CA ARG M 221 -2.92 39.34 4.56
CA ARG M 221 -2.91 39.33 4.55
C ARG M 221 -3.97 39.49 3.47
C ARG M 221 -3.96 39.50 3.46
N VAL M 222 -4.26 38.42 2.72
CA VAL M 222 -5.27 38.52 1.67
C VAL M 222 -6.66 38.71 2.28
N LEU M 223 -6.93 38.05 3.40
CA LEU M 223 -8.20 38.27 4.10
C LEU M 223 -8.34 39.72 4.54
N ALA M 224 -7.27 40.29 5.10
CA ALA M 224 -7.32 41.67 5.56
C ALA M 224 -7.50 42.62 4.39
N GLU M 225 -6.84 42.36 3.26
CA GLU M 225 -7.02 43.20 2.09
C GLU M 225 -8.46 43.17 1.60
N ALA M 226 -9.06 41.98 1.54
CA ALA M 226 -10.45 41.88 1.12
C ALA M 226 -11.38 42.61 2.09
N MET M 227 -11.16 42.43 3.40
CA MET M 227 -12.00 43.11 4.38
C MET M 227 -11.82 44.63 4.31
N SER M 228 -10.61 45.10 4.05
CA SER M 228 -10.39 46.54 3.91
C SER M 228 -11.11 47.08 2.69
N GLN M 229 -11.06 46.35 1.58
CA GLN M 229 -11.81 46.76 0.40
C GLN M 229 -13.30 46.82 0.69
N VAL M 230 -13.81 45.88 1.50
CA VAL M 230 -15.22 45.88 1.85
C VAL M 230 -15.56 47.08 2.74
N ILE M 231 -14.73 47.35 3.75
CA ILE M 231 -15.02 48.45 4.67
C ILE M 231 -15.00 49.78 3.94
N ASN M 232 -14.04 49.96 3.04
CA ASN M 232 -13.96 51.17 2.24
C ASN M 232 -14.98 51.13 1.10
N GLN N 1 30.93 -16.17 -39.05
CA GLN N 1 30.93 -16.00 -37.60
C GLN N 1 29.73 -15.18 -37.15
N MET N 2 29.87 -14.48 -36.03
CA MET N 2 28.79 -13.69 -35.47
C MET N 2 29.38 -12.44 -34.83
N VAL N 3 28.62 -11.35 -34.87
CA VAL N 3 29.04 -10.07 -34.33
C VAL N 3 28.45 -9.94 -32.93
N HIS N 4 29.31 -9.92 -31.92
CA HIS N 4 28.85 -9.86 -30.54
C HIS N 4 28.41 -8.46 -30.14
N GLN N 5 28.91 -7.43 -30.83
CA GLN N 5 28.58 -6.06 -30.51
C GLN N 5 27.51 -5.49 -31.42
N ALA N 6 26.63 -6.33 -31.95
CA ALA N 6 25.48 -5.84 -32.69
C ALA N 6 24.60 -5.01 -31.76
N ILE N 7 23.98 -3.96 -32.31
CA ILE N 7 23.23 -3.03 -31.48
C ILE N 7 21.98 -3.72 -30.93
N SER N 8 21.75 -3.53 -29.64
CA SER N 8 20.58 -4.04 -28.96
C SER N 8 19.41 -3.08 -29.13
N PRO N 9 18.19 -3.53 -28.82
CA PRO N 9 17.04 -2.60 -28.91
C PRO N 9 17.23 -1.32 -28.11
N ARG N 10 17.81 -1.41 -26.91
CA ARG N 10 18.00 -0.22 -26.09
C ARG N 10 19.08 0.68 -26.66
N THR N 11 20.08 0.11 -27.33
CA THR N 11 21.09 0.93 -27.99
C THR N 11 20.46 1.79 -29.09
N LEU N 12 19.66 1.16 -29.94
CA LEU N 12 19.00 1.89 -31.02
C LEU N 12 18.04 2.93 -30.47
N ASN N 13 17.26 2.58 -29.45
CA ASN N 13 16.35 3.55 -28.86
C ASN N 13 17.10 4.70 -28.21
N ALA N 14 18.25 4.42 -27.58
CA ALA N 14 19.04 5.49 -27.00
C ALA N 14 19.57 6.43 -28.07
N TRP N 15 20.02 5.88 -29.20
CA TRP N 15 20.45 6.75 -30.30
C TRP N 15 19.31 7.62 -30.81
N VAL N 16 18.13 7.03 -30.97
CA VAL N 16 16.97 7.79 -31.43
C VAL N 16 16.65 8.91 -30.45
N LYS N 17 16.66 8.60 -29.15
CA LYS N 17 16.38 9.61 -28.14
C LYS N 17 17.45 10.69 -28.13
N VAL N 18 18.71 10.32 -28.36
CA VAL N 18 19.79 11.30 -28.39
C VAL N 18 19.54 12.30 -29.53
N VAL N 19 19.23 11.79 -30.71
CA VAL N 19 18.98 12.69 -31.83
C VAL N 19 17.75 13.56 -31.59
N GLU N 20 16.69 12.97 -31.03
CA GLU N 20 15.47 13.73 -30.82
C GLU N 20 15.64 14.81 -29.76
N GLU N 21 16.41 14.54 -28.72
CA GLU N 21 16.53 15.48 -27.61
C GLU N 21 17.62 16.52 -27.83
N LYS N 22 18.76 16.12 -28.41
CA LYS N 22 19.89 17.02 -28.54
C LYS N 22 20.06 17.59 -29.93
N ALA N 23 19.29 17.12 -30.92
CA ALA N 23 19.44 17.51 -32.32
C ALA N 23 20.90 17.19 -32.69
N PHE N 24 21.69 18.16 -33.13
CA PHE N 24 23.09 17.94 -33.43
C PHE N 24 23.99 18.87 -32.62
N SER N 25 23.72 18.95 -31.33
CA SER N 25 24.66 19.53 -30.39
C SER N 25 25.89 18.64 -30.31
N PRO N 26 27.02 19.16 -29.82
CA PRO N 26 28.25 18.35 -29.81
C PRO N 26 28.11 17.04 -29.06
N GLU N 27 27.21 16.97 -28.07
CA GLU N 27 26.99 15.73 -27.32
C GLU N 27 26.68 14.55 -28.22
N VAL N 28 26.25 14.79 -29.46
CA VAL N 28 25.90 13.69 -30.34
C VAL N 28 27.14 12.87 -30.70
N ILE N 29 28.30 13.54 -30.83
CA ILE N 29 29.50 12.83 -31.27
C ILE N 29 29.95 11.76 -30.28
N PRO N 30 30.09 12.03 -28.98
CA PRO N 30 30.43 10.94 -28.06
C PRO N 30 29.38 9.86 -28.01
N MET N 31 28.10 10.24 -27.92
CA MET N 31 27.03 9.26 -27.83
C MET N 31 27.07 8.29 -29.00
N PHE N 32 27.10 8.81 -30.22
CA PHE N 32 27.18 7.94 -31.38
C PHE N 32 28.43 7.08 -31.33
N SER N 33 29.54 7.65 -30.86
CA SER N 33 30.77 6.88 -30.78
C SER N 33 30.63 5.72 -29.80
N ALA N 34 29.86 5.93 -28.74
CA ALA N 34 29.78 4.92 -27.69
C ALA N 34 28.72 3.88 -28.01
N LEU N 35 27.56 4.33 -28.53
CA LEU N 35 26.48 3.41 -28.83
C LEU N 35 26.80 2.51 -30.01
N SER N 36 27.62 2.98 -30.94
CA SER N 36 27.83 2.30 -32.20
C SER N 36 29.11 1.45 -32.23
N GLU N 37 29.84 1.38 -31.13
CA GLU N 37 31.14 0.74 -31.16
C GLU N 37 31.00 -0.77 -31.35
N GLY N 38 31.79 -1.32 -32.27
CA GLY N 38 31.77 -2.73 -32.57
C GLY N 38 30.66 -3.17 -33.49
N ALA N 39 29.81 -2.27 -33.96
CA ALA N 39 28.69 -2.63 -34.79
C ALA N 39 29.09 -2.75 -36.25
N THR N 40 28.29 -3.50 -37.01
CA THR N 40 28.51 -3.62 -38.43
C THR N 40 28.10 -2.32 -39.13
N PRO N 41 28.59 -2.08 -40.35
CA PRO N 41 28.11 -0.92 -41.11
C PRO N 41 26.60 -0.94 -41.31
N GLN N 42 25.99 -2.12 -41.36
CA GLN N 42 24.54 -2.20 -41.47
C GLN N 42 23.85 -1.60 -40.25
N ASP N 43 24.35 -1.88 -39.05
CA ASP N 43 23.79 -1.29 -37.84
C ASP N 43 23.98 0.23 -37.83
N LEU N 44 25.14 0.69 -38.29
CA LEU N 44 25.39 2.12 -38.40
C LEU N 44 24.40 2.78 -39.35
N ASN N 45 24.13 2.13 -40.48
CA ASN N 45 23.18 2.66 -41.43
C ASN N 45 21.77 2.67 -40.87
N THR N 46 21.41 1.65 -40.09
CA THR N 46 20.13 1.67 -39.40
C THR N 46 20.02 2.87 -38.47
N MET N 47 21.06 3.10 -37.66
CA MET N 47 21.06 4.24 -36.74
C MET N 47 20.93 5.55 -37.49
N LEU N 48 21.64 5.68 -38.63
CA LEU N 48 21.53 6.89 -39.42
C LEU N 48 20.13 7.06 -40.02
N ASN N 49 19.53 5.95 -40.45
CA ASN N 49 18.19 6.01 -41.03
C ASN N 49 17.12 6.32 -40.00
N THR N 50 17.39 6.14 -38.71
CA THR N 50 16.41 6.49 -37.69
C THR N 50 16.41 7.97 -37.33
N VAL N 51 17.19 8.79 -38.04
CA VAL N 51 17.20 10.23 -37.78
C VAL N 51 16.05 10.88 -38.55
N GLY N 52 15.08 11.42 -37.84
CA GLY N 52 13.95 12.10 -38.44
C GLY N 52 14.20 13.61 -38.49
N GLY N 53 13.92 14.19 -39.64
CA GLY N 53 14.22 15.59 -39.85
C GLY N 53 15.68 15.82 -40.13
N HIS N 54 16.07 17.10 -40.12
CA HIS N 54 17.45 17.52 -40.36
C HIS N 54 17.99 16.93 -41.65
N GLN N 55 17.21 17.05 -42.74
CA GLN N 55 17.60 16.40 -43.99
C GLN N 55 18.87 17.01 -44.57
N ALA N 56 19.04 18.33 -44.41
CA ALA N 56 20.27 18.98 -44.87
C ALA N 56 21.48 18.44 -44.12
N ALA N 57 21.34 18.24 -42.81
CA ALA N 57 22.42 17.65 -42.03
C ALA N 57 22.76 16.25 -42.52
N MET N 58 21.74 15.45 -42.82
CA MET N 58 22.00 14.09 -43.30
C MET N 58 22.64 14.10 -44.68
N GLN N 59 22.28 15.08 -45.52
CA GLN N 59 22.96 15.22 -46.81
C GLN N 59 24.43 15.60 -46.63
N MET N 60 24.71 16.50 -45.70
N MET N 60 24.72 16.49 -45.69
CA MET N 60 26.11 16.81 -45.38
CA MET N 60 26.10 16.81 -45.39
C MET N 60 26.85 15.57 -44.93
C MET N 60 26.86 15.58 -44.92
N LEU N 61 26.23 14.77 -44.06
CA LEU N 61 26.88 13.55 -43.58
C LEU N 61 27.13 12.58 -44.73
N LYS N 62 26.16 12.45 -45.64
CA LYS N 62 26.34 11.56 -46.79
C LYS N 62 27.47 12.04 -47.69
N GLU N 63 27.57 13.35 -47.91
CA GLU N 63 28.67 13.88 -48.70
C GLU N 63 30.02 13.60 -48.04
N THR N 64 30.09 13.78 -46.71
CA THR N 64 31.33 13.47 -46.00
C THR N 64 31.68 12.00 -46.13
N ILE N 65 30.70 11.12 -45.99
CA ILE N 65 30.94 9.68 -46.12
C ILE N 65 31.43 9.34 -47.52
N ASN N 66 30.82 9.93 -48.54
CA ASN N 66 31.25 9.66 -49.91
C ASN N 66 32.69 10.12 -50.13
N GLU N 67 33.06 11.27 -49.57
CA GLU N 67 34.43 11.73 -49.76
C GLU N 67 35.43 10.85 -49.01
N GLU N 68 35.06 10.37 -47.81
CA GLU N 68 35.93 9.45 -47.10
C GLU N 68 36.05 8.11 -47.83
N ALA N 69 34.96 7.66 -48.46
CA ALA N 69 35.02 6.44 -49.26
C ALA N 69 35.94 6.62 -50.46
N ALA N 70 35.89 7.80 -51.10
CA ALA N 70 36.82 8.10 -52.17
C ALA N 70 38.26 8.09 -51.67
N GLU N 71 38.49 8.63 -50.47
CA GLU N 71 39.82 8.59 -49.88
C GLU N 71 40.28 7.15 -49.66
N TRP N 72 39.39 6.30 -49.15
CA TRP N 72 39.73 4.89 -48.96
C TRP N 72 40.08 4.23 -50.29
N ASP N 73 39.29 4.52 -51.33
CA ASP N 73 39.55 3.92 -52.63
C ASP N 73 40.89 4.39 -53.20
N ARG N 74 41.24 5.65 -52.97
CA ARG N 74 42.54 6.15 -53.41
C ARG N 74 43.68 5.45 -52.66
N VAL N 75 43.53 5.29 -51.35
CA VAL N 75 44.59 4.68 -50.55
C VAL N 75 44.71 3.19 -50.87
N HIS N 76 43.58 2.51 -51.08
CA HIS N 76 43.58 1.08 -51.36
C HIS N 76 43.43 0.86 -52.85
N PRO N 77 44.49 0.53 -53.58
CA PRO N 77 44.36 0.30 -55.03
C PRO N 77 43.62 -1.01 -55.30
N VAL N 78 42.71 -0.97 -56.26
CA VAL N 78 42.00 -2.17 -56.67
C VAL N 78 42.97 -3.12 -57.38
N HIS N 79 43.00 -4.37 -56.95
CA HIS N 79 43.93 -5.36 -57.47
C HIS N 79 43.17 -6.27 -58.43
N ALA N 80 43.67 -6.37 -59.66
CA ALA N 80 43.05 -7.24 -60.66
C ALA N 80 43.53 -8.67 -60.49
N GLY N 81 42.61 -9.62 -60.63
CA GLY N 81 42.93 -11.02 -60.49
C GLY N 81 41.89 -11.76 -59.68
N PRO N 82 41.73 -13.05 -59.93
CA PRO N 82 40.73 -13.84 -59.19
C PRO N 82 41.10 -13.96 -57.72
N ILE N 83 40.11 -13.73 -56.86
CA ILE N 83 40.33 -13.86 -55.43
C ILE N 83 40.48 -15.33 -55.07
N ALA N 84 41.25 -15.59 -54.01
CA ALA N 84 41.46 -16.95 -53.57
C ALA N 84 40.13 -17.54 -53.07
N PRO N 85 39.87 -18.83 -53.30
CA PRO N 85 38.60 -19.41 -52.84
C PRO N 85 38.38 -19.29 -51.34
N GLY N 86 39.45 -19.43 -50.54
CA GLY N 86 39.31 -19.26 -49.11
C GLY N 86 39.29 -17.80 -48.70
N GLN N 87 39.72 -16.91 -49.58
CA GLN N 87 39.74 -15.49 -49.28
C GLN N 87 38.49 -14.81 -49.84
N MET N 88 38.26 -13.59 -49.36
CA MET N 88 37.16 -12.77 -49.82
C MET N 88 37.71 -11.53 -50.52
N ARG N 89 36.84 -10.85 -51.26
CA ARG N 89 37.24 -9.64 -51.94
C ARG N 89 37.59 -8.54 -50.95
N GLU N 90 38.58 -7.73 -51.31
CA GLU N 90 38.98 -6.63 -50.44
C GLU N 90 37.92 -5.53 -50.46
N PRO N 91 37.55 -4.98 -49.30
CA PRO N 91 36.49 -3.98 -49.26
C PRO N 91 36.85 -2.74 -50.05
N ARG N 92 35.85 -2.15 -50.69
CA ARG N 92 35.94 -0.81 -51.25
C ARG N 92 35.26 0.17 -50.30
N GLY N 93 35.36 1.46 -50.64
CA GLY N 93 34.75 2.47 -49.80
C GLY N 93 33.25 2.29 -49.66
N SER N 94 32.59 1.93 -50.76
CA SER N 94 31.17 1.65 -50.71
C SER N 94 30.86 0.43 -49.86
N ASP N 95 31.77 -0.54 -49.82
CA ASP N 95 31.58 -1.70 -48.96
C ASP N 95 31.64 -1.31 -47.49
N ILE N 96 32.56 -0.42 -47.13
CA ILE N 96 32.63 0.05 -45.74
C ILE N 96 31.40 0.88 -45.40
N ALA N 97 30.97 1.74 -46.32
CA ALA N 97 29.75 2.50 -46.09
C ALA N 97 28.50 1.62 -46.05
N GLY N 98 28.61 0.38 -46.54
CA GLY N 98 27.48 -0.53 -46.54
C GLY N 98 26.54 -0.40 -47.71
N THR N 99 26.87 0.41 -48.71
CA THR N 99 25.99 0.54 -49.87
C THR N 99 26.08 -0.68 -50.77
N THR N 100 27.29 -1.19 -50.99
CA THR N 100 27.50 -2.31 -51.91
C THR N 100 27.90 -3.59 -51.22
N SER N 101 27.84 -3.65 -49.90
CA SER N 101 28.20 -4.84 -49.15
C SER N 101 27.01 -5.35 -48.37
N THR N 102 26.83 -6.67 -48.37
CA THR N 102 25.81 -7.29 -47.56
C THR N 102 26.31 -7.47 -46.13
N LEU N 103 25.37 -7.76 -45.22
CA LEU N 103 25.74 -7.96 -43.82
C LEU N 103 26.69 -9.14 -43.67
N GLN N 104 26.51 -10.19 -44.47
CA GLN N 104 27.40 -11.34 -44.40
C GLN N 104 28.82 -10.95 -44.77
N GLU N 105 28.99 -10.14 -45.83
CA GLU N 105 30.32 -9.70 -46.21
C GLU N 105 30.96 -8.83 -45.13
N GLN N 106 30.17 -7.94 -44.53
CA GLN N 106 30.69 -7.09 -43.46
C GLN N 106 31.16 -7.93 -42.28
N ILE N 107 30.36 -8.92 -41.88
CA ILE N 107 30.74 -9.79 -40.77
C ILE N 107 31.98 -10.60 -41.13
N GLY N 108 32.06 -11.06 -42.38
CA GLY N 108 33.25 -11.79 -42.81
C GLY N 108 34.50 -10.96 -42.74
N TRP N 109 34.41 -9.68 -43.15
CA TRP N 109 35.57 -8.79 -43.03
C TRP N 109 35.93 -8.55 -41.56
N MET N 110 34.93 -8.31 -40.71
CA MET N 110 35.23 -7.98 -39.32
C MET N 110 35.74 -9.19 -38.54
N THR N 111 35.41 -10.40 -38.96
CA THR N 111 35.80 -11.60 -38.24
C THR N 111 36.86 -12.42 -38.97
N ASN N 112 37.54 -11.84 -39.94
CA ASN N 112 38.57 -12.56 -40.67
C ASN N 112 39.92 -12.42 -39.95
N ASN N 113 40.85 -13.28 -40.31
CA ASN N 113 42.23 -13.19 -39.82
C ASN N 113 43.15 -12.88 -40.99
N PRO N 114 43.74 -11.68 -41.05
CA PRO N 114 43.57 -10.54 -40.14
C PRO N 114 42.24 -9.83 -40.35
N PRO N 115 41.73 -9.15 -39.33
CA PRO N 115 40.42 -8.51 -39.47
C PRO N 115 40.52 -7.15 -40.11
N ILE N 116 39.48 -6.79 -40.87
CA ILE N 116 39.31 -5.44 -41.40
C ILE N 116 38.09 -4.85 -40.70
N PRO N 117 38.28 -3.97 -39.72
CA PRO N 117 37.14 -3.45 -38.94
C PRO N 117 36.35 -2.40 -39.72
N VAL N 118 35.58 -2.86 -40.70
CA VAL N 118 34.83 -1.96 -41.56
C VAL N 118 33.85 -1.12 -40.75
N GLY N 119 33.34 -1.69 -39.66
CA GLY N 119 32.46 -0.92 -38.79
C GLY N 119 33.16 0.27 -38.16
N GLU N 120 34.39 0.08 -37.70
CA GLU N 120 35.12 1.17 -37.05
C GLU N 120 35.52 2.24 -38.07
N ILE N 121 35.95 1.83 -39.26
CA ILE N 121 36.28 2.77 -40.32
C ILE N 121 35.06 3.59 -40.70
N TYR N 122 33.93 2.92 -40.90
CA TYR N 122 32.70 3.64 -41.21
C TYR N 122 32.29 4.55 -40.08
N LYS N 123 32.51 4.12 -38.84
CA LYS N 123 32.18 4.97 -37.70
C LYS N 123 33.00 6.24 -37.71
N ARG N 124 34.29 6.14 -38.04
CA ARG N 124 35.09 7.37 -38.11
C ARG N 124 34.62 8.28 -39.23
N TRP N 125 34.24 7.71 -40.37
CA TRP N 125 33.68 8.54 -41.44
C TRP N 125 32.42 9.27 -40.96
N ILE N 126 31.55 8.55 -40.28
CA ILE N 126 30.32 9.16 -39.77
C ILE N 126 30.65 10.22 -38.73
N ILE N 127 31.69 10.00 -37.93
CA ILE N 127 32.09 11.00 -36.94
C ILE N 127 32.56 12.27 -37.63
N LEU N 128 33.32 12.13 -38.71
CA LEU N 128 33.71 13.31 -39.49
C LEU N 128 32.47 14.05 -39.99
N GLY N 129 31.50 13.31 -40.52
CA GLY N 129 30.27 13.94 -40.97
C GLY N 129 29.52 14.64 -39.85
N LEU N 130 29.42 14.00 -38.69
CA LEU N 130 28.71 14.57 -37.56
C LEU N 130 29.41 15.81 -37.04
N ASN N 131 30.75 15.81 -37.07
CA ASN N 131 31.51 16.99 -36.70
C ASN N 131 31.23 18.14 -37.66
N LYS N 132 31.19 17.85 -38.95
CA LYS N 132 30.84 18.89 -39.92
C LYS N 132 29.44 19.43 -39.67
N ILE N 133 28.50 18.55 -39.32
CA ILE N 133 27.15 18.99 -39.02
C ILE N 133 27.13 19.88 -37.77
N VAL N 134 27.84 19.46 -36.73
CA VAL N 134 27.84 20.21 -35.48
C VAL N 134 28.45 21.60 -35.69
N ARG N 135 29.45 21.68 -36.56
CA ARG N 135 30.08 22.97 -36.81
C ARG N 135 29.27 23.86 -37.73
N MET N 136 28.67 23.32 -38.78
CA MET N 136 28.18 24.13 -39.89
C MET N 136 26.66 24.12 -40.06
N TYR N 137 25.95 23.21 -39.41
CA TYR N 137 24.52 23.07 -39.61
C TYR N 137 23.76 23.70 -38.45
N SER N 138 22.83 24.59 -38.79
CA SER N 138 21.92 25.19 -37.81
C SER N 138 20.49 24.81 -38.19
N PRO N 139 19.77 24.07 -37.36
CA PRO N 139 18.40 23.71 -37.70
C PRO N 139 17.48 24.93 -37.74
N THR N 140 16.46 24.85 -38.58
CA THR N 140 15.46 25.91 -38.63
C THR N 140 14.68 25.95 -37.33
N SER N 141 14.33 27.16 -36.89
CA SER N 141 13.58 27.36 -35.67
C SER N 141 12.39 28.26 -35.95
N ILE N 142 11.23 27.87 -35.41
CA ILE N 142 10.04 28.71 -35.53
C ILE N 142 10.23 30.01 -34.77
N LEU N 143 11.11 30.02 -33.77
CA LEU N 143 11.37 31.24 -33.02
C LEU N 143 12.15 32.27 -33.83
N ASP N 144 12.83 31.84 -34.89
CA ASP N 144 13.66 32.72 -35.70
C ASP N 144 12.93 33.34 -36.88
N ILE N 145 11.65 32.99 -37.09
CA ILE N 145 10.91 33.49 -38.24
C ILE N 145 10.28 34.82 -37.85
N ARG N 146 10.85 35.91 -38.38
CA ARG N 146 10.37 37.25 -38.09
C ARG N 146 10.15 37.98 -39.41
N GLN N 147 9.08 38.77 -39.45
CA GLN N 147 8.75 39.50 -40.66
C GLN N 147 9.76 40.61 -40.91
N GLY N 148 10.23 40.72 -42.14
CA GLY N 148 11.15 41.76 -42.52
C GLY N 148 10.50 43.12 -42.51
N PRO N 149 11.31 44.19 -42.53
CA PRO N 149 10.73 45.54 -42.44
C PRO N 149 9.76 45.87 -43.56
N LYS N 150 10.00 45.38 -44.77
CA LYS N 150 9.05 45.55 -45.86
C LYS N 150 8.71 44.23 -46.54
N GLU N 151 8.73 43.14 -45.80
CA GLU N 151 8.23 41.87 -46.30
C GLU N 151 6.71 41.87 -46.27
N PRO N 152 6.04 41.42 -47.34
CA PRO N 152 4.58 41.30 -47.28
C PRO N 152 4.16 40.31 -46.21
N PHE N 153 3.02 40.61 -45.57
CA PHE N 153 2.54 39.75 -44.49
C PHE N 153 2.23 38.35 -45.00
N ARG N 154 1.77 38.23 -46.24
CA ARG N 154 1.47 36.93 -46.81
C ARG N 154 2.73 36.08 -46.94
N ASP N 155 3.83 36.68 -47.41
CA ASP N 155 5.09 35.94 -47.54
C ASP N 155 5.60 35.52 -46.17
N TYR N 156 5.51 36.40 -45.18
CA TYR N 156 5.93 36.05 -43.83
C TYR N 156 5.09 34.92 -43.26
N VAL N 157 3.79 34.94 -43.51
CA VAL N 157 2.91 33.88 -43.03
C VAL N 157 3.27 32.56 -43.69
N ASP N 158 3.56 32.59 -44.99
CA ASP N 158 4.00 31.38 -45.68
C ASP N 158 5.29 30.83 -45.08
N ARG N 159 6.26 31.70 -44.83
CA ARG N 159 7.52 31.28 -44.22
C ARG N 159 7.27 30.69 -42.83
N PHE N 160 6.43 31.34 -42.04
CA PHE N 160 6.13 30.87 -40.70
C PHE N 160 5.51 29.49 -40.73
N TYR N 161 4.56 29.26 -41.63
CA TYR N 161 3.87 27.97 -41.65
C TYR N 161 4.77 26.87 -42.21
N LYS N 162 5.64 27.21 -43.17
CA LYS N 162 6.60 26.22 -43.64
C LYS N 162 7.54 25.79 -42.51
N THR N 163 8.08 26.77 -41.78
CA THR N 163 8.96 26.45 -40.67
C THR N 163 8.22 25.68 -39.57
N LEU N 164 6.96 26.03 -39.32
CA LEU N 164 6.16 25.34 -38.33
C LEU N 164 5.92 23.89 -38.74
N ARG N 165 5.69 23.65 -40.03
CA ARG N 165 5.57 22.28 -40.51
C ARG N 165 6.88 21.52 -40.29
N ALA N 166 8.02 22.19 -40.49
CA ALA N 166 9.29 21.53 -40.24
C ALA N 166 9.63 21.42 -38.75
N GLU N 167 8.93 22.16 -37.89
CA GLU N 167 9.28 22.17 -36.47
C GLU N 167 8.98 20.85 -35.80
N GLN N 168 9.83 20.46 -34.86
N GLN N 168 9.84 20.46 -34.87
CA GLN N 168 9.66 19.23 -34.09
CA GLN N 168 9.67 19.23 -34.09
C GLN N 168 8.86 19.56 -32.85
C GLN N 168 8.86 19.55 -32.84
N ALA N 169 7.55 19.33 -32.92
CA ALA N 169 6.67 19.62 -31.80
C ALA N 169 5.39 18.83 -31.95
N SER N 170 4.66 18.71 -30.85
CA SER N 170 3.32 18.16 -30.89
C SER N 170 2.37 19.14 -31.57
N GLN N 171 1.24 18.62 -32.06
CA GLN N 171 0.29 19.45 -32.78
C GLN N 171 -0.29 20.54 -31.88
N GLU N 172 -0.54 20.23 -30.62
CA GLU N 172 -1.01 21.24 -29.68
C GLU N 172 0.02 22.34 -29.50
N VAL N 173 1.29 21.97 -29.37
CA VAL N 173 2.35 22.97 -29.24
C VAL N 173 2.44 23.81 -30.50
N LYS N 174 2.26 23.20 -31.67
CA LYS N 174 2.29 23.97 -32.91
C LYS N 174 1.11 24.93 -33.00
N ASN N 175 -0.07 24.51 -32.56
CA ASN N 175 -1.22 25.41 -32.53
C ASN N 175 -0.96 26.59 -31.61
N TRP N 176 -0.38 26.32 -30.43
CA TRP N 176 -0.04 27.40 -29.51
C TRP N 176 1.04 28.31 -30.09
N MET N 177 2.00 27.73 -30.83
CA MET N 177 3.01 28.51 -31.53
C MET N 177 2.37 29.46 -32.52
N THR N 178 1.40 28.96 -33.29
CA THR N 178 0.70 29.84 -34.23
C THR N 178 -0.07 30.93 -33.50
N GLU N 179 -0.71 30.58 -32.39
CA GLU N 179 -1.49 31.55 -31.64
C GLU N 179 -0.62 32.63 -31.01
N THR N 180 0.64 32.33 -30.74
CA THR N 180 1.50 33.25 -30.01
C THR N 180 2.51 33.98 -30.89
N LEU N 181 3.25 33.26 -31.72
CA LEU N 181 4.45 33.82 -32.34
C LEU N 181 4.14 34.59 -33.62
N LEU N 182 3.09 34.20 -34.34
CA LEU N 182 2.86 34.76 -35.67
C LEU N 182 2.62 36.26 -35.61
N VAL N 183 1.71 36.70 -34.74
CA VAL N 183 1.48 38.13 -34.57
C VAL N 183 2.67 38.77 -33.85
N GLN N 184 3.28 38.05 -32.92
CA GLN N 184 4.37 38.62 -32.13
C GLN N 184 5.56 39.02 -33.00
N ASN N 185 5.94 38.17 -33.95
CA ASN N 185 7.10 38.43 -34.78
C ASN N 185 6.76 39.07 -36.11
N ALA N 186 5.58 39.67 -36.24
CA ALA N 186 5.30 40.52 -37.37
C ALA N 186 6.03 41.86 -37.20
N ASN N 187 6.28 42.53 -38.32
CA ASN N 187 6.94 43.82 -38.27
C ASN N 187 5.98 44.86 -37.68
N PRO N 188 6.51 45.98 -37.16
CA PRO N 188 5.65 46.93 -36.46
C PRO N 188 4.48 47.44 -37.30
N ASP N 189 4.72 47.68 -38.59
CA ASP N 189 3.66 48.19 -39.46
C ASP N 189 2.48 47.24 -39.51
N CYS N 190 2.74 45.95 -39.67
CA CYS N 190 1.66 44.97 -39.66
C CYS N 190 1.17 44.73 -38.23
N LYS N 191 2.06 44.85 -37.24
CA LYS N 191 1.70 44.52 -35.87
C LYS N 191 0.66 45.48 -35.32
N THR N 192 0.77 46.77 -35.64
CA THR N 192 -0.23 47.72 -35.16
C THR N 192 -1.60 47.37 -35.70
N ILE N 193 -1.69 47.04 -36.98
CA ILE N 193 -2.95 46.64 -37.58
C ILE N 193 -3.49 45.37 -36.93
N LEU N 194 -2.61 44.39 -36.71
CA LEU N 194 -3.03 43.12 -36.12
C LEU N 194 -3.58 43.31 -34.72
N LYS N 195 -2.93 44.17 -33.91
CA LYS N 195 -3.45 44.45 -32.58
C LYS N 195 -4.79 45.20 -32.68
N ALA N 196 -4.92 46.11 -33.63
CA ALA N 196 -6.19 46.80 -33.82
C ALA N 196 -7.30 45.84 -34.19
N LEU N 197 -6.97 44.73 -34.86
CA LEU N 197 -7.99 43.75 -35.22
C LEU N 197 -8.62 43.11 -33.99
N GLY N 198 -7.80 42.76 -33.00
CA GLY N 198 -8.29 42.11 -31.81
C GLY N 198 -7.86 40.66 -31.72
N PRO N 199 -8.06 40.06 -30.55
CA PRO N 199 -7.57 38.68 -30.36
C PRO N 199 -8.35 37.63 -31.14
N ALA N 200 -9.61 37.92 -31.51
CA ALA N 200 -10.45 36.91 -32.13
C ALA N 200 -10.27 36.83 -33.63
N ALA N 201 -9.40 37.64 -34.22
CA ALA N 201 -9.26 37.67 -35.67
C ALA N 201 -8.73 36.35 -36.19
N THR N 202 -9.28 35.90 -37.31
CA THR N 202 -8.80 34.70 -37.98
C THR N 202 -7.61 35.03 -38.88
N LEU N 203 -6.96 33.99 -39.37
CA LEU N 203 -5.78 34.20 -40.21
C LEU N 203 -6.13 34.91 -41.51
N GLU N 204 -7.29 34.59 -42.10
CA GLU N 204 -7.72 35.27 -43.31
C GLU N 204 -7.99 36.73 -43.06
N GLU N 205 -8.64 37.06 -41.94
CA GLU N 205 -8.88 38.45 -41.60
C GLU N 205 -7.57 39.21 -41.39
N MET N 206 -6.60 38.57 -40.72
CA MET N 206 -5.31 39.20 -40.53
C MET N 206 -4.59 39.42 -41.86
N MET N 207 -4.67 38.45 -42.76
CA MET N 207 -4.02 38.60 -44.06
C MET N 207 -4.69 39.68 -44.90
N THR N 208 -6.01 39.83 -44.77
CA THR N 208 -6.70 40.90 -45.48
C THR N 208 -6.36 42.26 -44.90
N ALA N 209 -6.26 42.34 -43.57
CA ALA N 209 -5.99 43.62 -42.92
C ALA N 209 -4.60 44.15 -43.26
N CYS N 210 -3.64 43.26 -43.45
CA CYS N 210 -2.27 43.65 -43.76
C CYS N 210 -1.95 43.58 -45.24
N GLN N 211 -2.96 43.35 -46.10
CA GLN N 211 -2.69 43.21 -47.52
C GLN N 211 -2.20 44.50 -48.14
N GLY N 212 -2.56 45.64 -47.57
CA GLY N 212 -2.16 46.92 -48.12
C GLY N 212 -0.93 47.54 -47.53
N VAL N 213 -0.30 46.91 -46.53
CA VAL N 213 0.87 47.51 -45.90
C VAL N 213 1.99 47.59 -46.91
N GLY N 214 2.56 48.78 -47.07
CA GLY N 214 3.56 49.03 -48.07
C GLY N 214 3.03 49.53 -49.39
N GLY N 215 1.73 49.44 -49.62
CA GLY N 215 1.12 49.99 -50.81
C GLY N 215 0.97 51.48 -50.71
N PRO N 216 0.65 52.11 -51.84
CA PRO N 216 0.57 53.57 -51.87
C PRO N 216 -0.39 54.15 -50.85
N GLY N 217 -1.55 53.53 -50.68
CA GLY N 217 -2.53 54.05 -49.73
C GLY N 217 -2.03 54.01 -48.29
N HIS N 218 -1.46 52.87 -47.88
CA HIS N 218 -0.98 52.73 -46.52
C HIS N 218 0.21 53.66 -46.25
N LYS N 219 1.13 53.76 -47.21
CA LYS N 219 2.26 54.66 -47.06
C LYS N 219 1.79 56.10 -46.90
N ALA N 220 0.87 56.53 -47.77
CA ALA N 220 0.35 57.88 -47.67
C ALA N 220 -0.37 58.10 -46.35
N ARG N 221 -1.14 57.12 -45.89
CA ARG N 221 -1.88 57.28 -44.65
C ARG N 221 -0.95 57.41 -43.45
N VAL N 222 0.09 56.57 -43.36
CA VAL N 222 0.98 56.65 -42.22
C VAL N 222 1.81 57.93 -42.27
N LEU N 223 2.23 58.34 -43.48
CA LEU N 223 2.95 59.61 -43.61
C LEU N 223 2.07 60.77 -43.19
N ALA N 224 0.79 60.73 -43.56
CA ALA N 224 -0.14 61.78 -43.18
C ALA N 224 -0.35 61.82 -41.67
N GLU N 225 -0.44 60.65 -41.04
CA GLU N 225 -0.59 60.63 -39.58
C GLU N 225 0.64 61.19 -38.89
N ALA N 226 1.84 60.84 -39.38
CA ALA N 226 3.06 61.41 -38.82
C ALA N 226 3.10 62.92 -39.00
N MET N 227 2.70 63.42 -40.17
CA MET N 227 2.68 64.86 -40.39
C MET N 227 1.61 65.53 -39.53
N SER N 228 0.52 64.83 -39.24
CA SER N 228 -0.47 65.36 -38.30
C SER N 228 0.14 65.52 -36.92
N GLN N 229 0.91 64.54 -36.47
CA GLN N 229 1.58 64.66 -35.19
C GLN N 229 2.57 65.82 -35.19
N VAL N 230 3.31 65.98 -36.29
CA VAL N 230 4.32 67.04 -36.35
C VAL N 230 3.67 68.42 -36.35
N ILE N 231 2.67 68.62 -37.21
CA ILE N 231 2.04 69.93 -37.37
C ILE N 231 0.95 70.17 -36.31
N ASN N 232 0.76 69.23 -35.39
CA ASN N 232 -0.22 69.40 -34.32
C ASN N 232 0.13 70.60 -33.45
N GLN O 1 -1.10 -18.15 -65.71
CA GLN O 1 -2.27 -18.21 -64.86
C GLN O 1 -3.06 -16.91 -64.92
N MET O 2 -3.77 -16.60 -63.85
CA MET O 2 -4.54 -15.36 -63.75
C MET O 2 -4.45 -14.83 -62.34
N VAL O 3 -4.68 -13.54 -62.19
CA VAL O 3 -4.66 -12.87 -60.90
C VAL O 3 -6.09 -12.74 -60.41
N HIS O 4 -6.35 -13.33 -59.23
CA HIS O 4 -7.71 -13.33 -58.68
C HIS O 4 -8.08 -11.96 -58.13
N GLN O 5 -7.11 -11.20 -57.63
CA GLN O 5 -7.37 -9.90 -57.03
C GLN O 5 -7.16 -8.75 -58.01
N ALA O 6 -7.38 -8.99 -59.30
CA ALA O 6 -7.34 -7.91 -60.27
C ALA O 6 -8.41 -6.88 -59.94
N ILE O 7 -8.10 -5.61 -60.20
CA ILE O 7 -9.02 -4.54 -59.82
C ILE O 7 -10.30 -4.63 -60.66
N SER O 8 -11.43 -4.56 -59.98
CA SER O 8 -12.74 -4.55 -60.60
C SER O 8 -13.08 -3.13 -61.05
N PRO O 9 -14.07 -2.99 -61.94
CA PRO O 9 -14.48 -1.63 -62.34
C PRO O 9 -14.88 -0.75 -61.16
N ARG O 10 -15.57 -1.33 -60.17
CA ARG O 10 -15.93 -0.56 -59.00
C ARG O 10 -14.72 -0.15 -58.19
N THR O 11 -13.71 -1.00 -58.13
CA THR O 11 -12.48 -0.65 -57.40
C THR O 11 -11.80 0.54 -58.05
N LEU O 12 -11.65 0.52 -59.37
CA LEU O 12 -11.03 1.64 -60.08
C LEU O 12 -11.84 2.91 -59.93
N ASN O 13 -13.17 2.79 -60.05
CA ASN O 13 -14.01 3.97 -59.90
C ASN O 13 -13.93 4.53 -58.48
N ALA O 14 -13.84 3.65 -57.49
CA ALA O 14 -13.70 4.12 -56.11
C ALA O 14 -12.38 4.84 -55.92
N TRP O 15 -11.31 4.34 -56.53
CA TRP O 15 -10.03 5.04 -56.44
C TRP O 15 -10.13 6.42 -57.08
N VAL O 16 -10.75 6.50 -58.26
CA VAL O 16 -10.90 7.79 -58.94
C VAL O 16 -11.70 8.74 -58.06
N LYS O 17 -12.79 8.27 -57.47
CA LYS O 17 -13.62 9.13 -56.63
C LYS O 17 -12.88 9.55 -55.36
N VAL O 18 -12.06 8.66 -54.81
CA VAL O 18 -11.28 9.01 -53.63
C VAL O 18 -10.33 10.15 -53.95
N VAL O 19 -9.62 10.04 -55.08
CA VAL O 19 -8.68 11.09 -55.46
C VAL O 19 -9.42 12.39 -55.74
N GLU O 20 -10.57 12.32 -56.42
CA GLU O 20 -11.30 13.53 -56.76
C GLU O 20 -11.87 14.22 -55.53
N GLU O 21 -12.35 13.45 -54.55
CA GLU O 21 -13.00 14.05 -53.39
C GLU O 21 -11.99 14.51 -52.35
N LYS O 22 -11.04 13.66 -51.99
CA LYS O 22 -10.15 13.94 -50.88
C LYS O 22 -8.81 14.53 -51.29
N ALA O 23 -8.53 14.63 -52.59
CA ALA O 23 -7.24 15.09 -53.11
C ALA O 23 -6.16 14.21 -52.50
N PHE O 24 -5.23 14.74 -51.70
CA PHE O 24 -4.22 13.91 -51.06
C PHE O 24 -4.18 14.14 -49.56
N SER O 25 -5.34 14.10 -48.93
CA SER O 25 -5.45 14.04 -47.49
C SER O 25 -4.92 12.68 -47.02
N PRO O 26 -4.65 12.52 -45.73
CA PRO O 26 -4.16 11.21 -45.24
C PRO O 26 -5.07 10.06 -45.60
N GLU O 27 -6.37 10.32 -45.75
CA GLU O 27 -7.33 9.27 -46.08
C GLU O 27 -6.98 8.52 -47.35
N VAL O 28 -6.22 9.14 -48.25
CA VAL O 28 -5.87 8.49 -49.51
C VAL O 28 -4.98 7.28 -49.26
N ILE O 29 -4.15 7.32 -48.22
CA ILE O 29 -3.21 6.23 -47.98
C ILE O 29 -3.92 4.92 -47.63
N PRO O 30 -4.86 4.88 -46.67
CA PRO O 30 -5.57 3.61 -46.44
C PRO O 30 -6.34 3.14 -47.66
N MET O 31 -7.10 4.05 -48.28
CA MET O 31 -7.94 3.67 -49.42
C MET O 31 -7.12 2.97 -50.50
N PHE O 32 -6.03 3.60 -50.94
CA PHE O 32 -5.17 2.95 -51.91
C PHE O 32 -4.73 1.59 -51.42
N SER O 33 -4.21 1.53 -50.18
CA SER O 33 -3.72 0.27 -49.65
C SER O 33 -4.80 -0.80 -49.68
N ALA O 34 -6.06 -0.38 -49.52
CA ALA O 34 -7.15 -1.35 -49.53
C ALA O 34 -7.59 -1.67 -50.95
N LEU O 35 -7.60 -0.66 -51.83
CA LEU O 35 -8.15 -0.90 -53.16
C LEU O 35 -7.19 -1.66 -54.04
N SER O 36 -5.89 -1.59 -53.74
CA SER O 36 -4.87 -2.14 -54.61
C SER O 36 -4.36 -3.50 -54.17
N GLU O 37 -4.89 -4.06 -53.08
CA GLU O 37 -4.36 -5.29 -52.53
C GLU O 37 -4.47 -6.43 -53.55
N GLY O 38 -3.38 -7.18 -53.70
CA GLY O 38 -3.34 -8.31 -54.60
C GLY O 38 -3.30 -7.98 -56.07
N ALA O 39 -3.27 -6.70 -56.43
CA ALA O 39 -3.27 -6.31 -57.84
C ALA O 39 -1.86 -6.38 -58.43
N THR O 40 -1.81 -6.52 -59.74
CA THR O 40 -0.53 -6.50 -60.45
C THR O 40 0.02 -5.09 -60.50
N PRO O 41 1.32 -4.94 -60.78
CA PRO O 41 1.86 -3.59 -61.01
C PRO O 41 1.15 -2.86 -62.13
N GLN O 42 0.66 -3.58 -63.14
CA GLN O 42 -0.08 -2.94 -64.23
C GLN O 42 -1.37 -2.30 -63.72
N ASP O 43 -2.10 -2.99 -62.86
CA ASP O 43 -3.30 -2.40 -62.27
C ASP O 43 -2.95 -1.19 -61.41
N LEU O 44 -1.84 -1.27 -60.68
CA LEU O 44 -1.38 -0.13 -59.88
C LEU O 44 -1.09 1.07 -60.76
N ASN O 45 -0.42 0.85 -61.89
CA ASN O 45 -0.11 1.94 -62.81
C ASN O 45 -1.38 2.51 -63.43
N THR O 46 -2.36 1.65 -63.71
CA THR O 46 -3.65 2.15 -64.19
C THR O 46 -4.31 3.03 -63.14
N MET O 47 -4.24 2.61 -61.88
CA MET O 47 -4.78 3.43 -60.79
C MET O 47 -4.07 4.77 -60.71
N LEU O 48 -2.75 4.78 -60.86
CA LEU O 48 -1.98 6.01 -60.78
C LEU O 48 -2.25 6.93 -61.97
N ASN O 49 -2.51 6.34 -63.14
CA ASN O 49 -2.73 7.15 -64.34
C ASN O 49 -4.09 7.84 -64.34
N THR O 50 -5.01 7.43 -63.48
CA THR O 50 -6.33 8.04 -63.42
C THR O 50 -6.36 9.29 -62.55
N VAL O 51 -5.24 9.66 -61.94
CA VAL O 51 -5.19 10.87 -61.13
C VAL O 51 -5.12 12.07 -62.06
N GLY O 52 -6.17 12.88 -62.06
CA GLY O 52 -6.23 14.09 -62.87
C GLY O 52 -5.79 15.28 -62.03
N GLY O 53 -4.95 16.12 -62.64
CA GLY O 53 -4.35 17.22 -61.91
C GLY O 53 -3.31 16.72 -60.92
N HIS O 54 -2.91 17.63 -60.04
CA HIS O 54 -1.89 17.34 -59.04
C HIS O 54 -0.62 16.78 -59.68
N GLN O 55 -0.19 17.42 -60.77
CA GLN O 55 0.94 16.90 -61.53
C GLN O 55 2.21 16.92 -60.70
N ALA O 56 2.40 17.95 -59.88
CA ALA O 56 3.57 18.02 -59.01
C ALA O 56 3.59 16.84 -58.04
N ALA O 57 2.44 16.51 -57.46
CA ALA O 57 2.36 15.37 -56.56
C ALA O 57 2.70 14.07 -57.29
N MET O 58 2.21 13.91 -58.52
CA MET O 58 2.53 12.73 -59.30
C MET O 58 4.02 12.65 -59.59
N GLN O 59 4.66 13.79 -59.84
CA GLN O 59 6.11 13.80 -60.04
C GLN O 59 6.85 13.39 -58.78
N MET O 60 6.41 13.87 -57.61
CA MET O 60 7.02 13.44 -56.36
C MET O 60 6.86 11.94 -56.17
N LEU O 61 5.69 11.41 -56.50
CA LEU O 61 5.45 9.97 -56.39
C LEU O 61 6.38 9.19 -57.32
N LYS O 62 6.56 9.68 -58.55
CA LYS O 62 7.45 9.00 -59.48
C LYS O 62 8.89 9.03 -58.98
N GLU O 63 9.31 10.14 -58.38
CA GLU O 63 10.65 10.21 -57.81
C GLU O 63 10.83 9.19 -56.69
N THR O 64 9.83 9.08 -55.81
CA THR O 64 9.90 8.10 -54.72
C THR O 64 9.95 6.68 -55.27
N ILE O 65 9.15 6.39 -56.30
CA ILE O 65 9.16 5.06 -56.89
C ILE O 65 10.52 4.75 -57.49
N ASN O 66 11.12 5.71 -58.18
CA ASN O 66 12.44 5.49 -58.75
C ASN O 66 13.48 5.24 -57.67
N GLU O 67 13.39 5.98 -56.56
CA GLU O 67 14.33 5.76 -55.46
C GLU O 67 14.17 4.36 -54.88
N GLU O 68 12.92 3.91 -54.70
CA GLU O 68 12.69 2.56 -54.17
C GLU O 68 13.15 1.49 -55.16
N ALA O 69 12.99 1.74 -56.46
CA ALA O 69 13.50 0.80 -57.45
C ALA O 69 15.02 0.72 -57.41
N ALA O 70 15.69 1.86 -57.22
CA ALA O 70 17.14 1.84 -57.06
C ALA O 70 17.54 1.06 -55.83
N GLU O 71 16.80 1.24 -54.73
CA GLU O 71 17.10 0.48 -53.51
C GLU O 71 16.92 -1.02 -53.74
N TRP O 72 15.86 -1.41 -54.45
CA TRP O 72 15.65 -2.81 -54.79
C TRP O 72 16.80 -3.35 -55.63
N ASP O 73 17.25 -2.59 -56.62
CA ASP O 73 18.35 -3.04 -57.46
C ASP O 73 19.64 -3.17 -56.65
N ARG O 74 19.85 -2.28 -55.68
CA ARG O 74 21.00 -2.39 -54.81
C ARG O 74 20.95 -3.67 -53.98
N VAL O 75 19.78 -3.97 -53.41
CA VAL O 75 19.65 -5.14 -52.56
C VAL O 75 19.74 -6.43 -53.36
N HIS O 76 19.23 -6.44 -54.59
CA HIS O 76 19.20 -7.65 -55.41
C HIS O 76 20.28 -7.58 -56.48
N PRO O 77 21.38 -8.32 -56.34
CA PRO O 77 22.42 -8.29 -57.38
C PRO O 77 21.94 -8.95 -58.67
N VAL O 78 22.50 -8.49 -59.79
CA VAL O 78 22.14 -9.04 -61.09
C VAL O 78 22.79 -10.41 -61.26
N HIS O 79 22.01 -11.36 -61.76
CA HIS O 79 22.50 -12.72 -61.97
C HIS O 79 23.50 -12.77 -63.11
N ALA O 80 24.28 -13.86 -63.14
CA ALA O 80 25.37 -13.99 -64.10
C ALA O 80 24.86 -14.04 -65.54
N GLY O 81 23.74 -14.69 -65.79
CA GLY O 81 23.26 -14.86 -67.14
C GLY O 81 22.62 -16.20 -67.49
N PRO O 82 23.07 -17.33 -66.90
CA PRO O 82 22.45 -18.59 -67.34
C PRO O 82 21.04 -18.79 -66.76
N ILE O 83 20.06 -18.18 -67.42
CA ILE O 83 18.68 -18.33 -67.01
C ILE O 83 18.18 -19.73 -67.37
N ALA O 84 17.58 -20.41 -66.40
CA ALA O 84 17.04 -21.73 -66.64
C ALA O 84 15.86 -21.64 -67.61
N PRO O 85 15.73 -22.60 -68.54
CA PRO O 85 14.59 -22.54 -69.47
C PRO O 85 13.24 -22.57 -68.79
N GLY O 86 13.10 -23.32 -67.70
CA GLY O 86 11.82 -23.38 -67.01
C GLY O 86 11.61 -22.21 -66.07
N GLN O 87 12.68 -21.54 -65.67
CA GLN O 87 12.59 -20.39 -64.80
C GLN O 87 12.58 -19.09 -65.61
N MET O 88 12.08 -18.03 -64.99
CA MET O 88 12.03 -16.72 -65.62
C MET O 88 12.99 -15.77 -64.93
N ARG O 89 13.29 -14.67 -65.62
CA ARG O 89 14.27 -13.72 -65.12
C ARG O 89 13.81 -13.11 -63.80
N GLU O 90 14.75 -12.91 -62.89
CA GLU O 90 14.43 -12.27 -61.63
C GLU O 90 14.09 -10.80 -61.86
N PRO O 91 13.03 -10.29 -61.26
CA PRO O 91 12.62 -8.91 -61.52
C PRO O 91 13.64 -7.90 -61.02
N ARG O 92 13.76 -6.80 -61.75
CA ARG O 92 14.52 -5.64 -61.31
C ARG O 92 13.56 -4.57 -60.78
N GLY O 93 14.11 -3.45 -60.35
CA GLY O 93 13.29 -2.39 -59.80
C GLY O 93 12.30 -1.85 -60.81
N SER O 94 12.71 -1.73 -62.08
CA SER O 94 11.81 -1.26 -63.11
C SER O 94 10.72 -2.28 -63.41
N ASP O 95 11.02 -3.56 -63.20
CA ASP O 95 10.00 -4.60 -63.38
C ASP O 95 8.96 -4.55 -62.27
N ILE O 96 9.38 -4.23 -61.05
CA ILE O 96 8.43 -4.10 -59.95
C ILE O 96 7.45 -2.97 -60.23
N ALA O 97 7.95 -1.85 -60.72
CA ALA O 97 7.11 -0.71 -61.04
C ALA O 97 6.38 -0.88 -62.36
N GLY O 98 6.64 -1.95 -63.10
CA GLY O 98 5.93 -2.24 -64.32
C GLY O 98 6.36 -1.45 -65.53
N THR O 99 7.46 -0.69 -65.45
CA THR O 99 7.90 0.08 -66.61
C THR O 99 8.55 -0.82 -67.65
N THR O 100 9.34 -1.80 -67.22
CA THR O 100 10.04 -2.69 -68.15
C THR O 100 9.52 -4.12 -68.09
N SER O 101 8.37 -4.35 -67.46
CA SER O 101 7.78 -5.68 -67.38
C SER O 101 6.37 -5.65 -67.96
N THR O 102 5.98 -6.75 -68.56
CA THR O 102 4.63 -6.90 -69.08
C THR O 102 3.71 -7.50 -68.02
N LEU O 103 2.41 -7.48 -68.31
CA LEU O 103 1.44 -8.08 -67.40
C LEU O 103 1.68 -9.57 -67.24
N GLN O 104 2.06 -10.24 -68.33
CA GLN O 104 2.33 -11.67 -68.26
C GLN O 104 3.49 -11.96 -67.32
N GLU O 105 4.56 -11.17 -67.41
CA GLU O 105 5.70 -11.37 -66.51
C GLU O 105 5.32 -11.10 -65.05
N GLN O 106 4.53 -10.05 -64.82
CA GLN O 106 4.10 -9.76 -63.45
C GLN O 106 3.26 -10.90 -62.88
N ILE O 107 2.35 -11.43 -63.70
CA ILE O 107 1.53 -12.56 -63.27
C ILE O 107 2.40 -13.78 -63.02
N GLY O 108 3.39 -14.01 -63.88
CA GLY O 108 4.30 -15.12 -63.66
C GLY O 108 5.07 -15.02 -62.37
N TRP O 109 5.56 -13.82 -62.05
CA TRP O 109 6.24 -13.62 -60.78
C TRP O 109 5.29 -13.82 -59.60
N MET O 110 4.08 -13.29 -59.70
CA MET O 110 3.16 -13.34 -58.57
C MET O 110 2.66 -14.76 -58.30
N THR O 111 2.47 -15.55 -59.35
CA THR O 111 1.92 -16.90 -59.22
C THR O 111 2.98 -17.98 -59.22
N ASN O 112 4.26 -17.61 -59.23
CA ASN O 112 5.32 -18.60 -59.23
C ASN O 112 5.48 -19.21 -57.84
N ASN O 113 6.22 -20.32 -57.78
CA ASN O 113 6.57 -20.95 -56.52
C ASN O 113 8.09 -21.06 -56.44
N PRO O 114 8.76 -20.35 -55.54
CA PRO O 114 8.22 -19.41 -54.53
C PRO O 114 7.70 -18.13 -55.18
N PRO O 115 6.73 -17.46 -54.56
CA PRO O 115 6.15 -16.27 -55.19
C PRO O 115 6.95 -15.02 -54.87
N ILE O 116 6.99 -14.12 -55.85
CA ILE O 116 7.55 -12.79 -55.68
C ILE O 116 6.40 -11.79 -55.77
N PRO O 117 5.91 -11.27 -54.66
CA PRO O 117 4.74 -10.37 -54.70
C PRO O 117 5.10 -8.99 -55.23
N VAL O 118 5.34 -8.92 -56.54
CA VAL O 118 5.78 -7.67 -57.15
C VAL O 118 4.74 -6.58 -56.96
N GLY O 119 3.45 -6.96 -56.99
CA GLY O 119 2.40 -5.99 -56.75
C GLY O 119 2.47 -5.38 -55.37
N GLU O 120 2.72 -6.20 -54.35
CA GLU O 120 2.74 -5.67 -52.98
C GLU O 120 3.99 -4.84 -52.73
N ILE O 121 5.12 -5.23 -53.31
CA ILE O 121 6.33 -4.41 -53.22
C ILE O 121 6.11 -3.05 -53.87
N TYR O 122 5.54 -3.07 -55.07
CA TYR O 122 5.24 -1.81 -55.75
C TYR O 122 4.23 -0.99 -54.95
N LYS O 123 3.28 -1.65 -54.31
CA LYS O 123 2.31 -0.95 -53.48
C LYS O 123 2.99 -0.25 -52.31
N ARG O 124 3.98 -0.90 -51.71
CA ARG O 124 4.75 -0.27 -50.64
C ARG O 124 5.49 0.96 -51.15
N TRP O 125 6.08 0.86 -52.34
CA TRP O 125 6.76 2.02 -52.92
C TRP O 125 5.79 3.17 -53.16
N ILE O 126 4.61 2.86 -53.71
CA ILE O 126 3.60 3.88 -53.97
C ILE O 126 3.10 4.48 -52.67
N ILE O 127 2.99 3.67 -51.61
CA ILE O 127 2.56 4.21 -50.31
C ILE O 127 3.60 5.17 -49.76
N LEU O 128 4.88 4.85 -49.94
CA LEU O 128 5.92 5.79 -49.54
C LEU O 128 5.78 7.10 -50.29
N GLY O 129 5.56 7.02 -51.60
CA GLY O 129 5.35 8.24 -52.38
C GLY O 129 4.13 9.04 -51.93
N LEU O 130 3.03 8.34 -51.66
CA LEU O 130 1.81 9.02 -51.22
C LEU O 130 1.99 9.66 -49.85
N ASN O 131 2.75 9.01 -48.98
CA ASN O 131 3.06 9.61 -47.67
C ASN O 131 3.88 10.88 -47.86
N LYS O 132 4.86 10.84 -48.76
CA LYS O 132 5.61 12.06 -49.06
C LYS O 132 4.70 13.15 -49.59
N ILE O 133 3.76 12.80 -50.46
CA ILE O 133 2.83 13.79 -51.01
C ILE O 133 1.98 14.39 -49.90
N VAL O 134 1.39 13.53 -49.06
CA VAL O 134 0.53 13.99 -47.99
C VAL O 134 1.29 14.92 -47.05
N ARG O 135 2.55 14.60 -46.77
CA ARG O 135 3.33 15.44 -45.86
C ARG O 135 3.72 16.76 -46.50
N MET O 136 4.15 16.72 -47.77
CA MET O 136 4.85 17.85 -48.37
C MET O 136 4.04 18.64 -49.39
N TYR O 137 3.19 17.98 -50.17
CA TYR O 137 2.53 18.63 -51.30
C TYR O 137 1.31 19.41 -50.82
N SER O 138 1.17 20.62 -51.34
CA SER O 138 -0.01 21.45 -51.11
C SER O 138 -0.61 21.87 -52.44
N PRO O 139 -1.84 21.45 -52.74
CA PRO O 139 -2.44 21.84 -54.02
C PRO O 139 -2.72 23.34 -54.08
N THR O 140 -2.63 23.88 -55.28
CA THR O 140 -2.97 25.28 -55.49
C THR O 140 -4.45 25.51 -55.31
N SER O 141 -4.81 26.60 -54.64
CA SER O 141 -6.19 26.94 -54.36
C SER O 141 -6.48 28.33 -54.88
N ILE O 142 -7.59 28.47 -55.60
CA ILE O 142 -8.03 29.79 -56.06
C ILE O 142 -8.33 30.69 -54.89
N LEU O 143 -8.69 30.11 -53.74
CA LEU O 143 -9.00 30.92 -52.57
C LEU O 143 -7.78 31.60 -51.97
N ASP O 144 -6.58 31.11 -52.27
CA ASP O 144 -5.35 31.67 -51.71
C ASP O 144 -4.72 32.74 -52.60
N ILE O 145 -5.27 33.00 -53.78
CA ILE O 145 -4.68 33.93 -54.73
C ILE O 145 -5.11 35.33 -54.33
N ARG O 146 -4.21 36.09 -53.72
CA ARG O 146 -4.48 37.44 -53.27
C ARG O 146 -3.43 38.38 -53.87
N GLN O 147 -3.84 39.61 -54.15
CA GLN O 147 -2.93 40.57 -54.74
C GLN O 147 -1.97 41.10 -53.68
N GLY O 148 -0.69 41.14 -54.03
CA GLY O 148 0.32 41.68 -53.14
C GLY O 148 0.17 43.18 -53.01
N PRO O 149 0.72 43.74 -51.92
CA PRO O 149 0.57 45.18 -51.69
C PRO O 149 1.10 46.04 -52.82
N LYS O 150 2.19 45.63 -53.47
CA LYS O 150 2.75 46.36 -54.60
C LYS O 150 2.66 45.55 -55.89
N GLU O 151 1.78 44.57 -55.96
CA GLU O 151 1.64 43.77 -57.17
C GLU O 151 0.78 44.52 -58.18
N PRO O 152 1.20 44.60 -59.44
CA PRO O 152 0.34 45.17 -60.47
C PRO O 152 -0.93 44.34 -60.64
N PHE O 153 -2.04 45.01 -60.93
CA PHE O 153 -3.32 44.34 -61.05
C PHE O 153 -3.31 43.34 -62.20
N ARG O 154 -2.60 43.67 -63.29
CA ARG O 154 -2.48 42.75 -64.41
C ARG O 154 -1.85 41.42 -64.00
N ASP O 155 -0.76 41.49 -63.23
CA ASP O 155 -0.07 40.27 -62.81
C ASP O 155 -0.95 39.44 -61.88
N TYR O 156 -1.67 40.10 -60.96
CA TYR O 156 -2.57 39.39 -60.07
C TYR O 156 -3.70 38.72 -60.84
N VAL O 157 -4.23 39.42 -61.85
CA VAL O 157 -5.28 38.82 -62.68
C VAL O 157 -4.74 37.60 -63.42
N ASP O 158 -3.52 37.70 -63.94
CA ASP O 158 -2.93 36.56 -64.64
C ASP O 158 -2.75 35.37 -63.70
N ARG O 159 -2.25 35.62 -62.49
CA ARG O 159 -2.10 34.55 -61.51
C ARG O 159 -3.46 33.94 -61.16
N PHE O 160 -4.46 34.79 -60.97
CA PHE O 160 -5.81 34.31 -60.65
C PHE O 160 -6.34 33.41 -61.75
N TYR O 161 -6.17 33.80 -63.00
CA TYR O 161 -6.73 33.01 -64.10
C TYR O 161 -5.96 31.72 -64.29
N LYS O 162 -4.63 31.75 -64.10
CA LYS O 162 -3.87 30.50 -64.16
C LYS O 162 -4.33 29.52 -63.07
N THR O 163 -4.47 30.00 -61.84
CA THR O 163 -4.94 29.14 -60.76
C THR O 163 -6.35 28.63 -61.03
N LEU O 164 -7.22 29.49 -61.57
CA LEU O 164 -8.59 29.09 -61.86
C LEU O 164 -8.62 28.01 -62.95
N ARG O 165 -7.78 28.14 -63.97
CA ARG O 165 -7.66 27.08 -64.96
C ARG O 165 -7.17 25.79 -64.33
N ALA O 166 -6.32 25.88 -63.31
CA ALA O 166 -5.86 24.69 -62.61
C ALA O 166 -6.85 24.16 -61.58
N GLU O 167 -7.91 24.92 -61.28
CA GLU O 167 -8.80 24.55 -60.17
C GLU O 167 -9.78 23.46 -60.59
N GLN O 168 -10.10 22.58 -59.66
CA GLN O 168 -11.08 21.51 -59.88
C GLN O 168 -12.46 22.05 -59.56
N ALA O 169 -13.21 22.40 -60.60
CA ALA O 169 -14.56 22.92 -60.43
C ALA O 169 -15.24 22.93 -61.79
N SER O 170 -16.57 23.04 -61.77
CA SER O 170 -17.31 23.17 -63.00
C SER O 170 -17.13 24.56 -63.60
N GLN O 171 -17.49 24.69 -64.87
CA GLN O 171 -17.33 25.97 -65.56
C GLN O 171 -18.18 27.05 -64.91
N GLU O 172 -19.40 26.70 -64.51
CA GLU O 172 -20.25 27.68 -63.84
C GLU O 172 -19.66 28.10 -62.51
N VAL O 173 -19.12 27.16 -61.75
CA VAL O 173 -18.49 27.48 -60.48
C VAL O 173 -17.25 28.35 -60.70
N LYS O 174 -16.50 28.08 -61.78
CA LYS O 174 -15.35 28.92 -62.10
C LYS O 174 -15.78 30.33 -62.47
N ASN O 175 -16.88 30.47 -63.22
CA ASN O 175 -17.38 31.80 -63.54
C ASN O 175 -17.81 32.54 -62.28
N TRP O 176 -18.48 31.85 -61.36
CA TRP O 176 -18.88 32.48 -60.12
C TRP O 176 -17.67 32.85 -59.26
N MET O 177 -16.64 32.00 -59.28
CA MET O 177 -15.39 32.33 -58.61
C MET O 177 -14.76 33.58 -59.18
N THR O 178 -14.76 33.71 -60.52
CA THR O 178 -14.24 34.92 -61.14
C THR O 178 -15.05 36.14 -60.74
N GLU O 179 -16.37 36.00 -60.70
CA GLU O 179 -17.22 37.14 -60.37
C GLU O 179 -17.11 37.53 -58.89
N THR O 180 -16.69 36.60 -58.04
CA THR O 180 -16.67 36.86 -56.60
C THR O 180 -15.29 37.18 -56.05
N LEU O 181 -14.28 36.36 -56.36
CA LEU O 181 -13.03 36.39 -55.63
C LEU O 181 -12.04 37.40 -56.20
N LEU O 182 -12.12 37.67 -57.50
CA LEU O 182 -11.10 38.48 -58.15
C LEU O 182 -11.04 39.89 -57.56
N VAL O 183 -12.18 40.56 -57.49
CA VAL O 183 -12.23 41.89 -56.90
C VAL O 183 -12.07 41.80 -55.38
N GLN O 184 -12.63 40.76 -54.77
CA GLN O 184 -12.57 40.64 -53.32
C GLN O 184 -11.14 40.50 -52.82
N ASN O 185 -10.30 39.79 -53.56
CA ASN O 185 -8.98 39.43 -53.10
C ASN O 185 -7.89 40.37 -53.63
N ALA O 186 -8.29 41.49 -54.23
CA ALA O 186 -7.32 42.49 -54.64
C ALA O 186 -6.86 43.32 -53.44
N ASN O 187 -5.72 43.99 -53.59
CA ASN O 187 -5.20 44.81 -52.51
C ASN O 187 -6.06 46.06 -52.35
N PRO O 188 -6.02 46.70 -51.17
CA PRO O 188 -6.92 47.84 -50.92
C PRO O 188 -6.79 48.95 -51.95
N ASP O 189 -5.57 49.23 -52.43
CA ASP O 189 -5.39 50.31 -53.40
C ASP O 189 -6.17 50.03 -54.68
N CYS O 190 -6.08 48.80 -55.19
CA CYS O 190 -6.86 48.45 -56.38
C CYS O 190 -8.32 48.23 -56.03
N LYS O 191 -8.59 47.73 -54.82
CA LYS O 191 -9.96 47.42 -54.44
C LYS O 191 -10.82 48.68 -54.37
N THR O 192 -10.26 49.79 -53.89
CA THR O 192 -11.01 51.03 -53.84
C THR O 192 -11.46 51.46 -55.24
N ILE O 193 -10.54 51.41 -56.20
CA ILE O 193 -10.88 51.78 -57.57
C ILE O 193 -11.90 50.82 -58.16
N LEU O 194 -11.74 49.51 -57.89
CA LEU O 194 -12.69 48.54 -58.41
C LEU O 194 -14.08 48.77 -57.86
N LYS O 195 -14.18 49.07 -56.56
CA LYS O 195 -15.47 49.38 -55.97
C LYS O 195 -16.07 50.64 -56.58
N ALA O 196 -15.24 51.66 -56.81
CA ALA O 196 -15.75 52.89 -57.43
C ALA O 196 -16.20 52.63 -58.86
N LEU O 197 -15.64 51.62 -59.51
CA LEU O 197 -16.00 51.34 -60.90
C LEU O 197 -17.45 50.87 -61.03
N GLY O 198 -17.89 50.00 -60.12
CA GLY O 198 -19.24 49.48 -60.18
C GLY O 198 -19.29 48.01 -60.54
N PRO O 199 -20.37 47.34 -60.16
CA PRO O 199 -20.47 45.89 -60.41
C PRO O 199 -20.47 45.52 -61.89
N ALA O 200 -20.93 46.42 -62.76
CA ALA O 200 -21.06 46.08 -64.17
C ALA O 200 -19.74 46.16 -64.93
N ALA O 201 -18.67 46.62 -64.29
CA ALA O 201 -17.39 46.77 -64.98
C ALA O 201 -16.87 45.43 -65.47
N THR O 202 -16.38 45.41 -66.70
CA THR O 202 -15.79 44.21 -67.26
C THR O 202 -14.34 44.07 -66.80
N LEU O 203 -13.72 42.95 -67.17
CA LEU O 203 -12.33 42.71 -66.80
C LEU O 203 -11.41 43.76 -67.43
N GLU O 204 -11.65 44.08 -68.71
CA GLU O 204 -10.82 45.07 -69.38
C GLU O 204 -10.95 46.44 -68.73
N GLU O 205 -12.17 46.83 -68.37
CA GLU O 205 -12.37 48.13 -67.72
C GLU O 205 -11.70 48.18 -66.35
N MET O 206 -11.82 47.11 -65.57
CA MET O 206 -11.15 47.06 -64.27
C MET O 206 -9.64 47.13 -64.42
N MET O 207 -9.11 46.39 -65.39
CA MET O 207 -7.68 46.37 -65.63
C MET O 207 -7.17 47.73 -66.08
N THR O 208 -7.94 48.43 -66.93
CA THR O 208 -7.57 49.79 -67.30
C THR O 208 -7.63 50.73 -66.11
N ALA O 209 -8.64 50.57 -65.26
CA ALA O 209 -8.79 51.45 -64.11
C ALA O 209 -7.65 51.28 -63.12
N CYS O 210 -7.16 50.05 -62.95
CA CYS O 210 -6.08 49.78 -62.02
C CYS O 210 -4.70 49.82 -62.67
N GLN O 211 -4.62 50.20 -63.95
CA GLN O 211 -3.34 50.18 -64.64
C GLN O 211 -2.35 51.17 -64.04
N GLY O 212 -2.83 52.24 -63.41
CA GLY O 212 -1.98 53.25 -62.86
C GLY O 212 -1.63 53.11 -61.40
N VAL O 213 -2.15 52.09 -60.71
CA VAL O 213 -1.88 51.94 -59.29
C VAL O 213 -0.40 51.65 -59.08
N GLY O 214 0.22 52.40 -58.18
CA GLY O 214 1.63 52.28 -57.93
C GLY O 214 2.49 53.21 -58.76
N GLY O 215 1.95 53.83 -59.79
CA GLY O 215 2.68 54.77 -60.59
C GLY O 215 2.79 56.11 -59.90
N PRO O 216 3.62 56.99 -60.47
CA PRO O 216 3.83 58.30 -59.83
C PRO O 216 2.55 59.11 -59.69
N GLY O 217 1.68 59.09 -60.70
CA GLY O 217 0.46 59.88 -60.61
C GLY O 217 -0.47 59.41 -59.52
N HIS O 218 -0.69 58.10 -59.43
CA HIS O 218 -1.59 57.56 -58.41
C HIS O 218 -1.01 57.76 -57.02
N LYS O 219 0.30 57.57 -56.86
CA LYS O 219 0.94 57.80 -55.57
C LYS O 219 0.80 59.26 -55.15
N ALA O 220 1.06 60.18 -56.08
CA ALA O 220 0.92 61.60 -55.76
C ALA O 220 -0.52 61.93 -55.40
N ARG O 221 -1.48 61.38 -56.13
CA ARG O 221 -2.89 61.66 -55.86
C ARG O 221 -3.29 61.15 -54.47
N VAL O 222 -2.90 59.93 -54.13
CA VAL O 222 -3.29 59.37 -52.83
C VAL O 222 -2.61 60.13 -51.70
N LEU O 223 -1.33 60.46 -51.87
CA LEU O 223 -0.64 61.28 -50.87
C LEU O 223 -1.31 62.62 -50.70
N ALA O 224 -1.73 63.24 -51.81
CA ALA O 224 -2.40 64.54 -51.73
C ALA O 224 -3.74 64.42 -51.01
N GLU O 225 -4.48 63.36 -51.26
CA GLU O 225 -5.74 63.17 -50.53
C GLU O 225 -5.50 63.01 -49.04
N ALA O 226 -4.49 62.23 -48.66
CA ALA O 226 -4.18 62.06 -47.24
C ALA O 226 -3.77 63.39 -46.60
N MET O 227 -2.92 64.16 -47.28
CA MET O 227 -2.49 65.44 -46.72
C MET O 227 -3.65 66.43 -46.66
N SER O 228 -4.55 66.39 -47.64
CA SER O 228 -5.72 67.27 -47.61
C SER O 228 -6.62 66.94 -46.44
N GLN O 229 -6.80 65.65 -46.16
CA GLN O 229 -7.52 65.26 -44.95
C GLN O 229 -6.81 65.81 -43.72
N VAL O 230 -5.48 65.71 -43.69
CA VAL O 230 -4.72 66.16 -42.53
C VAL O 230 -4.91 67.66 -42.30
N ILE O 231 -4.78 68.46 -43.35
CA ILE O 231 -4.88 69.91 -43.21
C ILE O 231 -6.27 70.31 -42.76
N ASN O 232 -7.30 69.69 -43.34
CA ASN O 232 -8.69 69.97 -42.94
C ASN O 232 -9.00 69.34 -41.59
N GLN P 1 47.47 -15.22 -21.09
CA GLN P 1 48.04 -13.96 -21.57
C GLN P 1 47.85 -12.86 -20.54
N MET P 2 48.04 -11.62 -20.98
CA MET P 2 47.87 -10.46 -20.12
C MET P 2 47.10 -9.38 -20.87
N VAL P 3 46.38 -8.56 -20.12
CA VAL P 3 45.62 -7.46 -20.69
C VAL P 3 46.52 -6.24 -20.75
N HIS P 4 46.84 -5.80 -21.97
CA HIS P 4 47.74 -4.67 -22.15
C HIS P 4 47.11 -3.35 -21.75
N GLN P 5 45.78 -3.25 -21.82
CA GLN P 5 45.07 -2.00 -21.54
C GLN P 5 44.41 -2.02 -20.17
N ALA P 6 44.98 -2.76 -19.22
CA ALA P 6 44.50 -2.70 -17.85
C ALA P 6 44.65 -1.27 -17.33
N ILE P 7 43.67 -0.83 -16.54
CA ILE P 7 43.68 0.55 -16.08
C ILE P 7 44.88 0.80 -15.18
N SER P 8 45.54 1.93 -15.42
CA SER P 8 46.69 2.36 -14.65
C SER P 8 46.23 3.11 -13.41
N PRO P 9 47.13 3.35 -12.45
CA PRO P 9 46.73 4.16 -11.28
C PRO P 9 46.18 5.52 -11.67
N ARG P 10 46.80 6.18 -12.65
CA ARG P 10 46.36 7.50 -13.06
C ARG P 10 45.01 7.44 -13.76
N THR P 11 44.75 6.37 -14.51
CA THR P 11 43.44 6.22 -15.14
C THR P 11 42.33 6.11 -14.10
N LEU P 12 42.54 5.28 -13.08
CA LEU P 12 41.53 5.12 -12.03
C LEU P 12 41.35 6.42 -11.27
N ASN P 13 42.45 7.11 -10.94
CA ASN P 13 42.32 8.37 -10.22
C ASN P 13 41.60 9.42 -11.07
N ALA P 14 41.89 9.45 -12.37
CA ALA P 14 41.21 10.39 -13.25
C ALA P 14 39.72 10.10 -13.29
N TRP P 15 39.34 8.83 -13.32
CA TRP P 15 37.91 8.49 -13.28
C TRP P 15 37.26 8.95 -11.98
N VAL P 16 37.95 8.72 -10.85
CA VAL P 16 37.42 9.16 -9.56
C VAL P 16 37.23 10.66 -9.55
N LYS P 17 38.22 11.40 -10.05
CA LYS P 17 38.13 12.85 -10.05
C LYS P 17 37.04 13.32 -11.01
N VAL P 18 36.82 12.60 -12.11
CA VAL P 18 35.76 12.96 -13.04
C VAL P 18 34.41 12.86 -12.34
N VAL P 19 34.17 11.75 -11.66
CA VAL P 19 32.89 11.58 -10.97
C VAL P 19 32.74 12.60 -9.86
N GLU P 20 33.82 12.90 -9.15
CA GLU P 20 33.72 13.86 -8.04
C GLU P 20 33.45 15.27 -8.55
N GLU P 21 34.17 15.71 -9.58
CA GLU P 21 34.02 17.08 -10.05
C GLU P 21 32.73 17.29 -10.84
N LYS P 22 32.38 16.35 -11.72
CA LYS P 22 31.31 16.58 -12.67
C LYS P 22 30.01 15.87 -12.31
N ALA P 23 30.02 14.98 -11.32
CA ALA P 23 28.86 14.16 -10.97
C ALA P 23 28.45 13.41 -12.23
N PHE P 24 27.21 13.54 -12.69
CA PHE P 24 26.80 12.83 -13.89
C PHE P 24 26.29 13.79 -14.96
N SER P 25 27.06 14.85 -15.20
CA SER P 25 26.89 15.69 -16.37
C SER P 25 27.29 14.89 -17.60
N PRO P 26 26.85 15.31 -18.79
CA PRO P 26 27.12 14.48 -19.98
C PRO P 26 28.60 14.19 -20.21
N GLU P 27 29.49 15.04 -19.70
CA GLU P 27 30.92 14.85 -19.87
C GLU P 27 31.40 13.52 -19.32
N VAL P 28 30.63 12.89 -18.43
CA VAL P 28 31.06 11.62 -17.87
C VAL P 28 31.11 10.55 -18.95
N ILE P 29 30.21 10.62 -19.93
CA ILE P 29 30.11 9.56 -20.93
C ILE P 29 31.37 9.47 -21.80
N PRO P 30 31.87 10.56 -22.40
CA PRO P 30 33.13 10.43 -23.14
C PRO P 30 34.29 10.02 -22.26
N MET P 31 34.42 10.62 -21.07
CA MET P 31 35.53 10.30 -20.19
C MET P 31 35.57 8.81 -19.87
N PHE P 32 34.45 8.25 -19.40
CA PHE P 32 34.42 6.82 -19.13
C PHE P 32 34.72 6.02 -20.38
N SER P 33 34.28 6.50 -21.54
CA SER P 33 34.55 5.77 -22.78
C SER P 33 36.04 5.73 -23.07
N ALA P 34 36.76 6.78 -22.68
CA ALA P 34 38.16 6.86 -23.04
C ALA P 34 39.04 6.20 -21.98
N LEU P 35 38.70 6.39 -20.70
CA LEU P 35 39.52 5.84 -19.63
C LEU P 35 39.42 4.32 -19.58
N SER P 36 38.25 3.78 -19.88
CA SER P 36 37.99 2.35 -19.70
C SER P 36 38.27 1.53 -20.95
N GLU P 37 38.71 2.14 -22.04
CA GLU P 37 38.85 1.43 -23.29
C GLU P 37 39.93 0.36 -23.20
N GLY P 38 39.59 -0.86 -23.63
CA GLY P 38 40.49 -1.99 -23.60
C GLY P 38 40.59 -2.71 -22.28
N ALA P 39 39.88 -2.26 -21.25
CA ALA P 39 39.98 -2.85 -19.93
C ALA P 39 39.06 -4.06 -19.80
N THR P 40 39.40 -4.93 -18.86
CA THR P 40 38.58 -6.09 -18.55
C THR P 40 37.32 -5.65 -17.81
N PRO P 41 36.28 -6.50 -17.78
CA PRO P 41 35.11 -6.17 -16.96
C PRO P 41 35.43 -5.96 -15.50
N GLN P 42 36.47 -6.63 -15.00
CA GLN P 42 36.91 -6.42 -13.62
C GLN P 42 37.36 -4.98 -13.40
N ASP P 43 38.12 -4.42 -14.33
CA ASP P 43 38.57 -3.04 -14.20
C ASP P 43 37.39 -2.06 -14.24
N LEU P 44 36.44 -2.29 -15.15
CA LEU P 44 35.27 -1.41 -15.19
C LEU P 44 34.45 -1.52 -13.92
N ASN P 45 34.35 -2.72 -13.36
CA ASN P 45 33.65 -2.89 -12.09
C ASN P 45 34.37 -2.13 -10.98
N THR P 46 35.71 -2.14 -11.00
CA THR P 46 36.46 -1.31 -10.05
C THR P 46 36.11 0.16 -10.20
N MET P 47 36.11 0.66 -11.44
CA MET P 47 35.77 2.06 -11.68
C MET P 47 34.37 2.38 -11.19
N LEU P 48 33.42 1.48 -11.39
CA LEU P 48 32.06 1.71 -10.93
C LEU P 48 31.99 1.67 -9.40
N ASN P 49 32.81 0.82 -8.78
CA ASN P 49 32.82 0.76 -7.31
C ASN P 49 33.47 1.98 -6.69
N THR P 50 34.28 2.72 -7.43
CA THR P 50 34.88 3.92 -6.87
C THR P 50 33.94 5.12 -6.85
N VAL P 51 32.68 4.95 -7.26
CA VAL P 51 31.73 6.06 -7.24
C VAL P 51 31.15 6.17 -5.84
N GLY P 52 31.37 7.30 -5.20
CA GLY P 52 30.83 7.58 -3.87
C GLY P 52 29.60 8.48 -3.99
N GLY P 53 28.56 8.11 -3.26
CA GLY P 53 27.29 8.80 -3.38
C GLY P 53 26.57 8.41 -4.66
N HIS P 54 25.50 9.15 -4.94
CA HIS P 54 24.68 8.91 -6.13
C HIS P 54 24.19 7.46 -6.18
N GLN P 55 23.70 6.97 -5.04
CA GLN P 55 23.33 5.56 -4.95
C GLN P 55 22.15 5.24 -5.87
N ALA P 56 21.20 6.17 -6.00
CA ALA P 56 20.08 5.96 -6.91
C ALA P 56 20.56 5.86 -8.35
N ALA P 57 21.51 6.70 -8.74
CA ALA P 57 22.07 6.63 -10.08
C ALA P 57 22.76 5.29 -10.31
N MET P 58 23.49 4.80 -9.30
N MET P 58 23.49 4.80 -9.31
CA MET P 58 24.17 3.52 -9.45
CA MET P 58 24.17 3.52 -9.46
C MET P 58 23.18 2.38 -9.53
C MET P 58 23.18 2.36 -9.53
N GLN P 59 22.07 2.47 -8.81
CA GLN P 59 21.03 1.46 -8.93
C GLN P 59 20.42 1.46 -10.34
N MET P 60 20.20 2.65 -10.89
CA MET P 60 19.72 2.74 -12.28
C MET P 60 20.72 2.11 -13.25
N LEU P 61 22.01 2.39 -13.04
CA LEU P 61 23.05 1.80 -13.89
C LEU P 61 23.04 0.29 -13.79
N LYS P 62 22.88 -0.24 -12.58
CA LYS P 62 22.83 -1.69 -12.39
C LYS P 62 21.62 -2.29 -13.10
N GLU P 63 20.46 -1.62 -13.03
CA GLU P 63 19.29 -2.11 -13.75
C GLU P 63 19.53 -2.14 -15.25
N THR P 64 20.15 -1.09 -15.80
CA THR P 64 20.45 -1.06 -17.22
C THR P 64 21.39 -2.19 -17.60
N ILE P 65 22.42 -2.43 -16.78
CA ILE P 65 23.36 -3.51 -17.06
C ILE P 65 22.66 -4.85 -17.04
N ASN P 66 21.77 -5.06 -16.06
CA ASN P 66 21.04 -6.32 -16.00
C ASN P 66 20.16 -6.52 -17.23
N GLU P 67 19.51 -5.45 -17.69
CA GLU P 67 18.70 -5.56 -18.89
C GLU P 67 19.55 -5.89 -20.12
N GLU P 68 20.72 -5.27 -20.23
CA GLU P 68 21.59 -5.57 -21.37
C GLU P 68 22.13 -7.00 -21.29
N ALA P 69 22.41 -7.48 -20.09
CA ALA P 69 22.84 -8.87 -19.93
C ALA P 69 21.72 -9.83 -20.32
N ALA P 70 20.48 -9.50 -19.97
CA ALA P 70 19.35 -10.31 -20.38
C ALA P 70 19.22 -10.33 -21.91
N GLU P 71 19.43 -9.17 -22.55
CA GLU P 71 19.40 -9.12 -24.00
C GLU P 71 20.51 -9.99 -24.60
N TRP P 72 21.70 -9.95 -24.01
CA TRP P 72 22.78 -10.82 -24.46
C TRP P 72 22.42 -12.28 -24.35
N ASP P 73 21.79 -12.66 -23.23
CA ASP P 73 21.38 -14.05 -23.05
C ASP P 73 20.31 -14.45 -24.06
N ARG P 74 19.38 -13.54 -24.36
CA ARG P 74 18.36 -13.81 -25.36
C ARG P 74 18.98 -14.04 -26.73
N VAL P 75 19.93 -13.20 -27.13
CA VAL P 75 20.54 -13.30 -28.45
C VAL P 75 21.51 -14.47 -28.56
N HIS P 76 22.10 -14.91 -27.44
CA HIS P 76 23.07 -16.02 -27.44
C HIS P 76 22.44 -17.24 -26.80
N PRO P 77 22.02 -18.23 -27.57
CA PRO P 77 21.43 -19.43 -26.98
C PRO P 77 22.46 -20.23 -26.21
N VAL P 78 22.00 -20.89 -25.15
CA VAL P 78 22.88 -21.73 -24.35
C VAL P 78 23.19 -23.01 -25.09
N HIS P 79 24.47 -23.35 -25.19
CA HIS P 79 24.91 -24.59 -25.81
C HIS P 79 25.18 -25.63 -24.72
N ALA P 80 24.50 -26.77 -24.83
CA ALA P 80 24.59 -27.82 -23.83
C ALA P 80 25.44 -28.96 -24.38
N GLY P 81 26.36 -29.46 -23.55
CA GLY P 81 27.24 -30.54 -23.93
C GLY P 81 28.62 -30.39 -23.33
N PRO P 82 29.51 -31.33 -23.65
CA PRO P 82 30.88 -31.27 -23.13
C PRO P 82 31.73 -30.31 -23.94
N ILE P 83 32.21 -29.25 -23.27
CA ILE P 83 33.05 -28.27 -23.95
C ILE P 83 34.38 -28.91 -24.31
N ALA P 84 34.93 -28.52 -25.46
CA ALA P 84 36.21 -29.06 -25.89
C ALA P 84 37.31 -28.66 -24.90
N PRO P 85 38.28 -29.53 -24.63
CA PRO P 85 39.34 -29.17 -23.67
C PRO P 85 40.11 -27.93 -24.06
N GLY P 86 40.36 -27.72 -25.36
CA GLY P 86 41.05 -26.51 -25.78
C GLY P 86 40.15 -25.30 -25.78
N GLN P 87 38.84 -25.52 -25.78
CA GLN P 87 37.90 -24.41 -25.80
C GLN P 87 37.44 -24.07 -24.38
N MET P 88 36.99 -22.82 -24.22
CA MET P 88 36.43 -22.35 -22.97
C MET P 88 34.93 -22.13 -23.14
N ARG P 89 34.23 -22.03 -22.01
CA ARG P 89 32.80 -21.79 -22.05
C ARG P 89 32.51 -20.44 -22.68
N GLU P 90 31.44 -20.38 -23.46
CA GLU P 90 31.02 -19.11 -24.04
C GLU P 90 30.49 -18.19 -22.95
N PRO P 91 30.78 -16.90 -23.01
CA PRO P 91 30.34 -15.99 -21.95
C PRO P 91 28.84 -15.79 -21.97
N ARG P 92 28.27 -15.59 -20.79
CA ARG P 92 26.88 -15.23 -20.63
C ARG P 92 26.79 -13.77 -20.21
N GLY P 93 25.57 -13.26 -20.11
CA GLY P 93 25.38 -11.87 -19.76
C GLY P 93 26.01 -11.51 -18.43
N SER P 94 25.89 -12.40 -17.44
CA SER P 94 26.53 -12.17 -16.15
C SER P 94 28.04 -12.26 -16.26
N ASP P 95 28.54 -13.10 -17.18
CA ASP P 95 29.98 -13.19 -17.37
C ASP P 95 30.54 -11.93 -18.01
N ILE P 96 29.77 -11.30 -18.89
CA ILE P 96 30.19 -10.05 -19.50
C ILE P 96 30.31 -8.96 -18.44
N ALA P 97 29.33 -8.87 -17.56
CA ALA P 97 29.35 -7.89 -16.48
C ALA P 97 30.33 -8.25 -15.37
N GLY P 98 30.91 -9.44 -15.41
CA GLY P 98 31.90 -9.85 -14.44
C GLY P 98 31.35 -10.33 -13.11
N THR P 99 30.03 -10.49 -12.98
CA THR P 99 29.48 -10.99 -11.73
C THR P 99 29.77 -12.47 -11.54
N THR P 100 29.65 -13.26 -12.60
CA THR P 100 29.86 -14.70 -12.51
C THR P 100 31.15 -15.14 -13.18
N SER P 101 31.99 -14.22 -13.61
CA SER P 101 33.24 -14.55 -14.26
C SER P 101 34.42 -14.01 -13.46
N THR P 102 35.55 -14.69 -13.61
CA THR P 102 36.80 -14.28 -12.98
C THR P 102 37.65 -13.49 -13.96
N LEU P 103 38.65 -12.81 -13.41
CA LEU P 103 39.58 -12.04 -14.26
C LEU P 103 40.26 -12.93 -15.27
N GLN P 104 40.60 -14.16 -14.86
CA GLN P 104 41.25 -15.09 -15.79
C GLN P 104 40.34 -15.45 -16.94
N GLU P 105 39.05 -15.69 -16.67
CA GLU P 105 38.12 -16.01 -17.73
C GLU P 105 37.93 -14.84 -18.68
N GLN P 106 37.83 -13.62 -18.13
CA GLN P 106 37.68 -12.44 -18.97
C GLN P 106 38.90 -12.24 -19.86
N ILE P 107 40.09 -12.42 -19.31
CA ILE P 107 41.31 -12.30 -20.11
C ILE P 107 41.36 -13.39 -21.17
N GLY P 108 40.92 -14.60 -20.83
CA GLY P 108 40.90 -15.67 -21.81
C GLY P 108 39.96 -15.38 -22.97
N TRP P 109 38.76 -14.87 -22.67
CA TRP P 109 37.85 -14.48 -23.73
C TRP P 109 38.43 -13.35 -24.58
N MET P 110 39.02 -12.35 -23.92
CA MET P 110 39.49 -11.18 -24.66
C MET P 110 40.68 -11.50 -25.55
N THR P 111 41.53 -12.44 -25.13
CA THR P 111 42.75 -12.77 -25.86
C THR P 111 42.61 -14.05 -26.68
N ASN P 112 41.42 -14.62 -26.78
CA ASN P 112 41.23 -15.84 -27.54
C ASN P 112 41.19 -15.53 -29.03
N ASN P 113 41.30 -16.58 -29.84
CA ASN P 113 41.15 -16.47 -31.29
C ASN P 113 40.04 -17.41 -31.75
N PRO P 114 38.89 -16.89 -32.20
CA PRO P 114 38.52 -15.47 -32.32
C PRO P 114 38.25 -14.84 -30.96
N PRO P 115 38.48 -13.54 -30.83
CA PRO P 115 38.30 -12.89 -29.52
C PRO P 115 36.86 -12.46 -29.30
N ILE P 116 36.44 -12.52 -28.04
CA ILE P 116 35.16 -11.97 -27.61
C ILE P 116 35.47 -10.78 -26.70
N PRO P 117 35.33 -9.55 -27.18
CA PRO P 117 35.71 -8.37 -26.39
C PRO P 117 34.70 -8.07 -25.28
N VAL P 118 34.75 -8.89 -24.23
CA VAL P 118 33.79 -8.78 -23.14
C VAL P 118 33.89 -7.42 -22.48
N GLY P 119 35.11 -6.87 -22.39
CA GLY P 119 35.27 -5.55 -21.81
C GLY P 119 34.53 -4.48 -22.58
N GLU P 120 34.58 -4.54 -23.91
CA GLU P 120 33.96 -3.50 -24.73
C GLU P 120 32.44 -3.64 -24.76
N ILE P 121 31.94 -4.88 -24.78
CA ILE P 121 30.50 -5.12 -24.67
C ILE P 121 29.98 -4.57 -23.34
N TYR P 122 30.68 -4.91 -22.25
CA TYR P 122 30.31 -4.38 -20.95
C TYR P 122 30.40 -2.86 -20.92
N LYS P 123 31.39 -2.30 -21.62
CA LYS P 123 31.52 -0.85 -21.68
C LYS P 123 30.31 -0.22 -22.33
N ARG P 124 29.80 -0.82 -23.41
CA ARG P 124 28.61 -0.25 -24.04
C ARG P 124 27.40 -0.36 -23.13
N TRP P 125 27.27 -1.46 -22.39
CA TRP P 125 26.17 -1.56 -21.42
C TRP P 125 26.28 -0.46 -20.37
N ILE P 126 27.48 -0.23 -19.85
CA ILE P 126 27.69 0.81 -18.85
C ILE P 126 27.40 2.18 -19.44
N ILE P 127 27.75 2.38 -20.72
CA ILE P 127 27.48 3.67 -21.36
C ILE P 127 25.98 3.89 -21.48
N LEU P 128 25.22 2.85 -21.80
CA LEU P 128 23.77 2.97 -21.82
C LEU P 128 23.24 3.36 -20.45
N GLY P 129 23.74 2.71 -19.40
CA GLY P 129 23.33 3.09 -18.05
C GLY P 129 23.69 4.52 -17.71
N LEU P 130 24.90 4.96 -18.09
CA LEU P 130 25.33 6.32 -17.81
C LEU P 130 24.48 7.33 -18.57
N ASN P 131 24.12 7.01 -19.82
CA ASN P 131 23.22 7.88 -20.56
C ASN P 131 21.88 8.00 -19.87
N LYS P 132 21.35 6.90 -19.37
CA LYS P 132 20.10 6.95 -18.63
C LYS P 132 20.23 7.80 -17.38
N ILE P 133 21.36 7.69 -16.67
CA ILE P 133 21.60 8.51 -15.49
C ILE P 133 21.66 9.99 -15.86
N VAL P 134 22.37 10.31 -16.93
CA VAL P 134 22.53 11.71 -17.34
C VAL P 134 21.18 12.30 -17.72
N ARG P 135 20.33 11.51 -18.37
CA ARG P 135 19.03 12.01 -18.78
C ARG P 135 18.06 12.13 -17.62
N MET P 136 18.04 11.16 -16.72
CA MET P 136 16.93 11.02 -15.78
C MET P 136 17.29 11.35 -14.33
N TYR P 137 18.54 11.14 -13.92
CA TYR P 137 18.92 11.29 -12.53
C TYR P 137 19.25 12.74 -12.21
N SER P 138 18.67 13.25 -11.13
CA SER P 138 18.98 14.57 -10.62
C SER P 138 19.47 14.45 -9.19
N PRO P 139 20.74 14.73 -8.90
CA PRO P 139 21.23 14.58 -7.52
C PRO P 139 20.59 15.59 -6.59
N THR P 140 20.45 15.19 -5.32
CA THR P 140 19.89 16.07 -4.31
C THR P 140 20.85 17.21 -4.01
N SER P 141 20.31 18.39 -3.81
CA SER P 141 21.10 19.58 -3.52
C SER P 141 20.57 20.26 -2.26
N ILE P 142 21.50 20.67 -1.40
CA ILE P 142 21.12 21.42 -0.20
C ILE P 142 20.53 22.77 -0.57
N LEU P 143 20.86 23.27 -1.77
CA LEU P 143 20.31 24.54 -2.20
C LEU P 143 18.83 24.43 -2.55
N ASP P 144 18.37 23.22 -2.87
CA ASP P 144 16.98 23.02 -3.28
C ASP P 144 16.03 22.78 -2.11
N ILE P 145 16.54 22.69 -0.88
CA ILE P 145 15.70 22.37 0.28
C ILE P 145 15.10 23.67 0.79
N ARG P 146 13.81 23.87 0.52
CA ARG P 146 13.09 25.03 0.99
C ARG P 146 11.88 24.57 1.79
N GLN P 147 11.51 25.35 2.79
CA GLN P 147 10.36 25.01 3.60
C GLN P 147 9.08 25.30 2.82
N GLY P 148 8.16 24.34 2.82
CA GLY P 148 6.87 24.52 2.22
C GLY P 148 6.04 25.52 2.99
N PRO P 149 5.04 26.11 2.32
CA PRO P 149 4.23 27.13 3.00
C PRO P 149 3.51 26.62 4.23
N LYS P 150 3.11 25.35 4.25
CA LYS P 150 2.43 24.76 5.40
C LYS P 150 3.28 23.70 6.09
N GLU P 151 4.55 23.63 5.76
CA GLU P 151 5.41 22.59 6.31
C GLU P 151 5.86 22.99 7.72
N PRO P 152 5.75 22.10 8.70
CA PRO P 152 6.30 22.40 10.03
C PRO P 152 7.81 22.62 9.96
N PHE P 153 8.29 23.54 10.79
CA PHE P 153 9.71 23.88 10.77
C PHE P 153 10.58 22.66 11.11
N ARG P 154 10.11 21.82 12.03
CA ARG P 154 10.87 20.63 12.41
C ARG P 154 11.05 19.68 11.24
N ASP P 155 10.00 19.46 10.46
CA ASP P 155 10.10 18.59 9.29
C ASP P 155 11.06 19.16 8.27
N TYR P 156 10.99 20.47 8.04
CA TYR P 156 11.90 21.12 7.11
C TYR P 156 13.34 21.00 7.57
N VAL P 157 13.57 21.16 8.88
CA VAL P 157 14.92 21.05 9.42
C VAL P 157 15.45 19.63 9.26
N ASP P 158 14.59 18.63 9.48
CA ASP P 158 14.99 17.25 9.28
C ASP P 158 15.35 16.97 7.83
N ARG P 159 14.53 17.46 6.90
CA ARG P 159 14.85 17.32 5.48
C ARG P 159 16.17 18.00 5.14
N PHE P 160 16.39 19.20 5.69
CA PHE P 160 17.61 19.94 5.44
C PHE P 160 18.83 19.16 5.92
N TYR P 161 18.75 18.59 7.12
CA TYR P 161 19.92 17.91 7.66
C TYR P 161 20.16 16.58 6.97
N LYS P 162 19.11 15.89 6.54
CA LYS P 162 19.30 14.69 5.74
C LYS P 162 20.01 15.02 4.43
N THR P 163 19.55 16.05 3.74
CA THR P 163 20.21 16.45 2.49
C THR P 163 21.63 16.91 2.73
N LEU P 164 21.87 17.62 3.84
CA LEU P 164 23.21 18.08 4.17
C LEU P 164 24.14 16.90 4.43
N ARG P 165 23.62 15.86 5.09
CA ARG P 165 24.42 14.65 5.28
C ARG P 165 24.76 14.01 3.94
N ALA P 166 23.82 14.02 3.00
CA ALA P 166 24.10 13.47 1.68
C ALA P 166 24.96 14.40 0.81
N GLU P 167 25.08 15.67 1.18
CA GLU P 167 25.80 16.64 0.35
C GLU P 167 27.29 16.34 0.30
N GLN P 168 27.89 16.55 -0.88
N GLN P 168 27.90 16.58 -0.86
CA GLN P 168 29.33 16.41 -1.04
CA GLN P 168 29.33 16.40 -1.05
C GLN P 168 29.96 17.74 -0.68
C GLN P 168 30.03 17.71 -0.71
N ALA P 169 30.57 17.81 0.50
CA ALA P 169 31.21 19.03 0.94
C ALA P 169 32.11 18.71 2.12
N SER P 170 33.05 19.61 2.39
CA SER P 170 33.82 19.53 3.61
C SER P 170 32.92 19.85 4.80
N GLN P 171 33.34 19.40 5.98
CA GLN P 171 32.53 19.61 7.18
C GLN P 171 32.39 21.10 7.48
N GLU P 172 33.45 21.87 7.25
CA GLU P 172 33.37 23.31 7.45
C GLU P 172 32.38 23.95 6.49
N VAL P 173 32.38 23.51 5.24
CA VAL P 173 31.43 24.03 4.26
C VAL P 173 30.01 23.64 4.66
N LYS P 174 29.82 22.45 5.21
CA LYS P 174 28.50 22.05 5.68
C LYS P 174 28.04 22.91 6.86
N ASN P 175 28.96 23.24 7.76
CA ASN P 175 28.62 24.13 8.86
C ASN P 175 28.22 25.51 8.34
N TRP P 176 28.94 26.01 7.35
CA TRP P 176 28.59 27.29 6.75
C TRP P 176 27.24 27.22 6.05
N MET P 177 26.95 26.11 5.38
CA MET P 177 25.62 25.91 4.78
C MET P 177 24.54 25.92 5.85
N THR P 178 24.77 25.26 6.98
CA THR P 178 23.80 25.28 8.05
C THR P 178 23.57 26.70 8.55
N GLU P 179 24.64 27.47 8.71
CA GLU P 179 24.51 28.82 9.25
C GLU P 179 23.89 29.77 8.25
N THR P 180 23.91 29.44 6.96
CA THR P 180 23.40 30.38 5.96
C THR P 180 22.05 29.98 5.38
N LEU P 181 21.90 28.72 4.95
CA LEU P 181 20.78 28.32 4.11
C LEU P 181 19.52 28.01 4.91
N LEU P 182 19.68 27.46 6.12
CA LEU P 182 18.53 26.94 6.85
C LEU P 182 17.52 28.04 7.16
N VAL P 183 17.98 29.14 7.75
CA VAL P 183 17.09 30.25 8.02
C VAL P 183 16.66 30.93 6.73
N GLN P 184 17.59 31.05 5.78
CA GLN P 184 17.30 31.74 4.53
C GLN P 184 16.18 31.06 3.75
N ASN P 185 16.16 29.73 3.78
CA ASN P 185 15.24 28.96 2.95
C ASN P 185 13.98 28.53 3.69
N ALA P 186 13.77 29.02 4.90
CA ALA P 186 12.52 28.80 5.60
C ALA P 186 11.41 29.62 4.95
N ASN P 187 10.16 29.23 5.19
CA ASN P 187 9.05 29.95 4.63
C ASN P 187 8.85 31.27 5.38
N PRO P 188 8.15 32.24 4.78
CA PRO P 188 8.05 33.57 5.40
C PRO P 188 7.52 33.57 6.82
N ASP P 189 6.53 32.74 7.11
CA ASP P 189 5.96 32.70 8.46
C ASP P 189 7.02 32.34 9.49
N CYS P 190 7.84 31.34 9.17
CA CYS P 190 8.91 30.97 10.09
C CYS P 190 10.07 31.95 10.02
N LYS P 191 10.34 32.52 8.84
CA LYS P 191 11.46 33.45 8.72
C LYS P 191 11.25 34.70 9.54
N THR P 192 10.02 35.20 9.63
CA THR P 192 9.75 36.36 10.46
C THR P 192 10.15 36.10 11.91
N ILE P 193 9.72 34.96 12.46
CA ILE P 193 10.05 34.61 13.83
C ILE P 193 11.54 34.39 14.00
N LEU P 194 12.17 33.71 13.03
CA LEU P 194 13.61 33.44 13.14
C LEU P 194 14.41 34.73 13.12
N LYS P 195 14.05 35.68 12.26
CA LYS P 195 14.74 36.97 12.24
C LYS P 195 14.51 37.73 13.54
N ALA P 196 13.29 37.69 14.07
CA ALA P 196 13.04 38.34 15.36
C ALA P 196 13.83 37.67 16.47
N LEU P 197 14.20 36.41 16.30
CA LEU P 197 14.98 35.72 17.33
C LEU P 197 16.37 36.30 17.48
N GLY P 198 17.03 36.60 16.37
CA GLY P 198 18.36 37.15 16.41
C GLY P 198 19.39 36.22 15.81
N PRO P 199 20.60 36.75 15.54
CA PRO P 199 21.62 35.93 14.88
C PRO P 199 22.22 34.86 15.78
N ALA P 200 22.12 35.01 17.10
CA ALA P 200 22.77 34.09 18.02
C ALA P 200 21.90 32.91 18.43
N ALA P 201 20.69 32.79 17.87
CA ALA P 201 19.78 31.72 18.27
C ALA P 201 20.33 30.36 17.88
N THR P 202 20.18 29.39 18.78
CA THR P 202 20.57 28.03 18.49
C THR P 202 19.46 27.30 17.75
N LEU P 203 19.78 26.09 17.28
CA LEU P 203 18.80 25.30 16.55
C LEU P 203 17.60 24.95 17.43
N GLU P 204 17.85 24.62 18.70
CA GLU P 204 16.77 24.31 19.61
C GLU P 204 15.86 25.51 19.84
N GLU P 205 16.45 26.68 20.03
CA GLU P 205 15.65 27.89 20.21
C GLU P 205 14.86 28.22 18.95
N MET P 206 15.46 28.00 17.79
CA MET P 206 14.75 28.24 16.54
C MET P 206 13.58 27.27 16.38
N MET P 207 13.79 26.00 16.74
CA MET P 207 12.70 25.03 16.65
C MET P 207 11.58 25.37 17.63
N THR P 208 11.93 25.79 18.84
CA THR P 208 10.90 26.17 19.81
C THR P 208 10.14 27.40 19.35
N ALA P 209 10.84 28.37 18.76
CA ALA P 209 10.19 29.61 18.34
C ALA P 209 9.20 29.38 17.20
N CYS P 210 9.41 28.36 16.38
CA CYS P 210 8.55 28.07 15.25
C CYS P 210 7.62 26.89 15.51
N GLN P 211 7.61 26.35 16.73
CA GLN P 211 6.85 25.14 17.00
C GLN P 211 5.35 25.37 16.83
N GLY P 212 4.89 26.60 16.97
CA GLY P 212 3.48 26.91 16.89
C GLY P 212 3.00 27.48 15.58
N VAL P 213 3.87 27.61 14.58
CA VAL P 213 3.49 28.25 13.33
C VAL P 213 2.51 27.35 12.59
N GLY P 214 1.33 27.89 12.27
CA GLY P 214 0.25 27.11 11.72
C GLY P 214 -0.73 26.59 12.73
N GLY P 215 -0.39 26.61 14.01
CA GLY P 215 -1.32 26.26 15.06
C GLY P 215 -2.34 27.35 15.27
N PRO P 216 -3.39 27.00 16.02
CA PRO P 216 -4.51 27.94 16.19
C PRO P 216 -4.11 29.30 16.77
N GLY P 217 -3.24 29.31 17.77
CA GLY P 217 -2.85 30.59 18.36
C GLY P 217 -2.07 31.46 17.41
N HIS P 218 -1.14 30.87 16.66
CA HIS P 218 -0.36 31.63 15.70
C HIS P 218 -1.24 32.17 14.57
N LYS P 219 -2.16 31.34 14.07
CA LYS P 219 -3.07 31.78 13.03
C LYS P 219 -3.93 32.94 13.51
N ALA P 220 -4.48 32.82 14.72
CA ALA P 220 -5.28 33.90 15.28
C ALA P 220 -4.46 35.16 15.43
N ARG P 221 -3.22 35.03 15.89
N ARG P 221 -3.22 35.03 15.89
CA ARG P 221 -2.39 36.21 16.13
CA ARG P 221 -2.39 36.20 16.13
C ARG P 221 -2.05 36.93 14.82
C ARG P 221 -2.04 36.93 14.83
N VAL P 222 -1.67 36.18 13.79
CA VAL P 222 -1.31 36.84 12.53
C VAL P 222 -2.55 37.45 11.88
N LEU P 223 -3.69 36.76 11.98
CA LEU P 223 -4.93 37.33 11.44
C LEU P 223 -5.30 38.61 12.18
N ALA P 224 -5.14 38.62 13.50
CA ALA P 224 -5.42 39.83 14.27
C ALA P 224 -4.48 40.96 13.91
N GLU P 225 -3.20 40.65 13.69
CA GLU P 225 -2.26 41.69 13.29
C GLU P 225 -2.64 42.30 11.94
N ALA P 226 -3.00 41.45 10.98
CA ALA P 226 -3.43 41.97 9.67
C ALA P 226 -4.70 42.81 9.80
N MET P 227 -5.66 42.35 10.60
CA MET P 227 -6.90 43.10 10.76
C MET P 227 -6.66 44.43 11.48
N SER P 228 -5.72 44.45 12.42
CA SER P 228 -5.39 45.71 13.09
C SER P 228 -4.74 46.68 12.13
N GLN P 229 -3.84 46.18 11.27
CA GLN P 229 -3.28 47.06 10.24
C GLN P 229 -4.39 47.61 9.34
N VAL P 230 -5.38 46.80 9.02
CA VAL P 230 -6.47 47.25 8.16
C VAL P 230 -7.32 48.31 8.86
N ILE P 231 -7.66 48.08 10.12
CA ILE P 231 -8.52 49.02 10.85
C ILE P 231 -7.79 50.36 11.02
N ASN P 232 -6.50 50.30 11.30
CA ASN P 232 -5.71 51.53 11.43
C ASN P 232 -5.34 52.08 10.05
N GLN Q 1 48.33 -19.82 -4.49
CA GLN Q 1 47.13 -19.98 -3.69
C GLN Q 1 46.15 -18.83 -3.94
N MET Q 2 45.28 -18.58 -2.95
CA MET Q 2 44.29 -17.53 -3.06
C MET Q 2 44.24 -16.74 -1.76
N VAL Q 3 43.96 -15.45 -1.88
CA VAL Q 3 43.83 -14.56 -0.73
C VAL Q 3 42.35 -14.43 -0.40
N HIS Q 4 41.99 -14.78 0.83
CA HIS Q 4 40.59 -14.78 1.23
C HIS Q 4 40.12 -13.41 1.70
N GLN Q 5 41.04 -12.46 1.90
CA GLN Q 5 40.70 -11.15 2.43
C GLN Q 5 40.87 -10.05 1.39
N ALA Q 6 40.76 -10.40 0.11
CA ALA Q 6 40.75 -9.38 -0.94
C ALA Q 6 39.56 -8.45 -0.75
N ILE Q 7 39.78 -7.16 -1.04
CA ILE Q 7 38.72 -6.19 -0.77
C ILE Q 7 37.53 -6.44 -1.68
N SER Q 8 36.35 -6.42 -1.08
CA SER Q 8 35.09 -6.58 -1.79
C SER Q 8 34.66 -5.26 -2.38
N PRO Q 9 33.67 -5.27 -3.29
CA PRO Q 9 33.18 -3.98 -3.81
C PRO Q 9 32.72 -3.01 -2.73
N ARG Q 10 32.05 -3.52 -1.70
CA ARG Q 10 31.56 -2.64 -0.64
C ARG Q 10 32.69 -2.12 0.23
N THR Q 11 33.77 -2.89 0.39
CA THR Q 11 34.93 -2.41 1.12
C THR Q 11 35.57 -1.23 0.41
N LEU Q 12 35.79 -1.36 -0.89
CA LEU Q 12 36.37 -0.28 -1.68
C LEU Q 12 35.46 0.94 -1.68
N ASN Q 13 34.16 0.74 -1.83
CA ASN Q 13 33.23 1.86 -1.81
C ASN Q 13 33.22 2.53 -0.45
N ALA Q 14 33.28 1.75 0.63
CA ALA Q 14 33.32 2.34 1.97
C ALA Q 14 34.56 3.17 2.16
N TRP Q 15 35.71 2.70 1.67
CA TRP Q 15 36.93 3.50 1.76
C TRP Q 15 36.80 4.80 0.97
N VAL Q 16 36.24 4.73 -0.23
CA VAL Q 16 36.04 5.92 -1.04
C VAL Q 16 35.15 6.92 -0.30
N LYS Q 17 34.04 6.43 0.26
CA LYS Q 17 33.12 7.30 0.99
C LYS Q 17 33.78 7.88 2.23
N VAL Q 18 34.62 7.10 2.90
CA VAL Q 18 35.31 7.59 4.09
C VAL Q 18 36.20 8.77 3.73
N VAL Q 19 36.99 8.62 2.66
CA VAL Q 19 37.88 9.71 2.25
C VAL Q 19 37.07 10.92 1.81
N GLU Q 20 36.00 10.71 1.05
CA GLU Q 20 35.21 11.83 0.56
C GLU Q 20 34.53 12.59 1.70
N GLU Q 21 34.00 11.87 2.69
CA GLU Q 21 33.21 12.52 3.73
C GLU Q 21 34.09 13.11 4.81
N LYS Q 22 35.13 12.38 5.23
CA LYS Q 22 35.92 12.79 6.38
C LYS Q 22 37.22 13.48 6.02
N ALA Q 23 37.63 13.46 4.75
CA ALA Q 23 38.91 13.99 4.29
C ALA Q 23 39.99 13.25 5.08
N PHE Q 24 40.88 13.94 5.79
CA PHE Q 24 41.90 13.25 6.55
C PHE Q 24 41.80 13.61 8.03
N SER Q 25 40.58 13.53 8.55
CA SER Q 25 40.35 13.57 9.99
C SER Q 25 40.92 12.29 10.59
N PRO Q 26 41.16 12.26 11.90
CA PRO Q 26 41.77 11.06 12.50
C PRO Q 26 40.99 9.79 12.25
N GLU Q 27 39.67 9.88 12.06
CA GLU Q 27 38.85 8.72 11.79
C GLU Q 27 39.33 7.92 10.59
N VAL Q 28 40.13 8.53 9.70
CA VAL Q 28 40.61 7.81 8.52
C VAL Q 28 41.55 6.69 8.91
N ILE Q 29 42.25 6.83 10.03
CA ILE Q 29 43.25 5.84 10.41
C ILE Q 29 42.62 4.52 10.86
N PRO Q 30 41.64 4.51 11.78
CA PRO Q 30 40.99 3.23 12.09
C PRO Q 30 40.29 2.63 10.88
N MET Q 31 39.52 3.43 10.14
CA MET Q 31 38.76 2.91 9.01
C MET Q 31 39.67 2.20 8.01
N PHE Q 32 40.73 2.88 7.58
CA PHE Q 32 41.71 2.21 6.72
C PHE Q 32 42.16 0.90 7.32
N SER Q 33 42.61 0.93 8.58
CA SER Q 33 43.15 -0.27 9.19
C SER Q 33 42.11 -1.37 9.23
N ALA Q 34 40.83 -1.00 9.32
CA ALA Q 34 39.79 -2.02 9.36
C ALA Q 34 39.44 -2.49 7.96
N LEU Q 35 39.42 -1.57 6.99
CA LEU Q 35 38.96 -1.95 5.66
C LEU Q 35 40.03 -2.70 4.89
N SER Q 36 41.29 -2.48 5.22
CA SER Q 36 42.41 -2.97 4.44
C SER Q 36 43.01 -4.26 4.99
N GLU Q 37 42.50 -4.77 6.10
CA GLU Q 37 43.19 -5.84 6.79
C GLU Q 37 43.12 -7.14 6.00
N GLY Q 38 44.27 -7.81 5.86
CA GLY Q 38 44.36 -9.03 5.11
C GLY Q 38 44.52 -8.85 3.61
N ALA Q 39 44.40 -7.63 3.10
CA ALA Q 39 44.48 -7.39 1.68
C ALA Q 39 45.92 -7.41 1.19
N THR Q 40 46.09 -7.68 -0.10
CA THR Q 40 47.39 -7.63 -0.74
C THR Q 40 47.83 -6.18 -0.91
N PRO Q 41 49.13 -5.96 -1.14
CA PRO Q 41 49.58 -4.59 -1.45
C PRO Q 41 48.88 -3.99 -2.66
N GLN Q 42 48.49 -4.83 -3.62
CA GLN Q 42 47.76 -4.34 -4.79
C GLN Q 42 46.42 -3.72 -4.40
N ASP Q 43 45.68 -4.37 -3.49
CA ASP Q 43 44.42 -3.80 -3.03
C ASP Q 43 44.65 -2.51 -2.25
N LEU Q 44 45.73 -2.47 -1.47
CA LEU Q 44 46.08 -1.25 -0.75
C LEU Q 44 46.35 -0.11 -1.73
N ASN Q 45 47.08 -0.39 -2.81
CA ASN Q 45 47.36 0.63 -3.81
C ASN Q 45 46.09 1.06 -4.54
N THR Q 46 45.17 0.11 -4.78
CA THR Q 46 43.89 0.48 -5.36
C THR Q 46 43.15 1.47 -4.47
N MET Q 47 43.10 1.18 -3.17
CA MET Q 47 42.45 2.10 -2.24
C MET Q 47 43.16 3.45 -2.24
N LEU Q 48 44.48 3.46 -2.26
CA LEU Q 48 45.21 4.72 -2.26
C LEU Q 48 44.94 5.53 -3.52
N ASN Q 49 44.86 4.85 -4.67
CA ASN Q 49 44.57 5.53 -5.92
C ASN Q 49 43.12 5.99 -6.04
N THR Q 50 42.23 5.48 -5.21
CA THR Q 50 40.86 5.97 -5.21
C THR Q 50 40.70 7.33 -4.55
N VAL Q 51 41.75 7.86 -3.94
CA VAL Q 51 41.66 9.14 -3.24
C VAL Q 51 41.71 10.27 -4.27
N GLY Q 52 40.60 11.01 -4.38
CA GLY Q 52 40.51 12.15 -5.27
C GLY Q 52 40.78 13.44 -4.50
N GLY Q 53 41.63 14.28 -5.08
CA GLY Q 53 42.06 15.48 -4.40
C GLY Q 53 43.13 15.17 -3.37
N HIS Q 54 43.44 16.19 -2.57
CA HIS Q 54 44.45 16.09 -1.52
C HIS Q 54 45.78 15.57 -2.07
N GLN Q 55 46.25 16.19 -3.15
CA GLN Q 55 47.46 15.72 -3.81
C GLN Q 55 48.69 15.89 -2.93
N ALA Q 56 48.77 16.99 -2.18
CA ALA Q 56 49.88 17.18 -1.26
C ALA Q 56 49.89 16.12 -0.18
N ALA Q 57 48.70 15.78 0.35
CA ALA Q 57 48.62 14.71 1.34
C ALA Q 57 49.11 13.39 0.77
N MET Q 58 48.75 13.09 -0.48
CA MET Q 58 49.16 11.82 -1.06
C MET Q 58 50.66 11.81 -1.36
N GLN Q 59 51.22 12.97 -1.70
CA GLN Q 59 52.67 13.07 -1.83
C GLN Q 59 53.37 12.82 -0.50
N MET Q 60 52.81 13.37 0.59
N MET Q 60 52.81 13.36 0.59
CA MET Q 60 53.34 13.08 1.92
CA MET Q 60 53.35 13.07 1.91
C MET Q 60 53.29 11.58 2.21
C MET Q 60 53.28 11.58 2.22
N LEU Q 61 52.16 10.94 1.88
CA LEU Q 61 52.02 9.51 2.11
C LEU Q 61 53.06 8.73 1.30
N LYS Q 62 53.28 9.13 0.05
CA LYS Q 62 54.28 8.47 -0.77
C LYS Q 62 55.68 8.62 -0.19
N GLU Q 63 56.01 9.81 0.31
CA GLU Q 63 57.32 10.02 0.94
C GLU Q 63 57.47 9.14 2.17
N THR Q 64 56.42 9.05 2.99
CA THR Q 64 56.49 8.18 4.16
C THR Q 64 56.68 6.72 3.75
N ILE Q 65 55.97 6.27 2.71
CA ILE Q 65 56.11 4.88 2.27
C ILE Q 65 57.52 4.62 1.75
N ASN Q 66 58.10 5.58 1.01
CA ASN Q 66 59.46 5.39 0.52
C ASN Q 66 60.45 5.32 1.67
N GLU Q 67 60.25 6.15 2.71
CA GLU Q 67 61.13 6.09 3.86
C GLU Q 67 61.02 4.74 4.58
N GLU Q 68 59.79 4.23 4.72
CA GLU Q 68 59.61 2.92 5.36
C GLU Q 68 60.20 1.80 4.52
N ALA Q 69 60.11 1.91 3.19
CA ALA Q 69 60.72 0.92 2.32
C ALA Q 69 62.23 0.94 2.44
N ALA Q 70 62.81 2.13 2.55
CA ALA Q 70 64.25 2.24 2.78
C ALA Q 70 64.63 1.61 4.12
N GLU Q 71 63.82 1.83 5.15
CA GLU Q 71 64.05 1.19 6.45
C GLU Q 71 64.02 -0.33 6.33
N TRP Q 72 63.03 -0.86 5.59
CA TRP Q 72 62.95 -2.30 5.39
C TRP Q 72 64.19 -2.82 4.66
N ASP Q 73 64.64 -2.10 3.64
CA ASP Q 73 65.81 -2.53 2.90
C ASP Q 73 67.06 -2.52 3.78
N ARG Q 74 67.19 -1.51 4.64
CA ARG Q 74 68.29 -1.47 5.59
C ARG Q 74 68.25 -2.66 6.54
N VAL Q 75 67.07 -2.97 7.05
CA VAL Q 75 66.94 -4.06 8.03
C VAL Q 75 67.17 -5.42 7.37
N HIS Q 76 66.67 -5.60 6.15
CA HIS Q 76 66.81 -6.87 5.45
C HIS Q 76 67.95 -6.76 4.44
N PRO Q 77 69.11 -7.33 4.71
CA PRO Q 77 70.22 -7.25 3.75
C PRO Q 77 69.93 -8.09 2.52
N VAL Q 78 70.27 -7.56 1.35
CA VAL Q 78 70.10 -8.31 0.12
C VAL Q 78 71.14 -9.42 0.07
N HIS Q 79 70.67 -10.64 -0.17
CA HIS Q 79 71.52 -11.82 -0.17
C HIS Q 79 71.86 -12.21 -1.61
N ALA Q 80 73.15 -12.31 -1.90
CA ALA Q 80 73.59 -12.71 -3.23
C ALA Q 80 73.61 -14.23 -3.35
N GLY Q 81 73.09 -14.73 -4.47
CA GLY Q 81 73.02 -16.15 -4.71
C GLY Q 81 71.73 -16.55 -5.39
N PRO Q 82 71.79 -17.62 -6.17
CA PRO Q 82 70.57 -18.08 -6.86
C PRO Q 82 69.52 -18.58 -5.89
N ILE Q 83 68.29 -18.11 -6.06
CA ILE Q 83 67.20 -18.55 -5.21
C ILE Q 83 66.88 -20.01 -5.50
N ALA Q 84 66.42 -20.73 -4.48
CA ALA Q 84 66.05 -22.12 -4.66
C ALA Q 84 64.86 -22.22 -5.60
N PRO Q 85 64.80 -23.24 -6.45
CA PRO Q 85 63.65 -23.36 -7.36
C PRO Q 85 62.31 -23.44 -6.63
N GLY Q 86 62.25 -24.15 -5.50
CA GLY Q 86 61.04 -24.13 -4.71
C GLY Q 86 60.78 -22.80 -4.05
N GLN Q 87 61.83 -22.15 -3.57
CA GLN Q 87 61.69 -20.88 -2.88
C GLN Q 87 61.50 -19.74 -3.87
N MET Q 88 61.10 -18.59 -3.35
CA MET Q 88 60.96 -17.36 -4.12
C MET Q 88 61.93 -16.31 -3.59
N ARG Q 89 62.08 -15.24 -4.36
CA ARG Q 89 62.96 -14.15 -3.95
C ARG Q 89 62.39 -13.47 -2.70
N GLU Q 90 63.30 -13.02 -1.83
CA GLU Q 90 62.87 -12.29 -0.65
C GLU Q 90 62.39 -10.90 -1.05
N PRO Q 91 61.27 -10.42 -0.50
CA PRO Q 91 60.75 -9.12 -0.91
C PRO Q 91 61.67 -7.98 -0.48
N ARG Q 92 61.68 -6.93 -1.29
CA ARG Q 92 62.31 -5.67 -0.93
C ARG Q 92 61.23 -4.65 -0.58
N GLY Q 93 61.68 -3.47 -0.14
CA GLY Q 93 60.73 -2.45 0.25
C GLY Q 93 59.78 -2.08 -0.87
N SER Q 94 60.30 -1.99 -2.10
CA SER Q 94 59.44 -1.73 -3.25
C SER Q 94 58.48 -2.89 -3.48
N ASP Q 95 58.91 -4.12 -3.19
CA ASP Q 95 58.02 -5.27 -3.32
C ASP Q 95 56.88 -5.21 -2.32
N ILE Q 96 57.16 -4.80 -1.08
CA ILE Q 96 56.09 -4.66 -0.09
C ILE Q 96 55.16 -3.52 -0.50
N ALA Q 97 55.71 -2.40 -0.97
CA ALA Q 97 54.86 -1.31 -1.43
C ALA Q 97 54.09 -1.66 -2.69
N GLY Q 98 54.48 -2.72 -3.39
CA GLY Q 98 53.79 -3.14 -4.58
C GLY Q 98 54.22 -2.45 -5.86
N THR Q 99 55.29 -1.65 -5.82
CA THR Q 99 55.74 -0.99 -7.04
C THR Q 99 56.46 -1.96 -7.97
N THR Q 100 57.29 -2.85 -7.40
CA THR Q 100 58.08 -3.76 -8.21
C THR Q 100 57.66 -5.22 -8.05
N SER Q 101 56.49 -5.47 -7.47
CA SER Q 101 55.99 -6.83 -7.27
C SER Q 101 54.65 -6.98 -7.95
N THR Q 102 54.44 -8.13 -8.59
CA THR Q 102 53.16 -8.46 -9.17
C THR Q 102 52.24 -9.04 -8.10
N LEU Q 103 50.93 -9.07 -8.42
CA LEU Q 103 49.96 -9.63 -7.49
C LEU Q 103 50.27 -11.09 -7.17
N GLN Q 104 50.75 -11.84 -8.16
CA GLN Q 104 51.11 -13.24 -7.93
C GLN Q 104 52.23 -13.35 -6.90
N GLU Q 105 53.25 -12.50 -7.01
CA GLU Q 105 54.35 -12.54 -6.04
C GLU Q 105 53.87 -12.16 -4.65
N GLN Q 106 53.00 -11.15 -4.56
CA GLN Q 106 52.47 -10.75 -3.26
C GLN Q 106 51.68 -11.89 -2.62
N ILE Q 107 50.84 -12.56 -3.40
CA ILE Q 107 50.06 -13.67 -2.88
C ILE Q 107 50.97 -14.82 -2.49
N GLY Q 108 52.01 -15.07 -3.27
CA GLY Q 108 52.95 -16.12 -2.93
C GLY Q 108 53.68 -15.85 -1.63
N TRP Q 109 54.08 -14.60 -1.41
CA TRP Q 109 54.70 -14.24 -0.13
C TRP Q 109 53.72 -14.39 1.02
N MET Q 110 52.48 -13.94 0.82
CA MET Q 110 51.51 -13.95 1.91
C MET Q 110 51.10 -15.36 2.28
N THR Q 111 51.05 -16.28 1.31
CA THR Q 111 50.59 -17.64 1.55
C THR Q 111 51.73 -18.64 1.63
N ASN Q 112 52.96 -18.19 1.79
CA ASN Q 112 54.09 -19.10 1.89
C ASN Q 112 54.22 -19.62 3.32
N ASN Q 113 55.07 -20.64 3.49
CA ASN Q 113 55.42 -21.16 4.79
C ASN Q 113 56.91 -21.07 5.01
N PRO Q 114 57.39 -20.20 5.91
CA PRO Q 114 56.63 -19.25 6.74
C PRO Q 114 56.11 -18.07 5.94
N PRO Q 115 54.97 -17.50 6.32
CA PRO Q 115 54.41 -16.37 5.57
C PRO Q 115 55.15 -15.08 5.83
N ILE Q 116 55.21 -14.23 4.82
CA ILE Q 116 55.67 -12.85 4.94
C ILE Q 116 54.47 -11.96 4.65
N PRO Q 117 53.82 -11.41 5.67
CA PRO Q 117 52.58 -10.63 5.45
C PRO Q 117 52.86 -9.26 4.88
N VAL Q 118 53.20 -9.22 3.58
CA VAL Q 118 53.58 -7.97 2.93
C VAL Q 118 52.43 -6.98 2.97
N GLY Q 119 51.19 -7.48 2.92
CA GLY Q 119 50.05 -6.59 3.03
C GLY Q 119 50.00 -5.87 4.36
N GLU Q 120 50.30 -6.57 5.45
CA GLU Q 120 50.26 -5.95 6.77
C GLU Q 120 51.41 -4.96 6.96
N ILE Q 121 52.61 -5.32 6.49
CA ILE Q 121 53.75 -4.40 6.56
C ILE Q 121 53.45 -3.13 5.78
N TYR Q 122 52.95 -3.27 4.56
CA TYR Q 122 52.60 -2.11 3.76
C TYR Q 122 51.48 -1.32 4.42
N LYS Q 123 50.54 -2.01 5.07
CA LYS Q 123 49.47 -1.31 5.77
C LYS Q 123 50.04 -0.43 6.88
N ARG Q 124 51.01 -0.94 7.63
CA ARG Q 124 51.59 -0.12 8.69
C ARG Q 124 52.33 1.08 8.12
N TRP Q 125 53.02 0.89 6.99
CA TRP Q 125 53.66 2.03 6.32
C TRP Q 125 52.62 3.09 5.93
N ILE Q 126 51.51 2.64 5.35
CA ILE Q 126 50.46 3.57 4.96
C ILE Q 126 49.86 4.26 6.18
N ILE Q 127 49.76 3.54 7.29
CA ILE Q 127 49.24 4.15 8.52
C ILE Q 127 50.18 5.23 9.03
N LEU Q 128 51.50 4.99 8.94
CA LEU Q 128 52.44 6.04 9.31
C LEU Q 128 52.24 7.27 8.43
N GLY Q 129 52.09 7.06 7.12
CA GLY Q 129 51.82 8.18 6.23
C GLY Q 129 50.54 8.90 6.56
N LEU Q 130 49.47 8.15 6.85
CA LEU Q 130 48.19 8.76 7.16
C LEU Q 130 48.24 9.53 8.47
N ASN Q 131 48.97 9.01 9.45
CA ASN Q 131 49.14 9.73 10.71
C ASN Q 131 49.88 11.04 10.48
N LYS Q 132 50.92 11.01 9.64
CA LYS Q 132 51.63 12.24 9.31
C LYS Q 132 50.70 13.23 8.61
N ILE Q 133 49.86 12.74 7.70
CA ILE Q 133 48.91 13.61 7.02
C ILE Q 133 47.94 14.24 8.01
N VAL Q 134 47.38 13.43 8.91
CA VAL Q 134 46.41 13.94 9.88
C VAL Q 134 47.06 14.99 10.78
N ARG Q 135 48.34 14.78 11.10
CA ARG Q 135 49.03 15.72 11.98
C ARG Q 135 49.37 17.02 11.26
N MET Q 136 49.85 16.95 10.02
CA MET Q 136 50.54 18.08 9.41
C MET Q 136 49.86 18.65 8.17
N TYR Q 137 48.85 17.98 7.61
CA TYR Q 137 48.25 18.43 6.37
C TYR Q 137 46.90 19.09 6.65
N SER Q 138 46.72 20.29 6.11
CA SER Q 138 45.44 20.97 6.18
C SER Q 138 44.93 21.24 4.78
N PRO Q 139 43.77 20.71 4.42
CA PRO Q 139 43.24 20.95 3.07
C PRO Q 139 42.89 22.41 2.87
N THR Q 140 43.02 22.86 1.62
CA THR Q 140 42.62 24.22 1.27
C THR Q 140 41.10 24.37 1.41
N SER Q 141 40.67 25.51 1.91
CA SER Q 141 39.26 25.79 2.10
C SER Q 141 38.90 27.10 1.42
N ILE Q 142 37.78 27.08 0.69
CA ILE Q 142 37.29 28.31 0.06
C ILE Q 142 36.88 29.32 1.11
N LEU Q 143 36.48 28.84 2.29
CA LEU Q 143 36.08 29.73 3.37
C LEU Q 143 37.27 30.51 3.92
N ASP Q 144 38.48 30.00 3.73
CA ASP Q 144 39.67 30.64 4.27
C ASP Q 144 40.28 31.69 3.35
N ILE Q 145 39.75 31.84 2.13
CA ILE Q 145 40.33 32.79 1.18
C ILE Q 145 39.77 34.17 1.48
N ARG Q 146 40.61 35.04 2.00
CA ARG Q 146 40.22 36.40 2.36
C ARG Q 146 41.22 37.38 1.77
N GLN Q 147 40.72 38.50 1.27
CA GLN Q 147 41.58 39.50 0.67
C GLN Q 147 42.47 40.15 1.73
N GLY Q 148 43.76 40.26 1.42
CA GLY Q 148 44.68 40.95 2.29
C GLY Q 148 44.41 42.44 2.30
N PRO Q 149 44.86 43.12 3.36
CA PRO Q 149 44.61 44.56 3.45
C PRO Q 149 45.17 45.37 2.29
N LYS Q 150 46.33 44.97 1.76
CA LYS Q 150 46.93 45.64 0.61
C LYS Q 150 46.96 44.78 -0.64
N GLU Q 151 46.24 43.67 -0.63
CA GLU Q 151 46.23 42.78 -1.79
C GLU Q 151 45.37 43.37 -2.89
N PRO Q 152 45.85 43.40 -4.14
CA PRO Q 152 44.99 43.84 -5.25
C PRO Q 152 43.80 42.91 -5.39
N PHE Q 153 42.66 43.50 -5.76
CA PHE Q 153 41.43 42.72 -5.84
C PHE Q 153 41.53 41.63 -6.90
N ARG Q 154 42.27 41.89 -7.97
CA ARG Q 154 42.44 40.87 -9.02
C ARG Q 154 43.19 39.65 -8.50
N ASP Q 155 44.25 39.88 -7.71
CA ASP Q 155 44.98 38.76 -7.13
C ASP Q 155 44.10 37.96 -6.18
N TYR Q 156 43.28 38.66 -5.38
CA TYR Q 156 42.34 37.99 -4.49
C TYR Q 156 41.35 37.14 -5.28
N VAL Q 157 40.83 37.68 -6.39
CA VAL Q 157 39.88 36.93 -7.20
C VAL Q 157 40.55 35.69 -7.80
N ASP Q 158 41.80 35.84 -8.24
CA ASP Q 158 42.54 34.69 -8.77
C ASP Q 158 42.71 33.61 -7.71
N ARG Q 159 43.12 33.99 -6.51
CA ARG Q 159 43.27 33.01 -5.44
C ARG Q 159 41.94 32.35 -5.11
N PHE Q 160 40.86 33.15 -5.07
CA PHE Q 160 39.55 32.62 -4.77
C PHE Q 160 39.12 31.58 -5.80
N TYR Q 161 39.31 31.87 -7.08
CA TYR Q 161 38.86 30.95 -8.11
C TYR Q 161 39.74 29.71 -8.17
N LYS Q 162 41.05 29.86 -7.92
CA LYS Q 162 41.89 28.66 -7.84
C LYS Q 162 41.44 27.74 -6.71
N THR Q 163 41.19 28.32 -5.52
CA THR Q 163 40.74 27.51 -4.39
C THR Q 163 39.38 26.89 -4.68
N LEU Q 164 38.49 27.64 -5.33
CA LEU Q 164 37.17 27.12 -5.67
C LEU Q 164 37.28 25.96 -6.65
N ARG Q 165 38.18 26.05 -7.61
CA ARG Q 165 38.42 24.92 -8.51
C ARG Q 165 38.92 23.72 -7.74
N ALA Q 166 39.75 23.93 -6.73
CA ALA Q 166 40.19 22.83 -5.89
C ALA Q 166 39.10 22.35 -4.92
N GLU Q 167 38.05 23.13 -4.68
CA GLU Q 167 37.07 22.79 -3.67
C GLU Q 167 36.25 21.57 -4.07
N GLN Q 168 35.90 20.76 -3.08
N GLN Q 168 35.91 20.74 -3.08
CA GLN Q 168 35.08 19.56 -3.28
CA GLN Q 168 35.08 19.56 -3.30
C GLN Q 168 33.62 19.95 -3.07
C GLN Q 168 33.63 19.95 -3.08
N ALA Q 169 32.93 20.23 -4.17
CA ALA Q 169 31.54 20.63 -4.11
C ALA Q 169 30.90 20.46 -5.48
N SER Q 170 29.58 20.46 -5.50
CA SER Q 170 28.85 20.46 -6.76
C SER Q 170 28.98 21.81 -7.43
N GLN Q 171 28.69 21.84 -8.74
CA GLN Q 171 28.81 23.08 -9.50
C GLN Q 171 27.83 24.13 -9.00
N GLU Q 172 26.61 23.73 -8.65
CA GLU Q 172 25.64 24.68 -8.12
C GLU Q 172 26.13 25.28 -6.80
N VAL Q 173 26.69 24.44 -5.93
CA VAL Q 173 27.22 24.91 -4.66
C VAL Q 173 28.41 25.85 -4.89
N LYS Q 174 29.23 25.54 -5.89
CA LYS Q 174 30.35 26.43 -6.21
C LYS Q 174 29.87 27.77 -6.74
N ASN Q 175 28.83 27.78 -7.57
CA ASN Q 175 28.27 29.04 -8.03
C ASN Q 175 27.71 29.86 -6.88
N TRP Q 176 27.02 29.20 -5.95
CA TRP Q 176 26.52 29.89 -4.77
C TRP Q 176 27.67 30.42 -3.91
N MET Q 177 28.75 29.65 -3.80
CA MET Q 177 29.94 30.12 -3.11
C MET Q 177 30.51 31.37 -3.75
N THR Q 178 30.57 31.39 -5.08
CA THR Q 178 31.04 32.60 -5.75
C THR Q 178 30.11 33.77 -5.47
N GLU Q 179 28.80 33.54 -5.50
CA GLU Q 179 27.85 34.62 -5.29
C GLU Q 179 27.92 35.16 -3.86
N THR Q 180 28.31 34.33 -2.90
CA THR Q 180 28.26 34.74 -1.50
C THR Q 180 29.61 35.17 -0.93
N LEU Q 181 30.65 34.37 -1.12
CA LEU Q 181 31.88 34.53 -0.34
C LEU Q 181 32.82 35.57 -0.96
N LEU Q 182 32.78 35.73 -2.28
CA LEU Q 182 33.79 36.57 -2.94
C LEU Q 182 33.73 38.01 -2.46
N VAL Q 183 32.54 38.60 -2.46
CA VAL Q 183 32.39 39.96 -1.96
C VAL Q 183 32.49 40.00 -0.45
N GLN Q 184 31.97 38.96 0.23
CA GLN Q 184 31.97 38.94 1.68
C GLN Q 184 33.39 38.96 2.24
N ASN Q 185 34.30 38.21 1.64
CA ASN Q 185 35.65 38.05 2.15
C ASN Q 185 36.64 39.02 1.52
N ALA Q 186 36.16 40.03 0.81
CA ALA Q 186 37.02 41.10 0.34
C ALA Q 186 37.37 42.04 1.49
N ASN Q 187 38.48 42.75 1.35
CA ASN Q 187 38.90 43.68 2.37
C ASN Q 187 37.96 44.87 2.40
N PRO Q 188 37.92 45.62 3.52
CA PRO Q 188 36.95 46.73 3.61
C PRO Q 188 37.07 47.74 2.49
N ASP Q 189 38.30 48.09 2.08
CA ASP Q 189 38.48 49.09 1.04
C ASP Q 189 37.78 48.68 -0.24
N CYS Q 190 37.93 47.44 -0.65
CA CYS Q 190 37.23 46.96 -1.83
C CYS Q 190 35.76 46.68 -1.53
N LYS Q 191 35.44 46.35 -0.27
CA LYS Q 191 34.08 45.94 0.05
C LYS Q 191 33.11 47.11 -0.02
N THR Q 192 33.53 48.31 0.40
CA THR Q 192 32.65 49.46 0.25
C THR Q 192 32.33 49.73 -1.22
N ILE Q 193 33.33 49.64 -2.08
CA ILE Q 193 33.12 49.85 -3.51
C ILE Q 193 32.18 48.79 -4.07
N LEU Q 194 32.40 47.53 -3.68
CA LEU Q 194 31.55 46.44 -4.18
C LEU Q 194 30.10 46.62 -3.73
N LYS Q 195 29.88 47.02 -2.48
CA LYS Q 195 28.51 47.30 -2.04
C LYS Q 195 27.91 48.47 -2.80
N ALA Q 196 28.70 49.51 -3.06
CA ALA Q 196 28.20 50.64 -3.84
C ALA Q 196 27.81 50.21 -5.25
N LEU Q 197 28.49 49.21 -5.80
CA LEU Q 197 28.16 48.73 -7.14
C LEU Q 197 26.74 48.17 -7.20
N GLY Q 198 26.35 47.38 -6.20
CA GLY Q 198 25.05 46.78 -6.18
C GLY Q 198 25.07 45.28 -6.41
N PRO Q 199 23.97 44.61 -6.12
CA PRO Q 199 23.94 43.15 -6.24
C PRO Q 199 24.10 42.64 -7.66
N ALA Q 200 23.72 43.44 -8.67
CA ALA Q 200 23.71 42.95 -10.04
C ALA Q 200 25.07 43.05 -10.72
N ALA Q 201 26.08 43.57 -10.04
CA ALA Q 201 27.38 43.78 -10.66
C ALA Q 201 28.01 42.45 -11.09
N THR Q 202 28.60 42.43 -12.27
CA THR Q 202 29.30 41.27 -12.76
C THR Q 202 30.74 41.26 -12.25
N LEU Q 203 31.43 40.15 -12.49
CA LEU Q 203 32.80 40.02 -12.01
C LEU Q 203 33.71 41.06 -12.67
N GLU Q 204 33.52 41.30 -13.97
CA GLU Q 204 34.34 42.29 -14.66
C GLU Q 204 34.08 43.69 -14.13
N GLU Q 205 32.82 44.03 -13.87
CA GLU Q 205 32.50 45.33 -13.29
C GLU Q 205 33.11 45.48 -11.90
N MET Q 206 33.05 44.42 -11.09
CA MET Q 206 33.65 44.47 -9.77
C MET Q 206 35.16 44.63 -9.85
N MET Q 207 35.79 43.96 -10.82
CA MET Q 207 37.24 44.03 -10.94
C MET Q 207 37.67 45.40 -11.46
N THR Q 208 36.88 46.02 -12.34
CA THR Q 208 37.19 47.36 -12.79
C THR Q 208 36.98 48.39 -11.68
N ALA Q 209 35.94 48.21 -10.87
CA ALA Q 209 35.65 49.17 -9.82
C ALA Q 209 36.76 49.20 -8.77
N CYS Q 210 37.31 48.04 -8.44
CA CYS Q 210 38.35 47.93 -7.44
C CYS Q 210 39.76 48.00 -8.02
N GLN Q 211 39.88 48.28 -9.32
CA GLN Q 211 41.20 48.25 -9.96
C GLN Q 211 42.10 49.35 -9.43
N GLY Q 212 41.52 50.45 -8.94
CA GLY Q 212 42.30 51.55 -8.45
C GLY Q 212 42.56 51.57 -6.96
N VAL Q 213 42.05 50.59 -6.21
CA VAL Q 213 42.25 50.59 -4.77
C VAL Q 213 43.71 50.40 -4.45
N GLY Q 214 44.26 51.30 -3.65
CA GLY Q 214 45.67 51.31 -3.34
C GLY Q 214 46.49 52.21 -4.24
N GLY Q 215 45.95 52.67 -5.36
CA GLY Q 215 46.62 53.62 -6.20
C GLY Q 215 46.56 55.01 -5.61
N PRO Q 216 47.39 55.90 -6.17
CA PRO Q 216 47.45 57.26 -5.62
C PRO Q 216 46.12 57.98 -5.60
N GLY Q 217 45.29 57.81 -6.63
CA GLY Q 217 44.01 58.49 -6.66
C GLY Q 217 43.08 58.02 -5.56
N HIS Q 218 42.96 56.70 -5.38
CA HIS Q 218 42.10 56.16 -4.34
C HIS Q 218 42.59 56.54 -2.95
N LYS Q 219 43.91 56.44 -2.73
CA LYS Q 219 44.48 56.84 -1.45
C LYS Q 219 44.17 58.29 -1.15
N ALA Q 220 44.39 59.18 -2.12
CA ALA Q 220 44.11 60.59 -1.91
C ALA Q 220 42.63 60.83 -1.65
N ARG Q 221 41.76 60.13 -2.37
CA ARG Q 221 40.32 60.34 -2.20
C ARG Q 221 39.86 59.92 -0.81
N VAL Q 222 40.31 58.75 -0.34
CA VAL Q 222 39.87 58.30 0.98
C VAL Q 222 40.48 59.16 2.08
N LEU Q 223 41.73 59.59 1.91
CA LEU Q 223 42.33 60.50 2.88
C LEU Q 223 41.58 61.82 2.90
N ALA Q 224 41.14 62.30 1.73
CA ALA Q 224 40.37 63.53 1.66
C ALA Q 224 39.03 63.39 2.36
N GLU Q 225 38.35 62.25 2.18
CA GLU Q 225 37.09 62.04 2.86
C GLU Q 225 37.27 61.99 4.37
N ALA Q 226 38.32 61.32 4.84
CA ALA Q 226 38.59 61.28 6.28
C ALA Q 226 38.89 62.68 6.82
N MET Q 227 39.67 63.47 6.09
CA MET Q 227 39.95 64.83 6.53
C MET Q 227 38.71 65.70 6.47
N SER Q 228 37.79 65.42 5.54
CA SER Q 228 36.51 66.13 5.53
C SER Q 228 35.72 65.84 6.78
N GLN Q 229 35.69 64.58 7.19
CA GLN Q 229 35.03 64.23 8.45
C GLN Q 229 35.69 64.93 9.64
N VAL Q 230 37.02 64.98 9.65
CA VAL Q 230 37.73 65.58 10.78
C VAL Q 230 37.47 67.09 10.85
N ILE Q 231 37.63 67.79 9.72
CA ILE Q 231 37.51 69.25 9.70
C ILE Q 231 36.05 69.69 9.58
N ASN Q 232 35.11 68.76 9.52
CA ASN Q 232 33.69 69.11 9.45
C ASN Q 232 33.25 69.88 10.69
N GLN R 1 52.37 -5.33 -43.09
CA GLN R 1 51.03 -5.07 -43.60
C GLN R 1 50.77 -3.58 -43.70
N MET R 2 49.51 -3.18 -43.50
CA MET R 2 49.12 -1.78 -43.56
C MET R 2 48.02 -1.54 -42.54
N VAL R 3 47.89 -0.28 -42.12
CA VAL R 3 46.90 0.12 -41.14
C VAL R 3 45.70 0.70 -41.90
N HIS R 4 44.56 0.02 -41.79
CA HIS R 4 43.37 0.46 -42.51
C HIS R 4 42.79 1.74 -41.92
N GLN R 5 43.04 2.00 -40.65
CA GLN R 5 42.50 3.18 -39.97
C GLN R 5 43.52 4.31 -39.87
N ALA R 6 44.43 4.41 -40.83
CA ALA R 6 45.34 5.54 -40.87
C ALA R 6 44.55 6.83 -41.06
N ILE R 7 45.04 7.91 -40.45
CA ILE R 7 44.28 9.16 -40.49
C ILE R 7 44.24 9.71 -41.91
N SER R 8 43.06 10.08 -42.35
CA SER R 8 42.83 10.68 -43.65
C SER R 8 43.13 12.17 -43.61
N PRO R 9 43.31 12.81 -44.76
CA PRO R 9 43.51 14.27 -44.75
C PRO R 9 42.39 15.02 -44.04
N ARG R 10 41.15 14.58 -44.22
CA ARG R 10 40.03 15.26 -43.57
C ARG R 10 40.06 15.03 -42.07
N THR R 11 40.51 13.85 -41.63
CA THR R 11 40.62 13.59 -40.19
C THR R 11 41.63 14.55 -39.55
N LEU R 12 42.80 14.67 -40.17
CA LEU R 12 43.82 15.58 -39.63
C LEU R 12 43.34 17.02 -39.65
N ASN R 13 42.70 17.45 -40.75
CA ASN R 13 42.21 18.81 -40.82
C ASN R 13 41.12 19.07 -39.78
N ALA R 14 40.26 18.07 -39.54
CA ALA R 14 39.24 18.21 -38.51
C ALA R 14 39.86 18.33 -37.12
N TRP R 15 40.93 17.57 -36.86
CA TRP R 15 41.61 17.72 -35.58
C TRP R 15 42.22 19.12 -35.43
N VAL R 16 42.85 19.62 -36.50
CA VAL R 16 43.41 20.96 -36.45
C VAL R 16 42.33 22.00 -36.18
N LYS R 17 41.20 21.86 -36.87
CA LYS R 17 40.11 22.83 -36.70
C LYS R 17 39.51 22.73 -35.30
N VAL R 18 39.43 21.52 -34.75
CA VAL R 18 38.93 21.35 -33.38
C VAL R 18 39.82 22.08 -32.40
N VAL R 19 41.14 21.90 -32.52
CA VAL R 19 42.05 22.58 -31.61
C VAL R 19 41.97 24.09 -31.79
N GLU R 20 41.88 24.56 -33.04
CA GLU R 20 41.89 25.99 -33.28
C GLU R 20 40.59 26.66 -32.82
N GLU R 21 39.47 25.95 -32.91
CA GLU R 21 38.19 26.53 -32.54
C GLU R 21 37.87 26.39 -31.06
N LYS R 22 38.02 25.19 -30.50
CA LYS R 22 37.61 24.94 -29.13
C LYS R 22 38.73 25.06 -28.11
N ALA R 23 39.96 25.27 -28.55
CA ALA R 23 41.13 25.30 -27.66
C ALA R 23 41.14 23.98 -26.89
N PHE R 24 41.09 24.00 -25.56
CA PHE R 24 41.07 22.76 -24.80
C PHE R 24 39.85 22.69 -23.89
N SER R 25 38.68 22.99 -24.45
CA SER R 25 37.42 22.73 -23.78
C SER R 25 37.23 21.21 -23.70
N PRO R 26 36.30 20.74 -22.86
CA PRO R 26 36.12 19.28 -22.74
C PRO R 26 35.79 18.60 -24.06
N GLU R 27 35.20 19.32 -25.02
CA GLU R 27 34.86 18.74 -26.31
C GLU R 27 36.07 18.18 -27.05
N VAL R 28 37.27 18.62 -26.69
CA VAL R 28 38.47 18.11 -27.35
C VAL R 28 38.65 16.63 -27.06
N ILE R 29 38.22 16.17 -25.88
CA ILE R 29 38.46 14.78 -25.50
C ILE R 29 37.68 13.80 -26.39
N PRO R 30 36.36 13.92 -26.56
CA PRO R 30 35.70 13.00 -27.50
C PRO R 30 36.23 13.10 -28.92
N MET R 31 36.48 14.32 -29.40
CA MET R 31 36.94 14.49 -30.76
C MET R 31 38.24 13.73 -31.00
N PHE R 32 39.25 13.97 -30.16
CA PHE R 32 40.51 13.23 -30.32
C PHE R 32 40.27 11.73 -30.19
N SER R 33 39.33 11.33 -29.34
CA SER R 33 39.04 9.92 -29.20
C SER R 33 38.52 9.34 -30.50
N ALA R 34 37.67 10.10 -31.20
CA ALA R 34 37.02 9.56 -32.38
C ALA R 34 37.92 9.68 -33.62
N LEU R 35 38.66 10.79 -33.72
CA LEU R 35 39.47 11.01 -34.90
C LEU R 35 40.69 10.11 -34.95
N SER R 36 41.20 9.71 -33.78
CA SER R 36 42.45 8.96 -33.70
C SER R 36 42.25 7.46 -33.60
N GLU R 37 41.01 6.97 -33.63
CA GLU R 37 40.75 5.56 -33.40
C GLU R 37 41.41 4.71 -34.48
N GLY R 38 42.09 3.65 -34.05
CA GLY R 38 42.73 2.72 -34.96
C GLY R 38 44.01 3.22 -35.58
N ALA R 39 44.45 4.44 -35.27
CA ALA R 39 45.63 4.99 -35.90
C ALA R 39 46.90 4.54 -35.17
N THR R 40 48.02 4.62 -35.89
CA THR R 40 49.31 4.29 -35.32
C THR R 40 49.76 5.39 -34.36
N PRO R 41 50.72 5.10 -33.48
CA PRO R 41 51.30 6.17 -32.66
C PRO R 41 51.91 7.29 -33.48
N GLN R 42 52.41 6.97 -34.68
CA GLN R 42 52.94 8.01 -35.57
C GLN R 42 51.86 9.00 -35.98
N ASP R 43 50.67 8.51 -36.34
CA ASP R 43 49.58 9.41 -36.69
C ASP R 43 49.15 10.25 -35.50
N LEU R 44 49.08 9.64 -34.31
CA LEU R 44 48.72 10.40 -33.12
C LEU R 44 49.75 11.48 -32.84
N ASN R 45 51.03 11.17 -33.07
CA ASN R 45 52.08 12.17 -32.88
C ASN R 45 51.94 13.30 -33.88
N THR R 46 51.56 12.98 -35.12
CA THR R 46 51.30 14.03 -36.10
C THR R 46 50.16 14.94 -35.63
N MET R 47 49.06 14.35 -35.18
CA MET R 47 47.96 15.13 -34.65
C MET R 47 48.41 16.02 -33.49
N LEU R 48 49.24 15.48 -32.60
CA LEU R 48 49.73 16.27 -31.48
C LEU R 48 50.64 17.39 -31.95
N ASN R 49 51.44 17.16 -32.99
CA ASN R 49 52.36 18.17 -33.49
C ASN R 49 51.64 19.27 -34.26
N THR R 50 50.44 19.02 -34.75
CA THR R 50 49.69 20.06 -35.44
C THR R 50 49.08 21.09 -34.50
N VAL R 51 49.22 20.91 -33.19
CA VAL R 51 48.68 21.89 -32.25
C VAL R 51 49.59 23.11 -32.22
N GLY R 52 49.03 24.28 -32.54
CA GLY R 52 49.77 25.53 -32.53
C GLY R 52 49.39 26.34 -31.29
N GLY R 53 50.41 26.88 -30.64
CA GLY R 53 50.18 27.56 -29.39
C GLY R 53 49.93 26.57 -28.26
N HIS R 54 49.53 27.12 -27.11
CA HIS R 54 49.28 26.33 -25.91
C HIS R 54 50.47 25.44 -25.57
N GLN R 55 51.67 26.03 -25.57
CA GLN R 55 52.88 25.26 -25.33
C GLN R 55 52.90 24.65 -23.93
N ALA R 56 52.37 25.39 -22.94
CA ALA R 56 52.29 24.85 -21.59
C ALA R 56 51.41 23.61 -21.53
N ALA R 57 50.27 23.65 -22.23
CA ALA R 57 49.39 22.48 -22.28
C ALA R 57 50.10 21.29 -22.92
N MET R 58 50.85 21.54 -24.00
CA MET R 58 51.60 20.46 -24.64
C MET R 58 52.66 19.90 -23.71
N GLN R 59 53.30 20.75 -22.90
CA GLN R 59 54.26 20.25 -21.94
C GLN R 59 53.60 19.37 -20.89
N MET R 60 52.42 19.79 -20.40
CA MET R 60 51.70 18.94 -19.44
C MET R 60 51.32 17.60 -20.08
N LEU R 61 50.89 17.63 -21.35
CA LEU R 61 50.57 16.41 -22.06
C LEU R 61 51.78 15.49 -22.17
N LYS R 62 52.94 16.06 -22.49
CA LYS R 62 54.16 15.27 -22.58
C LYS R 62 54.52 14.66 -21.23
N GLU R 63 54.35 15.42 -20.15
CA GLU R 63 54.63 14.90 -18.82
C GLU R 63 53.71 13.73 -18.50
N THR R 64 52.43 13.85 -18.82
CA THR R 64 51.50 12.75 -18.57
C THR R 64 51.87 11.53 -19.40
N ILE R 65 52.28 11.74 -20.66
CA ILE R 65 52.65 10.60 -21.50
C ILE R 65 53.89 9.91 -20.94
N ASN R 66 54.86 10.67 -20.46
CA ASN R 66 56.04 10.06 -19.87
C ASN R 66 55.68 9.27 -18.62
N GLU R 67 54.76 9.81 -17.80
CA GLU R 67 54.31 9.06 -16.63
C GLU R 67 53.65 7.75 -17.02
N GLU R 68 52.79 7.78 -18.04
CA GLU R 68 52.12 6.55 -18.48
C GLU R 68 53.11 5.56 -19.09
N ALA R 69 54.12 6.06 -19.79
CA ALA R 69 55.15 5.18 -20.33
C ALA R 69 55.96 4.52 -19.21
N ALA R 70 56.26 5.29 -18.16
CA ALA R 70 56.93 4.70 -17.00
C ALA R 70 56.05 3.63 -16.35
N GLU R 71 54.75 3.89 -16.23
CA GLU R 71 53.84 2.88 -15.70
C GLU R 71 53.84 1.62 -16.56
N TRP R 72 53.81 1.79 -17.87
CA TRP R 72 53.87 0.63 -18.77
C TRP R 72 55.15 -0.15 -18.57
N ASP R 73 56.28 0.55 -18.48
CA ASP R 73 57.56 -0.13 -18.29
C ASP R 73 57.59 -0.88 -16.96
N ARG R 74 57.00 -0.29 -15.93
CA ARG R 74 56.92 -0.96 -14.63
C ARG R 74 56.10 -2.25 -14.72
N VAL R 75 54.95 -2.17 -15.39
CA VAL R 75 54.09 -3.35 -15.50
C VAL R 75 54.70 -4.42 -16.39
N HIS R 76 55.48 -4.04 -17.39
CA HIS R 76 56.05 -4.99 -18.36
C HIS R 76 57.54 -5.15 -18.12
N PRO R 77 57.97 -6.25 -17.49
CA PRO R 77 59.40 -6.48 -17.30
C PRO R 77 60.11 -6.69 -18.62
N VAL R 78 61.38 -6.30 -18.67
CA VAL R 78 62.18 -6.49 -19.87
C VAL R 78 62.58 -7.96 -20.00
N HIS R 79 62.51 -8.47 -21.23
CA HIS R 79 62.88 -9.84 -21.50
C HIS R 79 64.39 -10.04 -21.39
N ALA R 80 64.80 -11.31 -21.28
CA ALA R 80 66.20 -11.62 -21.03
C ALA R 80 67.09 -11.26 -22.21
N GLY R 81 66.59 -11.37 -23.43
CA GLY R 81 67.42 -11.15 -24.59
C GLY R 81 67.25 -12.09 -25.78
N PRO R 82 66.93 -13.39 -25.54
CA PRO R 82 66.82 -14.26 -26.74
C PRO R 82 65.56 -13.99 -27.54
N ILE R 83 65.63 -12.96 -28.39
CA ILE R 83 64.51 -12.63 -29.26
C ILE R 83 64.44 -13.65 -30.39
N ALA R 84 63.25 -14.23 -30.58
CA ALA R 84 63.05 -15.17 -31.67
C ALA R 84 63.16 -14.44 -33.01
N PRO R 85 63.84 -15.04 -33.99
CA PRO R 85 63.95 -14.37 -35.30
C PRO R 85 62.61 -14.06 -35.95
N GLY R 86 61.64 -14.98 -35.82
CA GLY R 86 60.32 -14.71 -36.37
C GLY R 86 59.59 -13.61 -35.63
N GLN R 87 59.69 -13.61 -34.30
CA GLN R 87 59.00 -12.61 -33.49
C GLN R 87 59.81 -11.31 -33.46
N MET R 88 59.16 -10.26 -32.98
CA MET R 88 59.81 -8.96 -32.83
C MET R 88 59.88 -8.58 -31.36
N ARG R 89 60.68 -7.55 -31.07
CA ARG R 89 60.87 -7.12 -29.69
C ARG R 89 59.56 -6.63 -29.09
N GLU R 90 59.37 -6.87 -27.81
CA GLU R 90 58.19 -6.38 -27.12
C GLU R 90 58.32 -4.86 -26.94
N PRO R 91 57.24 -4.12 -27.16
CA PRO R 91 57.33 -2.65 -27.05
C PRO R 91 57.53 -2.19 -25.62
N ARG R 92 58.26 -1.09 -25.48
CA ARG R 92 58.37 -0.37 -24.22
C ARG R 92 57.49 0.87 -24.27
N GLY R 93 57.48 1.61 -23.16
CA GLY R 93 56.65 2.80 -23.08
C GLY R 93 56.98 3.82 -24.16
N SER R 94 58.27 4.01 -24.42
CA SER R 94 58.69 4.93 -25.47
C SER R 94 58.28 4.41 -26.84
N ASP R 95 58.26 3.10 -27.03
CA ASP R 95 57.77 2.53 -28.27
C ASP R 95 56.28 2.77 -28.44
N ILE R 96 55.51 2.65 -27.36
CA ILE R 96 54.09 2.95 -27.41
C ILE R 96 53.87 4.42 -27.77
N ALA R 97 54.63 5.31 -27.13
CA ALA R 97 54.52 6.73 -27.44
C ALA R 97 55.10 7.08 -28.81
N GLY R 98 55.84 6.17 -29.42
CA GLY R 98 56.39 6.38 -30.74
C GLY R 98 57.70 7.13 -30.79
N THR R 99 58.32 7.42 -29.65
CA THR R 99 59.59 8.14 -29.66
C THR R 99 60.73 7.24 -30.12
N THR R 100 60.75 6.00 -29.67
CA THR R 100 61.83 5.07 -30.00
C THR R 100 61.39 3.96 -30.95
N SER R 101 60.20 4.07 -31.54
CA SER R 101 59.71 3.08 -32.47
C SER R 101 59.43 3.73 -33.81
N THR R 102 59.64 2.96 -34.88
CA THR R 102 59.33 3.41 -36.22
C THR R 102 57.89 3.05 -36.58
N LEU R 103 57.42 3.61 -37.69
CA LEU R 103 56.08 3.30 -38.15
C LEU R 103 55.94 1.82 -38.49
N GLN R 104 56.97 1.24 -39.09
CA GLN R 104 56.92 -0.18 -39.43
C GLN R 104 56.78 -1.04 -38.18
N GLU R 105 57.51 -0.71 -37.12
CA GLU R 105 57.40 -1.47 -35.87
C GLU R 105 56.02 -1.33 -35.25
N GLN R 106 55.45 -0.13 -35.28
CA GLN R 106 54.10 0.05 -34.75
C GLN R 106 53.08 -0.74 -35.54
N ILE R 107 53.20 -0.73 -36.86
CA ILE R 107 52.30 -1.52 -37.70
C ILE R 107 52.47 -3.01 -37.40
N GLY R 108 53.72 -3.46 -37.23
CA GLY R 108 53.95 -4.85 -36.90
C GLY R 108 53.32 -5.26 -35.58
N TRP R 109 53.43 -4.39 -34.57
CA TRP R 109 52.78 -4.69 -33.29
C TRP R 109 51.27 -4.72 -33.43
N MET R 110 50.69 -3.78 -34.17
CA MET R 110 49.24 -3.70 -34.26
C MET R 110 48.66 -4.85 -35.08
N THR R 111 49.39 -5.31 -36.08
CA THR R 111 48.90 -6.35 -36.98
C THR R 111 49.44 -7.73 -36.63
N ASN R 112 50.15 -7.87 -35.52
CA ASN R 112 50.67 -9.17 -35.13
C ASN R 112 49.56 -10.02 -34.53
N ASN R 113 49.84 -11.32 -34.38
CA ASN R 113 48.93 -12.24 -33.72
C ASN R 113 49.67 -12.91 -32.58
N PRO R 114 49.32 -12.64 -31.32
CA PRO R 114 48.25 -11.73 -30.85
C PRO R 114 48.62 -10.26 -31.06
N PRO R 115 47.64 -9.39 -31.21
CA PRO R 115 47.94 -7.98 -31.48
C PRO R 115 48.19 -7.17 -30.22
N ILE R 116 49.17 -6.28 -30.28
CA ILE R 116 49.40 -5.29 -29.23
C ILE R 116 48.92 -3.94 -29.77
N PRO R 117 47.78 -3.43 -29.32
CA PRO R 117 47.24 -2.18 -29.86
C PRO R 117 47.98 -0.95 -29.34
N VAL R 118 49.21 -0.76 -29.83
CA VAL R 118 50.05 0.31 -29.32
C VAL R 118 49.40 1.67 -29.56
N GLY R 119 48.69 1.81 -30.68
CA GLY R 119 47.99 3.05 -30.94
C GLY R 119 46.90 3.35 -29.92
N GLU R 120 46.15 2.32 -29.52
CA GLU R 120 45.06 2.54 -28.58
C GLU R 120 45.59 2.82 -27.17
N ILE R 121 46.66 2.12 -26.78
CA ILE R 121 47.30 2.40 -25.49
C ILE R 121 47.82 3.84 -25.46
N TYR R 122 48.51 4.24 -26.53
CA TYR R 122 49.02 5.60 -26.60
C TYR R 122 47.88 6.61 -26.60
N LYS R 123 46.77 6.28 -27.27
CA LYS R 123 45.61 7.16 -27.26
C LYS R 123 45.06 7.33 -25.85
N ARG R 124 45.04 6.26 -25.07
CA ARG R 124 44.60 6.37 -23.69
C ARG R 124 45.53 7.31 -22.89
N TRP R 125 46.84 7.18 -23.10
CA TRP R 125 47.77 8.08 -22.43
C TRP R 125 47.51 9.53 -22.82
N ILE R 126 47.31 9.79 -24.11
CA ILE R 126 47.06 11.14 -24.58
C ILE R 126 45.74 11.67 -24.04
N ILE R 127 44.74 10.80 -23.90
CA ILE R 127 43.47 11.24 -23.32
C ILE R 127 43.66 11.62 -21.87
N LEU R 128 44.47 10.87 -21.13
CA LEU R 128 44.77 11.26 -19.75
C LEU R 128 45.41 12.64 -19.72
N GLY R 129 46.37 12.88 -20.59
CA GLY R 129 46.99 14.20 -20.66
C GLY R 129 46.01 15.29 -21.02
N LEU R 130 45.12 15.03 -21.98
CA LEU R 130 44.13 16.02 -22.39
C LEU R 130 43.15 16.31 -21.28
N ASN R 131 42.78 15.29 -20.50
CA ASN R 131 41.92 15.50 -19.34
C ASN R 131 42.60 16.39 -18.32
N LYS R 132 43.90 16.15 -18.08
CA LYS R 132 44.65 17.02 -17.18
C LYS R 132 44.67 18.46 -17.70
N ILE R 133 44.85 18.62 -19.01
CA ILE R 133 44.88 19.96 -19.61
C ILE R 133 43.53 20.65 -19.41
N VAL R 134 42.45 19.94 -19.71
CA VAL R 134 41.11 20.52 -19.59
C VAL R 134 40.83 20.92 -18.15
N ARG R 135 41.30 20.12 -17.19
CA ARG R 135 41.04 20.43 -15.80
C ARG R 135 41.89 21.60 -15.31
N MET R 136 43.17 21.65 -15.70
CA MET R 136 44.13 22.52 -15.03
C MET R 136 44.65 23.67 -15.87
N TYR R 137 44.66 23.55 -17.20
CA TYR R 137 45.28 24.54 -18.05
C TYR R 137 44.30 25.66 -18.37
N SER R 138 44.76 26.90 -18.25
CA SER R 138 44.00 28.07 -18.64
C SER R 138 44.82 28.88 -19.63
N PRO R 139 44.39 29.02 -20.88
CA PRO R 139 45.16 29.80 -21.84
C PRO R 139 45.16 31.28 -21.50
N THR R 140 46.25 31.96 -21.87
CA THR R 140 46.33 33.39 -21.67
C THR R 140 45.36 34.11 -22.60
N SER R 141 44.69 35.12 -22.06
CA SER R 141 43.71 35.90 -22.80
C SER R 141 44.06 37.37 -22.73
N ILE R 142 44.08 38.04 -23.88
CA ILE R 142 44.33 39.48 -23.91
C ILE R 142 43.23 40.22 -23.16
N LEU R 143 42.06 39.61 -23.01
CA LEU R 143 40.94 40.28 -22.35
C LEU R 143 41.14 40.44 -20.85
N ASP R 144 41.94 39.60 -20.23
CA ASP R 144 42.13 39.67 -18.79
C ASP R 144 43.45 40.34 -18.39
N ILE R 145 44.13 41.00 -19.32
CA ILE R 145 45.35 41.73 -19.00
C ILE R 145 44.96 43.14 -18.55
N ARG R 146 45.03 43.37 -17.25
CA ARG R 146 44.63 44.65 -16.67
C ARG R 146 45.78 45.21 -15.85
N GLN R 147 45.90 46.53 -15.84
CA GLN R 147 46.93 47.19 -15.07
C GLN R 147 46.64 47.07 -13.59
N GLY R 148 47.66 46.71 -12.81
CA GLY R 148 47.54 46.68 -11.38
C GLY R 148 47.41 48.08 -10.81
N PRO R 149 46.83 48.19 -9.60
CA PRO R 149 46.63 49.53 -9.02
C PRO R 149 47.92 50.31 -8.85
N LYS R 150 49.03 49.63 -8.58
CA LYS R 150 50.32 50.28 -8.44
C LYS R 150 51.30 49.86 -9.53
N GLU R 151 50.82 49.25 -10.60
CA GLU R 151 51.70 48.78 -11.65
C GLU R 151 52.13 49.95 -12.54
N PRO R 152 53.41 50.03 -12.88
CA PRO R 152 53.85 51.04 -13.85
C PRO R 152 53.19 50.80 -15.21
N PHE R 153 52.94 51.89 -15.93
CA PHE R 153 52.27 51.78 -17.22
C PHE R 153 53.17 51.10 -18.25
N ARG R 154 54.48 51.31 -18.16
CA ARG R 154 55.44 50.58 -18.99
C ARG R 154 55.27 49.07 -18.84
N ASP R 155 55.23 48.59 -17.60
CA ASP R 155 55.14 47.15 -17.37
C ASP R 155 53.81 46.59 -17.84
N TYR R 156 52.73 47.33 -17.62
CA TYR R 156 51.42 46.91 -18.12
C TYR R 156 51.42 46.82 -19.64
N VAL R 157 52.02 47.80 -20.32
CA VAL R 157 52.08 47.78 -21.78
C VAL R 157 52.89 46.58 -22.25
N ASP R 158 54.00 46.29 -21.57
CA ASP R 158 54.81 45.13 -21.96
C ASP R 158 54.03 43.83 -21.79
N ARG R 159 53.31 43.69 -20.67
CA ARG R 159 52.48 42.50 -20.46
C ARG R 159 51.41 42.39 -21.54
N PHE R 160 50.76 43.51 -21.84
CA PHE R 160 49.71 43.53 -22.87
C PHE R 160 50.25 43.07 -24.21
N TYR R 161 51.43 43.58 -24.59
CA TYR R 161 51.95 43.23 -25.91
C TYR R 161 52.46 41.80 -25.96
N LYS R 162 53.01 41.29 -24.85
CA LYS R 162 53.37 39.88 -24.81
C LYS R 162 52.14 38.99 -24.99
N THR R 163 51.07 39.28 -24.24
CA THR R 163 49.85 38.50 -24.37
C THR R 163 49.27 38.62 -25.78
N LEU R 164 49.33 39.82 -26.36
CA LEU R 164 48.81 40.02 -27.71
C LEU R 164 49.60 39.20 -28.72
N ARG R 165 50.93 39.18 -28.59
CA ARG R 165 51.73 38.33 -29.47
C ARG R 165 51.38 36.87 -29.29
N ALA R 166 50.97 36.47 -28.08
CA ALA R 166 50.55 35.10 -27.86
C ALA R 166 49.10 34.83 -28.27
N GLU R 167 48.33 35.87 -28.58
CA GLU R 167 46.90 35.70 -28.83
C GLU R 167 46.63 35.09 -30.20
N GLN R 168 45.60 34.25 -30.28
CA GLN R 168 45.17 33.65 -31.53
C GLN R 168 44.17 34.59 -32.20
N ALA R 169 44.67 35.44 -33.10
CA ALA R 169 43.82 36.38 -33.81
C ALA R 169 44.55 36.86 -35.06
N SER R 170 43.78 37.46 -35.96
CA SER R 170 44.38 38.06 -37.14
C SER R 170 45.08 39.36 -36.79
N GLN R 171 45.95 39.82 -37.69
CA GLN R 171 46.71 41.03 -37.44
C GLN R 171 45.79 42.24 -37.30
N GLU R 172 44.75 42.33 -38.13
CA GLU R 172 43.80 43.43 -38.01
C GLU R 172 43.04 43.36 -36.69
N VAL R 173 42.64 42.16 -36.27
CA VAL R 173 41.97 42.02 -34.98
C VAL R 173 42.93 42.37 -33.85
N LYS R 174 44.21 42.01 -33.99
CA LYS R 174 45.18 42.39 -32.96
C LYS R 174 45.36 43.90 -32.89
N ASN R 175 45.37 44.57 -34.04
CA ASN R 175 45.46 46.03 -34.04
C ASN R 175 44.23 46.65 -33.38
N TRP R 176 43.05 46.11 -33.67
CA TRP R 176 41.84 46.61 -33.03
C TRP R 176 41.87 46.37 -31.53
N MET R 177 42.40 45.22 -31.10
CA MET R 177 42.58 44.95 -29.68
C MET R 177 43.51 45.97 -29.05
N THR R 178 44.61 46.29 -29.73
CA THR R 178 45.53 47.28 -29.21
C THR R 178 44.85 48.64 -29.07
N GLU R 179 44.06 49.03 -30.06
CA GLU R 179 43.40 50.32 -30.04
C GLU R 179 42.25 50.38 -29.04
N THR R 180 41.70 49.24 -28.64
CA THR R 180 40.53 49.23 -27.76
C THR R 180 40.85 48.90 -26.31
N LEU R 181 41.62 47.84 -26.05
CA LEU R 181 41.69 47.28 -24.71
C LEU R 181 42.78 47.94 -23.87
N LEU R 182 43.83 48.47 -24.51
CA LEU R 182 44.98 48.96 -23.76
C LEU R 182 44.60 50.13 -22.86
N VAL R 183 43.86 51.11 -23.41
CA VAL R 183 43.39 52.21 -22.59
C VAL R 183 42.30 51.74 -21.63
N GLN R 184 41.40 50.88 -22.12
CA GLN R 184 40.25 50.48 -21.33
C GLN R 184 40.66 49.77 -20.05
N ASN R 185 41.67 48.90 -20.14
CA ASN R 185 42.05 48.05 -19.03
C ASN R 185 43.18 48.63 -18.20
N ALA R 186 43.53 49.89 -18.41
CA ALA R 186 44.49 50.56 -17.54
C ALA R 186 43.82 50.96 -16.23
N ASN R 187 44.64 51.15 -15.19
CA ASN R 187 44.12 51.52 -13.89
C ASN R 187 43.60 52.96 -13.92
N PRO R 188 42.69 53.31 -13.00
CA PRO R 188 42.07 54.64 -13.05
C PRO R 188 43.06 55.79 -13.06
N ASP R 189 44.16 55.67 -12.31
CA ASP R 189 45.15 56.75 -12.27
C ASP R 189 45.76 57.00 -13.63
N CYS R 190 46.14 55.93 -14.34
CA CYS R 190 46.66 56.10 -15.69
C CYS R 190 45.54 56.39 -16.68
N LYS R 191 44.34 55.85 -16.42
CA LYS R 191 43.23 56.02 -17.35
C LYS R 191 42.81 57.48 -17.45
N THR R 192 42.82 58.20 -16.33
CA THR R 192 42.45 59.61 -16.36
C THR R 192 43.41 60.40 -17.26
N ILE R 193 44.72 60.16 -17.09
CA ILE R 193 45.71 60.85 -17.91
C ILE R 193 45.54 60.47 -19.38
N LEU R 194 45.31 59.19 -19.65
CA LEU R 194 45.17 58.75 -21.04
C LEU R 194 43.95 59.38 -21.70
N LYS R 195 42.84 59.47 -20.96
CA LYS R 195 41.65 60.13 -21.48
C LYS R 195 41.92 61.60 -21.75
N ALA R 196 42.62 62.28 -20.83
CA ALA R 196 42.94 63.68 -21.05
C ALA R 196 43.87 63.86 -22.24
N LEU R 197 44.67 62.84 -22.56
CA LEU R 197 45.64 62.97 -23.64
C LEU R 197 44.97 63.07 -25.00
N GLY R 198 43.86 62.34 -25.21
CA GLY R 198 43.15 62.38 -26.47
C GLY R 198 43.28 61.10 -27.26
N PRO R 199 42.29 60.84 -28.13
CA PRO R 199 42.30 59.58 -28.89
C PRO R 199 43.46 59.46 -29.87
N ALA R 200 44.00 60.58 -30.34
CA ALA R 200 45.05 60.55 -31.35
C ALA R 200 46.43 60.24 -30.78
N ALA R 201 46.55 60.15 -29.46
CA ALA R 201 47.87 59.95 -28.84
C ALA R 201 48.47 58.62 -29.26
N THR R 202 49.74 58.66 -29.65
CA THR R 202 50.48 57.45 -29.97
C THR R 202 50.96 56.76 -28.69
N LEU R 203 51.40 55.51 -28.84
CA LEU R 203 51.81 54.73 -27.67
C LEU R 203 52.92 55.40 -26.90
N GLU R 204 53.86 56.03 -27.60
CA GLU R 204 54.95 56.73 -26.94
C GLU R 204 54.43 57.92 -26.14
N GLU R 205 53.45 58.65 -26.69
CA GLU R 205 52.90 59.80 -25.98
C GLU R 205 52.14 59.37 -24.72
N MET R 206 51.31 58.33 -24.84
CA MET R 206 50.65 57.76 -23.66
C MET R 206 51.66 57.32 -22.62
N MET R 207 52.70 56.65 -23.07
CA MET R 207 53.68 56.05 -22.18
C MET R 207 54.50 57.12 -21.47
N THR R 208 54.79 58.22 -22.15
CA THR R 208 55.45 59.36 -21.51
C THR R 208 54.49 60.05 -20.54
N ALA R 209 53.21 60.17 -20.90
CA ALA R 209 52.26 60.84 -20.05
C ALA R 209 52.05 60.08 -18.74
N CYS R 210 52.06 58.76 -18.79
CA CYS R 210 51.87 57.95 -17.59
C CYS R 210 53.18 57.59 -16.90
N GLN R 211 54.32 58.11 -17.38
CA GLN R 211 55.60 57.72 -16.81
C GLN R 211 55.74 58.15 -15.35
N GLY R 212 55.03 59.19 -14.95
CA GLY R 212 55.13 59.71 -13.60
C GLY R 212 54.09 59.23 -12.62
N VAL R 213 53.15 58.38 -13.04
CA VAL R 213 52.10 57.92 -12.14
C VAL R 213 52.72 57.06 -11.05
N GLY R 214 52.37 57.36 -9.80
CA GLY R 214 52.95 56.69 -8.67
C GLY R 214 54.21 57.33 -8.14
N GLY R 215 54.77 58.29 -8.84
CA GLY R 215 55.93 59.02 -8.37
C GLY R 215 55.53 60.08 -7.37
N PRO R 216 56.54 60.66 -6.72
CA PRO R 216 56.24 61.68 -5.69
C PRO R 216 55.47 62.88 -6.23
N GLY R 217 55.81 63.35 -7.42
CA GLY R 217 55.11 64.51 -7.97
C GLY R 217 53.65 64.23 -8.25
N HIS R 218 53.36 63.10 -8.90
CA HIS R 218 51.97 62.77 -9.22
C HIS R 218 51.16 62.52 -7.96
N LYS R 219 51.75 61.82 -6.99
CA LYS R 219 51.06 61.58 -5.73
C LYS R 219 50.75 62.89 -5.02
N ALA R 220 51.73 63.80 -4.96
CA ALA R 220 51.51 65.09 -4.33
C ALA R 220 50.42 65.87 -5.04
N ARG R 221 50.44 65.85 -6.38
CA ARG R 221 49.45 66.60 -7.15
C ARG R 221 48.04 66.07 -6.92
N VAL R 222 47.88 64.74 -6.93
CA VAL R 222 46.56 64.16 -6.77
C VAL R 222 46.06 64.39 -5.35
N LEU R 223 46.93 64.25 -4.35
CA LEU R 223 46.55 64.54 -2.97
C LEU R 223 46.16 66.00 -2.82
N ALA R 224 46.89 66.90 -3.47
CA ALA R 224 46.56 68.33 -3.40
C ALA R 224 45.22 68.61 -4.04
N GLU R 225 44.91 67.97 -5.17
CA GLU R 225 43.61 68.16 -5.79
C GLU R 225 42.48 67.69 -4.87
N ALA R 226 42.66 66.52 -4.24
CA ALA R 226 41.64 66.03 -3.32
C ALA R 226 41.48 66.98 -2.12
N MET R 227 42.60 67.46 -1.58
CA MET R 227 42.53 68.40 -0.47
C MET R 227 41.85 69.70 -0.87
N SER R 228 42.14 70.18 -2.08
CA SER R 228 41.53 71.42 -2.55
C SER R 228 40.02 71.26 -2.72
N GLN R 229 39.59 70.08 -3.21
CA GLN R 229 38.16 69.81 -3.25
C GLN R 229 37.59 69.84 -1.84
N VAL R 230 38.30 69.24 -0.88
CA VAL R 230 37.81 69.21 0.50
C VAL R 230 37.65 70.62 1.06
N ILE R 231 38.65 71.47 0.87
CA ILE R 231 38.62 72.82 1.43
C ILE R 231 37.47 73.62 0.84
N ASN R 232 37.25 73.51 -0.46
CA ASN R 232 36.15 74.18 -1.12
C ASN R 232 34.82 73.52 -0.76
C01 QNG S . 23.61 -13.12 15.76
C02 QNG S . 24.96 -16.45 16.77
C03 QNG S . 25.13 -17.05 15.52
C04 QNG S . 24.81 -16.36 14.39
C05 QNG S . 24.16 -14.54 15.76
C07 QNG S . 24.04 -14.62 13.08
C08 QNG S . 22.84 -14.62 12.36
C09 QNG S . 22.77 -14.10 11.11
C10 QNG S . 23.92 -13.50 10.56
C11 QNG S . 25.12 -13.47 11.28
C12 QNG S . 25.17 -14.01 12.57
C13 QNG S . 24.34 -15.09 14.52
C16 QNG S . 21.48 -14.29 10.67
C18 QNG S . 20.87 -15.80 13.73
C19 QNG S . 24.72 -12.10 16.05
C20 QNG S . 24.20 -10.75 15.52
C21 QNG S . 23.42 -9.93 16.33
C22 QNG S . 22.94 -8.73 15.84
C23 QNG S . 23.25 -8.34 14.55
C24 QNG S . 24.02 -9.16 13.74
C25 QNG S . 24.50 -10.37 14.22
C28 QNG S . 21.18 -12.82 16.14
C30 QNG S . 19.95 -12.59 17.04
C31 QNG S . 19.18 -9.03 17.05
C32 QNG S . 19.54 -10.23 17.71
C35 QNG S . 19.02 -9.30 15.73
C36 QNG S . 19.10 -7.90 18.11
C37 QNG S . 19.64 -8.44 19.42
C38 QNG S . 19.73 -9.90 19.24
C39 QNG S . 18.39 -7.57 19.40
C40 QNG S . 18.64 -8.30 14.64
C44 QNG S . 25.31 -17.14 18.11
C45 QNG S . 25.55 -17.60 19.18
C46 QNG S . 25.88 -18.17 20.58
C49 QNG S . 18.84 -15.46 8.57
C54 QNG S . 27.39 -18.48 20.66
C56 QNG S . 25.05 -19.45 20.82
C58 QNG S . 26.41 -17.19 23.38
C60 QNG S . 21.08 -17.32 13.59
F26 QNG S . 24.31 -8.77 12.46
F27 QNG S . 22.18 -7.94 16.63
F41 QNG S . 20.96 -10.33 19.65
F42 QNG S . 18.75 -10.54 19.96
F52 QNG S . 18.28 -7.11 15.22
F53 QNG S . 19.70 -8.11 13.83
F61 QNG S . 22.35 -17.58 13.18
F62 QNG S . 20.87 -17.92 14.81
F63 QNG S . 20.20 -17.83 12.68
F64 QNG S . 17.59 -8.79 13.92
N06 QNG S . 24.48 -15.20 16.89
N14 QNG S . 21.64 -15.13 12.69
N15 QNG S . 20.79 -14.91 11.63
N17 QNG S . 21.08 -13.83 9.35
N33 QNG S . 19.60 -11.19 16.80
N34 QNG S . 19.28 -10.62 15.55
N43 QNG S . 22.52 -12.94 16.70
O29 QNG S . 21.04 -12.87 14.96
O50 QNG S . 18.67 -13.29 10.19
O51 QNG S . 19.07 -12.79 8.01
O57 QNG S . 24.02 -16.87 22.11
O59 QNG S . 25.68 -15.54 21.33
S48 QNG S . 19.40 -13.79 9.02
S55 QNG S . 25.46 -16.90 21.84
CL47 QNG S . 24.30 -12.71 9.00
C01 QNG T . 33.08 -13.91 35.68
C02 QNG T . 34.17 -16.52 33.23
C03 QNG T . 34.66 -17.49 34.11
C04 QNG T . 34.61 -17.28 35.45
C05 QNG T . 33.63 -15.16 35.02
C07 QNG T . 34.22 -16.16 37.44
C08 QNG T . 35.23 -15.72 38.29
C09 QNG T . 35.11 -15.83 39.63
C10 QNG T . 33.93 -16.37 40.19
C11 QNG T . 32.90 -16.79 39.34
C12 QNG T . 33.04 -16.67 37.96
C13 QNG T . 34.09 -16.11 35.90
C16 QNG T . 36.29 -15.34 40.19
C18 QNG T . 37.32 -14.75 36.93
C19 QNG T . 31.55 -13.89 35.65
C20 QNG T . 31.14 -12.92 36.77
C21 QNG T . 30.97 -11.58 36.48
C22 QNG T . 30.62 -10.69 37.49
C23 QNG T . 30.43 -11.17 38.78
C24 QNG T . 30.60 -12.51 39.07
C25 QNG T . 30.96 -13.39 38.06
C28 QNG T . 34.68 -12.00 35.80
C30 QNG T . 35.23 -10.67 35.25
C31 QNG T . 33.43 -7.91 36.83
C32 QNG T . 33.84 -8.64 35.69
C35 QNG T . 33.97 -8.53 37.92
C36 QNG T . 32.56 -6.72 36.37
C37 QNG T . 32.29 -6.88 34.90
C38 QNG T . 33.23 -7.92 34.42
C39 QNG T . 32.62 -5.52 35.46
C40 QNG T . 33.78 -8.10 39.38
C44 QNG T . 34.18 -16.69 31.70
C45 QNG T . 34.14 -16.73 30.51
C46 QNG T . 34.07 -16.80 28.97
C49 QNG T . 39.25 -15.16 42.33
C54 QNG T . 33.27 -18.05 28.55
C56 QNG T . 35.51 -16.88 28.41
C58 QNG T . 32.57 -15.57 26.66
C60 QNG T . 38.19 -15.97 36.55
F26 QNG T . 30.43 -12.98 40.34
F27 QNG T . 30.44 -9.38 37.21
F41 QNG T . 32.56 -8.84 33.65
F42 QNG T . 34.24 -7.36 33.69
F52 QNG T . 33.32 -6.81 39.41
F53 QNG T . 32.89 -8.93 39.99
F61 QNG T . 37.41 -17.08 36.43
F62 QNG T . 38.80 -15.73 35.36
F63 QNG T . 39.12 -16.18 37.52
F64 QNG T . 34.99 -8.17 40.02
N06 QNG T . 33.66 -15.37 33.69
N14 QNG T . 36.42 -15.19 38.00
N15 QNG T . 37.08 -14.95 39.20
N17 QNG T . 36.45 -15.33 41.64
N33 QNG T . 34.60 -9.65 36.10
N34 QNG T . 34.67 -9.61 37.50
N43 QNG T . 33.58 -12.68 35.09
O29 QNG T . 35.11 -12.46 36.79
O50 QNG T . 37.76 -13.06 41.48
O51 QNG T . 37.27 -13.74 43.58
O57 QNG T . 34.10 -14.13 28.41
O59 QNG T . 32.15 -14.88 29.26
S48 QNG T . 37.65 -14.28 42.28
S55 QNG T . 33.22 -15.30 28.36
CL47 QNG T . 33.34 -16.69 41.83
C13 2I4 U . 25.69 47.17 66.76
C18 2I4 U . 25.21 48.33 67.63
C15 2I4 U . 23.34 46.28 66.76
C19 2I4 U . 25.90 49.72 67.58
C20 2I4 U . 27.07 50.04 68.44
C21 2I4 U . 24.76 50.69 67.98
C22 2I4 U . 23.53 49.83 68.24
C23 2I4 U . 26.24 39.62 66.04
C24 2I4 U . 27.04 40.33 63.86
C34 2I4 U . 30.11 35.34 65.21
C27 2I4 U . 24.90 45.36 68.41
C33 2I4 U . 29.61 36.42 64.22
C2 2I4 U . 29.43 41.76 65.93
C3 2I4 U . 28.51 40.53 65.95
C4 2I4 U . 27.09 40.69 65.33
C5 2I4 U . 26.54 42.09 65.73
C6 2I4 U . 25.18 42.41 65.16
C7 2I4 U . 24.55 43.50 66.03
C9 2I4 U . 26.80 44.54 66.29
C14 2I4 U . 24.81 45.90 66.98
C25 2I4 U . 27.98 43.67 64.22
C26 2I4 U . 24.98 45.37 64.55
C30 2I4 U . 27.29 49.57 69.66
C31 2I4 U . 29.61 38.44 65.66
C32 2I4 U . 30.36 37.69 64.62
C35 2I4 U . 29.94 36.00 62.81
C36 2I4 U . 28.11 36.67 64.32
O1 2I4 U . 29.17 39.60 65.13
O2 2I4 U . 24.29 49.31 64.97
O3 2I4 U . 22.16 49.18 65.59
O4 2I4 U . 29.38 38.17 66.83
O5 2I4 U . 31.04 35.65 65.99
O6 2I4 U . 29.55 34.22 65.17
C1 2I4 U . 28.68 42.95 66.47
C8 2I4 U . 25.30 44.83 65.95
C10 2I4 U . 27.49 43.31 65.61
C11 2I4 U . 27.69 45.77 66.22
C12 2I4 U . 27.16 46.92 67.05
C16 2I4 U . 22.89 47.45 67.64
C17 2I4 U . 23.74 48.65 67.31
C28 2I4 U . 23.41 49.08 65.83
C29 2I4 U . 28.05 50.96 67.77
C1 IHP V . 33.22 28.37 61.69
C2 IHP V . 33.78 29.67 62.31
C3 IHP V . 34.32 29.50 63.75
C4 IHP V . 33.33 28.78 64.66
C5 IHP V . 32.95 27.40 64.10
C6 IHP V . 32.45 27.45 62.65
O11 IHP V . 32.33 28.76 60.66
P1 IHP V . 32.14 27.79 59.34
O21 IHP V . 30.67 27.52 59.14
O31 IHP V . 32.88 26.49 59.54
O41 IHP V . 32.68 28.49 58.12
O12 IHP V . 34.79 30.26 61.52
P2 IHP V . 35.79 29.44 60.48
O22 IHP V . 36.21 28.10 61.04
O32 IHP V . 35.09 29.24 59.16
O42 IHP V . 37.02 30.28 60.26
O13 IHP V . 35.52 28.79 63.69
P3 IHP V . 36.93 29.63 63.88
O23 IHP V . 37.34 29.60 65.34
O33 IHP V . 38.02 29.00 63.04
O43 IHP V . 36.72 31.06 63.46
O14 IHP V . 33.82 28.76 65.98
P4 IHP V . 34.67 27.50 66.65
O24 IHP V . 35.32 28.00 67.92
O34 IHP V . 35.75 27.01 65.71
O44 IHP V . 33.75 26.36 67.00
O15 IHP V . 31.98 26.73 64.90
P5 IHP V . 30.85 27.48 65.84
O25 IHP V . 31.46 27.97 67.13
O35 IHP V . 29.77 26.48 66.17
O45 IHP V . 30.20 28.64 65.11
O16 IHP V . 31.11 27.87 62.65
P6 IHP V . 29.94 26.82 62.18
O26 IHP V . 28.90 27.57 61.38
O36 IHP V . 30.53 25.71 61.35
O46 IHP V . 29.28 26.22 63.40
C01 QNG W . 57.18 -2.39 31.18
C02 QNG W . 59.89 -4.50 29.67
C03 QNG W . 59.47 -5.76 30.09
C04 QNG W . 58.33 -5.90 30.83
C05 QNG W . 58.07 -3.54 30.73
C07 QNG W . 56.46 -5.28 32.00
C08 QNG W . 56.33 -5.43 33.38
C09 QNG W . 55.19 -5.85 33.95
C10 QNG W . 54.07 -6.13 33.12
C11 QNG W . 54.18 -5.96 31.73
C12 QNG W . 55.38 -5.54 31.17
C13 QNG W . 57.64 -4.78 31.14
C16 QNG W . 55.41 -5.91 35.32
C18 QNG W . 58.62 -4.81 34.63
C19 QNG W . 56.34 -1.86 30.01
C20 QNG W . 55.15 -1.12 30.65
C21 QNG W . 55.25 0.24 30.93
C22 QNG W . 54.18 0.91 31.51
C23 QNG W . 53.01 0.21 31.80
C24 QNG W . 52.91 -1.14 31.52
C25 QNG W . 53.99 -1.81 30.95
C28 QNG W . 57.88 -1.20 33.24
C30 QNG W . 58.62 -0.06 33.97
C31 QNG W . 56.29 2.71 34.53
C32 QNG W . 57.48 2.17 33.98
C35 QNG W . 55.68 1.71 35.23
C36 QNG W . 56.20 4.20 34.12
C37 QNG W . 57.30 4.48 33.10
C38 QNG W . 58.21 3.31 33.16
C39 QNG W . 57.00 5.48 34.19
C40 QNG W . 54.35 1.84 35.99
C44 QNG W . 61.15 -4.29 28.83
C45 QNG W . 62.12 -4.04 28.17
C46 QNG W . 63.36 -3.71 27.32
C49 QNG W . 55.29 -7.26 38.76
C54 QNG W . 63.05 -4.02 25.83
C56 QNG W . 64.56 -4.55 27.79
C58 QNG W . 62.36 -0.94 26.78
C60 QNG W . 59.54 -6.05 34.58
F26 QNG W . 51.76 -1.82 31.80
F27 QNG W . 54.27 2.24 31.79
F41 QNG W . 58.47 2.86 31.89
F42 QNG W . 59.38 3.65 33.80
F52 QNG W . 54.15 3.14 36.34
F53 QNG W . 53.33 1.43 35.19
F61 QNG W . 59.16 -6.86 33.55
F62 QNG W . 60.82 -5.65 34.40
F63 QNG W . 59.42 -6.75 35.75
F64 QNG W . 54.40 1.07 37.12
N06 QNG W . 59.18 -3.40 30.00
N14 QNG W . 57.26 -5.23 34.34
N15 QNG W . 56.65 -5.53 35.56
N17 QNG W . 54.32 -6.35 36.20
N33 QNG W . 57.56 0.90 34.34
N34 QNG W . 56.42 0.59 35.12
N43 QNG W . 57.93 -1.30 31.78
O29 QNG W . 57.24 -1.98 33.87
O50 QNG W . 55.13 -4.64 38.02
O51 QNG W . 53.11 -5.61 38.42
O57 QNG W . 65.01 -1.58 26.88
O59 QNG W . 63.98 -1.56 28.89
S48 QNG W . 54.43 -5.93 37.85
S55 QNG W . 63.73 -1.92 27.49
CL47 QNG W . 52.41 -6.70 33.40
C13 2I4 X . -15.49 42.52 13.17
C18 2I4 X . -16.74 43.20 13.68
C15 2I4 X . -15.81 43.65 10.97
C19 2I4 X . -17.09 43.33 15.19
C20 2I4 X . -17.87 42.24 15.90
C21 2I4 X . -17.92 44.64 15.25
C22 2I4 X . -18.04 45.14 13.80
C23 2I4 X . -14.38 36.92 8.40
C24 2I4 X . -12.04 37.44 8.79
C34 2I4 X . -12.00 31.31 9.16
C27 2I4 X . -17.01 41.53 11.37
C33 2I4 X . -11.01 32.50 9.06
C2 2I4 X . -13.14 36.55 11.97
C3 2I4 X . -13.44 36.19 10.53
C4 2I4 X . -13.39 37.34 9.48
C5 2I4 X . -13.91 38.64 10.11
C6 2I4 X . -13.72 39.86 9.22
C7 2I4 X . -14.71 40.94 9.66
C9 2I4 X . -14.40 40.15 12.00
C14 2I4 X . -15.70 42.25 11.66
C25 2I4 X . -12.03 39.26 11.79
C26 2I4 X . -13.29 42.35 11.04
C30 2I4 X . -17.33 41.20 16.54
C31 2I4 X . -12.76 34.08 9.71
C32 2I4 X . -11.85 33.69 8.61
C35 2I4 X . -10.39 32.73 10.42
C36 2I4 X . -9.91 32.26 8.03
O1 2I4 X . -12.42 35.30 10.18
O2 2I4 X . -15.77 46.60 14.33
O3 2I4 X . -14.42 45.36 13.12
O4 2I4 X . -13.71 33.49 10.20
O5 2I4 X . -12.17 30.82 10.29
O6 2I4 X . -12.55 30.94 8.11
C1 2I4 X . -13.91 37.77 12.35
C8 2I4 X . -14.50 41.41 11.10
C10 2I4 X . -13.50 38.98 11.54
C11 2I4 X . -14.12 40.47 13.44
C12 2I4 X . -15.25 41.28 13.99
C16 2I4 X . -16.85 44.61 11.62
C17 2I4 X . -16.76 44.65 13.14
C28 2I4 X . -15.58 45.62 13.58
C29 2I4 X . -19.35 42.41 15.84
C01 QNG Y . -1.04 -23.45 20.64
C02 QNG Y . -1.37 -27.16 20.90
C03 QNG Y . -0.27 -27.57 20.13
C04 QNG Y . 0.54 -26.63 19.55
C05 QNG Y . -0.84 -24.95 20.51
C07 QNG Y . 1.31 -24.53 18.97
C08 QNG Y . 1.25 -23.96 17.70
C09 QNG Y . 2.29 -23.24 17.19
C10 QNG Y . 3.43 -23.04 17.98
C11 QNG Y . 3.48 -23.58 19.28
C12 QNG Y . 2.41 -24.31 19.79
C13 QNG Y . 0.25 -25.32 19.77
C16 QNG Y . 1.93 -22.86 15.91
C18 QNG Y . -1.06 -24.54 16.47
C19 QNG Y . -0.58 -22.98 22.03
C20 QNG Y . -0.31 -21.47 21.91
C21 QNG Y . -1.34 -20.56 22.14
C22 QNG Y . -1.10 -19.20 22.04
C23 QNG Y . 0.17 -18.75 21.70
C24 QNG Y . 1.19 -19.66 21.47
C25 QNG Y . 0.95 -21.02 21.57
C28 QNG Y . -2.68 -22.32 19.16
C30 QNG Y . -4.08 -21.79 18.83
C31 QNG Y . -4.21 -18.27 19.72
C32 QNG Y . -4.66 -19.60 19.86
C35 QNG Y . -3.25 -18.24 18.78
C36 QNG Y . -5.04 -17.38 20.71
C37 QNG Y . -5.85 -18.29 21.59
C38 QNG Y . -5.80 -19.64 20.96
C39 QNG Y . -6.47 -17.04 21.02
C40 QNG Y . -2.49 -16.99 18.31
C44 QNG Y . -2.34 -28.14 21.59
C45 QNG Y . -3.14 -28.81 22.17
C46 QNG Y . -4.16 -29.68 22.94
C49 QNG Y . 2.16 -22.60 12.38
C54 QNG Y . -3.41 -30.60 23.92
C56 QNG Y . -4.96 -30.52 21.92
C58 QNG Y . -6.00 -29.47 25.31
C60 QNG Y . -0.93 -25.99 16.01
F26 QNG Y . 2.43 -19.20 21.14
F27 QNG Y . -2.11 -18.32 22.26
F41 QNG Y . -5.49 -20.58 21.91
F42 QNG Y . -6.99 -19.94 20.35
F52 QNG Y . -3.09 -15.88 18.82
F53 QNG Y . -1.20 -17.07 18.76
F61 QNG Y . 0.16 -26.57 16.59
F62 QNG Y . -2.05 -26.68 16.36
F63 QNG Y . -0.76 -26.02 14.65
F64 QNG Y . -2.50 -16.95 16.94
N06 QNG Y . -1.64 -25.86 21.09
N14 QNG Y . 0.27 -24.02 16.77
N15 QNG Y . 0.71 -23.32 15.65
N17 QNG Y . 2.86 -22.06 15.12
N33 QNG Y . -3.96 -20.35 19.01
N34 QNG Y . -3.07 -19.51 18.32
N43 QNG Y . -2.42 -23.03 20.41
O29 QNG Y . -1.78 -22.11 18.41
O50 QNG Y . 0.92 -20.75 13.93
O51 QNG Y . 3.01 -20.16 13.31
O57 QNG Y . -6.34 -28.03 23.02
O59 QNG Y . -4.61 -27.36 24.30
S48 QNG Y . 2.24 -21.34 13.70
S55 QNG Y . -5.28 -28.58 23.88
CL47 QNG Y . 4.98 -22.20 17.76
C01 QNG Z . -12.32 -30.99 38.11
C02 QNG Z . -9.92 -33.38 36.52
C03 QNG Z . -10.45 -34.60 36.94
C04 QNG Z . -11.57 -34.61 37.73
C05 QNG Z . -11.58 -32.24 37.65
C07 QNG Z . -13.33 -33.79 38.97
C08 QNG Z . -13.42 -33.90 40.36
C09 QNG Z . -14.60 -34.18 40.96
C10 QNG Z . -15.75 -34.33 40.17
C11 QNG Z . -15.68 -34.20 38.79
C12 QNG Z . -14.46 -33.90 38.18
C13 QNG Z . -12.13 -33.42 38.06
C16 QNG Z . -14.35 -34.26 42.33
C18 QNG Z . -11.04 -33.54 41.54
C19 QNG Z . -13.14 -30.42 36.96
C20 QNG Z . -14.22 -29.53 37.60
C21 QNG Z . -13.98 -28.18 37.81
C22 QNG Z . -14.96 -27.40 38.39
C23 QNG Z . -16.17 -27.96 38.77
C24 QNG Z . -16.40 -29.30 38.57
C25 QNG Z . -15.42 -30.10 37.99
C28 QNG Z . -11.36 -29.85 40.11
C30 QNG Z . -10.49 -28.75 40.73
C31 QNG Z . -12.63 -25.85 41.32
C32 QNG Z . -11.49 -26.45 40.73
C35 QNG Z . -13.29 -26.79 42.04
C36 QNG Z . -12.65 -24.35 40.90
C37 QNG Z . -11.57 -24.14 39.87
C38 QNG Z . -10.72 -25.36 39.91
C39 QNG Z . -11.78 -23.12 40.97
C40 QNG Z . -14.58 -26.57 42.84
C44 QNG Z . -8.68 -33.28 35.62
C45 QNG Z . -7.71 -33.12 34.92
C46 QNG Z . -6.50 -32.89 34.02
C49 QNG Z . -14.47 -35.53 45.77
C54 QNG Z . -6.72 -33.65 32.69
C56 QNG Z . -5.23 -33.43 34.72
C58 QNG Z . -5.37 -30.83 32.13
C60 QNG Z . -10.32 -34.90 41.49
F26 QNG Z . -17.58 -29.86 38.95
F27 QNG Z . -14.72 -26.07 38.58
F41 QNG Z . -10.51 -25.80 38.63
F42 QNG Z . -9.53 -25.09 40.51
F52 QNG Z . -14.78 -25.23 42.99
F53 QNG Z . -15.62 -27.13 42.16
F61 QNG Z . -10.73 -35.60 40.39
F62 QNG Z . -8.98 -34.70 41.40
F63 QNG Z . -10.62 -35.63 42.60
F64 QNG Z . -14.45 -27.16 44.06
N06 QNG Z . -10.48 -32.21 36.87
N14 QNG Z . -12.46 -33.80 41.29
N15 QNG Z . -13.05 -34.03 42.53
N17 QNG Z . -15.45 -34.56 43.24
N33 QNG Z . -11.48 -27.73 41.10
N34 QNG Z . -12.61 -27.96 41.92
N43 QNG Z . -11.46 -29.96 38.66
O29 QNG Z . -11.95 -30.61 40.81
O50 QNG Z . -14.40 -32.93 45.00
O51 QNG Z . -16.48 -33.70 45.50
O57 QNG Z . -5.69 -30.40 34.80
O59 QNG Z . -7.62 -30.43 33.62
S48 QNG Z . -15.24 -34.13 44.88
S55 QNG Z . -6.31 -31.09 33.67
CL47 QNG Z . -17.47 -34.70 40.52
C13 2I4 AA . -37.50 22.32 73.73
C18 2I4 AA . -38.42 23.39 74.30
C15 2I4 AA . -38.87 22.36 71.61
C19 2I4 AA . -37.92 24.42 75.35
C20 2I4 AA . -37.97 24.12 76.82
C21 2I4 AA . -38.82 25.66 75.11
C22 2I4 AA . -39.77 25.28 73.97
C23 2I4 AA . -37.15 15.32 70.80
C24 2I4 AA . -34.85 16.03 70.49
C34 2I4 AA . -34.72 10.14 71.40
C27 2I4 AA . -39.43 20.67 73.32
C33 2I4 AA . -34.06 11.48 70.98
C2 2I4 AA . -35.11 16.14 73.94
C3 2I4 AA . -35.74 15.34 72.80
C4 2I4 AA . -36.01 16.10 71.47
C5 2I4 AA . -36.54 17.52 71.82
C6 2I4 AA . -36.81 18.40 70.61
C7 2I4 AA . -37.80 19.48 71.05
C9 2I4 AA . -36.68 19.58 73.27
C14 2I4 AA . -38.25 21.44 72.69
C25 2I4 AA . -34.36 18.71 72.67
C26 2I4 AA . -36.20 21.29 71.29
C30 2I4 AA . -38.92 23.42 77.42
C31 2I4 AA . -35.10 13.07 72.59
C32 2I4 AA . -33.88 12.25 72.29
C35 2I4 AA . -32.73 11.20 70.31
C36 2I4 AA . -34.93 12.29 70.01
O1 2I4 AA . -34.78 14.38 72.49
O2 2I4 AA . -36.68 25.11 72.60
O3 2I4 AA . -38.37 25.65 71.27
O4 2I4 AA . -36.23 12.72 72.89
O5 2I4 AA . -34.84 9.90 72.62
O6 2I4 AA . -35.10 9.38 70.48
C1 2I4 AA . -35.86 17.42 74.15
C8 2I4 AA . -37.21 20.45 72.08
C10 2I4 AA . -35.81 18.32 72.93
C11 2I4 AA . -36.01 20.42 74.37
C12 2I4 AA . -36.93 21.52 74.88
C16 2I4 AA . -39.77 23.44 72.22
C17 2I4 AA . -38.95 24.29 73.16
C28 2I4 AA . -37.89 25.07 72.30
C29 2I4 AA . -36.83 24.70 77.57
C1 IHP BA . -30.61 3.22 69.06
C2 IHP BA . -30.70 4.06 70.35
C3 IHP BA . -31.60 3.48 71.45
C4 IHP BA . -32.96 3.02 70.91
C5 IHP BA . -32.80 1.98 69.80
C6 IHP BA . -31.88 2.45 68.65
O11 IHP BA . -30.31 4.11 68.02
P1 IHP BA . -29.30 3.61 66.80
O21 IHP BA . -29.96 3.86 65.47
O31 IHP BA . -29.01 2.14 66.96
O41 IHP BA . -28.02 4.39 66.87
O12 IHP BA . -29.43 4.34 70.92
P2 IHP BA . -28.10 3.37 70.76
O22 IHP BA . -28.45 1.90 70.82
O32 IHP BA . -27.39 3.67 69.46
O42 IHP BA . -27.16 3.68 71.89
O13 IHP BA . -30.92 2.40 72.04
P3 IHP BA . -30.28 2.63 73.53
O23 IHP BA . -31.22 2.09 74.59
O33 IHP BA . -28.95 1.92 73.63
O43 IHP BA . -30.07 4.11 73.76
O14 IHP BA . -33.76 2.57 71.99
P4 IHP BA . -33.91 1.00 72.48
O24 IHP BA . -34.47 0.99 73.88
O34 IHP BA . -32.57 0.31 72.50
O44 IHP BA . -34.86 0.25 71.57
O15 IHP BA . -34.04 1.57 69.25
P5 IHP BA . -35.40 2.50 69.18
O25 IHP BA . -36.10 2.53 70.52
O35 IHP BA . -36.34 1.89 68.17
O45 IHP BA . -35.09 3.92 68.74
O16 IHP BA . -32.61 3.32 67.82
P6 IHP BA . -32.93 2.88 66.27
O26 IHP BA . -32.83 4.10 65.38
O36 IHP BA . -31.95 1.83 65.82
O46 IHP BA . -34.33 2.31 66.19
C01 QNG CA . 5.63 -28.81 58.22
C02 QNG CA . 8.22 -31.49 58.56
C03 QNG CA . 7.55 -32.56 57.97
C04 QNG CA . 6.28 -32.39 57.48
C05 QNG CA . 6.40 -30.11 58.18
C07 QNG CA . 4.32 -31.32 56.97
C08 QNG CA . 3.10 -31.64 57.57
C09 QNG CA . 1.95 -31.69 56.84
C10 QNG CA . 1.99 -31.39 55.48
C11 QNG CA . 3.20 -31.06 54.87
C12 QNG CA . 4.38 -31.00 55.62
C13 QNG CA . 5.73 -31.15 57.57
C16 QNG CA . 0.94 -32.06 57.71
C18 QNG CA . 3.39 -32.14 60.19
C19 QNG CA . 6.15 -27.83 57.17
C20 QNG CA . 5.04 -26.79 56.96
C21 QNG CA . 5.01 -25.64 57.73
C22 QNG CA . 4.02 -24.70 57.54
C23 QNG CA . 3.05 -24.91 56.57
C24 QNG CA . 3.07 -26.06 55.79
C25 QNG CA . 4.07 -27.00 55.99
C28 QNG CA . 4.42 -28.29 60.33
C30 QNG CA . 4.34 -27.62 61.72
C31 QNG CA . 2.74 -24.36 61.37
C32 QNG CA . 3.83 -25.18 61.75
C35 QNG CA . 1.75 -25.17 60.89
C36 QNG CA . 3.11 -22.88 61.68
C37 QNG CA . 4.58 -22.83 62.06
C38 QNG CA . 4.96 -24.24 62.32
C39 QNG CA . 3.57 -22.01 62.82
C40 QNG CA . 0.38 -24.71 60.36
C44 QNG CA . 9.64 -31.62 59.13
C45 QNG CA . 10.74 -31.65 59.60
C46 QNG CA . 12.17 -31.65 60.18
C49 QNG CA . -2.15 -33.76 58.94
C54 QNG CA . 13.19 -31.57 59.02
C56 QNG CA . 12.40 -32.94 60.99
C58 QNG CA . 12.31 -28.65 60.25
C60 QNG CA . 3.92 -33.58 60.31
F26 QNG CA . 2.12 -26.27 54.84
F27 QNG CA . 3.98 -23.58 58.30
F41 QNG CA . 6.14 -24.51 61.67
F42 QNG CA . 5.10 -24.47 63.66
F52 QNG CA . 0.15 -23.44 60.78
F53 QNG CA . 0.39 -24.74 58.99
F61 QNG CA . 4.40 -34.00 59.10
F62 QNG CA . 4.94 -33.60 61.22
F63 QNG CA . 2.92 -34.40 60.72
F64 QNG CA . -0.58 -25.55 60.84
N06 QNG CA . 7.65 -30.28 58.66
N14 QNG CA . 2.82 -31.96 58.84
N15 QNG CA . 1.47 -32.22 58.93
N17 QNG CA . -0.43 -32.20 57.22
N33 QNG CA . 3.50 -26.43 61.49
N34 QNG CA . 2.20 -26.45 60.94
N43 QNG CA . 5.65 -28.17 59.53
O29 QNG CA . 3.50 -28.87 59.90
O50 QNG CA . -1.28 -31.26 59.50
O51 QNG CA . -2.83 -31.33 57.85
O57 QNG CA . 13.58 -30.24 62.06
O59 QNG CA . 11.32 -30.16 62.30
S48 QNG CA . -1.68 -32.09 58.37
S55 QNG CA . 12.36 -30.18 61.26
CL47 QNG CA . 0.78 -31.33 54.17
C01 QNG DA . -19.51 -24.40 0.88
C02 QNG DA . -20.15 -27.69 -0.78
C03 QNG DA . -18.93 -28.33 -0.55
C04 QNG DA . -17.93 -27.69 0.11
C05 QNG DA . -19.38 -25.81 0.32
C07 QNG DA . -16.87 -25.98 1.25
C08 QNG DA . -15.79 -25.24 0.74
C09 QNG DA . -14.75 -24.90 1.53
C10 QNG DA . -14.76 -25.26 2.89
C11 QNG DA . -15.84 -25.97 3.41
C12 QNG DA . -16.91 -26.32 2.59
C13 QNG DA . -18.18 -26.43 0.57
C16 QNG DA . -13.85 -24.21 0.73
C18 QNG DA . -16.10 -24.71 -1.86
C19 QNG DA . -20.36 -24.40 2.15
C20 QNG DA . -19.99 -23.10 2.89
C21 QNG DA . -20.67 -21.92 2.60
C22 QNG DA . -20.34 -20.75 3.25
C23 QNG DA . -19.32 -20.75 4.18
C24 QNG DA . -18.63 -21.91 4.47
C25 QNG DA . -18.96 -23.09 3.82
C28 QNG DA . -19.10 -22.53 -0.70
C30 QNG DA . -19.56 -21.48 -1.73
C31 QNG DA . -20.05 -18.33 0.02
C32 QNG DA . -20.53 -19.42 -0.73
C35 QNG DA . -18.72 -18.51 0.23
C36 QNG DA . -21.24 -17.36 0.31
C37 QNG DA . -22.51 -18.04 -0.15
C38 QNG DA . -22.08 -19.21 -0.97
C39 QNG DA . -22.28 -16.58 -0.45
C40 QNG DA . -17.79 -17.57 1.00
C44 QNG DA . -21.32 -28.34 -1.53
C45 QNG DA . -22.28 -28.77 -2.10
C46 QNG DA . -23.54 -29.31 -2.79
C49 QNG DA . -10.76 -23.45 -0.89
C54 QNG DA . -23.97 -30.63 -2.13
C56 QNG DA . -23.21 -29.56 -4.29
C58 QNG DA . -26.53 -28.89 -2.90
C60 QNG DA . -15.74 -26.01 -2.59
F26 QNG DA . -17.63 -21.91 5.39
F27 QNG DA . -21.01 -19.60 2.97
F41 QNG DA . -22.75 -20.33 -0.56
F42 QNG DA . -22.29 -18.98 -2.30
F52 QNG DA . -18.38 -16.36 1.16
F53 QNG DA . -17.54 -18.12 2.23
F61 QNG DA . -15.67 -27.04 -1.70
F62 QNG DA . -16.71 -26.30 -3.51
F63 QNG DA . -14.54 -25.87 -3.22
F64 QNG DA . -16.62 -17.43 0.32
N06 QNG DA . -20.37 -26.43 -0.34
N14 QNG DA . -15.58 -24.80 -0.50
N15 QNG DA . -14.35 -24.14 -0.51
N17 QNG DA . -12.61 -23.71 1.30
N33 QNG DA . -19.51 -20.22 -0.98
N34 QNG DA . -18.36 -19.68 -0.37
N43 QNG DA . -20.05 -23.48 -0.10
O29 QNG DA . -17.96 -22.58 -0.38
O50 QNG DA . -12.66 -21.62 -0.28
O51 QNG DA . -10.94 -21.68 1.20
O57 QNG DA . -24.72 -26.98 -3.61
O59 QNG DA . -24.85 -27.36 -1.39
S48 QNG DA . -11.75 -22.56 0.36
S55 QNG DA . -24.89 -28.08 -2.67
CL47 QNG DA . -13.62 -25.01 4.24
C01 QNG EA . -40.83 -29.97 -1.34
C02 QNG EA . -38.39 -32.81 -1.33
C03 QNG EA . -39.15 -33.79 -1.97
C04 QNG EA . -40.42 -33.51 -2.40
C05 QNG EA . -40.15 -31.32 -1.52
C07 QNG EA . -42.34 -32.28 -2.74
C08 QNG EA . -43.56 -32.58 -2.11
C09 QNG EA . -44.72 -32.48 -2.79
C10 QNG EA . -44.72 -32.06 -4.13
C11 QNG EA . -43.51 -31.74 -4.75
C12 QNG EA . -42.31 -31.84 -4.04
C13 QNG EA . -40.90 -32.26 -2.18
C16 QNG EA . -45.72 -32.87 -1.91
C18 QNG EA . -43.21 -33.34 0.42
C19 QNG EA . -40.28 -28.93 -2.32
C20 QNG EA . -41.36 -27.84 -2.37
C21 QNG EA . -41.32 -26.78 -1.48
C22 QNG EA . -42.30 -25.80 -1.53
C23 QNG EA . -43.31 -25.89 -2.48
C24 QNG EA . -43.34 -26.95 -3.37
C25 QNG EA . -42.37 -27.94 -3.32
C28 QNG EA . -41.88 -29.64 0.90
C30 QNG EA . -41.84 -29.08 2.34
C31 QNG EA . -43.24 -25.71 2.27
C32 QNG EA . -42.17 -26.61 2.54
C35 QNG EA . -44.28 -26.43 1.80
C36 QNG EA . -42.77 -24.27 2.64
C37 QNG EA . -41.30 -24.33 2.96
C38 QNG EA . -40.96 -25.77 3.10
C39 QNG EA . -42.24 -23.50 3.82
C40 QNG EA . -45.64 -25.85 1.38
C44 QNG EA . -36.96 -33.04 -0.83
C45 QNG EA . -35.85 -33.14 -0.41
C46 QNG EA . -34.40 -33.23 0.11
C49 QNG EA . -48.67 -34.63 -0.68
C54 QNG EA . -33.46 -33.59 -1.06
C56 QNG EA . -34.33 -34.33 1.20
C58 QNG EA . -32.07 -31.45 0.81
C60 QNG EA . -42.88 -34.84 0.41
F26 QNG EA . -44.34 -27.03 -4.30
F27 QNG EA . -42.26 -24.77 -0.65
F41 QNG EA . -39.84 -26.04 2.35
F42 QNG EA . -40.75 -26.10 4.41
F52 QNG EA . -45.76 -24.58 1.87
F53 QNG EA . -45.72 -25.83 0.02
F61 QNG EA . -42.29 -35.17 -0.77
F62 QNG EA . -42.04 -35.13 1.44
F63 QNG EA . -44.04 -35.56 0.53
F64 QNG EA . -46.65 -26.63 1.87
N06 QNG EA . -38.90 -31.58 -1.11
N14 QNG EA . -43.80 -32.99 -0.87
N15 QNG EA . -45.17 -33.17 -0.74
N17 QNG EA . -47.12 -32.87 -2.36
N33 QNG EA . -42.60 -27.83 2.24
N34 QNG EA . -43.92 -27.73 1.76
N43 QNG EA . -40.72 -29.46 0.01
O29 QNG EA . -42.85 -30.19 0.51
O50 QNG EA . -47.92 -32.12 0.01
O51 QNG EA . -49.54 -32.19 -1.57
O57 QNG EA . -34.43 -31.44 2.16
O59 QNG EA . -34.53 -30.50 0.12
S48 QNG EA . -48.33 -32.91 -1.15
S55 QNG EA . -33.89 -31.62 0.82
CL47 QNG EA . -45.96 -31.79 -5.38
C13 2I4 FA . -80.16 22.18 20.49
C18 2I4 FA . -81.02 23.44 20.58
C15 2I4 FA . -79.14 23.11 18.38
C19 2I4 FA . -81.51 24.00 21.94
C20 2I4 FA . -82.78 23.53 22.58
C21 2I4 FA . -81.68 25.52 21.67
C22 2I4 FA . -81.30 25.73 20.20
C23 2I4 FA . -78.09 16.18 16.31
C24 2I4 FA . -76.52 16.01 18.15
C34 2I4 FA . -77.59 10.45 16.40
C27 2I4 FA . -81.00 21.52 18.15
C33 2I4 FA . -76.75 11.51 17.19
C2 2I4 FA . -79.58 15.63 19.79
C3 2I4 FA . -78.98 15.32 18.42
C4 2I4 FA . -77.97 16.34 17.83
C5 2I4 FA . -78.44 17.78 18.19
C6 2I4 FA . -77.51 18.89 17.73
C7 2I4 FA . -78.32 20.18 17.67
C9 2I4 FA . -79.58 19.47 19.70
C14 2I4 FA . -79.78 21.85 19.01
C25 2I4 FA . -77.91 17.86 20.77
C26 2I4 FA . -77.52 21.13 19.75
C30 2I4 FA . -83.89 23.21 21.91
C31 2I4 FA . -78.55 13.04 17.92
C32 2I4 FA . -77.65 11.93 18.34
C35 2I4 FA . -75.48 10.84 17.69
C36 2I4 FA . -76.38 12.72 16.35
O1 2I4 FA . -78.24 14.15 18.62
O2 2I4 FA . -78.48 24.55 21.65
O3 2I4 FA . -78.26 25.93 19.95
O4 2I4 FA . -79.46 13.04 17.10
O5 2I4 FA . -78.65 10.06 16.93
O6 2I4 FA . -77.14 10.08 15.30
C1 2I4 FA . -80.05 17.05 19.84
C8 2I4 FA . -78.79 20.65 19.05
C10 2I4 FA . -78.92 18.04 19.64
C11 2I4 FA . -80.07 19.76 21.11
C12 2I4 FA . -80.90 21.05 21.16
C16 2I4 FA . -80.03 24.34 18.49
C17 2I4 FA . -80.28 24.64 19.94
C28 2I4 FA . -78.90 25.05 20.59
C29 2I4 FA . -82.68 23.44 24.06
C1 IHP GA . -73.94 2.94 15.45
C2 IHP GA . -74.99 3.54 16.41
C3 IHP GA . -76.45 3.18 16.08
C4 IHP GA . -76.78 3.35 14.59
C5 IHP GA . -75.83 2.53 13.70
C6 IHP GA . -74.34 2.86 13.98
O11 IHP GA . -72.78 3.74 15.54
P1 IHP GA . -71.30 3.07 15.33
O21 IHP GA . -70.54 3.84 14.28
O31 IHP GA . -71.44 1.63 14.91
O41 IHP GA . -70.52 3.14 16.63
O12 IHP GA . -74.74 3.22 17.77
P2 IHP GA . -73.97 1.85 18.29
O22 IHP GA . -74.35 0.64 17.47
O32 IHP GA . -72.47 2.05 18.25
O42 IHP GA . -74.39 1.61 19.72
O13 IHP GA . -76.66 1.85 16.46
P3 IHP GA . -77.53 1.57 17.84
O23 IHP GA . -78.99 1.43 17.49
O33 IHP GA . -77.04 0.30 18.49
O43 IHP GA . -77.36 2.72 18.79
O14 IHP GA . -78.15 3.07 14.37
P4 IHP GA . -78.75 1.60 13.90
O24 IHP GA . -80.23 1.60 14.17
O34 IHP GA . -78.13 0.47 14.69
O44 IHP GA . -78.53 1.37 12.43
O15 IHP GA . -76.09 2.69 12.32
P5 IHP GA . -76.75 4.04 11.62
O25 IHP GA . -78.25 4.06 11.80
O35 IHP GA . -76.46 3.99 10.14
O45 IHP GA . -76.16 5.31 12.18
O16 IHP GA . -74.05 4.11 13.40
P6 IHP GA . -72.98 4.20 12.14
O26 IHP GA . -72.04 5.35 12.38
O36 IHP GA . -72.20 2.91 12.06
O46 IHP GA . -73.72 4.40 10.86
C01 QNG HA . -47.33 -38.04 23.73
C02 QNG HA . -46.40 -41.52 24.76
C03 QNG HA . -46.36 -42.14 23.52
C04 QNG HA . -46.64 -41.43 22.38
C05 QNG HA . -46.99 -39.52 23.76
C07 QNG HA . -47.21 -39.63 21.08
C08 QNG HA . -48.40 -39.56 20.35
C09 QNG HA . -48.43 -39.04 19.10
C10 QNG HA . -47.22 -38.56 18.54
C11 QNG HA . -46.05 -38.60 19.27
C12 QNG HA . -46.03 -39.14 20.56
C13 QNG HA . -46.93 -40.11 22.53
C16 QNG HA . -49.73 -39.14 18.65
C18 QNG HA . -50.46 -40.57 21.73
C19 QNG HA . -46.10 -37.17 23.97
C20 QNG HA . -46.46 -35.77 23.42
C21 QNG HA . -47.09 -34.84 24.23
C22 QNG HA . -47.41 -33.59 23.74
C23 QNG HA . -47.12 -33.27 22.42
C24 QNG HA . -46.50 -34.20 21.60
C25 QNG HA . -46.17 -35.45 22.09
C28 QNG HA . -49.73 -37.47 24.16
C30 QNG HA . -50.87 -37.06 25.11
C31 QNG HA . -51.22 -33.43 25.06
C32 QNG HA . -51.00 -34.64 25.73
C35 QNG HA . -51.42 -33.71 23.74
C36 QNG HA . -51.17 -32.27 26.10
C37 QNG HA . -50.68 -32.85 27.40
C38 QNG HA . -50.78 -34.32 27.26
C39 QNG HA . -51.82 -31.85 27.39
C40 QNG HA . -51.70 -32.69 22.62
C44 QNG HA . -46.10 -42.27 26.08
C45 QNG HA . -45.89 -42.78 27.14
C46 QNG HA . -45.59 -43.42 28.51
C49 QNG HA . -52.52 -39.81 16.27
C54 QNG HA . -44.06 -43.58 28.68
C56 QNG HA . -46.28 -44.80 28.61
C58 QNG HA . -45.34 -40.70 29.75
C60 QNG HA . -50.40 -42.09 21.56
F26 QNG HA . -46.21 -33.87 20.31
F27 QNG HA . -48.03 -32.68 24.55
F41 QNG HA . -49.62 -34.90 27.68
F42 QNG HA . -51.85 -34.81 27.98
F52 QNG HA . -52.08 -31.51 23.18
F53 QNG HA . -50.56 -32.50 21.89
F61 QNG HA . -49.16 -42.46 21.13
F62 QNG HA . -50.65 -42.69 22.76
F63 QNG HA . -51.33 -42.49 20.63
F64 QNG HA . -52.69 -33.17 21.82
N06 QNG HA . -46.71 -40.21 24.88
N14 QNG HA . -49.64 -39.96 20.69
N15 QNG HA . -50.47 -39.69 19.61
N17 QNG HA . -50.07 -38.66 17.32
N33 QNG HA . -51.06 -35.63 24.84
N34 QNG HA . -51.31 -35.05 23.57
N43 QNG HA . -48.37 -37.69 24.69
O29 QNG HA . -49.93 -37.60 23.00
O50 QNG HA . -52.43 -37.92 18.22
O51 QNG HA . -51.89 -37.14 16.17
O57 QNG HA . -46.10 -42.92 31.15
O59 QNG HA . -47.66 -42.13 29.72
S48 QNG HA . -51.73 -38.33 17.00
S55 QNG HA . -46.21 -42.30 29.82
CL47 QNG HA . -46.78 -37.81 16.98
C01 QNG IA . -13.41 -15.11 -23.87
C02 QNG IA . -12.67 -17.60 -26.55
C03 QNG IA . -12.23 -18.67 -25.78
C04 QNG IA . -12.19 -18.58 -24.42
C05 QNG IA . -13.00 -16.35 -24.64
C07 QNG IA . -12.40 -17.60 -22.34
C08 QNG IA . -11.33 -17.23 -21.51
C09 QNG IA . -11.37 -17.44 -20.18
C10 QNG IA . -12.53 -18.01 -19.61
C11 QNG IA . -13.61 -18.36 -20.42
C12 QNG IA . -13.56 -18.14 -21.80
C13 QNG IA . -12.59 -17.41 -23.86
C16 QNG IA . -10.16 -17.01 -19.66
C18 QNG IA . -9.31 -16.17 -22.91
C19 QNG IA . -14.94 -14.97 -23.83
C20 QNG IA . -15.25 -14.05 -22.64
C21 QNG IA . -15.26 -12.67 -22.82
C22 QNG IA . -15.52 -11.83 -21.75
C23 QNG IA . -15.76 -12.37 -20.49
C24 QNG IA . -15.75 -13.75 -20.31
C25 QNG IA . -15.48 -14.58 -21.38
C28 QNG IA . -11.74 -13.29 -23.63
C30 QNG IA . -11.07 -11.99 -24.10
C31 QNG IA . -12.59 -9.20 -22.30
C32 QNG IA . -12.27 -9.89 -23.49
C35 QNG IA . -12.07 -9.91 -21.26
C36 QNG IA . -13.39 -7.92 -22.67
C37 QNG IA . -13.70 -7.97 -24.15
C38 QNG IA . -12.87 -9.06 -24.71
C39 QNG IA . -13.24 -6.67 -23.51
C40 QNG IA . -12.18 -9.54 -19.78
C44 QNG IA . -12.75 -17.63 -28.09
C45 QNG IA . -12.86 -17.56 -29.27
C46 QNG IA . -13.02 -17.45 -30.80
C49 QNG IA . -7.04 -17.20 -17.96
C54 QNG IA . -14.06 -18.50 -31.26
C56 QNG IA . -11.67 -17.71 -31.49
C58 QNG IA . -14.48 -15.79 -32.86
C60 QNG IA . -8.55 -17.35 -23.56
F26 QNG IA . -16.00 -14.27 -19.08
F27 QNG IA . -15.53 -10.48 -21.92
F41 QNG IA . -13.66 -9.89 -25.47
F42 QNG IA . -11.85 -8.56 -25.46
F52 QNG IA . -12.71 -8.28 -19.66
F53 QNG IA . -13.00 -10.44 -19.16
F61 QNG IA . -9.32 -18.47 -23.54
F62 QNG IA . -8.25 -17.04 -24.85
F63 QNG IA . -7.41 -17.58 -22.86
F64 QNG IA . -10.94 -9.58 -19.21
N06 QNG IA . -13.05 -16.45 -25.97
N14 QNG IA . -10.14 -16.68 -21.83
N15 QNG IA . -9.42 -16.55 -20.66
N17 QNG IA . -9.91 -17.11 -18.22
N33 QNG IA . -11.59 -10.98 -23.17
N34 QNG IA . -11.46 -11.00 -21.77
N43 QNG IA . -12.83 -13.90 -24.42
O29 QNG IA . -11.40 -13.79 -22.61
O50 QNG IA . -8.46 -14.92 -18.28
O51 QNG IA . -8.71 -15.86 -16.24
O57 QNG IA . -12.57 -14.79 -31.19
O59 QNG IA . -14.54 -15.26 -30.19
S48 QNG IA . -8.56 -16.24 -17.65
S55 QNG IA . -13.65 -15.78 -31.23
CL47 QNG IA . -13.03 -18.46 -17.96
C01 QNG JA . -23.78 -11.82 -43.08
C02 QNG JA . -22.66 -15.33 -42.38
C03 QNG JA . -22.62 -15.83 -43.68
C04 QNG JA . -22.95 -15.03 -44.75
C05 QNG JA . -23.36 -13.28 -43.19
C07 QNG JA . -23.64 -13.14 -45.86
C08 QNG JA . -24.84 -13.05 -46.56
C09 QNG JA . -24.91 -12.43 -47.76
C10 QNG JA . -23.76 -11.81 -48.29
C11 QNG JA . -22.56 -11.87 -47.58
C12 QNG JA . -22.49 -12.52 -46.35
C13 QNG JA . -23.30 -13.74 -44.48
C16 QNG JA . -26.22 -12.56 -48.19
C18 QNG JA . -26.82 -14.31 -45.27
C19 QNG JA . -22.58 -10.92 -42.79
C20 QNG JA . -23.03 -9.50 -43.23
C21 QNG JA . -23.63 -8.67 -42.30
C22 QNG JA . -24.05 -7.41 -42.68
C23 QNG JA . -23.86 -6.98 -43.99
C24 QNG JA . -23.26 -7.82 -44.91
C25 QNG JA . -22.85 -9.09 -44.53
C28 QNG JA . -26.19 -11.48 -42.53
C30 QNG JA . -27.31 -11.21 -41.52
C31 QNG JA . -27.83 -7.60 -41.28
C32 QNG JA . -27.52 -8.86 -40.69
C35 QNG JA . -28.05 -7.80 -42.61
C36 QNG JA . -27.78 -6.51 -40.17
C37 QNG JA . -27.24 -7.15 -38.91
C38 QNG JA . -27.27 -8.62 -39.16
C39 QNG JA . -28.42 -6.20 -38.83
C40 QNG JA . -28.40 -6.72 -43.64
C44 QNG JA . -22.30 -16.16 -41.14
C45 QNG JA . -22.04 -16.74 -40.13
C46 QNG JA . -21.67 -17.47 -38.83
C49 QNG JA . -29.03 -13.19 -50.50
C54 QNG JA . -20.22 -17.98 -38.93
C56 QNG JA . -22.64 -18.65 -38.62
C58 QNG JA . -20.84 -16.88 -35.98
C60 QNG JA . -26.69 -15.80 -45.66
F26 QNG JA . -23.07 -7.42 -46.20
F27 QNG JA . -24.64 -6.58 -41.77
F41 QNG JA . -26.07 -9.18 -38.80
F42 QNG JA . -28.28 -9.20 -38.45
F52 QNG JA . -28.84 -5.61 -43.00
F53 QNG JA . -27.29 -6.42 -44.37
F61 QNG JA . -25.42 -16.08 -46.03
F62 QNG JA . -27.03 -16.57 -44.58
F63 QNG JA . -27.52 -16.08 -46.70
F64 QNG JA . -29.38 -7.20 -44.46
N06 QNG JA . -23.03 -14.05 -42.15
N14 QNG JA . -26.04 -13.56 -46.26
N15 QNG JA . -26.91 -13.24 -47.28
N17 QNG JA . -26.62 -11.97 -49.47
N33 QNG JA . -27.57 -9.78 -41.65
N34 QNG JA . -27.89 -9.12 -42.87
N43 QNG JA . -24.80 -11.60 -42.07
O29 QNG JA . -26.43 -11.58 -43.68
O50 QNG JA . -28.97 -11.40 -48.47
O51 QNG JA . -28.56 -10.49 -50.50
O57 QNG JA . -23.20 -16.03 -37.08
O59 QNG JA . -21.37 -14.94 -37.83
S48 QNG JA . -28.30 -11.71 -49.72
S55 QNG JA . -21.80 -16.29 -37.43
CL47 QNG JA . -23.40 -10.90 -49.77
C13 2I4 KA . -59.75 46.91 -39.76
C18 2I4 KA . -60.19 48.36 -39.84
C15 2I4 KA . -57.36 47.72 -39.82
C19 2I4 KA . -61.56 48.83 -39.23
C20 2I4 KA . -62.81 48.82 -40.05
C21 2I4 KA . -61.29 50.29 -38.83
C22 2I4 KA . -59.86 50.61 -39.26
C23 2I4 KA . -55.69 41.32 -42.98
C24 2I4 KA . -56.29 40.30 -40.86
C34 2I4 KA . -55.81 35.90 -44.74
C27 2I4 KA . -58.40 47.03 -41.94
C33 2I4 KA . -55.96 36.43 -43.28
C2 2I4 KA . -59.42 40.79 -42.30
C3 2I4 KA . -57.99 40.51 -42.78
C4 2I4 KA . -56.83 41.19 -41.97
C5 2I4 KA . -57.30 42.61 -41.56
C6 2I4 KA . -56.27 43.37 -40.74
C7 2I4 KA . -56.59 44.86 -40.84
C9 2I4 KA . -59.02 44.33 -40.86
C14 2I4 KA . -58.36 46.72 -40.44
C25 2I4 KA . -59.05 42.07 -39.68
C26 2I4 KA . -57.70 45.09 -38.70
C30 2I4 KA . -62.87 49.05 -41.36
C31 2I4 KA . -57.46 38.37 -43.64
C32 2I4 KA . -57.40 36.95 -43.20
C35 2I4 KA . -55.74 35.27 -42.32
C36 2I4 KA . -54.99 37.54 -42.95
O1 2I4 KA . -57.83 39.13 -42.58
O2 2I4 KA . -59.59 48.22 -36.91
O3 2I4 KA . -57.85 49.56 -37.15
O4 2I4 KA . -57.26 38.87 -44.74
O5 2I4 KA . -56.84 35.89 -45.46
O6 2I4 KA . -54.68 35.52 -45.10
C1 2I4 KA . -59.63 42.25 -42.07
C8 2I4 KA . -57.93 45.23 -40.20
C10 2I4 KA . -58.71 42.79 -40.99
C11 2I4 KA . -60.43 44.56 -40.31
C12 2I4 KA . -60.83 46.03 -40.36
C16 2I4 KA . -57.86 49.16 -39.88
C17 2I4 KA . -59.16 49.26 -39.13
C28 2I4 KA . -58.87 48.97 -37.61
C29 2I4 KA . -64.03 48.52 -39.25
C1 IHP LA . -53.55 27.85 -45.54
C2 IHP LA . -54.88 28.62 -45.58
C3 IHP LA . -55.44 28.88 -46.99
C4 IHP LA . -54.38 29.46 -47.94
C5 IHP LA . -53.17 28.52 -48.06
C6 IHP LA . -52.56 28.13 -46.69
O11 IHP LA . -52.90 28.20 -44.34
P1 IHP LA . -51.96 27.07 -43.57
O21 IHP LA . -50.61 27.69 -43.27
O31 IHP LA . -51.78 25.86 -44.46
O41 IHP LA . -52.60 26.66 -42.27
O12 IHP LA . -55.89 28.01 -44.80
P2 IHP LA . -55.97 26.39 -44.45
O22 IHP LA . -55.56 25.53 -45.62
O32 IHP LA . -55.08 26.09 -43.26
O42 IHP LA . -57.38 26.05 -44.09
O13 IHP LA . -55.92 27.66 -47.49
P3 IHP LA . -57.56 27.43 -47.50
O23 IHP LA . -58.11 27.76 -48.88
O33 IHP LA . -57.88 26.00 -47.16
O43 IHP LA . -58.20 28.34 -46.48
O14 IHP LA . -54.98 29.78 -49.18
P4 IHP LA . -55.00 28.80 -50.50
O24 IHP LA . -56.02 29.36 -51.47
O34 IHP LA . -55.40 27.40 -50.14
O44 IHP LA . -53.66 28.79 -51.19
O15 IHP LA . -52.14 29.05 -48.88
P5 IHP LA . -51.86 30.66 -49.10
O25 IHP LA . -52.85 31.26 -50.08
O35 IHP LA . -50.48 30.82 -49.68
O45 IHP LA . -51.91 31.42 -47.80
O16 IHP LA . -51.71 29.16 -46.28
P6 IHP LA . -50.09 28.89 -46.22
O26 IHP LA . -49.51 29.68 -45.06
O36 IHP LA . -49.82 27.42 -46.04
O46 IHP LA . -49.44 29.36 -47.50
C01 QNG MA . -48.79 -20.84 -37.85
C02 QNG MA . -49.40 -24.54 -38.01
C03 QNG MA . -48.39 -24.92 -38.90
C04 QNG MA . -47.54 -23.98 -39.42
C05 QNG MA . -48.72 -22.33 -38.17
C07 QNG MA . -46.63 -21.92 -39.82
C08 QNG MA . -46.69 -21.29 -41.06
C09 QNG MA . -45.63 -20.60 -41.56
C10 QNG MA . -44.46 -20.53 -40.78
C11 QNG MA . -44.39 -21.14 -39.53
C12 QNG MA . -45.50 -21.82 -39.02
C13 QNG MA . -47.70 -22.69 -39.02
C16 QNG MA . -46.00 -20.13 -42.80
C18 QNG MA . -49.07 -21.66 -42.23
C19 QNG MA . -48.23 -20.56 -36.45
C20 QNG MA . -47.87 -19.05 -36.43
C21 QNG MA . -48.82 -18.12 -36.07
C22 QNG MA . -48.49 -16.78 -36.05
C23 QNG MA . -47.22 -16.37 -36.41
C24 QNG MA . -46.27 -17.30 -36.79
C25 QNG MA . -46.59 -18.65 -36.80
C28 QNG MA . -50.41 -19.52 -39.18
C30 QNG MA . -51.80 -18.88 -39.38
C31 QNG MA . -51.71 -15.42 -38.18
C32 QNG MA . -52.22 -16.74 -38.15
C35 QNG MA . -50.75 -15.37 -39.15
C36 QNG MA . -52.45 -14.58 -37.10
C37 QNG MA . -53.30 -15.53 -36.27
C38 QNG MA . -53.33 -16.82 -37.02
C39 QNG MA . -53.86 -14.19 -36.70
C40 QNG MA . -49.92 -14.15 -39.54
C44 QNG MA . -50.38 -25.55 -37.40
C45 QNG MA . -51.18 -26.28 -36.88
C46 QNG MA . -52.20 -27.21 -36.20
C49 QNG MA . -45.63 -19.29 -46.41
C54 QNG MA . -51.53 -27.92 -35.00
C56 QNG MA . -52.72 -28.24 -37.21
C58 QNG MA . -53.00 -25.07 -34.24
C60 QNG MA . -49.04 -23.02 -42.93
F26 QNG MA . -45.02 -16.90 -37.14
F27 QNG MA . -49.42 -15.85 -35.69
F41 QNG MA . -53.05 -17.84 -36.18
F42 QNG MA . -54.56 -16.99 -37.61
F52 QNG MA . -50.61 -13.01 -39.21
F53 QNG MA . -48.74 -14.18 -38.87
F61 QNG MA . -48.09 -23.81 -42.35
F62 QNG MA . -50.26 -23.61 -42.82
F63 QNG MA . -48.74 -22.85 -44.25
F64 QNG MA . -49.69 -14.17 -40.89
N06 QNG MA . -49.56 -23.25 -37.65
N14 QNG MA . -47.69 -21.24 -41.95
N15 QNG MA . -47.25 -20.51 -43.05
N17 QNG MA . -45.04 -19.36 -43.59
N33 QNG MA . -51.59 -17.46 -39.07
N34 QNG MA . -50.66 -16.61 -39.71
N43 QNG MA . -50.12 -20.31 -37.97
O29 QNG MA . -49.57 -19.35 -39.99
O50 QNG MA . -47.01 -17.91 -44.53
O51 QNG MA . -44.94 -17.09 -44.92
O57 QNG MA . -54.71 -27.00 -35.13
O59 QNG MA . -54.20 -25.40 -36.67
S48 QNG MA . -45.66 -18.37 -44.84
S55 QNG MA . -53.59 -26.17 -35.58
CL47 QNG MA . -42.85 -19.77 -41.01
C1 IHP NA . -7.28 23.81 7.04
C2 IHP NA . -8.10 24.40 8.19
C3 IHP NA . -9.62 24.41 7.98
C4 IHP NA . -10.12 24.62 6.53
C5 IHP NA . -9.27 23.91 5.47
C6 IHP NA . -7.78 24.22 5.64
O11 IHP NA . -5.89 24.08 7.13
P1 IHP NA . -5.22 25.45 7.78
O21 IHP NA . -6.09 26.66 7.63
O31 IHP NA . -4.92 25.21 9.24
O41 IHP NA . -3.93 25.69 7.05
O12 IHP NA . -7.84 23.59 9.32
P2 IHP NA . -7.58 24.32 10.76
O22 IHP NA . -8.78 24.16 11.66
O32 IHP NA . -6.38 23.66 11.40
O42 IHP NA . -7.31 25.80 10.56
O13 IHP NA . -10.09 23.16 8.42
P3 IHP NA . -11.16 23.11 9.67
O23 IHP NA . -10.67 22.10 10.68
O33 IHP NA . -11.27 24.47 10.31
O43 IHP NA . -12.51 22.69 9.16
O14 IHP NA . -11.48 24.22 6.48
P4 IHP NA . -12.02 22.76 5.92
O24 IHP NA . -12.02 22.75 4.41
O34 IHP NA . -13.42 22.56 6.42
O44 IHP NA . -11.17 21.61 6.43
O15 IHP NA . -9.64 24.20 4.14
P5 IHP NA . -10.41 25.58 3.66
O25 IHP NA . -9.76 26.81 4.25
O35 IHP NA . -11.87 25.55 4.03
O45 IHP NA . -10.29 25.66 2.16
O16 IHP NA . -7.58 25.59 5.48
P6 IHP NA . -6.51 26.06 4.32
O26 IHP NA . -5.75 27.26 4.81
O36 IHP NA . -5.57 24.92 4.03
O46 IHP NA . -7.25 26.42 3.05
C01 QNG OA . 11.25 -4.82 -28.76
C02 QNG OA . 13.68 -6.90 -30.69
C03 QNG OA . 13.19 -8.18 -30.40
C04 QNG OA . 12.09 -8.33 -29.60
C05 QNG OA . 12.02 -5.97 -29.39
C07 QNG OA . 10.34 -7.71 -28.23
C08 QNG OA . 10.27 -7.90 -26.85
C09 QNG OA . 9.12 -8.30 -26.26
C10 QNG OA . 7.96 -8.48 -27.05
C11 QNG OA . 8.01 -8.25 -28.42
C12 QNG OA . 9.21 -7.86 -29.02
C13 QNG OA . 11.50 -7.21 -29.12
C16 QNG OA . 9.39 -8.44 -24.90
C18 QNG OA . 12.63 -7.47 -25.67
C19 QNG OA . 10.37 -4.12 -29.82
C20 QNG OA . 9.28 -3.36 -29.05
C21 QNG OA . 9.51 -2.05 -28.64
C22 QNG OA . 8.53 -1.36 -27.96
C23 QNG OA . 7.33 -1.98 -27.67
C24 QNG OA . 7.10 -3.28 -28.07
C25 QNG OA . 8.08 -3.98 -28.76
C28 QNG OA . 12.11 -3.80 -26.66
C30 QNG OA . 12.96 -2.78 -25.90
C31 QNG OA . 10.81 0.02 -24.98
C32 QNG OA . 11.93 -0.52 -25.65
C35 QNG OA . 10.20 -0.99 -24.31
C36 QNG OA . 10.76 1.55 -25.26
C37 QNG OA . 11.80 1.85 -26.32
C38 QNG OA . 12.65 0.65 -26.43
C39 QNG OA . 11.62 2.77 -25.14
C40 QNG OA . 8.94 -0.86 -23.44
C44 QNG OA . 14.90 -6.64 -31.59
C45 QNG OA . 15.83 -6.34 -32.26
C46 QNG OA . 17.03 -5.94 -33.16
C49 QNG OA . 9.60 -10.15 -21.77
C54 QNG OA . 16.83 -6.54 -34.56
C56 QNG OA . 18.33 -6.48 -32.53
C58 QNG OA . 17.94 -3.59 -34.82
C60 QNG OA . 13.47 -8.71 -25.98
F26 QNG OA . 5.92 -3.88 -27.78
F27 QNG OA . 8.76 -0.08 -27.56
F41 QNG OA . 12.82 0.30 -27.74
F42 QNG OA . 13.87 0.88 -25.85
F52 QNG OA . 8.66 0.46 -23.25
F53 QNG OA . 7.90 -1.45 -24.09
F61 QNG OA . 12.87 -9.47 -26.94
F62 QNG OA . 14.70 -8.33 -26.42
F63 QNG OA . 13.60 -9.47 -24.84
F64 QNG OA . 9.15 -1.47 -22.24
N06 QNG OA . 13.08 -5.81 -30.17
N14 QNG OA . 11.23 -7.80 -25.92
N15 QNG OA . 10.66 -8.14 -24.69
N17 QNG OA . 8.32 -8.85 -23.99
N33 QNG OA . 11.98 -1.82 -25.39
N34 QNG OA . 10.89 -2.14 -24.55
N43 QNG OA . 12.12 -3.83 -28.14
O29 QNG OA . 11.41 -4.55 -26.08
O50 QNG OA . 9.33 -7.46 -22.01
O51 QNG OA . 7.39 -8.54 -21.55
O57 QNG OA . 17.74 -3.52 -32.11
O59 QNG OA . 15.76 -3.52 -33.18
S48 QNG OA . 8.63 -8.72 -22.32
S55 QNG OA . 17.09 -4.11 -33.28
CL47 QNG OA . 6.29 -8.97 -26.71
C01 QNG PA . 21.61 5.29 -45.50
C02 QNG PA . 21.42 1.55 -45.66
C03 QNG PA . 22.48 1.29 -46.52
C04 QNG PA . 23.24 2.31 -47.02
C05 QNG PA . 21.84 3.82 -45.81
C07 QNG PA . 23.92 4.48 -47.38
C08 QNG PA . 23.83 5.13 -48.62
C09 QNG PA . 24.82 5.93 -49.07
C10 QNG PA . 25.95 6.14 -48.25
C11 QNG PA . 26.04 5.53 -47.00
C12 QNG PA . 25.01 4.70 -46.55
C13 QNG PA . 22.92 3.58 -46.63
C16 QNG PA . 24.45 6.38 -50.32
C18 QNG PA . 21.55 4.50 -49.89
C19 QNG PA . 22.12 5.61 -44.09
C20 QNG PA . 22.32 7.13 -44.04
C21 QNG PA . 21.27 7.95 -43.62
C22 QNG PA . 21.46 9.32 -43.59
C23 QNG PA . 22.68 9.87 -43.97
C24 QNG PA . 23.70 9.04 -44.39
C25 QNG PA . 23.52 7.68 -44.43
C28 QNG PA . 19.83 6.40 -46.86
C30 QNG PA . 18.38 6.89 -47.01
C31 QNG PA . 18.23 10.33 -45.78
C32 QNG PA . 17.79 8.98 -45.76
C35 QNG PA . 19.20 10.44 -46.73
C36 QNG PA . 17.41 11.12 -44.71
C37 QNG PA . 16.59 10.13 -43.92
C38 QNG PA . 16.66 8.85 -44.67
C39 QNG PA . 15.98 11.43 -44.37
C40 QNG PA . 19.94 11.73 -47.08
C44 QNG PA . 20.52 0.46 -45.06
C45 QNG PA . 19.78 -0.33 -44.55
C46 QNG PA . 18.85 -1.35 -43.87
C49 QNG PA . 24.74 7.26 -53.90
C54 QNG PA . 19.69 -2.35 -43.05
C56 QNG PA . 18.04 -2.09 -44.95
C58 QNG PA . 17.09 -1.59 -41.44
C60 QNG PA . 21.80 3.17 -50.61
F26 QNG PA . 24.90 9.58 -44.77
F27 QNG PA . 20.43 10.13 -43.16
F41 QNG PA . 16.96 7.83 -43.82
F42 QNG PA . 15.47 8.60 -45.29
F52 QNG PA . 19.29 12.80 -46.53
F53 QNG PA . 21.21 11.66 -46.59
F61 QNG PA . 22.73 2.43 -49.92
F62 QNG PA . 20.63 2.46 -50.66
F63 QNG PA . 22.28 3.41 -51.87
F64 QNG PA . 19.99 11.87 -48.44
N06 QNG PA . 21.10 2.83 -45.32
N14 QNG PA . 22.86 5.06 -49.54
N15 QNG PA . 23.25 5.85 -50.62
N17 QNG PA . 25.33 7.27 -51.06
N33 QNG PA . 18.48 8.32 -46.68
N34 QNG PA . 19.38 9.23 -47.29
N43 QNG PA . 20.23 5.71 -45.62
O29 QNG PA . 20.62 6.59 -47.71
O50 QNG PA . 23.23 8.52 -52.02
O51 QNG PA . 25.21 9.53 -52.42
O57 QNG PA . 16.62 0.17 -43.47
O59 QNG PA . 18.35 0.72 -42.15
S48 QNG PA . 24.62 8.20 -52.32
S55 QNG PA . 17.71 -0.46 -42.73
CL47 QNG PA . 27.46 7.08 -48.41
C13 2I4 QA . 3.53 71.75 -46.72
C18 2I4 QA . 3.51 73.27 -46.53
C15 2I4 QA . 4.89 71.56 -44.60
C19 2I4 QA . 2.33 74.14 -47.02
C20 2I4 QA . 2.29 74.68 -48.42
C21 2I4 QA . 2.34 75.36 -46.06
C22 2I4 QA . 3.50 75.12 -45.09
C23 2I4 QA . 7.85 65.55 -47.48
C24 2I4 QA . 5.65 64.55 -47.36
C34 2I4 QA . 9.00 61.11 -50.98
C27 2I4 QA . 6.09 71.60 -46.75
C33 2I4 QA . 7.77 61.37 -50.05
C2 2I4 QA . 5.34 66.44 -50.24
C3 2I4 QA . 6.46 65.71 -49.49
C4 2I4 QA . 6.39 65.73 -47.94
C5 2I4 QA . 5.91 67.14 -47.48
C6 2I4 QA . 5.76 67.29 -45.98
C7 2I4 QA . 5.83 68.78 -45.65
C9 2I4 QA . 4.58 69.27 -47.76
C14 2I4 QA . 4.80 71.12 -46.09
C25 2I4 QA . 3.37 67.07 -48.13
C26 2I4 QA . 3.45 69.16 -45.37
C30 2I4 QA . 3.36 75.04 -49.13
C31 2I4 QA . 7.31 63.76 -50.52
C32 2I4 QA . 6.89 62.36 -50.82
C35 2I4 QA . 7.05 60.05 -49.82
C36 2I4 QA . 8.16 61.96 -48.70
O1 2I4 QA . 6.31 64.38 -49.86
O2 2I4 QA . 1.39 72.50 -44.57
O3 2I4 QA . 2.57 73.26 -42.87
O4 2I4 QA . 8.36 64.35 -50.79
O5 2I4 QA . 8.96 61.60 -52.13
O6 2I4 QA . 9.94 60.44 -50.51
C1 2I4 QA . 5.14 67.81 -49.68
C8 2I4 QA . 4.65 69.57 -46.22
C10 2I4 QA . 4.71 67.78 -48.22
C11 2I4 QA . 3.43 69.96 -48.46
C12 2I4 QA . 3.41 71.47 -48.20
C16 2I4 QA . 4.86 73.07 -44.45
C17 2I4 QA . 3.57 73.60 -45.02
C28 2I4 QA . 2.39 73.07 -44.11
C29 2I4 QA . 0.90 74.77 -48.98
C1 IHP RA . 10.51 52.61 -53.28
C2 IHP RA . 9.71 53.89 -53.49
C3 IHP RA . 10.44 54.79 -54.50
C4 IHP RA . 11.90 55.08 -54.09
C5 IHP RA . 12.70 53.82 -53.67
C6 IHP RA . 11.92 52.90 -52.72
O11 IHP RA . 9.79 51.59 -52.61
P1 IHP RA . 9.47 51.56 -50.99
O21 IHP RA . 9.39 52.95 -50.43
O31 IHP RA . 10.51 50.74 -50.28
O41 IHP RA . 8.12 50.89 -50.79
O12 IHP RA . 8.38 53.71 -53.92
P2 IHP RA . 7.79 52.42 -54.77
O22 IHP RA . 8.82 51.80 -55.68
O32 IHP RA . 7.26 51.39 -53.81
O42 IHP RA . 6.64 52.92 -55.63
O13 IHP RA . 10.44 54.13 -55.74
P3 IHP RA . 9.56 54.79 -56.97
O23 IHP RA . 10.48 55.57 -57.88
O33 IHP RA . 8.90 53.68 -57.76
O43 IHP RA . 8.51 55.71 -56.40
O14 IHP RA . 12.53 55.79 -55.15
P4 IHP RA . 13.53 55.10 -56.26
O24 IHP RA . 13.68 56.05 -57.42
O34 IHP RA . 12.98 53.79 -56.77
O44 IHP RA . 14.91 54.88 -55.67
O15 IHP RA . 13.95 54.15 -53.07
P5 IHP RA . 14.33 55.62 -52.41
O25 IHP RA . 14.58 56.64 -53.49
O35 IHP RA . 15.59 55.45 -51.62
O45 IHP RA . 13.25 56.09 -51.47
O16 IHP RA . 11.83 53.54 -51.47
P6 IHP RA . 12.73 52.93 -50.22
O26 IHP RA . 11.87 52.86 -48.98
O36 IHP RA . 13.22 51.55 -50.58
O46 IHP RA . 13.90 53.83 -49.94
C01 QNG SA . 2.79 5.54 -64.92
C02 QNG SA . 2.30 2.41 -66.94
C03 QNG SA . 3.56 1.83 -66.80
C04 QNG SA . 4.54 2.46 -66.07
C05 QNG SA . 2.98 4.21 -65.63
C07 QNG SA . 5.53 4.08 -64.77
C08 QNG SA . 6.58 4.89 -65.21
C09 QNG SA . 7.62 5.19 -64.41
C10 QNG SA . 7.63 4.69 -63.08
C11 QNG SA . 6.57 3.91 -62.63
C12 QNG SA . 5.50 3.59 -63.47
C13 QNG SA . 4.22 3.64 -65.47
C16 QNG SA . 8.49 5.98 -65.14
C18 QNG SA . 6.22 5.66 -67.76
C19 QNG SA . 1.98 5.36 -63.64
C20 QNG SA . 2.26 6.59 -62.76
C21 QNG SA . 1.46 7.73 -62.88
C22 QNG SA . 1.72 8.83 -62.09
C23 QNG SA . 2.78 8.81 -61.19
C24 QNG SA . 3.57 7.68 -61.08
C25 QNG SA . 3.32 6.58 -61.86
C28 QNG SA . 3.05 7.60 -66.28
C30 QNG SA . 2.48 8.73 -67.14
C31 QNG SA . 1.85 11.65 -65.03
C32 QNG SA . 1.42 10.65 -65.93
C35 QNG SA . 3.19 11.48 -64.82
C36 QNG SA . 0.62 12.54 -64.66
C37 QNG SA . -0.62 11.88 -65.23
C38 QNG SA . -0.13 10.84 -66.18
C39 QNG SA . -0.44 13.37 -65.33
C40 QNG SA . 4.07 12.35 -63.91
C44 QNG SA . 1.16 1.75 -67.74
C45 QNG SA . 0.23 1.32 -68.35
C46 QNG SA . -0.98 0.75 -69.10
C49 QNG SA . 11.73 7.23 -66.48
C54 QNG SA . -1.65 -0.35 -68.25
C56 QNG SA . -0.54 0.19 -70.46
C58 QNG SA . -2.91 2.62 -67.74
C60 QNG SA . 6.57 4.44 -68.62
F26 QNG SA . 4.61 7.66 -60.19
F27 QNG SA . 0.94 9.94 -62.21
F41 QNG SA . -0.78 9.66 -65.94
F42 QNG SA . -0.33 11.24 -67.47
F52 QNG SA . 3.44 13.53 -63.67
F53 QNG SA . 4.28 11.70 -62.74
F61 QNG SA . 6.78 3.35 -67.83
F62 QNG SA . 5.54 4.18 -69.48
F63 QNG SA . 7.72 4.69 -69.33
F64 QNG SA . 5.26 12.58 -64.54
N06 QNG SA . 2.02 3.60 -66.34
N14 QNG SA . 6.77 5.46 -66.41
N15 QNG SA . 7.97 6.15 -66.37
N17 QNG SA . 9.72 6.47 -64.54
N33 QNG SA . 2.47 9.91 -66.25
N34 QNG SA . 3.60 10.41 -65.55
N43 QNG SA . 2.17 6.55 -65.75
O29 QNG SA . 4.21 7.58 -66.01
O50 QNG SA . 9.47 8.65 -65.97
O51 QNG SA . 11.01 8.76 -64.31
O57 QNG SA . -3.23 1.75 -70.31
O59 QNG SA . -1.56 3.26 -70.03
S48 QNG SA . 10.47 7.82 -65.29
S55 QNG SA . -2.18 2.12 -69.35
CL47 QNG SA . 8.75 4.82 -61.70
C01 QNG TA . 29.70 -3.80 -8.97
C02 QNG TA . 32.45 -6.33 -8.97
C03 QNG TA . 31.84 -7.37 -9.69
C04 QNG TA . 30.56 -7.23 -10.15
C05 QNG TA . 30.54 -5.06 -9.18
C07 QNG TA . 28.52 -6.21 -10.50
C08 QNG TA . 27.32 -6.60 -9.92
C09 QNG TA . 26.16 -6.62 -10.62
C10 QNG TA . 26.16 -6.21 -11.97
C11 QNG TA . 27.36 -5.79 -12.56
C12 QNG TA . 28.54 -5.77 -11.83
C13 QNG TA . 29.93 -6.05 -9.91
C16 QNG TA . 25.18 -7.08 -9.76
C18 QNG TA . 27.67 -7.31 -7.36
C19 QNG TA . 30.14 -2.68 -9.93
C20 QNG TA . 28.96 -1.70 -10.00
C21 QNG TA . 28.85 -0.67 -9.08
C22 QNG TA . 27.78 0.20 -9.14
C23 QNG TA . 26.81 0.04 -10.12
C24 QNG TA . 26.92 -0.99 -11.03
C25 QNG TA . 27.98 -1.87 -10.98
C28 QNG TA . 28.53 -3.57 -6.80
C30 QNG TA . 28.44 -3.10 -5.34
C31 QNG TA . 26.65 0.08 -5.28
C32 QNG TA . 27.81 -0.70 -5.05
C35 QNG TA . 25.68 -0.74 -5.76
C36 QNG TA . 26.97 1.54 -4.86
C37 QNG TA . 28.44 1.64 -4.56
C38 QNG TA . 28.93 0.24 -4.49
C39 QNG TA . 27.44 2.32 -3.65
C40 QNG TA . 24.26 -0.32 -6.15
C44 QNG TA . 33.89 -6.40 -8.44
C45 QNG TA . 34.99 -6.36 -7.98
C46 QNG TA . 36.42 -6.30 -7.39
C49 QNG TA . 22.60 -9.22 -8.53
C54 QNG TA . 37.42 -6.57 -8.53
C56 QNG TA . 36.57 -7.36 -6.29
C58 QNG TA . 38.51 -4.28 -6.58
C60 QNG TA . 28.27 -8.72 -7.40
F26 QNG TA . 25.96 -1.14 -12.00
F27 QNG TA . 27.68 1.22 -8.24
F41 QNG TA . 30.07 0.11 -5.25
F42 QNG TA . 29.20 -0.11 -3.18
F52 QNG TA . 23.96 0.88 -5.59
F53 QNG TA . 24.18 -0.21 -7.50
F61 QNG TA . 28.70 -9.01 -8.66
F62 QNG TA . 29.34 -8.77 -6.55
F63 QNG TA . 27.34 -9.63 -7.03
F64 QNG TA . 23.37 -1.27 -5.71
N06 QNG TA . 31.80 -5.18 -8.74
N14 QNG TA . 27.07 -7.04 -8.67
N15 QNG TA . 25.73 -7.33 -8.58
N17 QNG TA . 23.81 -7.22 -10.23
N33 QNG TA . 27.53 -1.95 -5.39
N34 QNG TA . 26.20 -1.99 -5.85
N43 QNG TA . 29.74 -3.33 -7.60
O29 QNG TA . 27.60 -4.12 -7.30
O50 QNG TA . 22.86 -6.61 -7.86
O51 QNG TA . 21.29 -6.99 -9.46
O57 QNG TA . 36.06 -4.47 -5.40
O59 QNG TA . 36.02 -3.59 -7.48
S48 QNG TA . 22.61 -7.46 -9.03
S55 QNG TA . 36.71 -4.62 -6.70
CL47 QNG TA . 24.92 -6.08 -13.24
C01 QNG UA . 50.13 4.25 -6.05
C02 QNG UA . 49.90 0.97 -7.82
C03 QNG UA . 51.18 0.47 -7.60
C04 QNG UA . 52.09 1.21 -6.88
C05 QNG UA . 50.42 2.89 -6.64
C07 QNG UA . 52.92 2.99 -5.68
C08 QNG UA . 53.95 3.82 -6.14
C09 QNG UA . 54.93 4.26 -5.32
C10 QNG UA . 54.89 3.89 -3.96
C11 QNG UA . 53.86 3.08 -3.48
C12 QNG UA . 52.86 2.64 -4.34
C13 QNG UA . 51.68 2.41 -6.39
C16 QNG UA . 55.80 5.01 -6.09
C18 QNG UA . 53.69 4.31 -8.76
C19 QNG UA . 49.24 4.13 -4.81
C20 QNG UA . 49.44 5.47 -4.06
C21 QNG UA . 48.63 6.55 -4.34
C22 QNG UA . 48.83 7.75 -3.67
C23 QNG UA . 49.83 7.85 -2.71
C24 QNG UA . 50.64 6.76 -2.44
C25 QNG UA . 50.45 5.56 -3.11
C28 QNG UA . 50.37 6.15 -7.65
C30 QNG UA . 49.75 7.17 -8.64
C31 QNG UA . 48.85 10.16 -6.74
C32 QNG UA . 48.52 9.07 -7.58
C35 QNG UA . 50.20 10.10 -6.50
C36 QNG UA . 47.58 10.98 -6.45
C37 QNG UA . 46.39 10.21 -7.01
C38 QNG UA . 46.97 9.15 -7.87
C39 QNG UA . 46.49 11.71 -7.20
C40 QNG UA . 50.99 11.08 -5.63
C44 QNG UA . 48.83 0.20 -8.61
C45 QNG UA . 47.93 -0.33 -9.21
C46 QNG UA . 46.78 -1.01 -9.95
C49 QNG UA . 58.94 6.25 -7.48
C54 QNG UA . 46.46 -2.37 -9.30
C56 QNG UA . 47.18 -1.23 -11.43
C58 QNG UA . 43.76 -0.93 -10.11
C60 QNG UA . 54.34 3.13 -9.51
F26 QNG UA . 51.63 6.86 -1.50
F27 QNG UA . 48.03 8.81 -3.95
F41 QNG UA . 46.39 7.95 -7.55
F42 QNG UA . 46.77 9.43 -9.19
F52 QNG UA . 50.26 12.21 -5.46
F53 QNG UA . 51.23 10.51 -4.41
F61 QNG UA . 54.27 2.01 -8.75
F62 QNG UA . 53.68 2.92 -10.68
F63 QNG UA . 55.66 3.40 -9.76
F64 QNG UA . 52.17 11.38 -6.25
N06 QNG UA . 49.52 2.17 -7.34
N14 QNG UA . 54.18 4.28 -7.38
N15 QNG UA . 55.35 5.03 -7.34
N17 QNG UA . 56.96 5.63 -5.46
N33 QNG UA . 49.62 8.38 -7.83
N34 QNG UA . 50.69 9.02 -7.14
N43 QNG UA . 49.51 5.16 -6.99
O29 QNG UA . 51.52 6.18 -7.41
O50 QNG UA . 56.71 7.72 -7.00
O51 QNG UA . 58.29 7.90 -5.39
O57 QNG UA . 45.36 1.15 -10.84
O59 QNG UA . 45.24 0.81 -8.61
S48 QNG UA . 57.71 6.92 -6.30
S55 QNG UA . 45.29 0.06 -9.87
CL47 QNG UA . 55.93 4.21 -2.55
C13 2I4 VA . 46.16 71.85 6.53
C18 2I4 VA . 46.09 73.22 7.19
C15 2I4 VA . 45.15 70.87 8.61
C19 2I4 VA . 45.93 74.52 6.35
C20 2I4 VA . 47.11 75.25 5.79
C21 2I4 VA . 45.21 75.49 7.32
C22 2I4 VA . 45.03 74.73 8.63
C23 2I4 VA . 48.82 64.75 7.00
C24 2I4 VA . 47.37 64.54 5.08
C34 2I4 VA . 51.89 60.77 3.98
C27 2I4 VA . 47.60 70.83 8.39
C33 2I4 VA . 50.46 61.33 3.70
C2 2I4 VA . 49.69 66.88 3.96
C3 2I4 VA . 49.66 65.68 4.91
C4 2I4 VA . 48.36 65.48 5.74
C5 2I4 VA . 47.82 66.88 6.17
C6 2I4 VA . 46.51 66.83 6.94
C7 2I4 VA . 46.38 68.13 7.73
C9 2I4 VA . 47.44 69.35 5.84
C14 2I4 VA . 46.30 70.72 7.59
C25 2I4 VA . 46.90 67.80 3.89
C26 2I4 VA . 44.82 69.25 6.24
C30 2I4 VA . 48.30 75.32 6.37
C31 2I4 VA . 50.80 63.74 4.17
C32 2I4 VA . 50.70 62.72 3.09
C35 2I4 VA . 49.75 60.41 2.72
C36 2I4 VA . 49.62 61.46 4.96
O1 2I4 VA . 49.73 64.58 4.07
O2 2I4 VA . 43.25 72.97 6.33
O3 2I4 VA . 42.55 72.97 8.42
O4 2I4 VA . 51.64 63.90 5.03
O5 2I4 VA . 52.85 61.42 3.53
O6 2I4 VA . 51.97 59.71 4.62
C1 2I4 VA . 49.22 68.12 4.65
C8 2I4 VA . 46.23 69.36 6.82
C10 2I4 VA . 47.78 68.00 5.11
C11 2I4 VA . 47.41 70.50 4.83
C12 2I4 VA . 47.30 71.85 5.52
C16 2I4 VA . 45.11 72.26 9.25
C17 2I4 VA . 44.90 73.29 8.16
C28 2I4 VA . 43.47 73.05 7.56
C29 2I4 VA . 46.83 75.90 4.47
C1 IHP WA . 53.62 53.25 0.68
C2 IHP WA . 53.92 54.73 0.33
C3 IHP WA . 55.32 55.21 0.69
C4 IHP WA . 55.72 54.83 2.12
C5 IHP WA . 55.62 53.32 2.36
C6 IHP WA . 54.25 52.74 1.99
O11 IHP WA . 52.22 53.12 0.80
P1 IHP WA . 51.50 51.70 0.40
O21 IHP WA . 50.60 51.26 1.53
O31 IHP WA . 52.54 50.64 0.15
O41 IHP WA . 50.66 51.88 -0.84
O12 IHP WA . 53.67 55.01 -1.05
P2 IHP WA . 53.81 53.92 -2.27
O22 IHP WA . 54.97 52.98 -2.08
O32 IHP WA . 52.53 53.13 -2.41
O42 IHP WA . 54.04 54.69 -3.55
O13 IHP WA . 56.23 54.66 -0.23
P3 IHP WA . 56.85 55.63 -1.39
O23 IHP WA . 58.14 56.25 -0.90
O33 IHP WA . 57.13 54.82 -2.63
O43 IHP WA . 55.86 56.72 -1.71
O14 IHP WA . 56.99 55.38 2.42
P4 IHP WA . 58.42 54.56 2.28
O24 IHP WA . 59.54 55.58 2.28
O34 IHP WA . 58.49 53.78 0.98
O44 IHP WA . 58.62 53.62 3.44
O15 IHP WA . 55.93 52.95 3.69
P5 IHP WA . 55.71 53.92 5.02
O25 IHP WA . 56.82 54.94 5.13
O35 IHP WA . 55.75 53.04 6.24
O45 IHP WA . 54.37 54.63 4.97
O16 IHP WA . 53.34 53.03 3.02
P6 IHP WA . 52.72 51.80 3.92
O26 IHP WA . 51.27 52.09 4.22
O36 IHP WA . 52.83 50.49 3.17
O46 IHP WA . 53.48 51.68 5.22
C01 QNG XA . 55.75 14.77 -30.42
C02 QNG XA . 56.92 12.44 -33.12
C03 QNG XA . 57.47 11.43 -32.33
C04 QNG XA . 57.45 11.51 -30.98
C05 QNG XA . 56.35 13.61 -31.20
C07 QNG XA . 57.05 12.40 -28.90
C08 QNG XA . 58.07 12.82 -28.03
C09 QNG XA . 58.00 12.58 -26.70
C10 QNG XA . 56.87 11.92 -26.19
C11 QNG XA . 55.84 11.53 -27.04
C12 QNG XA . 55.92 11.78 -28.41
C13 QNG XA . 56.87 12.61 -30.42
C16 QNG XA . 59.16 13.08 -26.14
C18 QNG XA . 60.05 14.05 -29.35
C19 QNG XA . 54.22 14.70 -30.41
C20 QNG XA . 53.76 15.57 -29.22
C21 QNG XA . 53.55 16.93 -29.39
C22 QNG XA . 53.15 17.70 -28.32
C23 QNG XA . 52.96 17.12 -27.08
C24 QNG XA . 53.18 15.76 -26.91
C25 QNG XA . 53.59 14.98 -27.97
C28 QNG XA . 57.20 16.76 -30.11
C30 QNG XA . 57.70 18.16 -30.53
C31 QNG XA . 55.82 20.71 -28.70
C32 QNG XA . 56.25 20.10 -29.91
C35 QNG XA . 56.37 20.01 -27.66
C36 QNG XA . 54.91 21.92 -29.06
C37 QNG XA . 54.65 21.88 -30.55
C38 QNG XA . 55.63 20.91 -31.11
C39 QNG XA . 54.94 23.20 -29.87
C40 QNG XA . 56.17 20.31 -26.17
C44 QNG XA . 56.90 12.39 -34.65
C45 QNG XA . 56.85 12.43 -35.85
C46 QNG XA . 56.77 12.48 -37.38
C49 QNG XA . 62.15 13.21 -23.91
C54 QNG XA . 55.66 11.52 -37.87
C56 QNG XA . 58.12 12.06 -37.99
C58 QNG XA . 54.73 14.68 -37.20
C60 QNG XA . 60.95 12.93 -29.94
F26 QNG XA . 53.00 15.20 -25.67
F27 QNG XA . 52.94 19.04 -28.49
F41 QNG XA . 54.99 20.04 -31.95
F42 QNG XA . 56.63 21.57 -31.77
F52 QNG XA . 55.68 21.58 -26.03
F53 QNG XA . 55.28 19.43 -25.64
F61 QNG XA . 60.26 11.76 -29.95
F62 QNG XA . 61.30 13.27 -31.21
F63 QNG XA . 62.07 12.78 -29.16
F64 QNG XA . 57.36 20.20 -25.52
N06 QNG XA . 56.35 13.53 -32.54
N14 QNG XA . 59.23 13.46 -28.30
N15 QNG XA . 59.91 13.61 -27.10
N17 QNG XA . 59.38 12.96 -24.69
N33 QNG XA . 57.04 19.07 -29.59
N34 QNG XA . 57.12 19.01 -28.18
N43 QNG XA . 56.17 16.06 -30.90
O29 QNG XA . 57.65 16.26 -29.14
O50 QNG XA . 60.60 15.28 -24.72
O51 QNG XA . 60.07 14.50 -22.67
O57 QNG XA . 56.34 14.33 -39.36
O59 QNG XA . 57.40 15.14 -37.52
S48 QNG XA . 60.52 14.03 -23.98
S55 QNG XA . 56.34 14.19 -37.90
CL47 QNG XA . 56.34 11.40 -24.57
#